data_1NY6
#
_entry.id   1NY6
#
_cell.length_a   106.788
_cell.length_b   108.265
_cell.length_c   110.020
_cell.angle_alpha   70.25
_cell.angle_beta   85.90
_cell.angle_gamma   73.27
#
_symmetry.space_group_name_H-M   'P 1'
#
loop_
_entity.id
_entity.type
_entity.pdbx_description
1 polymer 'transcriptional regulator (NtrC family)'
2 non-polymer "ADENOSINE-5'-DIPHOSPHATE"
#
_entity_poly.entity_id   1
_entity_poly.type   'polypeptide(L)'
_entity_poly.pdbx_seq_one_letter_code
;MRKENELLRREKDLKEEEYVFESPKMKEILEKIKKISCAECPVLITGESGVGKEVVARLIHKLSDRSKEPFVALNVASIP
RDIFEAELFGYEKGAFTGAVSSKEGFFELADGGTLFLDEIGELSLEAQAKLLRVIESGKFYRLGGRKEIEVNVRILAATN
RNIKELVKEGKFREDLYYRLGVIEIEIPPLRERKEDIIPLANHFLKKFSRKYAKEVEGFTKSAQELLLSYPWYGNVRELK
NVIERAVLFSEGKFIDRGELSCLVNSK
;
_entity_poly.pdbx_strand_id   A,B,C,D,E,F,G,H,I,J,K,L,M,N
#
loop_
_chem_comp.id
_chem_comp.type
_chem_comp.name
_chem_comp.formula
ADP non-polymer ADENOSINE-5'-DIPHOSPHATE 'C10 H15 N5 O10 P2'
#
# COMPACT_ATOMS: atom_id res chain seq x y z
N GLU A 18 10.84 35.67 -35.22
CA GLU A 18 11.68 34.81 -36.11
C GLU A 18 11.54 33.33 -35.74
N TYR A 19 10.34 32.78 -35.97
CA TYR A 19 10.06 31.38 -35.67
C TYR A 19 10.37 30.45 -36.84
N VAL A 20 10.85 29.26 -36.50
CA VAL A 20 11.24 28.25 -37.49
C VAL A 20 10.11 27.49 -38.18
N PHE A 21 10.33 27.19 -39.45
CA PHE A 21 9.40 26.41 -40.28
C PHE A 21 10.24 25.92 -41.45
N GLU A 22 10.72 24.68 -41.36
CA GLU A 22 11.57 24.10 -42.40
C GLU A 22 11.34 22.60 -42.59
N SER A 23 10.37 22.06 -41.86
CA SER A 23 10.06 20.63 -41.95
C SER A 23 8.92 20.40 -42.97
N PRO A 24 8.38 19.16 -43.01
CA PRO A 24 7.30 18.90 -43.96
C PRO A 24 5.94 19.46 -43.53
N LYS A 25 5.25 18.71 -42.68
CA LYS A 25 3.93 19.10 -42.21
C LYS A 25 3.87 20.51 -41.67
N MET A 26 5.02 21.15 -41.54
CA MET A 26 5.09 22.51 -40.99
C MET A 26 5.04 23.63 -42.02
N LYS A 27 5.80 23.49 -43.10
CA LYS A 27 5.79 24.49 -44.17
C LYS A 27 4.43 24.42 -44.82
N GLU A 28 3.71 23.33 -44.52
CA GLU A 28 2.36 23.11 -45.04
C GLU A 28 1.39 23.82 -44.10
N ILE A 29 1.55 23.59 -42.80
CA ILE A 29 0.71 24.23 -41.81
C ILE A 29 0.83 25.74 -41.95
N LEU A 30 2.05 26.21 -42.18
CA LEU A 30 2.31 27.63 -42.37
C LEU A 30 1.35 28.18 -43.44
N GLU A 31 1.24 27.46 -44.54
CA GLU A 31 0.34 27.84 -45.60
C GLU A 31 -1.04 27.95 -44.97
N LYS A 32 -1.57 26.81 -44.52
CA LYS A 32 -2.89 26.75 -43.88
C LYS A 32 -3.12 27.94 -42.98
N ILE A 33 -2.05 28.52 -42.47
CA ILE A 33 -2.17 29.67 -41.59
C ILE A 33 -2.48 30.89 -42.46
N LYS A 34 -1.64 31.14 -43.45
CA LYS A 34 -1.86 32.27 -44.35
C LYS A 34 -3.27 32.31 -44.90
N LYS A 35 -3.78 31.15 -45.30
CA LYS A 35 -5.12 31.05 -45.85
C LYS A 35 -6.19 31.31 -44.80
N ILE A 36 -5.95 30.81 -43.59
CA ILE A 36 -6.92 30.99 -42.51
C ILE A 36 -7.03 32.40 -41.95
N SER A 37 -5.89 32.96 -41.53
CA SER A 37 -5.83 34.30 -40.96
C SER A 37 -6.96 35.22 -41.40
N CYS A 38 -7.09 35.45 -42.70
CA CYS A 38 -8.13 36.33 -43.23
C CYS A 38 -9.54 35.75 -43.07
N ALA A 39 -9.77 35.11 -41.92
CA ALA A 39 -11.06 34.50 -41.62
C ALA A 39 -11.57 35.04 -40.28
N GLU A 40 -12.67 34.47 -39.79
CA GLU A 40 -13.28 34.89 -38.54
C GLU A 40 -13.92 33.74 -37.79
N CYS A 41 -13.62 32.51 -38.20
CA CYS A 41 -14.20 31.38 -37.52
C CYS A 41 -13.16 30.87 -36.56
N PRO A 42 -13.59 30.14 -35.53
CA PRO A 42 -12.64 29.61 -34.56
C PRO A 42 -11.75 28.53 -35.14
N VAL A 43 -10.49 28.60 -34.75
CA VAL A 43 -9.50 27.63 -35.15
C VAL A 43 -9.21 26.77 -33.93
N LEU A 44 -8.94 25.50 -34.16
CA LEU A 44 -8.62 24.59 -33.09
C LEU A 44 -7.21 24.06 -33.31
N ILE A 45 -6.38 24.11 -32.27
CA ILE A 45 -5.02 23.61 -32.38
C ILE A 45 -4.83 22.45 -31.41
N THR A 46 -4.26 21.36 -31.91
CA THR A 46 -4.00 20.20 -31.07
C THR A 46 -2.55 19.77 -31.24
N GLY A 47 -2.11 18.89 -30.36
CA GLY A 47 -0.73 18.43 -30.39
C GLY A 47 -0.21 18.22 -28.99
N GLU A 48 0.96 17.58 -28.88
CA GLU A 48 1.57 17.31 -27.59
C GLU A 48 2.15 18.61 -27.04
N SER A 49 2.15 18.76 -25.72
CA SER A 49 2.69 19.96 -25.10
C SER A 49 4.14 20.19 -25.56
N GLY A 50 4.38 21.36 -26.16
CA GLY A 50 5.72 21.70 -26.62
C GLY A 50 5.96 21.57 -28.12
N VAL A 51 4.91 21.72 -28.91
CA VAL A 51 5.01 21.63 -30.37
C VAL A 51 4.88 22.97 -31.11
N GLY A 52 4.17 23.91 -30.48
CA GLY A 52 4.01 25.22 -31.10
C GLY A 52 2.65 25.82 -30.83
N LYS A 53 1.67 24.95 -30.61
CA LYS A 53 0.30 25.39 -30.38
C LYS A 53 0.21 26.87 -30.09
N GLU A 54 0.83 27.34 -29.01
CA GLU A 54 0.73 28.76 -28.72
C GLU A 54 1.29 29.53 -29.89
N VAL A 55 2.57 29.33 -30.17
CA VAL A 55 3.23 29.96 -31.29
C VAL A 55 2.30 30.02 -32.51
N VAL A 56 1.86 28.85 -32.95
CA VAL A 56 0.95 28.72 -34.07
C VAL A 56 -0.23 29.66 -33.84
N ALA A 57 -0.90 29.52 -32.70
CA ALA A 57 -2.01 30.40 -32.39
C ALA A 57 -1.55 31.85 -32.50
N ARG A 58 -0.39 32.15 -31.91
CA ARG A 58 0.18 33.48 -31.92
C ARG A 58 0.32 34.04 -33.33
N LEU A 59 0.79 33.19 -34.24
CA LEU A 59 0.97 33.59 -35.63
C LEU A 59 -0.36 33.80 -36.33
N ILE A 60 -1.26 32.84 -36.15
CA ILE A 60 -2.59 32.90 -36.72
C ILE A 60 -3.24 34.21 -36.35
N HIS A 61 -2.55 34.96 -35.49
CA HIS A 61 -3.05 36.24 -35.05
C HIS A 61 -2.33 37.35 -35.80
N LYS A 62 -1.00 37.34 -35.77
CA LYS A 62 -0.20 38.36 -36.45
C LYS A 62 -0.52 38.50 -37.93
N LEU A 63 -0.95 37.40 -38.54
CA LEU A 63 -1.29 37.42 -39.95
C LEU A 63 -2.76 37.75 -40.12
N SER A 64 -3.58 37.33 -39.17
CA SER A 64 -5.01 37.62 -39.24
C SER A 64 -5.25 39.10 -39.55
N ASP A 65 -6.41 39.37 -40.15
CA ASP A 65 -6.78 40.72 -40.52
C ASP A 65 -6.88 41.61 -39.29
N ARG A 66 -6.84 41.01 -38.11
CA ARG A 66 -6.92 41.77 -36.87
C ARG A 66 -5.62 41.70 -36.09
N SER A 67 -4.54 41.42 -36.79
CA SER A 67 -3.22 41.30 -36.17
C SER A 67 -2.94 42.43 -35.19
N LYS A 68 -3.31 43.64 -35.58
CA LYS A 68 -3.10 44.83 -34.75
C LYS A 68 -3.98 44.79 -33.51
N GLU A 69 -5.07 44.02 -33.60
CA GLU A 69 -6.02 43.89 -32.49
C GLU A 69 -5.40 43.08 -31.34
N PRO A 70 -5.92 43.23 -30.11
CA PRO A 70 -5.43 42.52 -28.93
C PRO A 70 -5.42 41.00 -28.98
N PHE A 71 -4.45 40.40 -28.29
CA PHE A 71 -4.30 38.94 -28.24
C PHE A 71 -4.33 38.42 -26.81
N VAL A 72 -5.54 38.27 -26.29
CA VAL A 72 -5.73 37.78 -24.95
C VAL A 72 -5.56 36.26 -24.88
N ALA A 73 -4.32 35.84 -24.61
CA ALA A 73 -3.98 34.43 -24.49
C ALA A 73 -3.95 34.05 -23.01
N LEU A 74 -4.92 33.22 -22.61
CA LEU A 74 -5.03 32.80 -21.21
C LEU A 74 -5.05 31.28 -21.00
N ASN A 75 -4.21 30.84 -20.06
CA ASN A 75 -4.08 29.42 -19.70
C ASN A 75 -5.23 28.89 -18.83
N VAL A 76 -5.82 27.76 -19.23
CA VAL A 76 -6.95 27.19 -18.50
C VAL A 76 -6.55 26.26 -17.38
N ALA A 77 -5.30 25.83 -17.39
CA ALA A 77 -4.79 24.94 -16.35
C ALA A 77 -4.14 25.67 -15.19
N SER A 78 -3.92 26.97 -15.35
CA SER A 78 -3.30 27.74 -14.28
C SER A 78 -4.35 28.55 -13.52
N ILE A 79 -5.62 28.30 -13.83
CA ILE A 79 -6.66 29.07 -13.17
C ILE A 79 -7.69 28.27 -12.42
N PRO A 80 -8.05 28.75 -11.23
CA PRO A 80 -9.05 28.08 -10.41
C PRO A 80 -10.30 28.06 -11.26
N ARG A 81 -10.96 26.91 -11.32
CA ARG A 81 -12.19 26.79 -12.12
C ARG A 81 -13.18 27.91 -11.77
N ASP A 82 -13.35 28.14 -10.47
CA ASP A 82 -14.25 29.18 -9.97
C ASP A 82 -13.90 30.57 -10.50
N ILE A 83 -12.61 30.87 -10.57
CA ILE A 83 -12.17 32.16 -11.06
C ILE A 83 -12.35 32.24 -12.56
N PHE A 84 -11.81 31.25 -13.27
CA PHE A 84 -11.89 31.22 -14.72
C PHE A 84 -13.26 31.61 -15.28
N GLU A 85 -14.25 30.74 -15.09
CA GLU A 85 -15.59 31.00 -15.59
C GLU A 85 -16.03 32.45 -15.44
N ALA A 86 -15.53 33.13 -14.42
CA ALA A 86 -15.88 34.53 -14.20
C ALA A 86 -14.80 35.42 -14.79
N GLU A 87 -13.56 34.97 -14.70
CA GLU A 87 -12.44 35.70 -15.22
C GLU A 87 -12.66 35.93 -16.70
N LEU A 88 -13.23 34.92 -17.35
CA LEU A 88 -13.45 34.96 -18.79
C LEU A 88 -14.65 35.79 -19.22
N PHE A 89 -15.85 35.41 -18.80
CA PHE A 89 -17.04 36.14 -19.18
C PHE A 89 -17.31 37.33 -18.27
N GLY A 90 -16.86 37.24 -17.02
CA GLY A 90 -17.06 38.34 -16.09
C GLY A 90 -18.28 38.14 -15.20
N TYR A 91 -18.38 38.95 -14.15
CA TYR A 91 -19.49 38.84 -13.21
C TYR A 91 -20.32 40.11 -13.09
N GLU A 92 -21.10 40.18 -12.01
CA GLU A 92 -21.97 41.31 -11.73
C GLU A 92 -22.27 41.22 -10.23
N LYS A 93 -22.15 42.32 -9.50
CA LYS A 93 -22.42 42.28 -8.07
C LYS A 93 -23.58 41.32 -7.80
N GLY A 94 -23.38 40.36 -6.90
CA GLY A 94 -24.46 39.43 -6.58
C GLY A 94 -24.20 37.96 -6.81
N ALA A 95 -23.09 37.64 -7.47
CA ALA A 95 -22.75 36.25 -7.73
C ALA A 95 -21.37 35.94 -7.15
N PHE A 96 -20.71 36.97 -6.64
CA PHE A 96 -19.37 36.85 -6.07
C PHE A 96 -19.29 37.47 -4.67
N THR A 97 -19.16 36.60 -3.65
CA THR A 97 -19.05 37.04 -2.26
C THR A 97 -17.57 37.07 -1.87
N GLY A 98 -16.88 38.07 -2.44
CA GLY A 98 -15.46 38.26 -2.21
C GLY A 98 -15.07 39.42 -3.10
N ALA A 99 -16.08 39.94 -3.79
CA ALA A 99 -15.90 41.07 -4.70
C ALA A 99 -17.27 41.63 -5.14
N VAL A 100 -17.43 42.94 -4.98
CA VAL A 100 -18.64 43.63 -5.37
C VAL A 100 -18.24 44.76 -6.30
N SER A 101 -18.70 44.66 -7.54
CA SER A 101 -18.44 45.62 -8.62
C SER A 101 -18.23 44.76 -9.86
N SER A 102 -18.88 45.13 -10.94
CA SER A 102 -18.80 44.39 -12.19
C SER A 102 -17.54 44.69 -13.00
N LYS A 103 -16.69 43.70 -13.17
CA LYS A 103 -15.46 43.85 -13.96
C LYS A 103 -15.75 43.11 -15.25
N GLU A 104 -15.38 43.69 -16.38
CA GLU A 104 -15.65 43.05 -17.66
C GLU A 104 -14.77 41.83 -17.86
N GLY A 105 -15.39 40.74 -18.30
CA GLY A 105 -14.65 39.52 -18.53
C GLY A 105 -13.65 39.76 -19.64
N PHE A 106 -12.74 38.80 -19.84
CA PHE A 106 -11.74 38.91 -20.89
C PHE A 106 -12.37 39.04 -22.27
N PHE A 107 -13.57 38.48 -22.42
CA PHE A 107 -14.26 38.53 -23.69
C PHE A 107 -14.45 39.97 -24.11
N GLU A 108 -14.96 40.78 -23.19
CA GLU A 108 -15.19 42.19 -23.48
C GLU A 108 -13.85 42.92 -23.59
N LEU A 109 -12.86 42.40 -22.87
CA LEU A 109 -11.52 42.97 -22.87
C LEU A 109 -10.94 42.83 -24.27
N ALA A 110 -11.00 41.62 -24.81
CA ALA A 110 -10.47 41.34 -26.15
C ALA A 110 -11.54 41.59 -27.20
N ASP A 111 -12.32 42.66 -27.00
CA ASP A 111 -13.37 43.03 -27.93
C ASP A 111 -12.75 43.34 -29.30
N GLY A 112 -13.17 42.58 -30.32
CA GLY A 112 -12.65 42.78 -31.65
C GLY A 112 -11.32 42.07 -31.86
N GLY A 113 -10.83 41.45 -30.80
CA GLY A 113 -9.56 40.74 -30.87
C GLY A 113 -9.70 39.24 -30.86
N THR A 114 -8.57 38.55 -30.80
CA THR A 114 -8.56 37.12 -30.77
C THR A 114 -8.44 36.63 -29.33
N LEU A 115 -9.13 35.53 -29.02
CA LEU A 115 -9.08 34.96 -27.68
C LEU A 115 -8.63 33.51 -27.76
N PHE A 116 -7.43 33.26 -27.26
CA PHE A 116 -6.86 31.93 -27.28
C PHE A 116 -6.97 31.21 -25.92
N LEU A 117 -7.62 30.05 -25.90
CA LEU A 117 -7.74 29.29 -24.67
C LEU A 117 -6.87 28.05 -24.75
N ASP A 118 -5.89 27.95 -23.84
CA ASP A 118 -5.02 26.78 -23.84
C ASP A 118 -5.72 25.61 -23.15
N GLU A 119 -5.34 24.39 -23.54
CA GLU A 119 -5.93 23.18 -22.99
C GLU A 119 -7.45 23.21 -22.82
N ILE A 120 -8.13 23.66 -23.87
CA ILE A 120 -9.59 23.75 -23.90
C ILE A 120 -10.21 22.62 -23.12
N GLY A 121 -9.62 21.43 -23.24
CA GLY A 121 -10.15 20.25 -22.56
C GLY A 121 -10.32 20.37 -21.06
N GLU A 122 -10.18 21.59 -20.55
CA GLU A 122 -10.31 21.85 -19.12
C GLU A 122 -11.43 22.84 -18.86
N LEU A 123 -12.34 22.97 -19.82
CA LEU A 123 -13.44 23.89 -19.62
C LEU A 123 -14.60 23.16 -19.00
N SER A 124 -15.31 23.85 -18.12
CA SER A 124 -16.46 23.25 -17.45
C SER A 124 -17.53 22.85 -18.47
N LEU A 125 -18.24 21.77 -18.20
CA LEU A 125 -19.31 21.36 -19.09
C LEU A 125 -20.22 22.59 -19.14
N GLU A 126 -20.07 23.43 -18.11
CA GLU A 126 -20.83 24.66 -17.99
C GLU A 126 -20.18 25.77 -18.82
N ALA A 127 -18.86 25.89 -18.72
CA ALA A 127 -18.13 26.91 -19.45
C ALA A 127 -18.29 26.64 -20.93
N GLN A 128 -18.05 25.39 -21.32
CA GLN A 128 -18.16 24.99 -22.71
C GLN A 128 -19.46 25.48 -23.29
N ALA A 129 -20.58 25.11 -22.68
CA ALA A 129 -21.87 25.56 -23.17
C ALA A 129 -21.76 27.05 -23.48
N LYS A 130 -21.52 27.83 -22.43
CA LYS A 130 -21.39 29.27 -22.59
C LYS A 130 -20.52 29.60 -23.78
N LEU A 131 -19.41 28.89 -23.92
CA LEU A 131 -18.51 29.14 -25.02
C LEU A 131 -19.25 29.01 -26.35
N LEU A 132 -19.85 27.85 -26.59
CA LEU A 132 -20.58 27.58 -27.83
C LEU A 132 -21.45 28.76 -28.21
N ARG A 133 -22.38 29.11 -27.34
CA ARG A 133 -23.29 30.22 -27.60
C ARG A 133 -22.56 31.48 -28.02
N VAL A 134 -21.33 31.65 -27.56
CA VAL A 134 -20.57 32.84 -27.91
C VAL A 134 -19.85 32.74 -29.25
N ILE A 135 -19.48 31.53 -29.62
CA ILE A 135 -18.80 31.32 -30.88
C ILE A 135 -19.77 31.63 -32.02
N GLU A 136 -21.02 31.20 -31.84
CA GLU A 136 -22.05 31.39 -32.85
C GLU A 136 -22.80 32.72 -32.82
N SER A 137 -23.37 33.05 -31.66
CA SER A 137 -24.11 34.30 -31.57
C SER A 137 -23.25 35.50 -31.28
N GLY A 138 -22.09 35.24 -30.67
CA GLY A 138 -21.22 36.35 -30.32
C GLY A 138 -21.87 37.04 -29.13
N LYS A 139 -22.91 36.41 -28.59
CA LYS A 139 -23.63 36.94 -27.44
C LYS A 139 -23.55 35.97 -26.27
N PHE A 140 -23.71 36.51 -25.07
CA PHE A 140 -23.65 35.73 -23.84
C PHE A 140 -24.08 36.63 -22.69
N TYR A 141 -24.30 36.04 -21.53
CA TYR A 141 -24.66 36.80 -20.36
C TYR A 141 -23.48 36.76 -19.42
N ARG A 142 -23.36 37.79 -18.59
CA ARG A 142 -22.30 37.86 -17.60
C ARG A 142 -22.71 36.86 -16.51
N LEU A 143 -21.78 36.47 -15.65
CA LEU A 143 -22.12 35.54 -14.60
C LEU A 143 -23.08 36.26 -13.67
N GLY A 144 -24.32 35.77 -13.60
CA GLY A 144 -25.32 36.43 -12.76
C GLY A 144 -25.76 37.70 -13.44
N GLY A 145 -25.51 37.76 -14.75
CA GLY A 145 -25.88 38.93 -15.53
C GLY A 145 -27.32 38.88 -16.00
N ARG A 146 -27.79 40.00 -16.51
CA ARG A 146 -29.14 40.10 -17.01
C ARG A 146 -29.15 40.65 -18.44
N LYS A 147 -28.18 41.51 -18.74
CA LYS A 147 -28.06 42.09 -20.07
C LYS A 147 -27.24 41.12 -20.89
N GLU A 148 -27.62 40.95 -22.14
CA GLU A 148 -26.93 40.04 -23.03
C GLU A 148 -25.73 40.81 -23.62
N ILE A 149 -24.53 40.42 -23.24
CA ILE A 149 -23.35 41.09 -23.76
C ILE A 149 -23.00 40.42 -25.05
N GLU A 150 -22.75 41.24 -26.08
CA GLU A 150 -22.37 40.73 -27.38
C GLU A 150 -20.99 41.31 -27.66
N VAL A 151 -20.13 40.51 -28.28
CA VAL A 151 -18.78 40.95 -28.60
C VAL A 151 -18.29 40.40 -29.91
N ASN A 152 -17.06 40.77 -30.26
CA ASN A 152 -16.46 40.28 -31.46
C ASN A 152 -15.12 39.66 -31.11
N VAL A 153 -15.12 38.35 -30.88
CA VAL A 153 -13.90 37.63 -30.54
C VAL A 153 -13.62 36.48 -31.50
N ARG A 154 -12.35 36.37 -31.87
CA ARG A 154 -11.89 35.35 -32.80
C ARG A 154 -11.26 34.25 -31.95
N ILE A 155 -12.07 33.31 -31.49
CA ILE A 155 -11.57 32.23 -30.64
C ILE A 155 -10.53 31.33 -31.26
N LEU A 156 -9.57 30.92 -30.45
CA LEU A 156 -8.52 30.03 -30.92
C LEU A 156 -8.25 28.95 -29.91
N ALA A 157 -9.00 27.86 -30.01
CA ALA A 157 -8.83 26.75 -29.11
C ALA A 157 -7.49 26.08 -29.36
N ALA A 158 -7.02 25.37 -28.35
CA ALA A 158 -5.77 24.61 -28.37
C ALA A 158 -5.98 23.59 -27.28
N THR A 159 -5.15 22.55 -27.27
CA THR A 159 -5.22 21.49 -26.26
C THR A 159 -4.20 20.41 -26.57
N ASN A 160 -3.90 19.59 -25.57
CA ASN A 160 -2.96 18.51 -25.79
C ASN A 160 -3.75 17.23 -25.66
N ARG A 161 -4.95 17.37 -25.16
CA ARG A 161 -5.83 16.24 -24.94
C ARG A 161 -6.67 15.93 -26.17
N ASN A 162 -7.14 14.68 -26.26
CA ASN A 162 -7.96 14.25 -27.38
C ASN A 162 -9.42 14.52 -27.06
N ILE A 163 -9.99 15.49 -27.78
CA ILE A 163 -11.38 15.89 -27.59
C ILE A 163 -12.33 14.73 -27.85
N LYS A 164 -12.24 14.16 -29.06
CA LYS A 164 -13.07 13.03 -29.47
C LYS A 164 -13.18 11.97 -28.37
N GLU A 165 -12.09 11.76 -27.62
CA GLU A 165 -12.08 10.79 -26.54
C GLU A 165 -12.87 11.37 -25.38
N LEU A 166 -12.68 12.66 -25.13
CA LEU A 166 -13.38 13.34 -24.05
C LEU A 166 -14.87 13.48 -24.35
N VAL A 167 -15.20 13.59 -25.64
CA VAL A 167 -16.58 13.73 -26.06
C VAL A 167 -17.39 12.51 -25.66
N LYS A 168 -16.77 11.33 -25.76
CA LYS A 168 -17.45 10.09 -25.39
C LYS A 168 -17.48 9.91 -23.87
N GLU A 169 -16.39 10.28 -23.20
CA GLU A 169 -16.32 10.15 -21.74
C GLU A 169 -17.41 10.97 -21.07
N GLY A 170 -17.96 11.94 -21.80
CA GLY A 170 -18.99 12.81 -21.27
C GLY A 170 -18.34 13.99 -20.58
N LYS A 171 -17.06 14.19 -20.89
CA LYS A 171 -16.25 15.26 -20.30
C LYS A 171 -16.10 16.46 -21.23
N PHE A 172 -16.82 16.46 -22.34
CA PHE A 172 -16.74 17.58 -23.26
C PHE A 172 -17.92 17.62 -24.20
N ARG A 173 -18.39 18.82 -24.54
CA ARG A 173 -19.52 18.99 -25.43
C ARG A 173 -19.20 18.64 -26.87
N GLU A 174 -19.98 17.71 -27.40
CA GLU A 174 -19.82 17.27 -28.77
C GLU A 174 -20.05 18.48 -29.69
N ASP A 175 -21.20 19.12 -29.53
CA ASP A 175 -21.56 20.27 -30.35
C ASP A 175 -20.64 21.47 -30.19
N LEU A 176 -19.81 21.47 -29.15
CA LEU A 176 -18.88 22.58 -28.99
C LEU A 176 -17.71 22.25 -29.88
N TYR A 177 -17.28 20.99 -29.83
CA TYR A 177 -16.16 20.52 -30.62
C TYR A 177 -16.32 20.76 -32.13
N TYR A 178 -17.43 20.30 -32.69
CA TYR A 178 -17.67 20.47 -34.11
C TYR A 178 -17.49 21.93 -34.50
N ARG A 179 -18.15 22.81 -33.78
CA ARG A 179 -18.08 24.24 -34.05
C ARG A 179 -16.65 24.78 -34.09
N LEU A 180 -15.73 24.11 -33.40
CA LEU A 180 -14.33 24.51 -33.36
C LEU A 180 -13.56 23.71 -34.41
N GLY A 181 -14.10 22.54 -34.73
CA GLY A 181 -13.49 21.65 -35.72
C GLY A 181 -13.57 22.20 -37.14
N VAL A 182 -14.10 23.41 -37.27
CA VAL A 182 -14.21 24.08 -38.57
C VAL A 182 -12.78 24.07 -39.10
N ILE A 183 -11.91 24.82 -38.43
CA ILE A 183 -10.52 24.85 -38.83
C ILE A 183 -9.76 24.18 -37.70
N GLU A 184 -9.23 22.99 -37.96
CA GLU A 184 -8.46 22.29 -36.95
C GLU A 184 -7.02 22.21 -37.43
N ILE A 185 -6.06 22.25 -36.52
CA ILE A 185 -4.67 22.17 -36.91
C ILE A 185 -3.92 21.19 -36.03
N GLU A 186 -3.53 20.08 -36.63
CA GLU A 186 -2.82 19.01 -35.96
C GLU A 186 -1.33 19.31 -35.95
N ILE A 187 -0.75 19.51 -34.78
CA ILE A 187 0.67 19.77 -34.68
C ILE A 187 1.38 18.47 -34.31
N PRO A 188 2.25 17.98 -35.18
CA PRO A 188 2.93 16.75 -34.84
C PRO A 188 4.19 17.08 -34.03
N PRO A 189 4.60 16.17 -33.12
CA PRO A 189 5.78 16.30 -32.25
C PRO A 189 7.10 16.46 -32.96
N LEU A 190 8.07 17.04 -32.28
CA LEU A 190 9.38 17.22 -32.89
C LEU A 190 9.85 15.89 -33.43
N ARG A 191 9.70 14.84 -32.64
CA ARG A 191 10.14 13.52 -33.06
C ARG A 191 9.70 13.11 -34.47
N GLU A 192 8.80 13.90 -35.08
CA GLU A 192 8.29 13.63 -36.44
C GLU A 192 8.51 14.84 -37.37
N ARG A 193 9.57 15.59 -37.11
CA ARG A 193 9.88 16.77 -37.89
C ARG A 193 11.38 16.94 -37.75
N LYS A 194 12.11 15.85 -37.91
CA LYS A 194 13.55 15.90 -37.75
C LYS A 194 14.15 17.01 -38.58
N GLU A 195 13.37 17.51 -39.52
CA GLU A 195 13.79 18.60 -40.39
C GLU A 195 13.68 19.93 -39.63
N ASP A 196 13.16 19.86 -38.39
CA ASP A 196 12.97 21.01 -37.51
C ASP A 196 13.99 21.08 -36.40
N ILE A 197 14.35 19.94 -35.86
CA ILE A 197 15.31 19.91 -34.77
C ILE A 197 16.56 20.75 -35.05
N ILE A 198 17.31 20.41 -36.08
CA ILE A 198 18.52 21.16 -36.39
C ILE A 198 18.32 22.67 -36.66
N PRO A 199 17.19 23.09 -37.28
CA PRO A 199 16.99 24.53 -37.54
C PRO A 199 16.62 25.26 -36.23
N LEU A 200 15.61 24.70 -35.53
CA LEU A 200 15.15 25.20 -34.23
C LEU A 200 16.36 25.32 -33.33
N ALA A 201 16.93 24.17 -32.96
CA ALA A 201 18.11 24.10 -32.12
C ALA A 201 19.01 25.27 -32.40
N ASN A 202 19.30 25.45 -33.69
CA ASN A 202 20.15 26.52 -34.18
C ASN A 202 19.54 27.87 -33.88
N HIS A 203 18.21 27.94 -33.85
CA HIS A 203 17.59 29.20 -33.50
C HIS A 203 18.07 29.50 -32.09
N PHE A 204 17.64 28.62 -31.17
CA PHE A 204 17.93 28.63 -29.72
C PHE A 204 19.39 28.92 -29.44
N LEU A 205 20.27 28.05 -29.95
CA LEU A 205 21.69 28.27 -29.69
C LEU A 205 22.06 29.71 -29.97
N LYS A 206 21.31 30.38 -30.83
CA LYS A 206 21.61 31.78 -31.17
C LYS A 206 21.06 32.72 -30.10
N LYS A 207 19.81 32.51 -29.74
CA LYS A 207 19.12 33.30 -28.72
C LYS A 207 20.00 33.45 -27.51
N PHE A 208 20.23 32.32 -26.85
CA PHE A 208 21.05 32.16 -25.62
C PHE A 208 22.52 32.58 -25.76
N SER A 209 23.18 32.16 -26.84
CA SER A 209 24.58 32.54 -27.06
C SER A 209 24.69 34.04 -26.98
N ARG A 210 23.58 34.70 -27.28
CA ARG A 210 23.53 36.15 -27.26
C ARG A 210 23.01 36.61 -25.91
N LYS A 211 22.14 35.80 -25.31
CA LYS A 211 21.57 36.12 -24.00
C LYS A 211 22.55 36.06 -22.86
N TYR A 212 23.48 35.10 -22.92
CA TYR A 212 24.48 34.95 -21.86
C TYR A 212 25.88 35.35 -22.35
N ALA A 213 25.94 36.07 -23.45
CA ALA A 213 27.20 36.53 -24.01
C ALA A 213 28.24 35.42 -24.10
N LYS A 214 27.87 34.32 -24.74
CA LYS A 214 28.79 33.20 -24.90
C LYS A 214 29.26 33.06 -26.34
N GLU A 215 30.57 32.95 -26.55
CA GLU A 215 31.09 32.80 -27.91
C GLU A 215 30.73 31.43 -28.56
N VAL A 216 29.48 31.02 -28.46
CA VAL A 216 29.07 29.75 -29.03
C VAL A 216 28.43 29.93 -30.40
N GLU A 217 29.10 29.42 -31.45
CA GLU A 217 28.63 29.54 -32.84
C GLU A 217 27.63 28.48 -33.29
N GLY A 218 27.83 27.24 -32.86
CA GLY A 218 26.93 26.18 -33.26
C GLY A 218 27.35 24.77 -32.92
N PHE A 219 26.47 23.84 -33.26
CA PHE A 219 26.71 22.44 -33.00
C PHE A 219 27.60 21.76 -34.02
N THR A 220 28.31 20.74 -33.55
CA THR A 220 29.19 19.93 -34.38
C THR A 220 28.33 18.81 -35.00
N LYS A 221 28.88 18.10 -35.98
CA LYS A 221 28.14 17.03 -36.63
C LYS A 221 27.68 16.05 -35.54
N SER A 222 28.68 15.44 -34.90
CA SER A 222 28.48 14.48 -33.81
C SER A 222 27.32 14.89 -32.92
N ALA A 223 27.23 16.19 -32.64
CA ALA A 223 26.17 16.73 -31.80
C ALA A 223 24.88 16.77 -32.57
N GLN A 224 24.93 17.36 -33.75
CA GLN A 224 23.74 17.46 -34.58
C GLN A 224 23.04 16.12 -34.72
N GLU A 225 23.82 15.05 -34.81
CA GLU A 225 23.23 13.72 -34.92
C GLU A 225 22.35 13.46 -33.72
N LEU A 226 22.97 13.43 -32.55
CA LEU A 226 22.30 13.19 -31.29
C LEU A 226 20.97 13.93 -31.22
N LEU A 227 21.02 15.25 -31.41
CA LEU A 227 19.82 16.07 -31.36
C LEU A 227 18.71 15.51 -32.24
N LEU A 228 19.09 14.96 -33.39
CA LEU A 228 18.11 14.39 -34.31
C LEU A 228 17.59 13.02 -33.86
N SER A 229 18.39 12.29 -33.09
CA SER A 229 17.98 10.96 -32.62
C SER A 229 17.13 11.03 -31.36
N TYR A 230 17.42 11.98 -30.47
CA TYR A 230 16.66 12.12 -29.24
C TYR A 230 15.18 12.12 -29.60
N PRO A 231 14.33 11.51 -28.77
CA PRO A 231 12.89 11.48 -29.06
C PRO A 231 12.14 12.79 -28.82
N TRP A 232 12.73 13.69 -28.03
CA TRP A 232 12.13 14.99 -27.72
C TRP A 232 10.68 14.83 -27.29
N TYR A 233 10.47 14.31 -26.10
CA TYR A 233 9.12 14.12 -25.60
C TYR A 233 8.56 15.49 -25.35
N GLY A 234 9.40 16.34 -24.75
CA GLY A 234 8.98 17.70 -24.46
C GLY A 234 8.83 18.46 -25.76
N ASN A 235 9.47 17.94 -26.81
CA ASN A 235 9.44 18.56 -28.12
C ASN A 235 10.20 19.88 -28.14
N VAL A 236 9.63 20.86 -28.84
CA VAL A 236 10.26 22.17 -28.99
C VAL A 236 10.66 22.78 -27.67
N ARG A 237 9.83 22.56 -26.65
CA ARG A 237 10.08 23.09 -25.32
C ARG A 237 11.37 22.47 -24.77
N GLU A 238 11.37 21.15 -24.63
CA GLU A 238 12.55 20.48 -24.11
C GLU A 238 13.85 20.85 -24.82
N LEU A 239 13.79 21.10 -26.14
CA LEU A 239 14.98 21.44 -26.90
C LEU A 239 15.40 22.85 -26.53
N LYS A 240 14.40 23.68 -26.22
CA LYS A 240 14.66 25.06 -25.84
C LYS A 240 15.52 25.02 -24.57
N ASN A 241 15.08 24.22 -23.60
CA ASN A 241 15.82 24.07 -22.36
C ASN A 241 17.15 23.35 -22.60
N VAL A 242 17.09 22.14 -23.12
CA VAL A 242 18.32 21.41 -23.40
C VAL A 242 19.45 22.28 -23.96
N ILE A 243 19.09 23.34 -24.71
CA ILE A 243 20.12 24.17 -25.33
C ILE A 243 20.46 25.44 -24.59
N GLU A 244 19.53 26.00 -23.83
CA GLU A 244 19.87 27.16 -23.05
C GLU A 244 21.00 26.57 -22.19
N ARG A 245 20.66 25.42 -21.58
CA ARG A 245 21.54 24.64 -20.70
C ARG A 245 22.86 24.26 -21.33
N ALA A 246 22.80 23.88 -22.59
CA ALA A 246 24.01 23.53 -23.30
C ALA A 246 24.81 24.81 -23.66
N VAL A 247 24.12 25.94 -23.84
CA VAL A 247 24.80 27.18 -24.17
C VAL A 247 25.60 27.60 -22.97
N LEU A 248 24.97 27.54 -21.80
CA LEU A 248 25.66 27.91 -20.55
C LEU A 248 26.84 26.96 -20.25
N PHE A 249 26.57 25.65 -20.32
CA PHE A 249 27.60 24.65 -20.11
C PHE A 249 28.73 24.74 -21.15
N SER A 250 28.44 25.36 -22.29
CA SER A 250 29.44 25.46 -23.36
C SER A 250 30.75 26.11 -22.91
N GLU A 251 31.87 25.57 -23.38
CA GLU A 251 33.18 26.10 -23.02
C GLU A 251 33.91 26.78 -24.18
N GLY A 252 33.86 26.15 -25.35
CA GLY A 252 34.51 26.73 -26.51
C GLY A 252 33.56 27.49 -27.43
N LYS A 253 33.67 27.22 -28.73
CA LYS A 253 32.82 27.87 -29.75
C LYS A 253 31.76 26.90 -30.24
N PHE A 254 31.94 25.61 -29.97
CA PHE A 254 30.98 24.62 -30.41
C PHE A 254 30.45 23.65 -29.36
N ILE A 255 29.41 22.93 -29.75
CA ILE A 255 28.76 21.97 -28.88
C ILE A 255 28.69 20.61 -29.57
N ASP A 256 29.12 19.56 -28.89
CA ASP A 256 29.05 18.20 -29.44
C ASP A 256 28.65 17.20 -28.37
N ARG A 257 28.67 15.91 -28.71
CA ARG A 257 28.29 14.84 -27.79
C ARG A 257 28.55 15.27 -26.34
N GLY A 258 29.65 15.97 -26.14
CA GLY A 258 30.03 16.44 -24.81
C GLY A 258 28.93 16.95 -23.91
N GLU A 259 28.61 18.23 -24.04
CA GLU A 259 27.58 18.85 -23.21
C GLU A 259 26.22 18.19 -23.37
N LEU A 260 25.85 17.89 -24.62
CA LEU A 260 24.56 17.25 -24.89
C LEU A 260 24.32 15.96 -24.12
N SER A 261 25.19 14.97 -24.28
CA SER A 261 25.03 13.70 -23.58
C SER A 261 24.65 13.91 -22.12
N CYS A 262 25.17 14.99 -21.54
CA CYS A 262 24.89 15.33 -20.15
C CYS A 262 23.39 15.21 -19.93
N LEU A 263 22.64 15.54 -20.98
CA LEU A 263 21.20 15.50 -20.95
C LEU A 263 20.73 14.40 -21.89
N VAL A 264 20.50 14.77 -23.15
CA VAL A 264 20.03 13.86 -24.20
C VAL A 264 20.86 12.58 -24.32
N GLU B 22 -39.01 23.88 -48.48
CA GLU B 22 -38.30 22.88 -49.35
C GLU B 22 -38.06 21.61 -48.56
N SER B 23 -39.09 20.76 -48.47
CA SER B 23 -38.93 19.52 -47.72
C SER B 23 -40.22 18.73 -47.63
N PRO B 24 -40.14 17.47 -47.17
CA PRO B 24 -41.27 16.54 -47.01
C PRO B 24 -41.95 16.70 -45.65
N LYS B 25 -41.30 17.42 -44.75
CA LYS B 25 -41.84 17.64 -43.41
C LYS B 25 -41.68 19.07 -42.88
N MET B 26 -40.65 19.77 -43.35
CA MET B 26 -40.38 21.13 -42.89
C MET B 26 -41.23 22.19 -43.62
N LYS B 27 -41.67 21.87 -44.83
CA LYS B 27 -42.50 22.81 -45.59
C LYS B 27 -43.89 22.73 -44.96
N GLU B 28 -44.07 21.70 -44.14
CA GLU B 28 -45.32 21.43 -43.43
C GLU B 28 -45.29 22.12 -42.07
N ILE B 29 -44.17 21.94 -41.37
CA ILE B 29 -43.95 22.52 -40.05
C ILE B 29 -44.07 24.05 -40.11
N LEU B 30 -43.52 24.65 -41.17
CA LEU B 30 -43.60 26.09 -41.31
C LEU B 30 -45.04 26.57 -41.18
N GLU B 31 -45.99 25.64 -41.28
CA GLU B 31 -47.41 25.97 -41.17
C GLU B 31 -47.92 25.84 -39.75
N LYS B 32 -47.44 24.81 -39.05
CA LYS B 32 -47.85 24.62 -37.65
C LYS B 32 -47.34 25.86 -36.94
N ILE B 33 -46.11 26.26 -37.26
CA ILE B 33 -45.51 27.46 -36.68
C ILE B 33 -46.45 28.62 -37.00
N LYS B 34 -46.78 28.77 -38.28
CA LYS B 34 -47.67 29.83 -38.76
C LYS B 34 -49.06 29.77 -38.13
N LYS B 35 -49.61 28.57 -38.04
CA LYS B 35 -50.92 28.38 -37.44
C LYS B 35 -50.88 28.53 -35.92
N ILE B 36 -49.67 28.56 -35.35
CA ILE B 36 -49.52 28.68 -33.90
C ILE B 36 -49.20 30.09 -33.41
N SER B 37 -48.02 30.61 -33.80
CA SER B 37 -47.56 31.96 -33.42
C SER B 37 -48.62 32.85 -32.78
N CYS B 38 -49.77 32.91 -33.43
CA CYS B 38 -50.91 33.68 -32.97
C CYS B 38 -51.55 33.00 -31.74
N ALA B 39 -50.69 32.44 -30.88
CA ALA B 39 -51.14 31.74 -29.68
C ALA B 39 -50.43 32.22 -28.41
N GLU B 40 -50.58 31.45 -27.33
CA GLU B 40 -49.98 31.81 -26.05
C GLU B 40 -49.55 30.67 -25.12
N CYS B 41 -49.71 29.42 -25.53
CA CYS B 41 -49.30 28.33 -24.65
C CYS B 41 -47.91 27.83 -25.00
N PRO B 42 -47.28 27.07 -24.09
CA PRO B 42 -45.94 26.52 -24.28
C PRO B 42 -45.82 25.61 -25.47
N VAL B 43 -44.66 25.68 -26.13
CA VAL B 43 -44.38 24.89 -27.32
C VAL B 43 -43.15 23.98 -27.21
N LEU B 44 -43.35 22.70 -27.00
CA LEU B 44 -42.20 21.81 -26.90
C LEU B 44 -41.63 21.64 -28.29
N ILE B 45 -40.31 21.48 -28.38
CA ILE B 45 -39.63 21.34 -29.66
C ILE B 45 -38.59 20.24 -29.61
N THR B 46 -38.96 19.02 -29.99
CA THR B 46 -38.02 17.89 -29.95
C THR B 46 -37.26 17.56 -31.23
N GLY B 47 -36.00 17.13 -31.06
CA GLY B 47 -35.18 16.79 -32.21
C GLY B 47 -33.70 16.73 -31.88
N GLU B 48 -32.95 15.98 -32.68
CA GLU B 48 -31.51 15.82 -32.47
C GLU B 48 -30.73 17.12 -32.49
N SER B 49 -29.45 17.02 -32.15
CA SER B 49 -28.60 18.19 -32.08
C SER B 49 -28.23 18.91 -33.39
N GLY B 50 -28.92 20.00 -33.69
CA GLY B 50 -28.58 20.74 -34.90
C GLY B 50 -29.64 20.87 -35.96
N VAL B 51 -30.79 20.24 -35.74
CA VAL B 51 -31.89 20.30 -36.69
C VAL B 51 -32.39 21.73 -36.90
N GLY B 52 -32.45 22.50 -35.82
CA GLY B 52 -32.91 23.87 -35.92
C GLY B 52 -33.87 24.25 -34.81
N LYS B 53 -33.89 23.43 -33.77
CA LYS B 53 -34.76 23.64 -32.62
C LYS B 53 -34.89 25.09 -32.20
N GLU B 54 -33.78 25.82 -32.25
CA GLU B 54 -33.75 27.23 -31.86
C GLU B 54 -34.35 28.07 -32.98
N VAL B 55 -33.76 27.94 -34.17
CA VAL B 55 -34.22 28.64 -35.35
C VAL B 55 -35.73 28.66 -35.37
N VAL B 56 -36.32 27.47 -35.26
CA VAL B 56 -37.77 27.30 -35.23
C VAL B 56 -38.39 28.23 -34.18
N ALA B 57 -37.91 28.13 -32.94
CA ALA B 57 -38.40 28.95 -31.84
C ALA B 57 -38.11 30.39 -32.18
N ARG B 58 -36.84 30.69 -32.39
CA ARG B 58 -36.43 32.04 -32.75
C ARG B 58 -37.48 32.54 -33.77
N LEU B 59 -37.77 31.67 -34.74
CA LEU B 59 -38.76 31.92 -35.77
C LEU B 59 -40.13 32.10 -35.10
N ILE B 60 -40.66 30.99 -34.57
CA ILE B 60 -41.96 30.97 -33.88
C ILE B 60 -42.23 32.31 -33.23
N HIS B 61 -41.18 32.92 -32.71
CA HIS B 61 -41.33 34.22 -32.06
C HIS B 61 -41.68 35.26 -33.12
N LYS B 62 -40.77 35.48 -34.05
CA LYS B 62 -40.98 36.47 -35.11
C LYS B 62 -42.42 36.50 -35.61
N LEU B 63 -43.06 35.33 -35.68
CA LEU B 63 -44.42 35.27 -36.16
C LEU B 63 -45.44 35.42 -35.04
N SER B 64 -44.99 35.36 -33.79
CA SER B 64 -45.88 35.47 -32.64
C SER B 64 -46.44 36.87 -32.46
N ASP B 65 -47.58 36.95 -31.79
CA ASP B 65 -48.23 38.24 -31.56
C ASP B 65 -47.32 39.14 -30.76
N ARG B 66 -46.19 38.60 -30.31
CA ARG B 66 -45.24 39.37 -29.51
C ARG B 66 -43.86 39.58 -30.14
N SER B 67 -43.68 39.11 -31.37
CA SER B 67 -42.40 39.24 -32.05
C SER B 67 -41.72 40.59 -31.86
N LYS B 68 -42.51 41.59 -31.48
CA LYS B 68 -41.97 42.93 -31.28
C LYS B 68 -41.43 43.08 -29.88
N GLU B 69 -41.62 42.03 -29.07
CA GLU B 69 -41.16 42.02 -27.69
C GLU B 69 -39.78 41.36 -27.65
N PRO B 70 -39.18 41.24 -26.45
CA PRO B 70 -37.86 40.60 -26.27
C PRO B 70 -37.87 39.06 -26.22
N PHE B 71 -36.84 38.45 -26.81
CA PHE B 71 -36.74 36.99 -26.86
C PHE B 71 -35.61 36.46 -26.00
N VAL B 72 -35.87 36.33 -24.71
CA VAL B 72 -34.84 35.85 -23.82
C VAL B 72 -34.50 34.42 -24.20
N ALA B 73 -33.23 34.19 -24.51
CA ALA B 73 -32.76 32.88 -24.90
C ALA B 73 -31.62 32.43 -24.01
N LEU B 74 -31.86 31.40 -23.20
CA LEU B 74 -30.85 30.90 -22.27
C LEU B 74 -30.61 29.39 -22.40
N ASN B 75 -29.34 29.02 -22.38
CA ASN B 75 -28.96 27.62 -22.49
C ASN B 75 -28.94 26.97 -21.11
N VAL B 76 -30.04 26.32 -20.75
CA VAL B 76 -30.13 25.67 -19.44
C VAL B 76 -28.82 25.09 -18.90
N ALA B 77 -28.01 24.50 -19.78
CA ALA B 77 -26.75 23.87 -19.35
C ALA B 77 -25.52 24.77 -19.26
N SER B 78 -25.68 26.06 -19.48
CA SER B 78 -24.54 26.98 -19.40
C SER B 78 -24.51 27.62 -18.01
N ILE B 79 -25.41 27.16 -17.14
CA ILE B 79 -25.49 27.65 -15.78
C ILE B 79 -25.69 26.47 -14.82
N PRO B 80 -24.71 26.26 -13.92
CA PRO B 80 -24.66 25.22 -12.90
C PRO B 80 -26.02 24.88 -12.33
N ARG B 81 -26.40 23.60 -12.41
CA ARG B 81 -27.70 23.14 -11.90
C ARG B 81 -28.28 23.88 -10.68
N ASP B 82 -27.58 23.81 -9.56
CA ASP B 82 -28.04 24.45 -8.34
C ASP B 82 -28.38 25.92 -8.57
N ILE B 83 -27.43 26.64 -9.18
CA ILE B 83 -27.60 28.05 -9.44
C ILE B 83 -28.59 28.31 -10.56
N PHE B 84 -29.57 27.44 -10.78
CA PHE B 84 -30.47 27.75 -11.88
C PHE B 84 -31.70 28.45 -11.38
N GLU B 85 -32.64 27.69 -10.84
CA GLU B 85 -33.87 28.29 -10.34
C GLU B 85 -33.50 29.66 -9.86
N ALA B 86 -32.32 29.74 -9.27
CA ALA B 86 -31.79 31.00 -8.79
C ALA B 86 -31.98 31.96 -9.95
N GLU B 87 -31.04 31.94 -10.90
CA GLU B 87 -31.14 32.82 -12.06
C GLU B 87 -32.59 32.77 -12.58
N LEU B 88 -32.91 31.75 -13.36
CA LEU B 88 -34.24 31.64 -13.93
C LEU B 88 -35.41 32.21 -13.16
N PHE B 89 -35.42 32.08 -11.85
CA PHE B 89 -36.55 32.60 -11.08
C PHE B 89 -36.25 33.65 -10.07
N GLY B 90 -34.99 34.05 -9.98
CA GLY B 90 -34.63 35.09 -9.04
C GLY B 90 -34.81 34.79 -7.57
N TYR B 91 -33.99 35.46 -6.79
CA TYR B 91 -33.97 35.30 -5.34
C TYR B 91 -33.86 36.64 -4.65
N GLU B 92 -34.15 36.66 -3.35
CA GLU B 92 -34.05 37.90 -2.61
C GLU B 92 -32.70 37.98 -1.95
N LYS B 93 -32.62 38.80 -0.91
CA LYS B 93 -31.38 38.99 -0.17
C LYS B 93 -31.13 37.81 0.72
N GLY B 94 -29.90 37.31 0.66
CA GLY B 94 -29.50 36.17 1.45
C GLY B 94 -30.57 35.09 1.59
N ALA B 95 -31.31 34.83 0.52
CA ALA B 95 -32.31 33.80 0.61
C ALA B 95 -31.53 32.49 0.69
N PHE B 96 -30.24 32.58 0.39
CA PHE B 96 -29.40 31.40 0.44
C PHE B 96 -27.90 31.66 0.39
N THR B 97 -27.13 30.60 0.61
CA THR B 97 -25.68 30.63 0.61
C THR B 97 -25.07 32.00 0.26
N GLY B 98 -24.83 32.23 -1.03
CA GLY B 98 -24.23 33.49 -1.44
C GLY B 98 -25.03 34.43 -2.31
N ALA B 99 -25.89 35.22 -1.69
CA ALA B 99 -26.71 36.16 -2.42
C ALA B 99 -26.68 37.49 -1.71
N VAL B 100 -25.79 38.37 -2.16
CA VAL B 100 -25.67 39.71 -1.57
C VAL B 100 -26.94 40.53 -1.73
N SER B 101 -27.32 40.82 -2.97
CA SER B 101 -28.51 41.63 -3.24
C SER B 101 -29.52 40.93 -4.16
N SER B 102 -30.80 41.23 -3.97
CA SER B 102 -31.89 40.65 -4.77
C SER B 102 -31.55 40.55 -6.28
N LYS B 103 -32.20 39.64 -6.99
CA LYS B 103 -31.96 39.46 -8.41
C LYS B 103 -33.22 39.09 -9.18
N GLU B 104 -33.17 39.31 -10.47
CA GLU B 104 -34.34 39.08 -11.29
C GLU B 104 -34.30 37.76 -12.00
N GLY B 105 -35.38 37.02 -11.89
CA GLY B 105 -35.39 35.73 -12.56
C GLY B 105 -35.41 35.95 -14.06
N PHE B 106 -34.56 35.27 -14.78
CA PHE B 106 -34.56 35.41 -16.23
C PHE B 106 -36.00 35.52 -16.73
N PHE B 107 -36.92 34.79 -16.10
CA PHE B 107 -38.32 34.87 -16.47
C PHE B 107 -38.64 36.35 -16.52
N GLU B 108 -38.83 36.98 -15.37
CA GLU B 108 -39.15 38.41 -15.28
C GLU B 108 -38.50 39.23 -16.41
N LEU B 109 -37.19 39.12 -16.56
CA LEU B 109 -36.47 39.83 -17.62
C LEU B 109 -37.31 39.69 -18.87
N ALA B 110 -37.73 38.46 -19.15
CA ALA B 110 -38.54 38.14 -20.31
C ALA B 110 -40.02 38.26 -20.05
N ASP B 111 -40.43 39.30 -19.33
CA ASP B 111 -41.85 39.48 -19.08
C ASP B 111 -42.38 40.09 -20.38
N GLY B 112 -43.57 39.66 -20.80
CA GLY B 112 -44.13 40.16 -22.03
C GLY B 112 -43.49 39.46 -23.23
N GLY B 113 -42.17 39.36 -23.23
CA GLY B 113 -41.49 38.70 -24.33
C GLY B 113 -41.68 37.21 -24.37
N THR B 114 -40.62 36.52 -24.78
CA THR B 114 -40.67 35.08 -24.88
C THR B 114 -39.37 34.49 -24.33
N LEU B 115 -39.54 33.42 -23.56
CA LEU B 115 -38.42 32.73 -22.96
C LEU B 115 -38.15 31.43 -23.72
N PHE B 116 -36.89 31.16 -24.04
CA PHE B 116 -36.55 29.93 -24.74
C PHE B 116 -35.59 29.06 -23.95
N LEU B 117 -36.10 28.04 -23.27
CA LEU B 117 -35.26 27.17 -22.48
C LEU B 117 -34.68 26.01 -23.30
N ASP B 118 -33.45 26.19 -23.76
CA ASP B 118 -32.73 25.22 -24.56
C ASP B 118 -32.28 24.02 -23.74
N GLU B 119 -32.72 22.83 -24.14
CA GLU B 119 -32.34 21.59 -23.45
C GLU B 119 -33.07 21.46 -22.11
N ILE B 120 -34.39 21.48 -22.18
CA ILE B 120 -35.25 21.34 -21.03
C ILE B 120 -34.88 20.09 -20.26
N GLY B 121 -34.06 19.23 -20.87
CA GLY B 121 -33.67 18.00 -20.20
C GLY B 121 -32.80 18.17 -18.95
N GLU B 122 -32.16 19.32 -18.82
CA GLU B 122 -31.30 19.59 -17.68
C GLU B 122 -31.95 20.27 -16.46
N LEU B 123 -33.27 20.36 -16.44
CA LEU B 123 -33.87 21.05 -15.32
C LEU B 123 -34.07 20.20 -14.12
N SER B 124 -33.47 20.60 -13.01
CA SER B 124 -33.60 19.83 -11.77
C SER B 124 -35.06 19.57 -11.49
N LEU B 125 -35.35 18.43 -10.87
CA LEU B 125 -36.71 18.05 -10.55
C LEU B 125 -37.43 19.13 -9.78
N GLU B 126 -36.68 20.13 -9.36
CA GLU B 126 -37.26 21.24 -8.63
C GLU B 126 -37.63 22.27 -9.67
N ALA B 127 -36.65 22.69 -10.48
CA ALA B 127 -36.86 23.67 -11.56
C ALA B 127 -38.14 23.30 -12.29
N GLN B 128 -38.22 22.03 -12.68
CA GLN B 128 -39.39 21.52 -13.35
C GLN B 128 -40.59 21.88 -12.49
N ALA B 129 -40.61 21.34 -11.28
CA ALA B 129 -41.69 21.59 -10.35
C ALA B 129 -42.11 23.05 -10.37
N LYS B 130 -41.15 23.96 -10.30
CA LYS B 130 -41.47 25.38 -10.31
C LYS B 130 -41.95 25.83 -11.68
N LEU B 131 -41.25 25.42 -12.73
CA LEU B 131 -41.67 25.78 -14.08
C LEU B 131 -43.15 25.54 -14.18
N LEU B 132 -43.55 24.29 -14.27
CA LEU B 132 -44.96 23.97 -14.32
C LEU B 132 -45.88 25.02 -13.68
N ARG B 133 -45.81 25.20 -12.37
CA ARG B 133 -46.69 26.17 -11.69
C ARG B 133 -46.80 27.50 -12.44
N VAL B 134 -45.68 28.03 -12.93
CA VAL B 134 -45.75 29.29 -13.62
C VAL B 134 -46.54 29.14 -14.92
N ILE B 135 -46.11 28.20 -15.76
CA ILE B 135 -46.79 27.98 -17.00
C ILE B 135 -48.29 27.77 -16.79
N GLU B 136 -48.71 27.44 -15.58
CA GLU B 136 -50.13 27.20 -15.32
C GLU B 136 -50.82 28.28 -14.51
N SER B 137 -50.08 29.28 -14.05
CA SER B 137 -50.69 30.32 -13.23
C SER B 137 -50.09 31.69 -13.48
N GLY B 138 -48.92 31.73 -14.08
CA GLY B 138 -48.28 32.99 -14.34
C GLY B 138 -47.67 33.62 -13.10
N LYS B 139 -47.98 33.03 -11.94
CA LYS B 139 -47.48 33.52 -10.64
C LYS B 139 -46.45 32.55 -10.06
N PHE B 140 -45.40 33.12 -9.47
CA PHE B 140 -44.38 32.34 -8.82
C PHE B 140 -43.78 33.11 -7.62
N TYR B 141 -42.67 32.62 -7.05
CA TYR B 141 -42.01 33.25 -5.88
C TYR B 141 -40.52 33.34 -6.04
N ARG B 142 -40.00 34.56 -6.16
CA ARG B 142 -38.55 34.73 -6.32
C ARG B 142 -38.02 33.75 -5.29
N LEU B 143 -36.96 33.02 -5.61
CA LEU B 143 -36.44 32.06 -4.64
C LEU B 143 -36.20 32.79 -3.34
N GLY B 144 -36.87 32.34 -2.30
CA GLY B 144 -36.69 33.02 -1.05
C GLY B 144 -37.37 34.38 -1.11
N GLY B 145 -38.65 34.40 -1.47
CA GLY B 145 -39.39 35.64 -1.53
C GLY B 145 -40.80 35.44 -1.00
N ARG B 146 -41.34 36.42 -0.30
CA ARG B 146 -42.67 36.25 0.26
C ARG B 146 -43.85 36.90 -0.46
N LYS B 147 -43.58 37.53 -1.60
CA LYS B 147 -44.65 38.16 -2.35
C LYS B 147 -44.68 37.38 -3.65
N GLU B 148 -45.87 37.06 -4.11
CA GLU B 148 -46.01 36.33 -5.35
C GLU B 148 -45.90 37.27 -6.58
N ILE B 149 -44.85 37.11 -7.37
CA ILE B 149 -44.68 37.92 -8.57
C ILE B 149 -45.67 37.48 -9.64
N GLU B 150 -45.93 38.33 -10.64
CA GLU B 150 -46.87 37.99 -11.74
C GLU B 150 -46.28 38.25 -13.13
N VAL B 151 -46.47 37.30 -14.05
CA VAL B 151 -45.90 37.50 -15.38
C VAL B 151 -46.65 36.81 -16.51
N ASN B 152 -46.35 37.26 -17.73
CA ASN B 152 -46.93 36.70 -18.95
C ASN B 152 -45.76 36.42 -19.87
N VAL B 153 -45.42 35.16 -20.03
CA VAL B 153 -44.28 34.84 -20.87
C VAL B 153 -44.58 33.64 -21.74
N ARG B 154 -43.98 33.65 -22.92
CA ARG B 154 -44.13 32.59 -23.91
C ARG B 154 -42.94 31.63 -23.81
N ILE B 155 -43.20 30.47 -23.22
CA ILE B 155 -42.22 29.43 -23.01
C ILE B 155 -41.97 28.61 -24.26
N LEU B 156 -40.72 28.52 -24.65
CA LEU B 156 -40.35 27.75 -25.81
C LEU B 156 -39.29 26.76 -25.44
N ALA B 157 -39.73 25.55 -25.06
CA ALA B 157 -38.83 24.47 -24.64
C ALA B 157 -38.26 23.72 -25.84
N ALA B 158 -37.01 23.29 -25.73
CA ALA B 158 -36.39 22.55 -26.84
C ALA B 158 -35.29 21.58 -26.40
N THR B 159 -35.65 20.32 -26.19
CA THR B 159 -34.65 19.33 -25.80
C THR B 159 -34.27 18.47 -27.00
N ASN B 160 -33.19 17.71 -26.83
CA ASN B 160 -32.74 16.82 -27.90
C ASN B 160 -32.82 15.39 -27.40
N ARG B 161 -33.29 15.23 -26.17
CA ARG B 161 -33.41 13.91 -25.58
C ARG B 161 -34.83 13.37 -25.68
N ASN B 162 -35.03 12.16 -25.17
CA ASN B 162 -36.33 11.52 -25.20
C ASN B 162 -37.04 11.65 -23.86
N ILE B 163 -37.62 12.81 -23.63
CA ILE B 163 -38.33 13.09 -22.39
C ILE B 163 -39.09 11.88 -21.90
N LYS B 164 -39.98 11.35 -22.73
CA LYS B 164 -40.83 10.22 -22.36
C LYS B 164 -40.11 9.13 -21.59
N GLU B 165 -38.82 8.97 -21.86
CA GLU B 165 -37.99 7.99 -21.16
C GLU B 165 -37.68 8.56 -19.79
N LEU B 166 -36.98 9.69 -19.78
CA LEU B 166 -36.63 10.38 -18.56
C LEU B 166 -37.80 10.26 -17.59
N VAL B 167 -38.99 10.59 -18.08
CA VAL B 167 -40.18 10.53 -17.26
C VAL B 167 -40.23 9.20 -16.56
N LYS B 168 -40.03 8.13 -17.32
CA LYS B 168 -40.05 6.78 -16.79
C LYS B 168 -38.93 6.62 -15.75
N GLU B 169 -37.71 6.98 -16.12
CA GLU B 169 -36.58 6.87 -15.21
C GLU B 169 -36.73 7.87 -14.08
N GLY B 170 -37.94 8.39 -13.88
CA GLY B 170 -38.16 9.37 -12.84
C GLY B 170 -37.20 10.56 -12.90
N LYS B 171 -36.52 10.74 -14.03
CA LYS B 171 -35.58 11.84 -14.19
C LYS B 171 -36.18 13.10 -14.83
N PHE B 172 -37.50 13.19 -14.82
CA PHE B 172 -38.22 14.32 -15.38
C PHE B 172 -39.65 14.22 -14.86
N ARG B 173 -40.29 15.35 -14.59
CA ARG B 173 -41.67 15.32 -14.09
C ARG B 173 -42.66 15.01 -15.20
N GLU B 174 -43.54 14.05 -14.92
CA GLU B 174 -44.57 13.63 -15.86
C GLU B 174 -45.43 14.83 -16.26
N ASP B 175 -46.19 15.35 -15.30
CA ASP B 175 -47.06 16.49 -15.55
C ASP B 175 -46.38 17.67 -16.27
N LEU B 176 -45.10 17.90 -16.01
CA LEU B 176 -44.42 18.99 -16.67
C LEU B 176 -44.40 18.72 -18.15
N TYR B 177 -44.04 17.50 -18.53
CA TYR B 177 -43.99 17.14 -19.93
C TYR B 177 -45.33 17.49 -20.57
N TYR B 178 -46.35 16.71 -20.24
CA TYR B 178 -47.69 16.91 -20.77
C TYR B 178 -48.04 18.38 -21.02
N ARG B 179 -47.87 19.24 -20.03
CA ARG B 179 -48.21 20.65 -20.22
C ARG B 179 -47.37 21.31 -21.30
N LEU B 180 -46.15 20.86 -21.49
CA LEU B 180 -45.30 21.43 -22.52
C LEU B 180 -45.61 20.77 -23.84
N GLY B 181 -45.99 19.48 -23.77
CA GLY B 181 -46.31 18.67 -24.94
C GLY B 181 -47.58 19.03 -25.70
N VAL B 182 -48.23 20.10 -25.27
CA VAL B 182 -49.44 20.59 -25.91
C VAL B 182 -49.10 20.76 -27.38
N ILE B 183 -48.20 21.69 -27.66
CA ILE B 183 -47.80 21.97 -29.02
C ILE B 183 -46.42 21.41 -29.26
N GLU B 184 -46.31 20.12 -29.53
CA GLU B 184 -45.00 19.53 -29.76
C GLU B 184 -44.61 19.63 -31.24
N ILE B 185 -43.37 20.00 -31.51
CA ILE B 185 -42.88 20.13 -32.89
C ILE B 185 -41.63 19.29 -33.11
N GLU B 186 -41.83 18.03 -33.47
CA GLU B 186 -40.74 17.09 -33.72
C GLU B 186 -39.94 17.41 -34.97
N ILE B 187 -38.70 17.87 -34.83
CA ILE B 187 -37.87 18.20 -35.99
C ILE B 187 -37.00 17.00 -36.37
N PRO B 188 -37.29 16.35 -37.51
CA PRO B 188 -36.46 15.20 -37.89
C PRO B 188 -35.08 15.68 -38.33
N PRO B 189 -34.09 14.78 -38.28
CA PRO B 189 -32.71 15.11 -38.67
C PRO B 189 -32.58 15.55 -40.13
N LEU B 190 -31.34 15.59 -40.63
CA LEU B 190 -31.10 15.95 -42.03
C LEU B 190 -31.01 14.68 -42.85
N ARG B 191 -30.84 13.55 -42.16
CA ARG B 191 -30.76 12.25 -42.82
C ARG B 191 -32.18 11.80 -43.14
N GLU B 192 -33.16 12.64 -42.80
CA GLU B 192 -34.56 12.35 -43.06
C GLU B 192 -35.23 13.56 -43.72
N ARG B 193 -34.39 14.43 -44.27
CA ARG B 193 -34.86 15.63 -44.95
C ARG B 193 -33.94 15.93 -46.14
N LYS B 194 -33.61 14.87 -46.89
CA LYS B 194 -32.74 14.94 -48.06
C LYS B 194 -32.99 16.21 -48.86
N GLU B 195 -34.27 16.55 -48.97
CA GLU B 195 -34.71 17.72 -49.70
C GLU B 195 -33.97 18.98 -49.24
N ASP B 196 -33.60 19.00 -47.97
CA ASP B 196 -32.92 20.14 -47.36
C ASP B 196 -31.40 20.16 -47.41
N ILE B 197 -30.77 19.02 -47.66
CA ILE B 197 -29.31 18.97 -47.70
C ILE B 197 -28.68 19.89 -48.73
N ILE B 198 -29.15 19.79 -49.98
CA ILE B 198 -28.62 20.59 -51.09
C ILE B 198 -29.00 22.07 -51.08
N PRO B 199 -30.27 22.41 -50.84
CA PRO B 199 -30.68 23.82 -50.81
C PRO B 199 -29.91 24.59 -49.75
N LEU B 200 -29.74 23.95 -48.60
CA LEU B 200 -29.01 24.50 -47.45
C LEU B 200 -27.53 24.64 -47.82
N ALA B 201 -26.92 23.53 -48.21
CA ALA B 201 -25.52 23.50 -48.61
C ALA B 201 -25.19 24.76 -49.41
N ASN B 202 -26.11 25.15 -50.29
CA ASN B 202 -25.93 26.34 -51.12
C ASN B 202 -26.03 27.59 -50.26
N HIS B 203 -27.08 27.67 -49.46
CA HIS B 203 -27.29 28.82 -48.59
C HIS B 203 -26.03 29.18 -47.81
N PHE B 204 -25.32 28.14 -47.36
CA PHE B 204 -24.09 28.33 -46.60
C PHE B 204 -22.95 28.78 -47.51
N LEU B 205 -22.83 28.13 -48.67
CA LEU B 205 -21.80 28.45 -49.64
C LEU B 205 -21.93 29.90 -50.10
N LYS B 206 -23.18 30.33 -50.29
CA LYS B 206 -23.45 31.70 -50.73
C LYS B 206 -22.96 32.72 -49.71
N LYS B 207 -23.37 32.53 -48.46
CA LYS B 207 -23.01 33.43 -47.37
C LYS B 207 -21.53 33.33 -47.01
N PHE B 208 -21.01 32.10 -46.94
CA PHE B 208 -19.60 31.86 -46.62
C PHE B 208 -18.68 32.37 -47.73
N SER B 209 -19.12 32.21 -48.97
CA SER B 209 -18.35 32.69 -50.11
C SER B 209 -18.40 34.22 -50.07
N ARG B 210 -19.61 34.72 -49.82
CA ARG B 210 -19.85 36.16 -49.73
C ARG B 210 -19.02 36.83 -48.65
N LYS B 211 -18.77 36.12 -47.55
CA LYS B 211 -17.99 36.65 -46.44
C LYS B 211 -16.47 36.52 -46.57
N TYR B 212 -16.01 35.35 -46.99
CA TYR B 212 -14.57 35.06 -47.14
C TYR B 212 -13.96 35.36 -48.50
N ALA B 213 -14.51 36.35 -49.19
CA ALA B 213 -14.01 36.76 -50.51
C ALA B 213 -13.57 35.59 -51.38
N LYS B 214 -14.49 34.67 -51.64
CA LYS B 214 -14.20 33.52 -52.49
C LYS B 214 -15.10 33.58 -53.71
N GLU B 215 -14.56 33.20 -54.86
CA GLU B 215 -15.34 33.22 -56.09
C GLU B 215 -16.01 31.87 -56.32
N VAL B 216 -16.74 31.39 -55.32
CA VAL B 216 -17.43 30.10 -55.43
C VAL B 216 -18.91 30.29 -55.78
N GLU B 217 -19.38 29.55 -56.79
CA GLU B 217 -20.75 29.64 -57.27
C GLU B 217 -21.62 28.54 -56.65
N GLY B 218 -21.12 27.30 -56.69
CA GLY B 218 -21.86 26.18 -56.14
C GLY B 218 -21.13 24.85 -56.16
N PHE B 219 -21.88 23.76 -55.90
CA PHE B 219 -21.31 22.41 -55.87
C PHE B 219 -21.47 21.74 -57.22
N THR B 220 -20.74 20.64 -57.40
CA THR B 220 -20.81 19.84 -58.62
C THR B 220 -21.61 18.61 -58.19
N LYS B 221 -22.38 18.03 -59.11
CA LYS B 221 -23.18 16.85 -58.78
C LYS B 221 -22.28 15.79 -58.15
N SER B 222 -20.96 15.93 -58.37
CA SER B 222 -19.99 15.00 -57.82
C SER B 222 -20.02 15.06 -56.30
N ALA B 223 -20.01 16.28 -55.75
CA ALA B 223 -20.03 16.49 -54.30
C ALA B 223 -21.45 16.47 -53.76
N GLN B 224 -22.39 16.95 -54.58
CA GLN B 224 -23.78 16.99 -54.19
C GLN B 224 -24.26 15.57 -53.89
N GLU B 225 -23.46 14.58 -54.30
CA GLU B 225 -23.79 13.18 -54.09
C GLU B 225 -23.33 12.70 -52.73
N LEU B 226 -22.06 12.91 -52.41
CA LEU B 226 -21.54 12.49 -51.11
C LEU B 226 -22.31 13.31 -50.07
N LEU B 227 -22.67 14.54 -50.45
CA LEU B 227 -23.41 15.43 -49.55
C LEU B 227 -24.69 14.73 -49.13
N LEU B 228 -25.65 14.66 -50.04
CA LEU B 228 -26.93 14.02 -49.76
C LEU B 228 -26.81 12.59 -49.21
N SER B 229 -25.61 12.03 -49.26
CA SER B 229 -25.39 10.67 -48.76
C SER B 229 -24.94 10.72 -47.32
N TYR B 230 -23.91 11.54 -47.08
CA TYR B 230 -23.33 11.71 -45.75
C TYR B 230 -24.42 11.69 -44.66
N PRO B 231 -24.21 10.89 -43.59
CA PRO B 231 -25.14 10.74 -42.47
C PRO B 231 -25.63 12.06 -41.84
N TRP B 232 -24.73 13.01 -41.62
CA TRP B 232 -25.10 14.29 -41.03
C TRP B 232 -25.66 14.12 -39.62
N TYR B 233 -24.88 13.47 -38.75
CA TYR B 233 -25.31 13.26 -37.37
C TYR B 233 -25.27 14.60 -36.65
N GLY B 234 -24.41 15.48 -37.16
CA GLY B 234 -24.28 16.81 -36.59
C GLY B 234 -25.33 17.74 -37.16
N ASN B 235 -26.13 17.22 -38.08
CA ASN B 235 -27.20 17.95 -38.75
C ASN B 235 -26.80 19.25 -39.41
N VAL B 236 -27.78 20.13 -39.58
CA VAL B 236 -27.57 21.42 -40.24
C VAL B 236 -26.36 22.17 -39.75
N ARG B 237 -25.98 21.93 -38.50
CA ARG B 237 -24.83 22.62 -37.93
C ARG B 237 -23.54 22.11 -38.55
N GLU B 238 -23.33 20.79 -38.45
CA GLU B 238 -22.12 20.20 -39.02
C GLU B 238 -21.97 20.66 -40.46
N LEU B 239 -23.09 20.75 -41.17
CA LEU B 239 -23.08 21.21 -42.54
C LEU B 239 -22.60 22.65 -42.54
N LYS B 240 -23.36 23.54 -41.90
CA LYS B 240 -23.01 24.96 -41.83
C LYS B 240 -21.56 25.13 -41.42
N ASN B 241 -20.92 24.01 -41.07
CA ASN B 241 -19.53 23.99 -40.68
C ASN B 241 -18.73 23.46 -41.86
N VAL B 242 -18.94 22.19 -42.17
CA VAL B 242 -18.25 21.52 -43.26
C VAL B 242 -18.14 22.42 -44.49
N ILE B 243 -19.22 23.13 -44.78
CA ILE B 243 -19.26 24.04 -45.93
C ILE B 243 -18.29 25.19 -45.72
N GLU B 244 -18.40 25.87 -44.58
CA GLU B 244 -17.51 26.99 -44.28
C GLU B 244 -16.08 26.55 -44.47
N ARG B 245 -15.84 25.27 -44.20
CA ARG B 245 -14.51 24.73 -44.34
C ARG B 245 -14.16 24.64 -45.80
N ALA B 246 -15.14 24.21 -46.61
CA ALA B 246 -14.97 24.06 -48.06
C ALA B 246 -14.80 25.43 -48.72
N VAL B 247 -15.68 26.37 -48.38
CA VAL B 247 -15.61 27.72 -48.93
C VAL B 247 -14.23 28.33 -48.70
N LEU B 248 -13.57 27.95 -47.60
CA LEU B 248 -12.24 28.46 -47.29
C LEU B 248 -11.18 27.69 -48.08
N PHE B 249 -11.22 26.36 -47.96
CA PHE B 249 -10.29 25.51 -48.69
C PHE B 249 -10.73 25.39 -50.13
N SER B 250 -11.63 26.29 -50.53
CA SER B 250 -12.09 26.28 -51.91
C SER B 250 -11.08 27.07 -52.69
N GLU B 251 -10.94 26.72 -53.96
CA GLU B 251 -10.01 27.39 -54.86
C GLU B 251 -10.77 28.07 -55.99
N GLY B 252 -11.17 27.26 -56.97
CA GLY B 252 -11.90 27.79 -58.10
C GLY B 252 -13.26 28.33 -57.72
N LYS B 253 -14.25 28.03 -58.56
CA LYS B 253 -15.62 28.48 -58.34
C LYS B 253 -16.51 27.37 -57.78
N PHE B 254 -16.11 26.13 -58.02
CA PHE B 254 -16.90 25.00 -57.54
C PHE B 254 -16.09 24.10 -56.61
N ILE B 255 -16.79 23.17 -55.97
CA ILE B 255 -16.19 22.24 -55.02
C ILE B 255 -16.61 20.84 -55.44
N ASP B 256 -15.84 19.83 -55.05
CA ASP B 256 -16.19 18.45 -55.41
C ASP B 256 -15.75 17.44 -54.36
N ARG B 257 -15.81 16.16 -54.71
CA ARG B 257 -15.44 15.09 -53.79
C ARG B 257 -14.13 15.34 -53.04
N GLY B 258 -13.18 16.00 -53.70
CA GLY B 258 -11.90 16.29 -53.07
C GLY B 258 -12.01 17.01 -51.72
N GLU B 259 -12.28 18.31 -51.77
CA GLU B 259 -12.42 19.12 -50.56
C GLU B 259 -13.35 18.44 -49.55
N LEU B 260 -14.57 18.19 -49.99
CA LEU B 260 -15.60 17.55 -49.16
C LEU B 260 -15.15 16.25 -48.52
N SER B 261 -14.47 15.38 -49.28
CA SER B 261 -14.02 14.12 -48.70
C SER B 261 -13.04 14.39 -47.55
N CYS B 262 -11.75 14.22 -47.81
CA CYS B 262 -10.71 14.41 -46.79
C CYS B 262 -11.21 14.82 -45.41
N LEU B 263 -11.11 16.12 -45.09
CA LEU B 263 -11.51 16.62 -43.76
C LEU B 263 -12.98 16.47 -43.40
N VAL B 264 -13.74 15.71 -44.18
CA VAL B 264 -15.16 15.52 -43.91
C VAL B 264 -15.63 14.11 -44.29
N GLU C 17 -64.94 31.48 -11.43
CA GLU C 17 -64.78 30.27 -12.31
C GLU C 17 -65.73 29.13 -11.91
N GLU C 18 -66.16 28.35 -12.89
CA GLU C 18 -67.06 27.21 -12.62
C GLU C 18 -66.23 25.97 -12.33
N TYR C 19 -66.60 25.27 -11.28
CA TYR C 19 -65.93 24.05 -10.87
C TYR C 19 -66.75 22.85 -11.35
N VAL C 20 -66.12 21.92 -12.03
CA VAL C 20 -66.82 20.78 -12.63
C VAL C 20 -67.11 19.58 -11.74
N PHE C 21 -67.67 19.83 -10.56
CA PHE C 21 -68.01 18.71 -9.69
C PHE C 21 -69.36 18.11 -10.06
N GLU C 22 -69.32 17.30 -11.12
CA GLU C 22 -70.53 16.64 -11.62
C GLU C 22 -70.17 15.19 -11.91
N SER C 23 -69.91 14.42 -10.87
CA SER C 23 -69.58 13.02 -11.01
C SER C 23 -70.25 12.41 -9.81
N PRO C 24 -70.24 11.08 -9.70
CA PRO C 24 -70.91 10.54 -8.51
C PRO C 24 -70.08 10.77 -7.21
N LYS C 25 -68.78 10.55 -7.27
CA LYS C 25 -67.91 10.76 -6.11
C LYS C 25 -67.56 12.24 -5.93
N MET C 26 -67.06 12.87 -6.98
CA MET C 26 -66.70 14.28 -6.95
C MET C 26 -67.86 15.14 -6.46
N LYS C 27 -69.07 14.74 -6.83
CA LYS C 27 -70.27 15.45 -6.43
C LYS C 27 -70.37 15.28 -4.92
N GLU C 28 -69.93 14.11 -4.46
CA GLU C 28 -69.95 13.74 -3.05
C GLU C 28 -68.83 14.44 -2.30
N ILE C 29 -67.64 14.44 -2.88
CA ILE C 29 -66.50 15.09 -2.26
C ILE C 29 -66.87 16.49 -1.88
N LEU C 30 -67.38 17.22 -2.88
CA LEU C 30 -67.80 18.60 -2.70
C LEU C 30 -68.64 18.75 -1.43
N GLU C 31 -69.61 17.85 -1.23
CA GLU C 31 -70.41 17.92 -0.03
C GLU C 31 -69.44 17.84 1.13
N LYS C 32 -68.55 16.86 1.07
CA LYS C 32 -67.59 16.72 2.15
C LYS C 32 -66.92 18.07 2.28
N ILE C 33 -66.25 18.53 1.21
CA ILE C 33 -65.58 19.84 1.18
C ILE C 33 -66.48 20.91 1.79
N LYS C 34 -67.77 20.65 1.85
CA LYS C 34 -68.69 21.60 2.45
C LYS C 34 -68.86 21.28 3.93
N LYS C 35 -69.29 20.06 4.25
CA LYS C 35 -69.47 19.67 5.64
C LYS C 35 -68.19 19.98 6.43
N ILE C 36 -67.05 19.92 5.74
CA ILE C 36 -65.73 20.17 6.33
C ILE C 36 -65.48 21.66 6.49
N SER C 37 -66.20 22.45 5.70
CA SER C 37 -66.07 23.89 5.70
C SER C 37 -66.05 24.60 7.06
N CYS C 38 -66.84 24.10 8.01
CA CYS C 38 -66.93 24.76 9.32
C CYS C 38 -65.79 24.54 10.33
N ALA C 39 -64.82 23.70 9.99
CA ALA C 39 -63.72 23.43 10.92
C ALA C 39 -62.37 24.00 10.50
N GLU C 40 -61.30 23.52 11.14
CA GLU C 40 -59.94 23.97 10.82
C GLU C 40 -58.98 22.78 10.91
N CYS C 41 -59.56 21.58 11.02
CA CYS C 41 -58.74 20.38 11.16
C CYS C 41 -58.05 20.05 9.85
N PRO C 42 -56.72 19.97 9.89
CA PRO C 42 -55.90 19.67 8.72
C PRO C 42 -56.53 18.71 7.76
N VAL C 43 -56.16 18.86 6.49
CA VAL C 43 -56.69 18.03 5.45
C VAL C 43 -55.59 17.50 4.56
N LEU C 44 -55.64 16.20 4.35
CA LEU C 44 -54.67 15.52 3.52
C LEU C 44 -55.42 15.09 2.27
N ILE C 45 -54.93 15.55 1.11
CA ILE C 45 -55.58 15.21 -0.15
C ILE C 45 -54.67 14.33 -0.97
N THR C 46 -55.26 13.28 -1.54
CA THR C 46 -54.48 12.34 -2.32
C THR C 46 -55.11 11.96 -3.67
N GLY C 47 -54.26 11.77 -4.67
CA GLY C 47 -54.73 11.41 -5.98
C GLY C 47 -53.60 11.60 -6.97
N GLU C 48 -53.78 11.09 -8.19
CA GLU C 48 -52.76 11.20 -9.25
C GLU C 48 -52.46 12.64 -9.63
N SER C 49 -51.38 12.85 -10.39
CA SER C 49 -51.00 14.21 -10.81
C SER C 49 -51.98 14.79 -11.82
N GLY C 50 -52.82 15.69 -11.35
CA GLY C 50 -53.76 16.31 -12.24
C GLY C 50 -55.22 15.93 -12.04
N VAL C 51 -55.58 15.27 -10.95
CA VAL C 51 -56.99 14.97 -10.77
C VAL C 51 -57.54 16.19 -10.05
N GLY C 52 -56.70 17.22 -10.00
CA GLY C 52 -57.05 18.49 -9.38
C GLY C 52 -57.06 18.46 -7.87
N LYS C 53 -55.87 18.42 -7.27
CA LYS C 53 -55.81 18.38 -5.81
C LYS C 53 -55.84 19.80 -5.29
N GLU C 54 -54.86 20.58 -5.74
CA GLU C 54 -54.74 22.00 -5.39
C GLU C 54 -56.11 22.66 -5.51
N VAL C 55 -56.85 22.27 -6.55
CA VAL C 55 -58.19 22.77 -6.77
C VAL C 55 -58.98 22.50 -5.50
N VAL C 56 -59.19 21.22 -5.26
CA VAL C 56 -59.95 20.82 -4.10
C VAL C 56 -59.40 21.42 -2.81
N ALA C 57 -58.14 21.78 -2.80
CA ALA C 57 -57.61 22.42 -1.59
C ALA C 57 -58.18 23.84 -1.60
N ARG C 58 -57.91 24.55 -2.70
CA ARG C 58 -58.34 25.93 -2.96
C ARG C 58 -59.80 26.11 -2.61
N LEU C 59 -60.56 25.11 -3.00
CA LEU C 59 -61.97 25.14 -2.75
C LEU C 59 -62.18 24.97 -1.24
N ILE C 60 -61.34 24.11 -0.63
CA ILE C 60 -61.44 23.83 0.83
C ILE C 60 -61.20 25.12 1.55
N HIS C 61 -60.37 25.94 0.92
CA HIS C 61 -60.05 27.22 1.47
C HIS C 61 -61.22 28.16 1.25
N LYS C 62 -61.63 28.31 -0.01
CA LYS C 62 -62.72 29.23 -0.32
C LYS C 62 -63.99 28.98 0.50
N LEU C 63 -64.17 27.77 1.00
CA LEU C 63 -65.37 27.53 1.78
C LEU C 63 -65.12 27.52 3.28
N SER C 64 -63.87 27.76 3.66
CA SER C 64 -63.44 27.74 5.06
C SER C 64 -63.59 29.06 5.78
N ASP C 65 -63.84 28.99 7.09
CA ASP C 65 -64.00 30.20 7.89
C ASP C 65 -62.89 31.22 7.69
N ARG C 66 -61.85 30.88 6.95
CA ARG C 66 -60.78 31.84 6.76
C ARG C 66 -60.50 32.06 5.30
N SER C 67 -61.59 32.16 4.53
CA SER C 67 -61.58 32.37 3.08
C SER C 67 -61.03 33.75 2.69
N LYS C 68 -61.45 34.77 3.42
CA LYS C 68 -61.02 36.12 3.16
C LYS C 68 -59.61 36.34 3.69
N GLU C 69 -58.96 35.25 4.09
CA GLU C 69 -57.60 35.31 4.64
C GLU C 69 -56.60 34.76 3.65
N PRO C 70 -55.24 34.70 3.94
CA PRO C 70 -54.31 34.18 2.94
C PRO C 70 -54.63 32.78 2.58
N PHE C 71 -53.80 32.28 1.72
CA PHE C 71 -53.81 30.93 1.26
C PHE C 71 -52.44 30.86 0.65
N VAL C 72 -51.42 30.57 1.43
CA VAL C 72 -50.13 30.44 0.81
C VAL C 72 -50.07 29.04 0.28
N ALA C 73 -49.44 28.86 -0.86
CA ALA C 73 -49.39 27.54 -1.44
C ALA C 73 -48.06 27.31 -2.14
N LEU C 74 -47.18 26.55 -1.50
CA LEU C 74 -45.88 26.28 -2.08
C LEU C 74 -45.82 24.80 -2.40
N ASN C 75 -44.99 24.46 -3.38
CA ASN C 75 -44.84 23.07 -3.81
C ASN C 75 -43.51 22.50 -3.35
N VAL C 76 -43.56 21.73 -2.26
CA VAL C 76 -42.35 21.16 -1.71
C VAL C 76 -41.31 20.76 -2.76
N ALA C 77 -41.75 20.22 -3.88
CA ALA C 77 -40.83 19.80 -4.91
C ALA C 77 -40.09 20.95 -5.58
N SER C 78 -40.74 22.11 -5.60
CA SER C 78 -40.18 23.29 -6.25
C SER C 78 -39.01 23.88 -5.50
N ILE C 79 -38.93 23.59 -4.21
CA ILE C 79 -37.86 24.10 -3.37
C ILE C 79 -36.80 23.06 -3.11
N PRO C 80 -35.54 23.36 -3.45
CA PRO C 80 -34.43 22.42 -3.23
C PRO C 80 -34.23 22.21 -1.72
N ARG C 81 -33.85 20.99 -1.32
CA ARG C 81 -33.65 20.68 0.10
C ARG C 81 -32.72 21.63 0.86
N ASP C 82 -31.68 22.12 0.19
CA ASP C 82 -30.75 23.06 0.82
C ASP C 82 -31.50 24.15 1.59
N ILE C 83 -32.58 24.68 0.98
CA ILE C 83 -33.35 25.84 1.52
C ILE C 83 -34.74 25.65 2.06
N PHE C 84 -35.37 24.56 1.77
CA PHE C 84 -36.75 24.36 2.20
C PHE C 84 -37.07 24.71 3.65
N GLU C 85 -36.58 23.97 4.64
CA GLU C 85 -36.91 24.29 6.05
C GLU C 85 -36.77 25.78 6.32
N ALA C 86 -35.69 26.32 5.83
CA ALA C 86 -35.41 27.71 5.99
C ALA C 86 -36.43 28.51 5.19
N GLU C 87 -36.88 27.98 4.07
CA GLU C 87 -37.86 28.64 3.26
C GLU C 87 -39.22 28.53 3.89
N LEU C 88 -39.43 27.48 4.67
CA LEU C 88 -40.73 27.21 5.27
C LEU C 88 -40.82 27.65 6.71
N PHE C 89 -39.69 27.72 7.41
CA PHE C 89 -39.71 28.13 8.83
C PHE C 89 -38.94 29.41 9.07
N GLY C 90 -38.34 29.92 8.01
CA GLY C 90 -37.57 31.12 8.10
C GLY C 90 -36.30 30.74 8.80
N TYR C 91 -35.46 31.72 9.07
CA TYR C 91 -34.24 31.48 9.77
C TYR C 91 -33.96 32.70 10.66
N GLU C 92 -33.12 32.55 11.68
CA GLU C 92 -32.83 33.67 12.59
C GLU C 92 -31.48 34.21 12.14
N LYS C 93 -31.07 35.35 12.66
CA LYS C 93 -29.79 35.89 12.26
C LYS C 93 -28.74 34.82 12.52
N GLY C 94 -27.56 34.99 11.92
CA GLY C 94 -26.50 34.02 12.12
C GLY C 94 -27.01 32.61 11.92
N ALA C 95 -27.97 32.45 11.03
CA ALA C 95 -28.50 31.13 10.78
C ALA C 95 -27.41 30.33 10.12
N PHE C 96 -27.72 29.07 9.84
CA PHE C 96 -26.77 28.18 9.20
C PHE C 96 -26.64 28.61 7.74
N THR C 97 -27.12 29.83 7.42
CA THR C 97 -27.11 30.37 6.05
C THR C 97 -25.98 31.37 5.71
N GLY C 98 -25.27 31.87 6.70
CA GLY C 98 -24.22 32.84 6.41
C GLY C 98 -24.82 34.11 5.83
N ALA C 99 -25.87 34.62 6.49
CA ALA C 99 -26.55 35.84 6.09
C ALA C 99 -27.00 36.60 7.33
N VAL C 100 -27.23 37.90 7.19
CA VAL C 100 -27.63 38.79 8.31
C VAL C 100 -29.05 38.57 8.88
N SER C 101 -29.71 39.66 9.25
CA SER C 101 -31.06 39.65 9.83
C SER C 101 -31.97 38.47 9.48
N SER C 102 -32.93 38.21 10.35
CA SER C 102 -33.84 37.10 10.18
C SER C 102 -34.94 37.22 9.14
N LYS C 103 -35.04 36.23 8.26
CA LYS C 103 -36.08 36.18 7.20
C LYS C 103 -37.32 35.45 7.75
N GLU C 104 -38.52 35.96 7.58
CA GLU C 104 -39.66 35.21 8.09
C GLU C 104 -39.81 33.99 7.15
N GLY C 105 -40.95 33.31 7.19
CA GLY C 105 -41.10 32.13 6.37
C GLY C 105 -42.54 31.79 6.00
N PHE C 106 -42.70 30.99 4.95
CA PHE C 106 -44.02 30.64 4.46
C PHE C 106 -45.00 30.33 5.56
N PHE C 107 -44.51 29.86 6.69
CA PHE C 107 -45.45 29.51 7.73
C PHE C 107 -46.10 30.74 8.34
N GLU C 108 -45.22 31.66 8.69
CA GLU C 108 -45.68 32.89 9.23
C GLU C 108 -46.49 33.58 8.12
N LEU C 109 -45.99 33.51 6.90
CA LEU C 109 -46.68 34.10 5.78
C LEU C 109 -48.13 33.64 5.80
N ALA C 110 -48.34 32.36 6.03
CA ALA C 110 -49.69 31.85 6.06
C ALA C 110 -50.42 32.11 7.36
N ASP C 111 -49.77 32.83 8.27
CA ASP C 111 -50.34 33.11 9.59
C ASP C 111 -51.81 33.40 9.55
N GLY C 112 -52.57 32.72 10.39
CA GLY C 112 -54.01 32.92 10.41
C GLY C 112 -54.67 32.39 9.15
N GLY C 113 -53.84 32.21 8.12
CA GLY C 113 -54.30 31.73 6.85
C GLY C 113 -54.54 30.23 6.73
N THR C 114 -54.17 29.73 5.57
CA THR C 114 -54.30 28.35 5.20
C THR C 114 -53.10 28.02 4.36
N LEU C 115 -52.18 27.22 4.89
CA LEU C 115 -51.03 26.82 4.10
C LEU C 115 -51.31 25.52 3.39
N PHE C 116 -50.87 25.44 2.15
CA PHE C 116 -51.13 24.30 1.29
C PHE C 116 -49.78 23.71 0.86
N LEU C 117 -49.49 22.50 1.34
CA LEU C 117 -48.26 21.80 1.00
C LEU C 117 -48.60 20.80 -0.05
N ASP C 118 -48.06 21.04 -1.24
CA ASP C 118 -48.34 20.21 -2.39
C ASP C 118 -47.25 19.23 -2.64
N GLU C 119 -47.62 17.95 -2.57
CA GLU C 119 -46.73 16.83 -2.77
C GLU C 119 -45.94 16.60 -1.49
N ILE C 120 -46.68 16.52 -0.39
CA ILE C 120 -46.17 16.29 0.97
C ILE C 120 -45.01 15.29 1.01
N GLY C 121 -45.13 14.23 0.20
CA GLY C 121 -44.10 13.21 0.12
C GLY C 121 -42.65 13.66 0.10
N GLU C 122 -42.31 14.70 -0.63
CA GLU C 122 -40.91 15.10 -0.65
C GLU C 122 -40.42 15.77 0.65
N LEU C 123 -41.31 15.91 1.62
CA LEU C 123 -40.92 16.55 2.87
C LEU C 123 -39.81 15.79 3.62
N SER C 124 -38.68 16.46 3.85
CA SER C 124 -37.56 15.87 4.58
C SER C 124 -38.09 15.44 5.91
N LEU C 125 -37.37 14.53 6.55
CA LEU C 125 -37.75 13.99 7.85
C LEU C 125 -37.70 15.03 8.96
N GLU C 126 -36.57 15.72 9.06
CA GLU C 126 -36.41 16.74 10.07
C GLU C 126 -37.59 17.70 9.88
N ALA C 127 -37.97 17.88 8.61
CA ALA C 127 -39.06 18.75 8.21
C ALA C 127 -40.40 18.23 8.72
N GLN C 128 -40.73 17.02 8.30
CA GLN C 128 -41.98 16.43 8.73
C GLN C 128 -42.19 16.55 10.23
N ALA C 129 -41.12 16.35 11.00
CA ALA C 129 -41.22 16.45 12.45
C ALA C 129 -41.61 17.87 12.86
N LYS C 130 -40.80 18.84 12.42
CA LYS C 130 -41.05 20.27 12.69
C LYS C 130 -42.51 20.52 12.34
N LEU C 131 -42.90 20.12 11.14
CA LEU C 131 -44.28 20.31 10.69
C LEU C 131 -45.22 19.69 11.72
N LEU C 132 -44.86 18.48 12.16
CA LEU C 132 -45.65 17.73 13.14
C LEU C 132 -45.95 18.56 14.37
N ARG C 133 -44.99 19.40 14.75
CA ARG C 133 -45.20 20.22 15.94
C ARG C 133 -46.21 21.31 15.61
N VAL C 134 -45.89 22.14 14.62
CA VAL C 134 -46.76 23.24 14.20
C VAL C 134 -48.23 22.82 14.09
N ILE C 135 -48.46 21.60 13.64
CA ILE C 135 -49.81 21.09 13.52
C ILE C 135 -50.47 20.91 14.88
N GLU C 136 -49.65 20.61 15.89
CA GLU C 136 -50.12 20.35 17.25
C GLU C 136 -50.08 21.60 18.10
N SER C 137 -48.87 22.09 18.31
CA SER C 137 -48.64 23.25 19.12
C SER C 137 -48.82 24.55 18.34
N GLY C 138 -48.39 24.54 17.07
CA GLY C 138 -48.49 25.73 16.25
C GLY C 138 -47.23 26.52 16.50
N LYS C 139 -46.19 25.81 16.90
CA LYS C 139 -44.94 26.45 17.20
C LYS C 139 -43.83 25.79 16.43
N PHE C 140 -42.83 26.57 16.07
CA PHE C 140 -41.74 26.01 15.33
C PHE C 140 -40.52 26.89 15.49
N TYR C 141 -39.36 26.34 15.18
CA TYR C 141 -38.09 27.04 15.36
C TYR C 141 -37.48 27.60 14.10
N ARG C 142 -37.45 28.92 13.95
CA ARG C 142 -36.81 29.46 12.75
C ARG C 142 -35.50 28.69 12.62
N LEU C 143 -35.20 28.17 11.45
CA LEU C 143 -33.96 27.45 11.26
C LEU C 143 -32.86 28.11 12.07
N GLY C 144 -32.20 27.36 12.94
CA GLY C 144 -31.11 27.90 13.74
C GLY C 144 -31.50 29.05 14.63
N GLY C 145 -32.52 28.86 15.46
CA GLY C 145 -32.95 29.94 16.33
C GLY C 145 -33.23 29.47 17.75
N ARG C 146 -33.93 30.28 18.52
CA ARG C 146 -34.24 29.91 19.88
C ARG C 146 -35.64 30.33 20.23
N LYS C 147 -36.05 31.52 19.82
CA LYS C 147 -37.41 31.95 20.14
C LYS C 147 -38.30 30.87 19.54
N GLU C 148 -39.48 30.69 20.10
CA GLU C 148 -40.39 29.70 19.57
C GLU C 148 -41.53 30.48 18.92
N ILE C 149 -41.61 30.42 17.59
CA ILE C 149 -42.63 31.10 16.81
C ILE C 149 -44.00 30.39 16.76
N GLU C 150 -45.08 31.10 17.07
CA GLU C 150 -46.40 30.50 17.02
C GLU C 150 -47.14 31.01 15.75
N VAL C 151 -48.00 30.19 15.17
CA VAL C 151 -48.70 30.58 13.95
C VAL C 151 -50.03 29.86 13.90
N ASN C 152 -51.08 30.58 13.54
CA ASN C 152 -52.40 29.97 13.52
C ASN C 152 -52.81 29.49 12.13
N VAL C 153 -52.04 28.54 11.59
CA VAL C 153 -52.27 28.03 10.22
C VAL C 153 -53.14 26.78 10.03
N ARG C 154 -54.02 26.87 9.08
CA ARG C 154 -54.84 25.77 8.66
C ARG C 154 -53.99 25.05 7.64
N ILE C 155 -53.77 23.76 7.83
CA ILE C 155 -52.93 23.07 6.86
C ILE C 155 -53.69 22.16 5.94
N LEU C 156 -53.45 22.36 4.67
CA LEU C 156 -54.01 21.56 3.61
C LEU C 156 -52.79 21.04 2.91
N ALA C 157 -52.66 19.75 2.78
CA ALA C 157 -51.54 19.18 2.08
C ALA C 157 -52.06 18.09 1.22
N ALA C 158 -51.25 17.70 0.24
CA ALA C 158 -51.68 16.63 -0.63
C ALA C 158 -50.51 16.13 -1.39
N THR C 159 -50.62 14.89 -1.85
CA THR C 159 -49.55 14.25 -2.56
C THR C 159 -50.10 13.16 -3.45
N ASN C 160 -49.33 12.80 -4.47
CA ASN C 160 -49.74 11.77 -5.41
C ASN C 160 -49.19 10.38 -5.04
N ARG C 161 -48.67 10.24 -3.82
CA ARG C 161 -48.15 8.96 -3.35
C ARG C 161 -49.09 8.34 -2.32
N ASN C 162 -48.93 7.05 -2.05
CA ASN C 162 -49.83 6.38 -1.12
C ASN C 162 -49.35 6.32 0.32
N ILE C 163 -48.78 7.41 0.80
CA ILE C 163 -48.28 7.54 2.17
C ILE C 163 -47.90 6.24 2.92
N LYS C 164 -48.90 5.50 3.36
CA LYS C 164 -48.69 4.25 4.10
C LYS C 164 -47.40 3.51 3.71
N GLU C 165 -47.15 3.32 2.41
CA GLU C 165 -45.96 2.59 1.99
C GLU C 165 -44.69 3.38 2.25
N LEU C 166 -44.84 4.67 2.52
CA LEU C 166 -43.70 5.52 2.84
C LEU C 166 -43.51 5.46 4.34
N VAL C 167 -44.63 5.29 5.05
CA VAL C 167 -44.62 5.17 6.50
C VAL C 167 -43.93 3.83 6.79
N LYS C 168 -44.35 2.81 6.04
CA LYS C 168 -43.80 1.48 6.11
C LYS C 168 -42.33 1.60 5.70
N GLU C 169 -42.11 2.06 4.47
CA GLU C 169 -40.75 2.23 3.96
C GLU C 169 -39.93 3.10 4.91
N GLY C 170 -40.58 3.64 5.93
CA GLY C 170 -39.88 4.48 6.89
C GLY C 170 -39.30 5.73 6.26
N LYS C 171 -40.01 6.22 5.24
CA LYS C 171 -39.65 7.44 4.49
C LYS C 171 -40.50 8.62 4.97
N PHE C 172 -41.67 8.32 5.53
CA PHE C 172 -42.60 9.33 6.02
C PHE C 172 -43.07 9.07 7.46
N ARG C 173 -42.69 9.93 8.38
CA ARG C 173 -43.09 9.73 9.76
C ARG C 173 -44.55 9.32 9.95
N GLU C 174 -44.74 8.25 10.71
CA GLU C 174 -46.05 7.67 10.99
C GLU C 174 -46.97 8.64 11.70
N ASP C 175 -46.65 8.98 12.95
CA ASP C 175 -47.46 9.88 13.74
C ASP C 175 -47.90 11.10 12.91
N LEU C 176 -46.93 11.73 12.25
CA LEU C 176 -47.22 12.86 11.38
C LEU C 176 -48.44 12.47 10.59
N TYR C 177 -48.29 11.47 9.73
CA TYR C 177 -49.42 11.01 8.93
C TYR C 177 -50.71 11.08 9.75
N TYR C 178 -50.79 10.32 10.82
CA TYR C 178 -51.99 10.33 11.62
C TYR C 178 -52.35 11.70 12.19
N ARG C 179 -51.61 12.74 11.80
CA ARG C 179 -51.90 14.09 12.31
C ARG C 179 -52.62 15.00 11.29
N LEU C 180 -52.20 14.95 10.03
CA LEU C 180 -52.85 15.74 9.01
C LEU C 180 -54.20 15.05 8.87
N GLY C 181 -54.13 13.81 8.38
CA GLY C 181 -55.30 12.97 8.17
C GLY C 181 -56.56 13.11 8.99
N VAL C 182 -56.71 14.18 9.72
CA VAL C 182 -57.91 14.38 10.49
C VAL C 182 -59.05 14.14 9.52
N ILE C 183 -58.91 14.78 8.34
CA ILE C 183 -59.85 14.70 7.23
C ILE C 183 -59.00 14.40 6.01
N GLU C 184 -59.36 13.32 5.32
CA GLU C 184 -58.60 12.89 4.14
C GLU C 184 -59.53 12.89 2.95
N ILE C 185 -59.01 13.29 1.80
CA ILE C 185 -59.86 13.28 0.62
C ILE C 185 -59.15 12.62 -0.54
N GLU C 186 -59.82 11.61 -1.07
CA GLU C 186 -59.32 10.82 -2.18
C GLU C 186 -59.85 11.36 -3.50
N ILE C 187 -58.96 11.83 -4.35
CA ILE C 187 -59.44 12.33 -5.62
C ILE C 187 -59.12 11.24 -6.64
N PRO C 188 -60.12 10.42 -6.98
CA PRO C 188 -59.92 9.34 -7.96
C PRO C 188 -59.31 9.89 -9.22
N PRO C 189 -58.90 9.04 -10.14
CA PRO C 189 -58.33 9.55 -11.37
C PRO C 189 -59.50 9.87 -12.30
N LEU C 190 -59.21 10.31 -13.52
CA LEU C 190 -60.28 10.65 -14.45
C LEU C 190 -60.97 9.37 -14.89
N ARG C 191 -60.15 8.37 -15.24
CA ARG C 191 -60.61 7.07 -15.71
C ARG C 191 -61.68 6.38 -14.85
N GLU C 192 -62.11 7.03 -13.78
CA GLU C 192 -63.14 6.47 -12.93
C GLU C 192 -64.24 7.48 -12.71
N ARG C 193 -64.10 8.62 -13.38
CA ARG C 193 -65.07 9.70 -13.33
C ARG C 193 -65.43 10.12 -14.76
N LYS C 194 -65.80 9.16 -15.59
CA LYS C 194 -66.16 9.45 -16.96
C LYS C 194 -67.23 10.52 -17.04
N GLU C 195 -68.11 10.57 -16.04
CA GLU C 195 -69.18 11.57 -16.02
C GLU C 195 -68.61 12.99 -16.03
N ASP C 196 -67.36 13.15 -15.63
CA ASP C 196 -66.75 14.47 -15.63
C ASP C 196 -66.15 14.74 -17.01
N ILE C 197 -65.52 13.71 -17.58
CA ILE C 197 -64.87 13.83 -18.87
C ILE C 197 -65.55 14.81 -19.81
N ILE C 198 -66.65 14.39 -20.42
CA ILE C 198 -67.37 15.24 -21.36
C ILE C 198 -67.60 16.65 -20.81
N PRO C 199 -68.37 16.80 -19.70
CA PRO C 199 -68.60 18.15 -19.17
C PRO C 199 -67.29 18.94 -19.04
N LEU C 200 -66.29 18.36 -18.39
CA LEU C 200 -65.00 19.01 -18.27
C LEU C 200 -64.64 19.50 -19.67
N ALA C 201 -64.50 18.52 -20.57
CA ALA C 201 -64.16 18.73 -21.97
C ALA C 201 -64.77 20.03 -22.49
N ASN C 202 -66.09 20.12 -22.47
CA ASN C 202 -66.73 21.34 -22.94
C ASN C 202 -66.12 22.56 -22.25
N HIS C 203 -66.47 22.74 -20.99
CA HIS C 203 -65.97 23.86 -20.22
C HIS C 203 -64.59 24.28 -20.72
N PHE C 204 -63.71 23.31 -20.93
CA PHE C 204 -62.38 23.62 -21.40
C PHE C 204 -62.49 24.24 -22.78
N LEU C 205 -63.16 23.54 -23.67
CA LEU C 205 -63.39 24.03 -25.04
C LEU C 205 -64.02 25.42 -25.00
N LYS C 206 -65.19 25.53 -24.38
CA LYS C 206 -65.84 26.82 -24.27
C LYS C 206 -64.80 27.85 -23.82
N LYS C 207 -63.98 27.48 -22.84
CA LYS C 207 -62.97 28.40 -22.30
C LYS C 207 -61.91 28.79 -23.33
N PHE C 208 -61.39 27.82 -24.06
CA PHE C 208 -60.37 28.11 -25.06
C PHE C 208 -60.95 28.69 -26.34
N SER C 209 -62.05 28.11 -26.81
CA SER C 209 -62.70 28.60 -28.01
C SER C 209 -62.78 30.12 -27.89
N ARG C 210 -63.17 30.57 -26.70
CA ARG C 210 -63.25 32.00 -26.44
C ARG C 210 -61.86 32.63 -26.42
N LYS C 211 -61.08 32.34 -25.39
CA LYS C 211 -59.74 32.90 -25.26
C LYS C 211 -59.01 33.04 -26.59
N TYR C 212 -59.16 32.06 -27.47
CA TYR C 212 -58.50 32.15 -28.76
C TYR C 212 -59.37 32.69 -29.87
N ALA C 213 -60.64 32.93 -29.56
CA ALA C 213 -61.58 33.47 -30.53
C ALA C 213 -61.70 32.57 -31.74
N LYS C 214 -62.54 31.55 -31.60
CA LYS C 214 -62.80 30.60 -32.66
C LYS C 214 -64.32 30.53 -32.76
N GLU C 215 -64.81 29.68 -33.65
CA GLU C 215 -66.24 29.55 -33.81
C GLU C 215 -66.71 28.18 -33.32
N VAL C 216 -65.75 27.36 -32.90
CA VAL C 216 -66.02 26.01 -32.40
C VAL C 216 -66.98 25.99 -31.23
N GLU C 217 -67.99 25.13 -31.30
CA GLU C 217 -69.00 25.05 -30.26
C GLU C 217 -68.96 23.80 -29.36
N GLY C 218 -68.67 22.64 -29.92
CA GLY C 218 -68.67 21.43 -29.12
C GLY C 218 -67.99 20.22 -29.73
N PHE C 219 -68.27 19.05 -29.18
CA PHE C 219 -67.66 17.82 -29.65
C PHE C 219 -68.70 16.88 -30.24
N THR C 220 -68.30 16.16 -31.27
CA THR C 220 -69.21 15.23 -31.93
C THR C 220 -69.27 13.95 -31.14
N LYS C 221 -70.45 13.31 -31.18
CA LYS C 221 -70.65 12.05 -30.48
C LYS C 221 -69.51 11.17 -30.91
N SER C 222 -69.02 11.41 -32.12
CA SER C 222 -67.92 10.64 -32.65
C SER C 222 -66.75 10.75 -31.69
N ALA C 223 -66.31 11.99 -31.48
CA ALA C 223 -65.19 12.29 -30.60
C ALA C 223 -65.62 12.11 -29.15
N GLN C 224 -66.77 12.65 -28.80
CA GLN C 224 -67.29 12.54 -27.44
C GLN C 224 -67.00 11.16 -26.88
N GLU C 225 -67.20 10.15 -27.70
CA GLU C 225 -66.97 8.75 -27.29
C GLU C 225 -65.49 8.46 -27.12
N LEU C 226 -64.65 8.96 -28.03
CA LEU C 226 -63.22 8.73 -27.94
C LEU C 226 -62.79 9.29 -26.59
N LEU C 227 -63.26 10.49 -26.27
CA LEU C 227 -62.92 11.13 -25.00
C LEU C 227 -63.32 10.28 -23.82
N LEU C 228 -64.56 9.83 -23.80
CA LEU C 228 -65.02 9.00 -22.70
C LEU C 228 -64.17 7.74 -22.58
N SER C 229 -63.69 7.25 -23.71
CA SER C 229 -62.89 6.04 -23.73
C SER C 229 -61.50 6.25 -23.19
N TYR C 230 -60.74 7.16 -23.82
CA TYR C 230 -59.36 7.43 -23.40
C TYR C 230 -59.22 7.29 -21.88
N PRO C 231 -58.10 6.72 -21.41
CA PRO C 231 -57.78 6.49 -19.99
C PRO C 231 -57.41 7.74 -19.17
N TRP C 232 -56.79 8.71 -19.84
CA TRP C 232 -56.36 9.97 -19.22
C TRP C 232 -55.43 9.73 -18.03
N TYR C 233 -54.16 9.49 -18.34
CA TYR C 233 -53.16 9.24 -17.33
C TYR C 233 -52.60 10.57 -16.81
N GLY C 234 -52.83 11.63 -17.57
CA GLY C 234 -52.39 12.96 -17.17
C GLY C 234 -53.57 13.64 -16.49
N ASN C 235 -54.61 12.84 -16.28
CA ASN C 235 -55.82 13.31 -15.63
C ASN C 235 -56.23 14.63 -16.22
N VAL C 236 -57.19 15.28 -15.55
CA VAL C 236 -57.70 16.58 -15.99
C VAL C 236 -56.65 17.49 -16.62
N ARG C 237 -55.47 17.61 -16.03
CA ARG C 237 -54.47 18.47 -16.65
C ARG C 237 -54.32 18.20 -18.15
N GLU C 238 -54.05 16.94 -18.53
CA GLU C 238 -53.88 16.60 -19.94
C GLU C 238 -55.15 16.92 -20.73
N LEU C 239 -56.30 16.71 -20.08
CA LEU C 239 -57.58 17.00 -20.72
C LEU C 239 -57.58 18.45 -21.15
N LYS C 240 -57.60 19.35 -20.17
CA LYS C 240 -57.57 20.79 -20.42
C LYS C 240 -56.63 21.12 -21.57
N ASN C 241 -55.50 20.44 -21.64
CA ASN C 241 -54.54 20.73 -22.69
C ASN C 241 -54.83 20.06 -24.03
N VAL C 242 -55.17 18.78 -24.02
CA VAL C 242 -55.48 18.09 -25.26
C VAL C 242 -56.54 18.86 -26.00
N ILE C 243 -57.54 19.36 -25.26
CA ILE C 243 -58.61 20.14 -25.85
C ILE C 243 -58.13 21.52 -26.25
N GLU C 244 -57.34 22.18 -25.41
CA GLU C 244 -56.84 23.50 -25.77
C GLU C 244 -56.10 23.36 -27.10
N ARG C 245 -55.54 22.19 -27.33
CA ARG C 245 -54.82 21.94 -28.56
C ARG C 245 -55.84 21.88 -29.69
N ALA C 246 -56.86 21.07 -29.50
CA ALA C 246 -57.93 20.92 -30.49
C ALA C 246 -58.49 22.29 -30.85
N VAL C 247 -59.05 22.97 -29.86
CA VAL C 247 -59.59 24.29 -30.08
C VAL C 247 -58.59 25.07 -30.90
N LEU C 248 -57.32 24.71 -30.80
CA LEU C 248 -56.30 25.42 -31.57
C LEU C 248 -56.32 24.94 -33.01
N PHE C 249 -56.25 23.63 -33.18
CA PHE C 249 -56.27 23.05 -34.52
C PHE C 249 -57.71 22.92 -35.03
N SER C 250 -58.60 23.77 -34.50
CA SER C 250 -60.00 23.74 -34.90
C SER C 250 -60.23 24.62 -36.12
N GLU C 251 -61.08 24.14 -37.01
CA GLU C 251 -61.40 24.87 -38.22
C GLU C 251 -62.89 25.14 -38.18
N GLY C 252 -63.66 24.05 -38.29
CA GLY C 252 -65.11 24.14 -38.27
C GLY C 252 -65.72 24.62 -36.97
N LYS C 253 -66.99 24.27 -36.76
CA LYS C 253 -67.72 24.66 -35.54
C LYS C 253 -67.71 23.51 -34.55
N PHE C 254 -67.44 22.31 -35.03
CA PHE C 254 -67.44 21.15 -34.17
C PHE C 254 -66.18 20.31 -34.30
N ILE C 255 -65.74 19.76 -33.17
CA ILE C 255 -64.55 18.95 -33.14
C ILE C 255 -64.99 17.50 -33.09
N ASP C 256 -64.41 16.69 -33.96
CA ASP C 256 -64.76 15.27 -34.02
C ASP C 256 -63.52 14.40 -34.09
N ARG C 257 -63.74 13.09 -34.07
CA ARG C 257 -62.66 12.10 -34.13
C ARG C 257 -61.50 12.61 -34.98
N GLY C 258 -61.82 13.43 -35.98
CA GLY C 258 -60.81 13.99 -36.86
C GLY C 258 -59.60 14.52 -36.11
N GLU C 259 -59.82 15.54 -35.29
CA GLU C 259 -58.73 16.14 -34.52
C GLU C 259 -58.33 15.31 -33.28
N LEU C 260 -59.32 14.92 -32.49
CA LEU C 260 -59.08 14.14 -31.28
C LEU C 260 -58.19 12.91 -31.46
N SER C 261 -58.24 12.31 -32.66
CA SER C 261 -57.43 11.12 -32.91
C SER C 261 -56.00 11.48 -33.32
N CYS C 262 -55.83 12.61 -33.98
CA CYS C 262 -54.49 13.06 -34.42
C CYS C 262 -53.59 13.33 -33.23
N LEU C 263 -54.08 13.02 -32.03
CA LEU C 263 -53.32 13.24 -30.81
C LEU C 263 -53.50 12.05 -29.89
N VAL C 264 -54.73 11.90 -29.40
CA VAL C 264 -55.09 10.82 -28.49
C VAL C 264 -55.89 9.72 -29.20
N GLU D 18 -63.32 14.05 31.49
CA GLU D 18 -64.11 12.82 31.23
C GLU D 18 -63.21 11.72 30.69
N TYR D 19 -61.93 12.06 30.53
CA TYR D 19 -60.90 11.16 30.03
C TYR D 19 -61.22 9.69 30.28
N VAL D 20 -61.23 8.92 29.19
CA VAL D 20 -61.55 7.49 29.24
C VAL D 20 -60.55 6.57 29.92
N PHE D 21 -61.09 5.58 30.64
CA PHE D 21 -60.33 4.56 31.37
C PHE D 21 -61.36 3.54 31.84
N GLU D 22 -61.98 2.82 30.91
CA GLU D 22 -62.99 1.85 31.30
C GLU D 22 -62.75 0.49 30.72
N SER D 23 -61.56 -0.06 30.92
CA SER D 23 -61.27 -1.39 30.40
C SER D 23 -60.28 -2.07 31.32
N PRO D 24 -59.93 -3.35 31.04
CA PRO D 24 -58.98 -4.07 31.89
C PRO D 24 -57.65 -3.34 32.12
N LYS D 25 -56.66 -3.68 31.31
CA LYS D 25 -55.33 -3.09 31.43
C LYS D 25 -55.33 -1.60 31.66
N MET D 26 -56.39 -0.91 31.23
CA MET D 26 -56.46 0.53 31.41
C MET D 26 -56.97 0.92 32.77
N LYS D 27 -58.06 0.30 33.22
CA LYS D 27 -58.58 0.63 34.55
C LYS D 27 -57.51 0.25 35.56
N GLU D 28 -56.64 -0.68 35.17
CA GLU D 28 -55.57 -1.14 36.02
C GLU D 28 -54.49 -0.07 36.17
N ILE D 29 -53.97 0.40 35.04
CA ILE D 29 -52.95 1.44 35.03
C ILE D 29 -53.44 2.69 35.76
N LEU D 30 -54.74 2.95 35.70
CA LEU D 30 -55.32 4.10 36.38
C LEU D 30 -55.04 3.99 37.87
N GLU D 31 -55.00 2.77 38.38
CA GLU D 31 -54.71 2.56 39.80
C GLU D 31 -53.23 2.73 40.08
N LYS D 32 -52.39 2.43 39.09
CA LYS D 32 -50.95 2.60 39.25
C LYS D 32 -50.64 4.08 39.23
N ILE D 33 -51.36 4.81 38.39
CA ILE D 33 -51.15 6.24 38.30
C ILE D 33 -51.50 6.85 39.65
N LYS D 34 -52.71 6.56 40.15
CA LYS D 34 -53.15 7.12 41.43
C LYS D 34 -52.17 6.90 42.58
N LYS D 35 -51.62 5.70 42.67
CA LYS D 35 -50.67 5.45 43.73
C LYS D 35 -49.39 6.27 43.45
N ILE D 36 -48.89 6.21 42.21
CA ILE D 36 -47.67 6.93 41.84
C ILE D 36 -47.68 8.42 42.19
N SER D 37 -48.46 9.22 41.48
CA SER D 37 -48.57 10.67 41.69
C SER D 37 -47.90 11.24 42.95
N CYS D 38 -48.33 10.77 44.12
CA CYS D 38 -47.75 11.21 45.40
C CYS D 38 -46.22 11.10 45.38
N ALA D 39 -45.65 10.61 44.27
CA ALA D 39 -44.22 10.36 44.22
C ALA D 39 -43.38 11.02 43.18
N GLU D 40 -42.47 11.87 43.64
CA GLU D 40 -41.58 12.58 42.74
C GLU D 40 -40.46 11.76 42.10
N CYS D 41 -40.78 10.65 41.48
CA CYS D 41 -39.73 9.84 40.84
C CYS D 41 -39.91 9.77 39.32
N PRO D 42 -38.84 9.38 38.61
CA PRO D 42 -38.99 9.31 37.16
C PRO D 42 -40.03 8.24 36.85
N VAL D 43 -40.61 8.32 35.66
CA VAL D 43 -41.60 7.38 35.21
C VAL D 43 -41.44 7.31 33.72
N LEU D 44 -41.19 6.12 33.21
CA LEU D 44 -41.03 5.93 31.79
C LEU D 44 -42.40 5.54 31.26
N ILE D 45 -42.67 5.84 29.99
CA ILE D 45 -43.94 5.48 29.36
C ILE D 45 -43.79 4.97 27.94
N THR D 46 -44.19 3.72 27.71
CA THR D 46 -44.08 3.10 26.39
C THR D 46 -45.40 2.69 25.82
N GLY D 47 -45.46 2.66 24.50
CA GLY D 47 -46.68 2.31 23.82
C GLY D 47 -46.51 2.81 22.41
N GLU D 48 -47.33 2.34 21.48
CA GLU D 48 -47.20 2.78 20.09
C GLU D 48 -47.68 4.22 19.98
N SER D 49 -47.43 4.83 18.83
CA SER D 49 -47.82 6.21 18.60
C SER D 49 -49.33 6.43 18.75
N GLY D 50 -49.72 7.15 19.80
CA GLY D 50 -51.12 7.44 20.03
C GLY D 50 -51.93 6.42 20.84
N VAL D 51 -51.42 6.04 22.00
CA VAL D 51 -52.12 5.09 22.85
C VAL D 51 -52.66 5.90 23.99
N GLY D 52 -51.90 6.93 24.35
CA GLY D 52 -52.31 7.82 25.43
C GLY D 52 -51.16 8.28 26.32
N LYS D 53 -49.93 7.92 25.96
CA LYS D 53 -48.77 8.28 26.74
C LYS D 53 -48.86 9.68 27.33
N GLU D 54 -48.96 10.68 26.45
CA GLU D 54 -49.04 12.08 26.88
C GLU D 54 -50.28 12.27 27.74
N VAL D 55 -51.36 11.55 27.44
CA VAL D 55 -52.58 11.69 28.24
C VAL D 55 -52.28 11.23 29.64
N VAL D 56 -51.63 10.08 29.73
CA VAL D 56 -51.25 9.46 30.99
C VAL D 56 -50.27 10.39 31.67
N ALA D 57 -49.21 10.73 30.96
CA ALA D 57 -48.22 11.63 31.53
C ALA D 57 -48.98 12.82 32.12
N ARG D 58 -49.97 13.28 31.39
CA ARG D 58 -50.73 14.43 31.86
C ARG D 58 -51.51 14.14 33.13
N LEU D 59 -52.05 12.94 33.24
CA LEU D 59 -52.85 12.59 34.40
C LEU D 59 -51.97 12.41 35.63
N ILE D 60 -50.82 11.79 35.43
CA ILE D 60 -49.89 11.57 36.53
C ILE D 60 -49.61 12.89 37.18
N HIS D 61 -49.76 13.96 36.41
CA HIS D 61 -49.50 15.28 36.95
C HIS D 61 -50.73 15.85 37.61
N LYS D 62 -51.86 15.77 36.93
CA LYS D 62 -53.08 16.30 37.52
C LYS D 62 -53.28 15.70 38.90
N LEU D 63 -52.73 14.52 39.12
CA LEU D 63 -52.88 13.85 40.41
C LEU D 63 -51.72 14.00 41.38
N SER D 64 -50.54 14.33 40.88
CA SER D 64 -49.40 14.50 41.75
C SER D 64 -49.69 15.58 42.79
N ASP D 65 -48.83 15.66 43.79
CA ASP D 65 -48.96 16.61 44.88
C ASP D 65 -48.48 17.96 44.42
N ARG D 66 -48.48 18.17 43.11
CA ARG D 66 -48.05 19.43 42.53
C ARG D 66 -48.79 19.66 41.23
N SER D 67 -50.02 19.17 41.17
CA SER D 67 -50.81 19.34 39.96
C SER D 67 -50.88 20.82 39.67
N LYS D 68 -50.97 21.60 40.75
CA LYS D 68 -51.08 23.05 40.68
C LYS D 68 -49.85 23.68 40.02
N GLU D 69 -48.82 22.87 39.82
CA GLU D 69 -47.55 23.32 39.23
C GLU D 69 -47.53 23.35 37.71
N PRO D 70 -46.40 23.79 37.12
CA PRO D 70 -46.27 23.86 35.67
C PRO D 70 -45.95 22.52 35.06
N PHE D 71 -46.60 22.21 33.95
CA PHE D 71 -46.38 20.94 33.26
C PHE D 71 -45.68 21.11 31.92
N VAL D 72 -44.36 21.23 31.94
CA VAL D 72 -43.60 21.43 30.72
C VAL D 72 -43.55 20.30 29.70
N ALA D 73 -44.60 20.10 28.93
CA ALA D 73 -44.59 19.07 27.90
C ALA D 73 -43.75 19.58 26.72
N LEU D 74 -42.94 18.72 26.13
CA LEU D 74 -42.09 19.19 25.08
C LEU D 74 -41.76 18.07 24.09
N ASN D 75 -41.86 18.40 22.81
CA ASN D 75 -41.60 17.48 21.71
C ASN D 75 -40.12 17.45 21.38
N VAL D 76 -39.48 16.31 21.62
CA VAL D 76 -38.04 16.19 21.41
C VAL D 76 -37.57 16.17 19.97
N ALA D 77 -38.36 15.58 19.09
CA ALA D 77 -37.99 15.48 17.69
C ALA D 77 -38.06 16.83 16.96
N SER D 78 -39.03 17.65 17.35
CA SER D 78 -39.20 18.96 16.77
C SER D 78 -38.39 19.97 17.57
N ILE D 79 -37.06 19.79 17.57
CA ILE D 79 -36.12 20.67 18.28
C ILE D 79 -34.73 20.31 17.79
N PRO D 80 -34.12 21.22 17.04
CA PRO D 80 -32.77 21.02 16.48
C PRO D 80 -31.83 20.30 17.45
N ARG D 81 -31.50 19.05 17.16
CA ARG D 81 -30.63 18.29 18.04
C ARG D 81 -29.52 19.12 18.68
N ASP D 82 -28.83 19.96 17.92
CA ASP D 82 -27.76 20.74 18.53
C ASP D 82 -28.19 21.96 19.31
N ILE D 83 -29.43 21.99 19.76
CA ILE D 83 -29.92 23.10 20.56
C ILE D 83 -30.62 22.54 21.78
N PHE D 84 -31.08 21.30 21.64
CA PHE D 84 -31.82 20.65 22.69
C PHE D 84 -31.24 20.85 24.06
N GLU D 85 -30.05 20.31 24.28
CA GLU D 85 -29.40 20.45 25.56
C GLU D 85 -29.50 21.90 26.06
N ALA D 86 -28.93 22.82 25.27
CA ALA D 86 -28.97 24.24 25.61
C ALA D 86 -30.38 24.64 25.96
N GLU D 87 -31.34 24.19 25.17
CA GLU D 87 -32.72 24.54 25.49
C GLU D 87 -33.04 23.94 26.84
N LEU D 88 -32.87 22.62 26.92
CA LEU D 88 -33.15 21.88 28.13
C LEU D 88 -32.51 22.46 29.35
N PHE D 89 -31.18 22.52 29.35
CA PHE D 89 -30.45 23.01 30.53
C PHE D 89 -30.21 24.52 30.62
N GLY D 90 -30.40 25.23 29.51
CA GLY D 90 -30.19 26.66 29.56
C GLY D 90 -28.74 26.94 29.26
N TYR D 91 -28.40 28.19 29.06
CA TYR D 91 -27.02 28.53 28.77
C TYR D 91 -26.63 29.79 29.47
N GLU D 92 -25.33 29.99 29.55
CA GLU D 92 -24.80 31.16 30.18
C GLU D 92 -24.19 31.88 28.98
N LYS D 93 -23.99 33.20 29.09
CA LYS D 93 -23.40 33.98 28.01
C LYS D 93 -22.23 33.27 27.36
N GLY D 94 -21.76 33.79 26.22
CA GLY D 94 -20.65 33.21 25.48
C GLY D 94 -20.76 31.76 25.05
N ALA D 95 -21.73 31.06 25.61
CA ALA D 95 -21.94 29.62 25.33
C ALA D 95 -21.81 29.18 23.88
N PHE D 96 -21.98 30.14 22.99
CA PHE D 96 -21.94 29.91 21.54
C PHE D 96 -22.14 31.28 20.91
N THR D 97 -21.81 31.40 19.64
CA THR D 97 -21.96 32.69 18.97
C THR D 97 -23.43 33.13 18.96
N GLY D 98 -23.73 34.20 19.68
CA GLY D 98 -25.10 34.69 19.75
C GLY D 98 -25.57 34.70 21.18
N ALA D 99 -24.76 34.06 22.05
CA ALA D 99 -25.05 33.96 23.48
C ALA D 99 -24.78 35.31 24.11
N VAL D 100 -25.74 36.20 23.92
CA VAL D 100 -25.63 37.55 24.44
C VAL D 100 -25.83 37.60 25.95
N SER D 101 -26.98 37.14 26.42
CA SER D 101 -27.25 37.11 27.85
C SER D 101 -27.19 35.62 28.16
N SER D 102 -27.86 35.19 29.21
CA SER D 102 -27.84 33.79 29.56
C SER D 102 -29.26 33.30 29.77
N LYS D 103 -29.75 32.43 28.88
CA LYS D 103 -31.10 31.88 29.00
C LYS D 103 -31.10 30.69 29.96
N GLU D 104 -32.29 30.38 30.43
CA GLU D 104 -32.40 29.32 31.38
C GLU D 104 -33.31 28.22 30.94
N GLY D 105 -32.73 27.07 30.62
CA GLY D 105 -33.46 25.89 30.15
C GLY D 105 -34.84 25.60 30.70
N PHE D 106 -35.55 24.70 30.02
CA PHE D 106 -36.89 24.35 30.46
C PHE D 106 -36.85 23.76 31.87
N PHE D 107 -35.73 23.14 32.25
CA PHE D 107 -35.66 22.55 33.59
C PHE D 107 -36.04 23.62 34.56
N GLU D 108 -35.29 24.72 34.58
CA GLU D 108 -35.62 25.78 35.52
C GLU D 108 -37.05 26.23 35.22
N LEU D 109 -37.47 26.07 33.98
CA LEU D 109 -38.81 26.46 33.63
C LEU D 109 -39.75 25.53 34.39
N ALA D 110 -39.47 24.23 34.28
CA ALA D 110 -40.27 23.20 34.93
C ALA D 110 -40.09 23.05 36.44
N ASP D 111 -39.02 23.63 37.00
CA ASP D 111 -38.76 23.53 38.45
C ASP D 111 -40.06 23.50 39.20
N GLY D 112 -40.10 22.76 40.31
CA GLY D 112 -41.31 22.66 41.09
C GLY D 112 -42.40 21.79 40.47
N GLY D 113 -42.29 21.46 39.19
CA GLY D 113 -43.33 20.65 38.58
C GLY D 113 -42.78 19.54 37.72
N THR D 114 -43.64 19.07 36.81
CA THR D 114 -43.34 17.96 35.92
C THR D 114 -42.86 18.24 34.50
N LEU D 115 -41.58 18.08 34.20
CA LEU D 115 -41.16 18.24 32.80
C LEU D 115 -41.56 16.89 32.18
N PHE D 116 -41.69 16.82 30.87
CA PHE D 116 -42.12 15.60 30.24
C PHE D 116 -41.52 15.40 28.89
N LEU D 117 -40.32 14.84 28.82
CA LEU D 117 -39.71 14.58 27.52
C LEU D 117 -40.61 13.54 26.92
N ASP D 118 -40.84 13.63 25.62
CA ASP D 118 -41.68 12.69 24.94
C ASP D 118 -40.70 12.03 23.98
N GLU D 119 -40.97 10.78 23.61
CA GLU D 119 -40.08 10.04 22.70
C GLU D 119 -38.59 10.12 23.12
N ILE D 120 -38.32 9.85 24.40
CA ILE D 120 -36.97 9.87 24.98
C ILE D 120 -35.85 9.39 24.09
N GLY D 121 -36.09 8.31 23.35
CA GLY D 121 -35.05 7.74 22.51
C GLY D 121 -34.29 8.67 21.60
N GLU D 122 -34.64 9.95 21.65
CA GLU D 122 -34.00 10.93 20.80
C GLU D 122 -32.86 11.67 21.45
N LEU D 123 -32.82 11.74 22.78
CA LEU D 123 -31.75 12.45 23.47
C LEU D 123 -30.37 12.00 22.94
N SER D 124 -29.41 12.92 22.95
CA SER D 124 -28.08 12.58 22.47
C SER D 124 -27.45 11.81 23.61
N LEU D 125 -26.32 11.15 23.36
CA LEU D 125 -25.67 10.42 24.45
C LEU D 125 -25.45 11.39 25.58
N GLU D 126 -24.68 12.45 25.29
CA GLU D 126 -24.38 13.46 26.27
C GLU D 126 -25.64 14.03 26.88
N ALA D 127 -26.74 13.99 26.16
CA ALA D 127 -27.97 14.49 26.71
C ALA D 127 -28.43 13.53 27.79
N GLN D 128 -28.50 12.24 27.44
CA GLN D 128 -28.97 11.16 28.36
C GLN D 128 -28.13 11.15 29.61
N ALA D 129 -26.83 11.33 29.43
CA ALA D 129 -25.98 11.39 30.56
C ALA D 129 -26.53 12.54 31.41
N LYS D 130 -26.15 13.76 31.04
CA LYS D 130 -26.57 14.99 31.72
C LYS D 130 -27.99 14.88 32.22
N LEU D 131 -28.85 14.27 31.42
CA LEU D 131 -30.24 14.12 31.86
C LEU D 131 -30.20 13.46 33.24
N LEU D 132 -29.60 12.25 33.27
CA LEU D 132 -29.42 11.38 34.45
C LEU D 132 -29.11 12.09 35.77
N ARG D 133 -27.91 12.65 35.85
CA ARG D 133 -27.50 13.33 37.06
C ARG D 133 -28.56 14.27 37.65
N VAL D 134 -29.53 14.64 36.84
CA VAL D 134 -30.55 15.55 37.31
C VAL D 134 -31.52 14.71 38.09
N ILE D 135 -31.81 13.55 37.55
CA ILE D 135 -32.76 12.61 38.12
C ILE D 135 -32.33 12.26 39.53
N GLU D 136 -31.03 12.06 39.66
CA GLU D 136 -30.40 11.69 40.91
C GLU D 136 -30.11 12.88 41.79
N SER D 137 -29.13 13.71 41.40
CA SER D 137 -28.77 14.89 42.20
C SER D 137 -29.80 16.00 42.18
N GLY D 138 -30.38 16.25 41.00
CA GLY D 138 -31.36 17.32 40.86
C GLY D 138 -30.58 18.59 40.51
N LYS D 139 -29.38 18.39 39.99
CA LYS D 139 -28.53 19.50 39.65
C LYS D 139 -27.98 19.27 38.26
N PHE D 140 -27.67 20.36 37.55
CA PHE D 140 -27.11 20.30 36.20
C PHE D 140 -26.39 21.60 35.91
N TYR D 141 -25.47 21.57 34.96
CA TYR D 141 -24.72 22.76 34.60
C TYR D 141 -25.23 23.46 33.35
N ARG D 142 -25.66 24.71 33.51
CA ARG D 142 -26.14 25.59 32.45
C ARG D 142 -25.01 25.57 31.42
N LEU D 143 -25.29 25.10 30.21
CA LEU D 143 -24.26 25.04 29.17
C LEU D 143 -23.24 26.13 29.33
N GLY D 144 -21.97 25.75 29.39
CA GLY D 144 -20.91 26.74 29.55
C GLY D 144 -21.09 27.56 30.81
N GLY D 145 -21.81 26.97 31.77
CA GLY D 145 -22.07 27.60 33.06
C GLY D 145 -20.98 27.22 34.04
N ARG D 146 -20.93 27.85 35.21
CA ARG D 146 -19.90 27.52 36.19
C ARG D 146 -20.45 27.25 37.58
N LYS D 147 -21.71 27.54 37.82
CA LYS D 147 -22.28 27.31 39.12
C LYS D 147 -23.23 26.17 38.90
N GLU D 148 -23.61 25.48 39.95
CA GLU D 148 -24.50 24.34 39.82
C GLU D 148 -25.94 24.82 39.99
N ILE D 149 -26.77 24.62 38.98
CA ILE D 149 -28.16 25.04 39.07
C ILE D 149 -28.87 23.84 39.66
N GLU D 150 -29.73 24.06 40.66
CA GLU D 150 -30.41 22.94 41.29
C GLU D 150 -31.93 23.05 41.24
N VAL D 151 -32.58 22.17 40.50
CA VAL D 151 -34.04 22.21 40.35
C VAL D 151 -34.75 20.98 40.84
N ASN D 152 -36.05 21.14 41.09
CA ASN D 152 -36.92 20.09 41.60
C ASN D 152 -37.91 19.62 40.52
N VAL D 153 -37.39 18.94 39.50
CA VAL D 153 -38.29 18.49 38.44
C VAL D 153 -38.62 16.99 38.41
N ARG D 154 -39.90 16.72 38.17
CA ARG D 154 -40.42 15.38 38.11
C ARG D 154 -40.43 14.77 36.69
N ILE D 155 -39.25 14.54 36.11
CA ILE D 155 -39.17 13.96 34.77
C ILE D 155 -40.21 12.90 34.51
N LEU D 156 -40.77 12.87 33.31
CA LEU D 156 -41.77 11.86 32.97
C LEU D 156 -41.51 11.45 31.56
N ALA D 157 -40.50 10.64 31.36
CA ALA D 157 -40.17 10.20 30.03
C ALA D 157 -41.26 9.34 29.43
N ALA D 158 -41.20 9.22 28.10
CA ALA D 158 -42.12 8.40 27.32
C ALA D 158 -41.28 8.01 26.12
N THR D 159 -41.76 7.04 25.33
CA THR D 159 -41.05 6.63 24.11
C THR D 159 -41.88 5.70 23.27
N ASN D 160 -41.49 5.52 22.02
CA ASN D 160 -42.28 4.68 21.13
C ASN D 160 -41.36 3.61 20.62
N ARG D 161 -40.08 3.90 20.65
CA ARG D 161 -39.10 2.93 20.19
C ARG D 161 -38.90 2.00 21.37
N ASN D 162 -38.18 0.89 21.16
CA ASN D 162 -37.90 -0.02 22.26
C ASN D 162 -36.51 0.35 22.73
N ILE D 163 -36.44 1.02 23.87
CA ILE D 163 -35.18 1.49 24.43
C ILE D 163 -34.19 0.36 24.59
N LYS D 164 -34.63 -0.71 25.24
CA LYS D 164 -33.80 -1.90 25.48
C LYS D 164 -33.05 -2.19 24.19
N GLU D 165 -33.82 -2.48 23.15
CA GLU D 165 -33.27 -2.77 21.85
C GLU D 165 -32.20 -1.74 21.46
N LEU D 166 -32.54 -0.47 21.63
CA LEU D 166 -31.64 0.62 21.32
C LEU D 166 -30.31 0.53 22.07
N VAL D 167 -30.38 0.38 23.40
CA VAL D 167 -29.17 0.32 24.21
C VAL D 167 -28.16 -0.59 23.54
N LYS D 168 -28.63 -1.77 23.13
CA LYS D 168 -27.78 -2.74 22.46
C LYS D 168 -26.94 -2.07 21.36
N GLU D 169 -27.63 -1.42 20.43
CA GLU D 169 -26.97 -0.74 19.31
C GLU D 169 -25.93 0.29 19.76
N GLY D 170 -25.96 0.65 21.05
CA GLY D 170 -25.02 1.63 21.56
C GLY D 170 -25.47 3.07 21.34
N LYS D 171 -26.77 3.22 21.05
CA LYS D 171 -27.39 4.52 20.79
C LYS D 171 -27.95 5.18 22.05
N PHE D 172 -28.30 4.37 23.05
CA PHE D 172 -28.91 4.89 24.26
C PHE D 172 -28.26 4.37 25.54
N ARG D 173 -27.71 5.29 26.32
CA ARG D 173 -27.08 4.94 27.57
C ARG D 173 -27.93 3.96 28.36
N GLU D 174 -27.26 3.14 29.18
CA GLU D 174 -27.94 2.13 29.96
C GLU D 174 -28.46 2.59 31.30
N ASP D 175 -27.56 3.10 32.12
CA ASP D 175 -27.90 3.56 33.46
C ASP D 175 -29.16 4.40 33.43
N LEU D 176 -29.24 5.27 32.42
CA LEU D 176 -30.39 6.15 32.22
C LEU D 176 -31.58 5.27 31.91
N TYR D 177 -31.37 4.22 31.11
CA TYR D 177 -32.47 3.34 30.77
C TYR D 177 -33.10 2.82 32.04
N TYR D 178 -32.30 2.11 32.81
CA TYR D 178 -32.76 1.53 34.05
C TYR D 178 -33.20 2.58 35.07
N ARG D 179 -32.45 3.68 35.21
CA ARG D 179 -32.85 4.70 36.17
C ARG D 179 -34.31 5.13 35.99
N LEU D 180 -34.76 5.15 34.74
CA LEU D 180 -36.13 5.54 34.39
C LEU D 180 -37.02 4.30 34.54
N GLY D 181 -36.46 3.14 34.16
CA GLY D 181 -37.16 1.86 34.26
C GLY D 181 -37.98 1.65 35.54
N VAL D 182 -37.45 2.12 36.67
CA VAL D 182 -38.14 2.00 37.95
C VAL D 182 -39.63 1.84 37.70
N ILE D 183 -40.34 2.94 37.56
CA ILE D 183 -41.77 2.85 37.32
C ILE D 183 -42.02 3.03 35.83
N GLU D 184 -41.92 1.95 35.05
CA GLU D 184 -42.17 2.05 33.63
C GLU D 184 -43.62 1.69 33.41
N ILE D 185 -44.31 2.46 32.56
CA ILE D 185 -45.71 2.24 32.23
C ILE D 185 -45.87 1.85 30.79
N GLU D 186 -46.56 0.74 30.56
CA GLU D 186 -46.76 0.29 29.18
C GLU D 186 -48.20 0.45 28.74
N ILE D 187 -48.45 1.40 27.85
CA ILE D 187 -49.81 1.58 27.37
C ILE D 187 -49.95 0.62 26.21
N PRO D 188 -51.03 -0.12 26.23
CA PRO D 188 -51.27 -1.09 25.16
C PRO D 188 -52.07 -0.55 23.98
N PRO D 189 -51.69 -0.95 22.77
CA PRO D 189 -52.40 -0.50 21.58
C PRO D 189 -53.89 -0.69 21.76
N LEU D 190 -54.68 0.18 21.13
CA LEU D 190 -56.12 0.11 21.23
C LEU D 190 -56.60 -1.16 20.56
N ARG D 191 -55.71 -1.77 19.80
CA ARG D 191 -56.02 -3.01 19.11
C ARG D 191 -56.11 -4.14 20.15
N GLU D 192 -55.95 -3.78 21.42
CA GLU D 192 -56.00 -4.76 22.51
C GLU D 192 -56.84 -4.22 23.64
N ARG D 193 -57.35 -3.00 23.45
CA ARG D 193 -58.19 -2.35 24.46
C ARG D 193 -59.63 -2.23 23.98
N LYS D 194 -60.08 -3.17 23.17
CA LYS D 194 -61.43 -3.15 22.62
C LYS D 194 -62.48 -2.59 23.58
N GLU D 195 -62.31 -2.85 24.87
CA GLU D 195 -63.24 -2.37 25.86
C GLU D 195 -63.26 -0.83 25.92
N ASP D 196 -62.12 -0.21 25.58
CA ASP D 196 -61.98 1.24 25.58
C ASP D 196 -62.61 1.84 24.34
N ILE D 197 -62.40 1.16 23.22
CA ILE D 197 -62.93 1.60 21.94
C ILE D 197 -64.30 2.26 22.05
N ILE D 198 -65.34 1.46 21.85
CA ILE D 198 -66.70 1.97 21.90
C ILE D 198 -66.87 3.13 22.89
N PRO D 199 -66.23 3.06 24.07
CA PRO D 199 -66.36 4.16 25.04
C PRO D 199 -65.70 5.45 24.53
N LEU D 200 -64.44 5.33 24.10
CA LEU D 200 -63.70 6.47 23.57
C LEU D 200 -64.54 7.16 22.50
N ALA D 201 -65.02 6.36 21.55
CA ALA D 201 -65.85 6.83 20.45
C ALA D 201 -66.94 7.75 20.99
N ASN D 202 -67.86 7.20 21.76
CA ASN D 202 -68.94 7.99 22.31
C ASN D 202 -68.47 9.30 22.94
N HIS D 203 -67.36 9.25 23.67
CA HIS D 203 -66.84 10.45 24.31
C HIS D 203 -66.43 11.41 23.21
N PHE D 204 -65.81 10.86 22.17
CA PHE D 204 -65.38 11.66 21.03
C PHE D 204 -66.58 12.24 20.28
N LEU D 205 -67.39 11.37 19.71
CA LEU D 205 -68.57 11.80 18.98
C LEU D 205 -69.19 12.93 19.79
N LYS D 206 -69.60 12.59 21.01
CA LYS D 206 -70.20 13.57 21.91
C LYS D 206 -69.47 14.91 21.79
N LYS D 207 -68.15 14.87 21.89
CA LYS D 207 -67.33 16.09 21.83
C LYS D 207 -67.60 16.90 20.58
N PHE D 208 -66.93 16.56 19.50
CA PHE D 208 -67.09 17.26 18.25
C PHE D 208 -68.55 17.55 17.97
N SER D 209 -69.40 16.55 18.20
CA SER D 209 -70.82 16.69 17.95
C SER D 209 -71.31 17.94 18.68
N ARG D 210 -70.50 18.43 19.60
CA ARG D 210 -70.87 19.62 20.34
C ARG D 210 -70.05 20.80 19.84
N LYS D 211 -68.81 20.52 19.47
CA LYS D 211 -67.93 21.57 18.98
C LYS D 211 -68.45 22.17 17.67
N TYR D 212 -69.13 21.35 16.89
CA TYR D 212 -69.65 21.79 15.60
C TYR D 212 -71.17 21.88 15.58
N ALA D 213 -71.79 21.93 16.75
CA ALA D 213 -73.25 22.02 16.85
C ALA D 213 -73.97 20.99 15.96
N LYS D 214 -73.60 19.71 16.09
CA LYS D 214 -74.20 18.62 15.31
C LYS D 214 -75.17 17.73 16.10
N GLU D 215 -76.24 17.30 15.43
CA GLU D 215 -77.27 16.46 16.02
C GLU D 215 -76.88 14.99 16.10
N VAL D 216 -75.66 14.69 16.53
CA VAL D 216 -75.24 13.29 16.62
C VAL D 216 -75.40 12.75 18.04
N GLU D 217 -75.97 11.55 18.15
CA GLU D 217 -76.22 10.93 19.45
C GLU D 217 -75.36 9.70 19.73
N GLY D 218 -74.97 8.98 18.69
CA GLY D 218 -74.17 7.79 18.90
C GLY D 218 -73.97 6.99 17.64
N PHE D 219 -73.70 5.70 17.79
CA PHE D 219 -73.48 4.85 16.63
C PHE D 219 -74.48 3.69 16.64
N THR D 220 -74.64 3.05 15.48
CA THR D 220 -75.55 1.92 15.34
C THR D 220 -74.75 0.65 15.59
N LYS D 221 -75.46 -0.45 15.84
CA LYS D 221 -74.79 -1.73 16.09
C LYS D 221 -73.85 -1.94 14.91
N SER D 222 -74.38 -1.73 13.71
CA SER D 222 -73.62 -1.88 12.45
C SER D 222 -72.27 -1.17 12.54
N ALA D 223 -72.30 0.08 13.02
CA ALA D 223 -71.10 0.89 13.17
C ALA D 223 -70.21 0.28 14.25
N GLN D 224 -70.68 0.37 15.48
CA GLN D 224 -69.95 -0.15 16.62
C GLN D 224 -69.13 -1.38 16.25
N GLU D 225 -69.80 -2.46 15.82
CA GLU D 225 -69.14 -3.70 15.44
C GLU D 225 -67.94 -3.45 14.54
N LEU D 226 -68.10 -2.51 13.62
CA LEU D 226 -67.04 -2.15 12.69
C LEU D 226 -65.87 -1.63 13.52
N LEU D 227 -66.17 -0.64 14.36
CA LEU D 227 -65.16 -0.02 15.23
C LEU D 227 -64.31 -1.11 15.86
N LEU D 228 -64.92 -1.81 16.82
CA LEU D 228 -64.27 -2.89 17.56
C LEU D 228 -63.57 -3.92 16.65
N SER D 229 -63.77 -3.81 15.34
CA SER D 229 -63.16 -4.74 14.43
C SER D 229 -61.93 -4.13 13.78
N TYR D 230 -61.75 -2.84 13.96
CA TYR D 230 -60.62 -2.12 13.37
C TYR D 230 -59.37 -2.14 14.25
N PRO D 231 -58.20 -2.48 13.66
CA PRO D 231 -56.92 -2.54 14.37
C PRO D 231 -56.48 -1.20 14.94
N TRP D 232 -57.04 -0.12 14.40
CA TRP D 232 -56.70 1.21 14.86
C TRP D 232 -55.19 1.41 14.94
N TYR D 233 -54.49 1.15 13.84
CA TYR D 233 -53.04 1.33 13.85
C TYR D 233 -52.63 2.67 14.45
N GLY D 234 -53.48 3.68 14.28
CA GLY D 234 -53.20 4.99 14.83
C GLY D 234 -53.83 5.03 16.21
N ASN D 235 -53.96 3.85 16.80
CA ASN D 235 -54.52 3.69 18.14
C ASN D 235 -55.54 4.75 18.53
N VAL D 236 -55.52 5.21 19.77
CA VAL D 236 -56.50 6.22 20.17
C VAL D 236 -56.45 7.48 19.31
N ARG D 237 -55.30 7.76 18.73
CA ARG D 237 -55.15 8.97 17.94
C ARG D 237 -55.47 8.84 16.47
N GLU D 238 -56.41 7.97 16.12
CA GLU D 238 -56.84 7.81 14.73
C GLU D 238 -58.32 7.77 14.94
N LEU D 239 -58.68 7.21 16.07
CA LEU D 239 -60.06 7.10 16.47
C LEU D 239 -60.55 8.53 16.66
N LYS D 240 -59.68 9.39 17.18
CA LYS D 240 -60.06 10.79 17.44
C LYS D 240 -60.39 11.51 16.16
N ASN D 241 -59.57 11.26 15.15
CA ASN D 241 -59.82 11.86 13.88
C ASN D 241 -61.06 11.20 13.30
N VAL D 242 -60.94 9.93 12.96
CA VAL D 242 -62.03 9.21 12.37
C VAL D 242 -63.41 9.36 13.01
N ILE D 243 -63.53 10.20 14.03
CA ILE D 243 -64.86 10.42 14.58
C ILE D 243 -65.18 11.87 14.31
N GLU D 244 -64.15 12.71 14.32
CA GLU D 244 -64.36 14.12 14.03
C GLU D 244 -64.81 14.12 12.58
N ARG D 245 -64.22 13.21 11.79
CA ARG D 245 -64.56 13.07 10.38
C ARG D 245 -66.02 12.62 10.27
N ALA D 246 -66.35 11.51 10.90
CA ALA D 246 -67.71 11.02 10.85
C ALA D 246 -68.69 12.02 11.44
N VAL D 247 -68.32 12.70 12.53
CA VAL D 247 -69.23 13.66 13.15
C VAL D 247 -69.62 14.80 12.21
N LEU D 248 -68.68 15.17 11.34
CA LEU D 248 -68.89 16.22 10.37
C LEU D 248 -69.80 15.70 9.25
N PHE D 249 -69.30 14.71 8.51
CA PHE D 249 -70.06 14.12 7.43
C PHE D 249 -71.39 13.57 7.93
N SER D 250 -71.62 13.70 9.23
CA SER D 250 -72.85 13.21 9.85
C SER D 250 -74.05 13.90 9.25
N GLU D 251 -75.08 13.11 8.93
CA GLU D 251 -76.30 13.66 8.37
C GLU D 251 -77.39 13.63 9.44
N GLY D 252 -77.95 12.44 9.68
CA GLY D 252 -79.01 12.29 10.65
C GLY D 252 -78.56 12.48 12.09
N LYS D 253 -79.00 11.58 12.97
CA LYS D 253 -78.64 11.64 14.38
C LYS D 253 -77.57 10.59 14.73
N PHE D 254 -77.49 9.55 13.91
CA PHE D 254 -76.53 8.47 14.13
C PHE D 254 -75.50 8.34 13.04
N ILE D 255 -74.75 7.23 13.09
CA ILE D 255 -73.70 6.94 12.13
C ILE D 255 -73.60 5.42 12.00
N ASP D 256 -73.61 4.91 10.78
CA ASP D 256 -73.51 3.46 10.59
C ASP D 256 -72.46 3.06 9.57
N ARG D 257 -72.30 1.75 9.39
CA ARG D 257 -71.33 1.16 8.47
C ARG D 257 -70.92 2.10 7.34
N GLY D 258 -71.89 2.54 6.56
CA GLY D 258 -71.61 3.42 5.44
C GLY D 258 -70.74 4.65 5.65
N GLU D 259 -70.94 5.37 6.75
CA GLU D 259 -70.16 6.58 7.01
C GLU D 259 -68.75 6.34 7.53
N LEU D 260 -68.59 5.28 8.33
CA LEU D 260 -67.30 4.92 8.88
C LEU D 260 -66.53 4.03 7.92
N SER D 261 -67.25 3.33 7.06
CA SER D 261 -66.61 2.46 6.08
C SER D 261 -65.77 3.31 5.14
N CYS D 262 -66.26 4.52 4.86
CA CYS D 262 -65.57 5.48 3.99
C CYS D 262 -64.19 5.77 4.55
N LEU D 263 -64.02 5.45 5.83
CA LEU D 263 -62.75 5.69 6.52
C LEU D 263 -62.17 4.36 6.97
N VAL D 264 -62.89 3.69 7.85
CA VAL D 264 -62.44 2.40 8.35
C VAL D 264 -62.85 1.31 7.34
N GLU E 17 -26.27 12.52 54.52
CA GLU E 17 -26.99 11.78 55.60
C GLU E 17 -26.30 10.45 55.88
N GLU E 18 -26.87 9.67 56.80
CA GLU E 18 -26.35 8.37 57.22
C GLU E 18 -25.43 7.65 56.23
N TYR E 19 -24.24 7.29 56.71
CA TYR E 19 -23.24 6.57 55.90
C TYR E 19 -23.59 5.09 56.09
N VAL E 20 -23.05 4.21 55.26
CA VAL E 20 -23.30 2.76 55.43
C VAL E 20 -22.12 1.91 54.97
N PHE E 21 -21.27 1.52 55.93
CA PHE E 21 -20.08 0.74 55.60
C PHE E 21 -19.84 -0.61 56.30
N GLU E 22 -20.81 -1.12 57.04
CA GLU E 22 -20.58 -2.40 57.67
C GLU E 22 -20.44 -3.52 56.66
N SER E 23 -19.19 -3.88 56.39
CA SER E 23 -18.82 -4.96 55.47
C SER E 23 -17.30 -4.95 55.53
N PRO E 24 -16.67 -6.11 55.35
CA PRO E 24 -15.21 -6.07 55.42
C PRO E 24 -14.53 -4.99 54.57
N LYS E 25 -14.58 -5.12 53.24
CA LYS E 25 -13.89 -4.16 52.36
C LYS E 25 -14.42 -2.73 52.42
N MET E 26 -15.74 -2.57 52.53
CA MET E 26 -16.26 -1.21 52.60
C MET E 26 -15.59 -0.55 53.78
N LYS E 27 -15.75 -1.18 54.96
CA LYS E 27 -15.17 -0.72 56.23
C LYS E 27 -13.67 -0.44 56.11
N GLU E 28 -13.00 -1.24 55.30
CA GLU E 28 -11.58 -1.05 55.10
C GLU E 28 -11.34 0.20 54.30
N ILE E 29 -12.20 0.42 53.29
CA ILE E 29 -12.08 1.60 52.41
C ILE E 29 -12.25 2.79 53.29
N LEU E 30 -13.41 2.82 53.93
CA LEU E 30 -13.77 3.87 54.84
C LEU E 30 -12.56 4.31 55.64
N GLU E 31 -11.64 3.38 55.84
CA GLU E 31 -10.43 3.72 56.59
C GLU E 31 -9.39 4.23 55.64
N LYS E 32 -9.38 3.66 54.44
CA LYS E 32 -8.40 4.06 53.43
C LYS E 32 -8.71 5.51 53.11
N ILE E 33 -9.98 5.86 53.25
CA ILE E 33 -10.47 7.22 53.01
C ILE E 33 -9.74 8.09 53.99
N LYS E 34 -10.04 7.85 55.27
CA LYS E 34 -9.49 8.56 56.42
C LYS E 34 -7.98 8.72 56.45
N LYS E 35 -7.27 7.64 56.17
CA LYS E 35 -5.82 7.72 56.16
C LYS E 35 -5.38 8.65 55.05
N ILE E 36 -6.25 8.76 54.05
CA ILE E 36 -5.97 9.58 52.90
C ILE E 36 -6.34 11.05 53.04
N SER E 37 -7.44 11.33 53.73
CA SER E 37 -7.91 12.70 53.95
C SER E 37 -6.91 13.67 54.59
N CYS E 38 -5.61 13.43 54.38
CA CYS E 38 -4.59 14.31 54.91
C CYS E 38 -3.55 14.53 53.83
N ALA E 39 -3.89 14.14 52.60
CA ALA E 39 -2.97 14.28 51.47
C ALA E 39 -3.65 14.87 50.24
N GLU E 40 -2.85 15.49 49.39
CA GLU E 40 -3.37 16.12 48.19
C GLU E 40 -2.93 15.36 46.95
N CYS E 41 -2.82 14.06 47.06
CA CYS E 41 -2.42 13.28 45.91
C CYS E 41 -3.68 12.85 45.15
N PRO E 42 -3.52 12.43 43.91
CA PRO E 42 -4.67 12.01 43.15
C PRO E 42 -5.23 10.62 43.52
N VAL E 43 -6.51 10.56 43.86
CA VAL E 43 -7.17 9.33 44.21
C VAL E 43 -7.97 8.71 43.04
N LEU E 44 -7.43 7.67 42.39
CA LEU E 44 -8.14 7.04 41.29
C LEU E 44 -9.25 6.05 41.66
N ILE E 45 -10.31 6.51 42.31
CA ILE E 45 -11.43 5.62 42.66
C ILE E 45 -11.83 4.68 41.52
N THR E 46 -11.66 3.36 41.68
CA THR E 46 -12.04 2.40 40.61
C THR E 46 -13.40 1.78 40.89
N GLY E 47 -14.01 1.04 39.95
CA GLY E 47 -15.28 0.38 40.35
C GLY E 47 -16.54 0.47 39.45
N GLU E 48 -17.37 -0.54 39.58
CA GLU E 48 -18.60 -0.72 38.84
C GLU E 48 -19.51 0.46 38.89
N SER E 49 -20.65 0.32 38.22
CA SER E 49 -21.62 1.37 38.14
C SER E 49 -22.54 1.35 39.34
N GLY E 50 -22.35 2.32 40.23
CA GLY E 50 -23.25 2.42 41.38
C GLY E 50 -22.81 1.68 42.61
N VAL E 51 -21.50 1.59 42.76
CA VAL E 51 -20.88 0.93 43.88
C VAL E 51 -20.47 1.98 44.90
N GLY E 52 -21.10 3.15 44.83
CA GLY E 52 -20.78 4.24 45.74
C GLY E 52 -19.61 5.12 45.32
N LYS E 53 -18.94 4.77 44.21
CA LYS E 53 -17.80 5.51 43.66
C LYS E 53 -17.82 7.01 43.93
N GLU E 54 -19.03 7.59 43.93
CA GLU E 54 -19.19 9.02 44.17
C GLU E 54 -19.05 9.31 45.63
N VAL E 55 -20.04 8.88 46.42
CA VAL E 55 -19.98 9.03 47.85
C VAL E 55 -18.57 8.98 48.34
N VAL E 56 -17.89 7.94 47.92
CA VAL E 56 -16.50 7.76 48.32
C VAL E 56 -15.70 9.05 48.11
N ALA E 57 -15.72 9.65 46.93
CA ALA E 57 -14.96 10.89 46.66
C ALA E 57 -15.58 12.11 47.32
N ARG E 58 -16.88 12.02 47.56
CA ARG E 58 -17.55 13.08 48.27
C ARG E 58 -17.00 12.95 49.70
N LEU E 59 -16.93 11.72 50.20
CA LEU E 59 -16.41 11.47 51.52
C LEU E 59 -14.96 11.79 51.65
N ILE E 60 -14.15 11.34 50.70
CA ILE E 60 -12.76 11.70 50.73
C ILE E 60 -12.59 13.19 50.77
N HIS E 61 -13.69 13.89 50.63
CA HIS E 61 -13.69 15.33 50.66
C HIS E 61 -14.05 15.79 52.06
N LYS E 62 -15.25 15.43 52.52
CA LYS E 62 -15.71 15.80 53.84
C LYS E 62 -14.69 15.59 54.97
N LEU E 63 -13.63 14.83 54.70
CA LEU E 63 -12.59 14.54 55.71
C LEU E 63 -11.21 15.07 55.35
N SER E 64 -11.09 15.75 54.21
CA SER E 64 -9.82 16.30 53.75
C SER E 64 -9.48 17.65 54.39
N ASP E 65 -8.25 18.10 54.19
CA ASP E 65 -7.80 19.37 54.74
C ASP E 65 -8.55 20.55 54.09
N ARG E 66 -9.44 20.22 53.16
CA ARG E 66 -10.23 21.21 52.42
C ARG E 66 -11.64 20.68 52.31
N SER E 67 -12.21 20.31 53.44
CA SER E 67 -13.55 19.77 53.45
C SER E 67 -14.50 20.95 53.40
N LYS E 68 -13.92 22.13 53.63
CA LYS E 68 -14.69 23.35 53.65
C LYS E 68 -14.58 23.99 52.26
N GLU E 69 -13.51 23.63 51.55
CA GLU E 69 -13.33 24.12 50.21
C GLU E 69 -14.44 23.54 49.34
N PRO E 70 -14.43 23.95 48.04
CA PRO E 70 -15.50 23.51 47.00
C PRO E 70 -15.33 22.10 46.50
N PHE E 71 -16.43 21.44 46.26
CA PHE E 71 -16.29 20.11 45.69
C PHE E 71 -16.93 20.14 44.29
N VAL E 72 -16.08 20.36 43.30
CA VAL E 72 -16.52 20.45 41.94
C VAL E 72 -16.68 19.09 41.29
N ALA E 73 -17.93 18.68 41.10
CA ALA E 73 -18.23 17.37 40.51
C ALA E 73 -18.77 17.42 39.09
N LEU E 74 -17.91 17.20 38.10
CA LEU E 74 -18.38 17.29 36.72
C LEU E 74 -18.29 16.00 35.90
N ASN E 75 -19.45 15.62 35.36
CA ASN E 75 -19.65 14.41 34.54
C ASN E 75 -19.00 14.45 33.14
N VAL E 76 -17.76 13.96 33.01
CA VAL E 76 -17.04 13.95 31.73
C VAL E 76 -17.77 13.26 30.58
N ALA E 77 -19.08 13.21 30.65
CA ALA E 77 -19.85 12.57 29.61
C ALA E 77 -21.15 13.31 29.38
N SER E 78 -21.40 14.34 30.16
CA SER E 78 -22.61 15.12 29.99
C SER E 78 -22.15 16.36 29.23
N ILE E 79 -20.87 16.35 28.83
CA ILE E 79 -20.23 17.45 28.13
C ILE E 79 -19.47 16.90 26.92
N PRO E 80 -19.97 17.17 25.69
CA PRO E 80 -19.40 16.73 24.40
C PRO E 80 -17.89 16.93 24.23
N ARG E 81 -17.24 15.81 23.87
CA ARG E 81 -15.79 15.72 23.72
C ARG E 81 -15.04 16.91 23.16
N ASP E 82 -15.64 17.64 22.22
CA ASP E 82 -14.97 18.81 21.64
C ASP E 82 -14.97 20.01 22.59
N ILE E 83 -16.08 20.23 23.30
CA ILE E 83 -16.16 21.33 24.24
C ILE E 83 -15.56 20.92 25.56
N PHE E 84 -15.20 19.66 25.71
CA PHE E 84 -14.66 19.25 26.99
C PHE E 84 -13.49 20.17 27.34
N GLU E 85 -12.34 19.97 26.70
CA GLU E 85 -11.17 20.79 26.99
C GLU E 85 -11.60 22.23 27.23
N ALA E 86 -12.64 22.63 26.55
CA ALA E 86 -13.16 23.98 26.70
C ALA E 86 -13.47 24.27 28.16
N GLU E 87 -14.61 23.76 28.60
CA GLU E 87 -15.08 23.96 29.96
C GLU E 87 -14.13 23.56 31.06
N LEU E 88 -13.27 22.57 30.82
CA LEU E 88 -12.37 22.15 31.88
C LEU E 88 -11.28 23.16 32.19
N PHE E 89 -10.28 23.24 31.31
CA PHE E 89 -9.16 24.16 31.46
C PHE E 89 -9.59 25.60 31.27
N GLY E 90 -10.54 25.83 30.37
CA GLY E 90 -11.02 27.18 30.13
C GLY E 90 -10.64 27.71 28.75
N TYR E 91 -11.16 28.88 28.41
CA TYR E 91 -10.88 29.48 27.12
C TYR E 91 -10.40 30.91 27.27
N GLU E 92 -9.67 31.39 26.25
CA GLU E 92 -9.13 32.75 26.25
C GLU E 92 -10.11 33.76 25.64
N LYS E 93 -10.08 33.89 24.32
CA LYS E 93 -10.96 34.80 23.62
C LYS E 93 -11.12 34.39 22.17
N GLY E 94 -12.36 34.19 21.75
CA GLY E 94 -12.64 33.79 20.39
C GLY E 94 -11.64 32.82 19.80
N ALA E 95 -11.00 32.04 20.66
CA ALA E 95 -10.01 31.07 20.20
C ALA E 95 -10.59 30.00 19.29
N PHE E 96 -11.64 29.31 19.73
CA PHE E 96 -12.24 28.24 18.92
C PHE E 96 -13.43 28.68 18.05
N THR E 97 -14.10 27.68 17.46
CA THR E 97 -15.27 27.90 16.59
C THR E 97 -16.57 28.15 17.36
N GLY E 98 -16.74 29.38 17.84
CA GLY E 98 -17.93 29.74 18.59
C GLY E 98 -17.56 30.39 19.91
N ALA E 99 -16.42 31.09 19.92
CA ALA E 99 -15.92 31.77 21.12
C ALA E 99 -16.25 33.26 21.09
N VAL E 100 -16.79 33.76 22.20
CA VAL E 100 -17.16 35.17 22.26
C VAL E 100 -16.50 35.95 23.40
N SER E 101 -16.14 35.28 24.49
CA SER E 101 -15.51 35.97 25.62
C SER E 101 -14.47 35.13 26.36
N SER E 102 -13.83 35.76 27.35
CA SER E 102 -12.80 35.12 28.19
C SER E 102 -13.47 34.42 29.38
N LYS E 103 -13.76 33.13 29.22
CA LYS E 103 -14.42 32.32 30.25
C LYS E 103 -13.47 31.45 31.08
N GLU E 104 -13.91 31.17 32.31
CA GLU E 104 -13.12 30.40 33.26
C GLU E 104 -13.33 28.90 33.24
N GLY E 105 -12.22 28.17 33.07
CA GLY E 105 -12.26 26.72 33.06
C GLY E 105 -12.65 26.16 34.43
N PHE E 106 -13.23 24.96 34.46
CA PHE E 106 -13.66 24.35 35.71
C PHE E 106 -12.58 24.28 36.78
N PHE E 107 -11.37 23.83 36.41
CA PHE E 107 -10.30 23.78 37.39
C PHE E 107 -10.44 25.02 38.24
N GLU E 108 -10.03 26.14 37.66
CA GLU E 108 -10.13 27.41 38.36
C GLU E 108 -11.35 27.47 39.29
N LEU E 109 -12.52 27.05 38.81
CA LEU E 109 -13.70 27.12 39.65
C LEU E 109 -13.38 26.53 41.00
N ALA E 110 -12.78 25.34 40.96
CA ALA E 110 -12.37 24.60 42.16
C ALA E 110 -10.91 24.86 42.39
N ASP E 111 -10.61 25.97 43.03
CA ASP E 111 -9.23 26.30 43.28
C ASP E 111 -9.13 26.29 44.75
N GLY E 112 -8.48 25.23 45.22
CA GLY E 112 -8.29 25.04 46.63
C GLY E 112 -9.23 23.96 47.08
N GLY E 113 -10.06 23.46 46.18
CA GLY E 113 -10.99 22.41 46.54
C GLY E 113 -10.74 21.11 45.80
N THR E 114 -11.83 20.49 45.36
CA THR E 114 -11.68 19.23 44.66
C THR E 114 -12.47 19.13 43.34
N LEU E 115 -11.75 18.70 42.32
CA LEU E 115 -12.32 18.51 41.00
C LEU E 115 -12.47 17.01 40.83
N PHE E 116 -13.70 16.56 40.87
CA PHE E 116 -13.98 15.14 40.73
C PHE E 116 -14.44 14.70 39.32
N LEU E 117 -13.50 14.34 38.45
CA LEU E 117 -13.86 13.85 37.11
C LEU E 117 -14.63 12.50 37.04
N ASP E 118 -15.95 12.48 37.13
CA ASP E 118 -16.69 11.24 36.98
C ASP E 118 -16.44 10.52 35.63
N GLU E 119 -15.82 9.35 35.70
CA GLU E 119 -15.46 8.48 34.56
C GLU E 119 -14.50 9.02 33.50
N ILE E 120 -13.24 9.04 33.87
CA ILE E 120 -12.16 9.49 33.00
C ILE E 120 -12.09 8.50 31.83
N GLY E 121 -13.02 7.56 31.80
CA GLY E 121 -12.97 6.60 30.71
C GLY E 121 -13.07 7.33 29.37
N GLU E 122 -13.95 8.34 29.35
CA GLU E 122 -14.24 9.18 28.20
C GLU E 122 -13.40 10.48 28.20
N LEU E 123 -12.11 10.36 27.94
CA LEU E 123 -11.26 11.52 27.92
C LEU E 123 -10.45 11.52 26.66
N SER E 124 -10.71 12.52 25.83
CA SER E 124 -10.00 12.68 24.57
C SER E 124 -8.50 12.61 24.83
N LEU E 125 -7.83 11.70 24.16
CA LEU E 125 -6.39 11.55 24.33
C LEU E 125 -5.66 12.87 24.49
N GLU E 126 -6.29 13.97 24.06
CA GLU E 126 -5.67 15.29 24.21
C GLU E 126 -5.91 15.74 25.63
N ALA E 127 -7.18 15.69 26.05
CA ALA E 127 -7.58 16.07 27.41
C ALA E 127 -6.70 15.32 28.37
N GLN E 128 -6.74 13.99 28.26
CA GLN E 128 -5.92 13.12 29.10
C GLN E 128 -4.53 13.70 29.19
N ALA E 129 -3.89 13.83 28.03
CA ALA E 129 -2.55 14.37 27.97
C ALA E 129 -2.48 15.72 28.66
N LYS E 130 -3.35 16.64 28.28
CA LYS E 130 -3.37 17.97 28.86
C LYS E 130 -3.68 17.95 30.35
N LEU E 131 -4.34 16.88 30.79
CA LEU E 131 -4.73 16.68 32.19
C LEU E 131 -3.48 16.37 33.00
N LEU E 132 -2.60 15.56 32.42
CA LEU E 132 -1.37 15.15 33.08
C LEU E 132 -0.66 16.37 33.63
N ARG E 133 -0.21 17.23 32.71
CA ARG E 133 0.49 18.45 33.07
C ARG E 133 -0.07 19.05 34.37
N VAL E 134 -1.34 19.44 34.33
CA VAL E 134 -2.00 20.02 35.49
C VAL E 134 -1.71 19.20 36.74
N ILE E 135 -1.88 17.90 36.61
CA ILE E 135 -1.64 17.00 37.73
C ILE E 135 -0.30 17.27 38.41
N GLU E 136 0.76 17.29 37.62
CA GLU E 136 2.09 17.53 38.20
C GLU E 136 2.46 19.00 38.35
N SER E 137 2.61 19.71 37.24
CA SER E 137 2.97 21.12 37.26
C SER E 137 1.94 22.03 37.95
N GLY E 138 0.73 21.51 38.19
CA GLY E 138 -0.30 22.30 38.85
C GLY E 138 -0.67 23.53 38.04
N LYS E 139 0.00 23.71 36.91
CA LYS E 139 -0.24 24.83 36.01
C LYS E 139 -0.80 24.33 34.68
N PHE E 140 -1.48 25.21 33.96
CA PHE E 140 -2.06 24.83 32.68
C PHE E 140 -2.34 26.06 31.83
N TYR E 141 -2.61 25.85 30.55
CA TYR E 141 -2.90 26.96 29.65
C TYR E 141 -4.37 26.94 29.23
N ARG E 142 -4.97 28.12 29.18
CA ARG E 142 -6.35 28.22 28.75
C ARG E 142 -6.35 28.01 27.25
N LEU E 143 -7.18 27.09 26.77
CA LEU E 143 -7.24 26.83 25.35
C LEU E 143 -7.22 28.15 24.61
N GLY E 144 -6.18 28.34 23.80
CA GLY E 144 -6.04 29.56 23.02
C GLY E 144 -5.43 30.74 23.77
N GLY E 145 -5.00 30.51 25.00
CA GLY E 145 -4.41 31.58 25.79
C GLY E 145 -2.89 31.53 25.90
N ARG E 146 -2.29 32.65 26.28
CA ARG E 146 -0.85 32.75 26.40
C ARG E 146 -0.35 32.59 27.83
N LYS E 147 -1.10 33.12 28.79
CA LYS E 147 -0.74 33.08 30.20
C LYS E 147 -0.86 31.69 30.80
N GLU E 148 0.10 31.32 31.63
CA GLU E 148 0.08 30.00 32.27
C GLU E 148 -0.57 30.04 33.64
N ILE E 149 -1.86 29.74 33.69
CA ILE E 149 -2.61 29.75 34.94
C ILE E 149 -2.11 28.64 35.86
N GLU E 150 -2.24 28.88 37.16
CA GLU E 150 -1.84 27.90 38.17
C GLU E 150 -2.85 27.80 39.29
N VAL E 151 -3.18 26.57 39.65
CA VAL E 151 -4.11 26.31 40.73
C VAL E 151 -3.65 25.06 41.45
N ASN E 152 -4.26 24.78 42.59
CA ASN E 152 -3.89 23.64 43.39
C ASN E 152 -5.18 22.88 43.65
N VAL E 153 -5.58 22.03 42.70
CA VAL E 153 -6.82 21.24 42.82
C VAL E 153 -6.61 19.76 43.17
N ARG E 154 -7.44 19.23 44.06
CA ARG E 154 -7.31 17.82 44.45
C ARG E 154 -8.14 17.05 43.45
N ILE E 155 -7.46 16.28 42.59
CA ILE E 155 -8.14 15.53 41.54
C ILE E 155 -8.67 14.14 41.97
N LEU E 156 -9.98 13.94 41.87
CA LEU E 156 -10.57 12.67 42.23
C LEU E 156 -11.16 11.96 41.03
N ALA E 157 -10.30 11.18 40.35
CA ALA E 157 -10.63 10.44 39.11
C ALA E 157 -11.49 9.16 39.28
N ALA E 158 -12.80 9.24 39.06
CA ALA E 158 -13.64 8.05 39.28
C ALA E 158 -14.11 7.25 38.05
N THR E 159 -13.25 6.46 37.40
CA THR E 159 -13.69 5.65 36.23
C THR E 159 -14.58 4.45 36.65
N ASN E 160 -14.97 3.64 35.67
CA ASN E 160 -15.77 2.45 35.93
C ASN E 160 -15.51 1.47 34.80
N ARG E 161 -14.33 1.60 34.22
CA ARG E 161 -13.93 0.71 33.16
C ARG E 161 -12.60 0.19 33.65
N ASN E 162 -12.03 -0.81 33.00
CA ASN E 162 -10.73 -1.27 33.46
C ASN E 162 -9.64 -0.41 32.81
N ILE E 163 -9.23 0.66 33.48
CA ILE E 163 -8.21 1.52 32.89
C ILE E 163 -7.10 0.72 32.21
N LYS E 164 -6.44 -0.14 32.98
CA LYS E 164 -5.34 -0.94 32.45
C LYS E 164 -5.62 -1.47 31.06
N GLU E 165 -6.87 -1.86 30.79
CA GLU E 165 -7.21 -2.37 29.47
C GLU E 165 -7.13 -1.23 28.47
N LEU E 166 -7.86 -0.16 28.76
CA LEU E 166 -7.85 0.99 27.89
C LEU E 166 -6.40 1.31 27.58
N VAL E 167 -5.54 1.26 28.59
CA VAL E 167 -4.13 1.55 28.37
C VAL E 167 -3.54 0.65 27.30
N LYS E 168 -3.99 -0.59 27.25
CA LYS E 168 -3.52 -1.53 26.25
C LYS E 168 -4.05 -1.04 24.91
N GLU E 169 -5.38 -1.08 24.75
CA GLU E 169 -6.01 -0.64 23.54
C GLU E 169 -5.35 0.65 23.03
N GLY E 170 -4.81 1.43 23.94
CA GLY E 170 -4.18 2.69 23.57
C GLY E 170 -5.16 3.81 23.85
N LYS E 171 -6.35 3.45 24.29
CA LYS E 171 -7.42 4.39 24.58
C LYS E 171 -7.25 5.18 25.89
N PHE E 172 -6.09 5.08 26.52
CA PHE E 172 -5.84 5.84 27.74
C PHE E 172 -4.35 6.05 27.96
N ARG E 173 -3.90 7.29 27.90
CA ARG E 173 -2.50 7.57 28.13
C ARG E 173 -2.01 6.80 29.37
N GLU E 174 -0.91 6.07 29.19
CA GLU E 174 -0.31 5.26 30.25
C GLU E 174 0.20 6.09 31.43
N ASP E 175 0.92 7.17 31.13
CA ASP E 175 1.44 8.00 32.20
C ASP E 175 0.34 8.80 32.89
N LEU E 176 -0.87 8.76 32.34
CA LEU E 176 -1.96 9.45 33.02
C LEU E 176 -2.42 8.49 34.11
N TYR E 177 -2.70 7.26 33.72
CA TYR E 177 -3.12 6.26 34.67
C TYR E 177 -2.17 6.24 35.88
N TYR E 178 -0.88 6.39 35.60
CA TYR E 178 0.09 6.36 36.67
C TYR E 178 0.04 7.61 37.52
N ARG E 179 -0.45 8.71 36.97
CA ARG E 179 -0.51 9.95 37.76
C ARG E 179 -1.80 10.11 38.56
N LEU E 180 -2.67 9.14 38.45
CA LEU E 180 -3.91 9.19 39.21
C LEU E 180 -3.94 7.97 40.12
N GLY E 181 -3.05 7.01 39.82
CA GLY E 181 -2.97 5.77 40.58
C GLY E 181 -2.41 5.83 41.98
N VAL E 182 -1.79 6.94 42.34
CA VAL E 182 -1.22 7.10 43.66
C VAL E 182 -2.07 6.52 44.81
N ILE E 183 -3.38 6.37 44.65
CA ILE E 183 -4.20 5.84 45.72
C ILE E 183 -5.41 5.13 45.13
N GLU E 184 -5.20 4.31 44.11
CA GLU E 184 -6.34 3.63 43.48
C GLU E 184 -7.25 3.05 44.54
N ILE E 185 -8.52 2.90 44.25
CA ILE E 185 -9.40 2.37 45.25
C ILE E 185 -10.52 1.66 44.59
N GLU E 186 -10.40 0.35 44.49
CA GLU E 186 -11.45 -0.47 43.90
C GLU E 186 -12.72 -0.35 44.67
N ILE E 187 -13.86 -0.72 44.10
CA ILE E 187 -15.14 -0.76 44.86
C ILE E 187 -15.97 -1.90 44.33
N PRO E 188 -16.02 -2.81 45.24
CA PRO E 188 -16.56 -4.17 45.13
C PRO E 188 -18.06 -4.12 44.78
N PRO E 189 -18.60 -4.96 43.84
CA PRO E 189 -20.05 -4.87 43.56
C PRO E 189 -20.79 -5.03 44.85
N LEU E 190 -22.10 -5.03 44.76
CA LEU E 190 -22.94 -5.31 45.91
C LEU E 190 -22.99 -6.80 46.15
N ARG E 191 -22.83 -7.56 45.06
CA ARG E 191 -22.84 -9.04 45.08
C ARG E 191 -21.68 -9.57 45.90
N GLU E 192 -20.74 -8.69 46.21
CA GLU E 192 -19.57 -9.08 46.97
C GLU E 192 -19.52 -8.27 48.27
N ARG E 193 -20.68 -8.01 48.85
CA ARG E 193 -20.77 -7.21 50.06
C ARG E 193 -22.07 -7.49 50.78
N LYS E 194 -22.62 -8.68 50.63
CA LYS E 194 -23.90 -8.99 51.22
C LYS E 194 -24.18 -8.36 52.59
N GLU E 195 -23.10 -7.91 53.24
CA GLU E 195 -23.19 -7.30 54.56
C GLU E 195 -23.96 -5.99 54.58
N ASP E 196 -23.67 -5.11 53.60
CA ASP E 196 -24.30 -3.78 53.37
C ASP E 196 -25.75 -3.93 52.84
N ILE E 197 -25.87 -4.71 51.79
CA ILE E 197 -27.13 -4.97 51.16
C ILE E 197 -28.36 -4.81 52.07
N ILE E 198 -28.50 -5.60 53.12
CA ILE E 198 -29.72 -5.44 53.97
C ILE E 198 -29.69 -4.19 54.83
N PRO E 199 -28.50 -3.74 55.25
CA PRO E 199 -28.47 -2.52 56.05
C PRO E 199 -29.11 -1.43 55.15
N LEU E 200 -28.48 -1.24 53.97
CA LEU E 200 -28.89 -0.31 52.89
C LEU E 200 -30.38 -0.48 52.69
N ALA E 201 -30.77 -1.62 52.17
CA ALA E 201 -32.19 -1.86 51.98
C ALA E 201 -33.00 -1.24 53.08
N ASN E 202 -32.40 -1.04 54.24
CA ASN E 202 -33.13 -0.46 55.36
C ASN E 202 -32.96 1.03 55.37
N HIS E 203 -31.71 1.46 55.19
CA HIS E 203 -31.36 2.86 55.15
C HIS E 203 -32.25 3.61 54.17
N PHE E 204 -32.73 2.90 53.15
CA PHE E 204 -33.62 3.45 52.12
C PHE E 204 -35.07 3.37 52.56
N LEU E 205 -35.61 2.17 52.63
CA LEU E 205 -36.99 1.96 53.05
C LEU E 205 -37.39 3.00 54.06
N LYS E 206 -36.44 3.40 54.89
CA LYS E 206 -36.64 4.42 55.92
C LYS E 206 -36.97 5.73 55.20
N LYS E 207 -35.92 6.34 54.64
CA LYS E 207 -36.00 7.58 53.90
C LYS E 207 -37.32 7.60 53.14
N PHE E 208 -37.38 6.80 52.09
CA PHE E 208 -38.58 6.72 51.25
C PHE E 208 -39.85 6.46 52.06
N SER E 209 -39.76 5.69 53.14
CA SER E 209 -40.97 5.42 53.91
C SER E 209 -41.40 6.72 54.56
N ARG E 210 -40.40 7.51 54.94
CA ARG E 210 -40.65 8.79 55.55
C ARG E 210 -41.16 9.70 54.42
N LYS E 211 -40.26 10.00 53.49
CA LYS E 211 -40.55 10.85 52.34
C LYS E 211 -41.96 10.68 51.77
N TYR E 212 -42.34 9.46 51.42
CA TYR E 212 -43.66 9.27 50.86
C TYR E 212 -44.72 9.04 51.91
N ALA E 213 -44.33 9.15 53.17
CA ALA E 213 -45.27 8.96 54.27
C ALA E 213 -46.07 7.68 54.15
N LYS E 214 -45.36 6.55 54.21
CA LYS E 214 -45.97 5.23 54.14
C LYS E 214 -45.73 4.57 55.48
N GLU E 215 -46.71 3.84 55.97
CA GLU E 215 -46.52 3.14 57.25
C GLU E 215 -45.89 1.79 56.95
N VAL E 216 -44.65 1.87 56.51
CA VAL E 216 -43.86 0.72 56.18
C VAL E 216 -42.62 0.89 57.03
N GLU E 217 -42.21 -0.15 57.76
CA GLU E 217 -41.05 -0.01 58.62
C GLU E 217 -39.87 -0.82 58.09
N GLY E 218 -40.14 -2.02 57.61
CA GLY E 218 -39.05 -2.83 57.09
C GLY E 218 -39.46 -4.07 56.31
N PHE E 219 -38.46 -4.85 55.93
CA PHE E 219 -38.69 -6.08 55.16
C PHE E 219 -38.92 -7.33 55.99
N THR E 220 -39.50 -8.35 55.37
CA THR E 220 -39.73 -9.60 56.03
C THR E 220 -38.43 -10.40 56.00
N LYS E 221 -38.42 -11.53 56.69
CA LYS E 221 -37.22 -12.37 56.71
C LYS E 221 -37.16 -12.94 55.30
N SER E 222 -38.33 -13.30 54.79
CA SER E 222 -38.46 -13.84 53.45
C SER E 222 -37.75 -12.89 52.50
N ALA E 223 -38.24 -11.65 52.50
CA ALA E 223 -37.74 -10.57 51.67
C ALA E 223 -36.24 -10.46 51.67
N GLN E 224 -35.68 -10.10 52.81
CA GLN E 224 -34.25 -9.90 52.95
C GLN E 224 -33.39 -11.01 52.33
N GLU E 225 -33.92 -12.23 52.25
CA GLU E 225 -33.09 -13.29 51.69
C GLU E 225 -32.87 -12.98 50.24
N LEU E 226 -33.95 -12.55 49.59
CA LEU E 226 -33.95 -12.17 48.17
C LEU E 226 -32.97 -11.02 47.99
N LEU E 227 -33.24 -9.93 48.70
CA LEU E 227 -32.35 -8.78 48.63
C LEU E 227 -30.91 -9.21 48.78
N LEU E 228 -30.71 -10.49 49.00
CA LEU E 228 -29.36 -11.01 49.21
C LEU E 228 -28.89 -11.84 48.04
N SER E 229 -29.85 -12.61 47.55
CA SER E 229 -29.66 -13.47 46.40
C SER E 229 -29.34 -12.57 45.23
N TYR E 230 -30.37 -11.78 44.87
CA TYR E 230 -30.29 -10.83 43.77
C TYR E 230 -28.91 -10.18 43.67
N PRO E 231 -28.27 -10.33 42.51
CA PRO E 231 -26.93 -9.82 42.24
C PRO E 231 -26.77 -8.36 41.99
N TRP E 232 -27.82 -7.56 42.23
CA TRP E 232 -27.77 -6.11 41.97
C TRP E 232 -26.58 -5.74 41.12
N TYR E 233 -26.78 -5.75 39.79
CA TYR E 233 -25.71 -5.38 38.86
C TYR E 233 -25.68 -3.86 38.82
N GLY E 234 -26.80 -3.27 39.25
CA GLY E 234 -26.92 -1.84 39.30
C GLY E 234 -26.54 -1.32 40.68
N ASN E 235 -25.97 -2.23 41.46
CA ASN E 235 -25.46 -2.00 42.81
C ASN E 235 -26.30 -1.18 43.83
N VAL E 236 -25.58 -0.35 44.59
CA VAL E 236 -26.25 0.44 45.62
C VAL E 236 -27.41 1.20 44.98
N ARG E 237 -27.07 1.90 43.90
CA ARG E 237 -28.09 2.66 43.17
C ARG E 237 -29.18 1.69 42.79
N GLU E 238 -28.78 0.65 42.07
CA GLU E 238 -29.79 -0.27 41.64
C GLU E 238 -30.79 -0.52 42.76
N LEU E 239 -30.24 -0.80 43.94
CA LEU E 239 -31.05 -1.08 45.12
C LEU E 239 -31.96 0.12 45.47
N LYS E 240 -31.34 1.28 45.63
CA LYS E 240 -32.09 2.47 46.01
C LYS E 240 -33.41 2.60 45.28
N ASN E 241 -33.34 2.56 43.95
CA ASN E 241 -34.52 2.68 43.11
C ASN E 241 -35.54 1.59 43.49
N VAL E 242 -35.06 0.35 43.36
CA VAL E 242 -35.87 -0.81 43.62
C VAL E 242 -36.54 -0.84 44.97
N ILE E 243 -35.98 -0.16 45.98
CA ILE E 243 -36.66 -0.16 47.26
C ILE E 243 -37.73 0.92 47.21
N GLU E 244 -37.37 2.05 46.59
CA GLU E 244 -38.28 3.20 46.41
C GLU E 244 -39.57 2.74 45.72
N ARG E 245 -39.43 1.94 44.67
CA ARG E 245 -40.63 1.49 44.00
C ARG E 245 -41.44 0.72 45.05
N ALA E 246 -40.73 -0.20 45.70
CA ALA E 246 -41.26 -1.09 46.72
C ALA E 246 -41.94 -0.33 47.84
N VAL E 247 -41.23 0.66 48.37
CA VAL E 247 -41.76 1.48 49.43
C VAL E 247 -43.03 2.14 48.98
N LEU E 248 -43.08 2.45 47.68
CA LEU E 248 -44.22 3.14 47.06
C LEU E 248 -45.45 2.28 46.82
N PHE E 249 -45.24 1.08 46.31
CA PHE E 249 -46.36 0.17 46.09
C PHE E 249 -46.64 -0.58 47.39
N SER E 250 -45.89 -0.20 48.43
CA SER E 250 -46.00 -0.79 49.75
C SER E 250 -47.38 -0.62 50.37
N GLU E 251 -47.82 -1.66 51.08
CA GLU E 251 -49.13 -1.68 51.74
C GLU E 251 -49.03 -1.84 53.25
N GLY E 252 -48.71 -3.05 53.71
CA GLY E 252 -48.60 -3.30 55.13
C GLY E 252 -47.47 -2.49 55.74
N LYS E 253 -46.98 -2.90 56.89
CA LYS E 253 -45.86 -2.25 57.54
C LYS E 253 -44.61 -2.95 57.03
N PHE E 254 -44.88 -4.03 56.30
CA PHE E 254 -43.82 -4.85 55.76
C PHE E 254 -43.92 -5.10 54.26
N ILE E 255 -42.77 -5.09 53.66
CA ILE E 255 -42.57 -5.35 52.26
C ILE E 255 -42.05 -6.78 52.16
N ASP E 256 -42.86 -7.73 51.69
CA ASP E 256 -42.41 -9.12 51.63
C ASP E 256 -41.96 -9.66 50.30
N ARG E 257 -41.61 -10.94 50.29
CA ARG E 257 -41.17 -11.68 49.11
C ARG E 257 -41.94 -11.20 47.87
N GLY E 258 -43.23 -10.91 48.04
CA GLY E 258 -44.07 -10.45 46.94
C GLY E 258 -43.65 -9.13 46.28
N GLU E 259 -43.84 -8.01 46.97
CA GLU E 259 -43.48 -6.71 46.41
C GLU E 259 -42.15 -6.74 45.67
N LEU E 260 -41.12 -7.28 46.29
CA LEU E 260 -39.80 -7.33 45.66
C LEU E 260 -39.69 -8.38 44.57
N SER E 261 -40.73 -9.18 44.38
CA SER E 261 -40.68 -10.26 43.40
C SER E 261 -41.00 -9.91 41.95
N CYS E 262 -42.24 -9.50 41.69
CA CYS E 262 -42.70 -9.14 40.35
C CYS E 262 -41.96 -7.94 39.77
N LEU E 263 -40.80 -7.63 40.34
CA LEU E 263 -40.01 -6.50 39.94
C LEU E 263 -38.52 -6.87 40.06
N VAL E 264 -38.27 -8.16 40.27
CA VAL E 264 -36.91 -8.70 40.44
C VAL E 264 -36.91 -10.17 39.98
N GLU F 17 15.19 13.93 48.63
CA GLU F 17 15.73 15.20 48.04
C GLU F 17 16.56 14.93 46.76
N GLU F 18 17.64 14.15 46.91
CA GLU F 18 18.56 13.83 45.81
C GLU F 18 18.07 12.84 44.72
N TYR F 19 19.03 12.16 44.08
CA TYR F 19 18.74 11.21 43.03
C TYR F 19 19.38 9.85 43.24
N VAL F 20 18.72 8.81 42.72
CA VAL F 20 19.18 7.43 42.85
C VAL F 20 19.79 6.86 41.57
N PHE F 21 21.10 6.63 41.59
CA PHE F 21 21.79 6.06 40.43
C PHE F 21 22.71 4.90 40.85
N GLU F 22 22.16 3.97 41.61
CA GLU F 22 22.96 2.86 42.13
C GLU F 22 23.06 1.53 41.39
N SER F 23 22.53 1.43 40.17
CA SER F 23 22.64 0.17 39.46
C SER F 23 23.86 0.19 38.54
N PRO F 24 24.02 -0.84 37.71
CA PRO F 24 25.21 -0.77 36.86
C PRO F 24 25.03 0.24 35.71
N LYS F 25 23.98 0.02 34.91
CA LYS F 25 23.67 0.86 33.75
C LYS F 25 23.47 2.34 34.07
N MET F 26 22.61 2.64 35.03
CA MET F 26 22.34 4.02 35.41
C MET F 26 23.62 4.74 35.81
N LYS F 27 24.33 4.19 36.79
CA LYS F 27 25.57 4.83 37.24
C LYS F 27 26.53 4.97 36.05
N GLU F 28 26.31 4.15 35.03
CA GLU F 28 27.14 4.22 33.84
C GLU F 28 26.66 5.42 33.05
N ILE F 29 25.35 5.56 32.99
CA ILE F 29 24.72 6.67 32.29
C ILE F 29 25.01 7.98 33.01
N LEU F 30 24.92 7.97 34.34
CA LEU F 30 25.19 9.17 35.11
C LEU F 30 26.58 9.70 34.78
N GLU F 31 27.36 8.89 34.07
CA GLU F 31 28.70 9.31 33.68
C GLU F 31 28.77 9.83 32.25
N LYS F 32 27.92 9.30 31.36
CA LYS F 32 27.89 9.80 29.98
C LYS F 32 27.19 11.15 30.01
N ILE F 33 26.27 11.30 30.96
CA ILE F 33 25.54 12.56 31.13
C ILE F 33 26.54 13.67 31.44
N LYS F 34 27.60 13.32 32.16
CA LYS F 34 28.63 14.30 32.51
C LYS F 34 29.49 14.68 31.29
N LYS F 35 29.96 13.67 30.56
CA LYS F 35 30.79 13.89 29.37
C LYS F 35 30.08 14.70 28.28
N ILE F 36 28.76 14.77 28.39
CA ILE F 36 27.93 15.49 27.42
C ILE F 36 27.62 16.91 27.87
N SER F 37 26.98 17.05 29.02
CA SER F 37 26.63 18.37 29.56
C SER F 37 27.48 19.53 29.03
N CYS F 38 28.78 19.28 28.88
CA CYS F 38 29.70 20.29 28.38
C CYS F 38 29.71 20.36 26.84
N ALA F 39 28.59 20.03 26.22
CA ALA F 39 28.44 20.04 24.76
C ALA F 39 27.14 20.75 24.39
N GLU F 40 26.69 20.60 23.14
CA GLU F 40 25.46 21.27 22.72
C GLU F 40 24.61 20.60 21.64
N CYS F 41 24.97 19.38 21.22
CA CYS F 41 24.18 18.67 20.20
C CYS F 41 22.93 18.11 20.87
N PRO F 42 21.89 17.80 20.06
CA PRO F 42 20.67 17.25 20.65
C PRO F 42 20.89 15.82 21.13
N VAL F 43 20.21 15.47 22.21
CA VAL F 43 20.30 14.15 22.81
C VAL F 43 18.93 13.49 22.85
N LEU F 44 18.82 12.28 22.30
CA LEU F 44 17.55 11.57 22.29
C LEU F 44 17.46 10.53 23.42
N ILE F 45 16.43 10.67 24.24
CA ILE F 45 16.20 9.80 25.37
C ILE F 45 15.06 8.82 25.12
N THR F 46 15.37 7.53 25.07
CA THR F 46 14.33 6.52 24.90
C THR F 46 14.15 5.76 26.24
N GLY F 47 13.08 4.98 26.35
CA GLY F 47 12.84 4.23 27.58
C GLY F 47 11.38 4.18 27.99
N GLU F 48 10.89 3.01 28.39
CA GLU F 48 9.50 2.82 28.79
C GLU F 48 8.90 3.94 29.65
N SER F 49 7.60 3.88 29.86
CA SER F 49 6.91 4.91 30.62
C SER F 49 7.16 5.00 32.11
N GLY F 50 8.36 5.37 32.50
CA GLY F 50 8.58 5.48 33.93
C GLY F 50 10.05 5.52 34.30
N VAL F 51 10.91 5.00 33.44
CA VAL F 51 12.31 4.97 33.73
C VAL F 51 12.87 6.33 34.11
N GLY F 52 12.02 7.33 34.26
CA GLY F 52 12.50 8.65 34.60
C GLY F 52 13.30 9.23 33.43
N LYS F 53 12.65 9.42 32.29
CA LYS F 53 13.36 9.97 31.13
C LYS F 53 13.53 11.47 31.23
N GLU F 54 12.49 12.16 31.70
CA GLU F 54 12.57 13.59 31.87
C GLU F 54 13.76 13.83 32.79
N VAL F 55 13.65 13.30 34.00
CA VAL F 55 14.72 13.43 34.98
C VAL F 55 16.09 13.43 34.31
N VAL F 56 16.45 12.31 33.69
CA VAL F 56 17.75 12.22 33.04
C VAL F 56 18.04 13.46 32.19
N ALA F 57 17.00 14.04 31.60
CA ALA F 57 17.19 15.22 30.77
C ALA F 57 17.49 16.40 31.68
N ARG F 58 16.58 16.68 32.60
CA ARG F 58 16.76 17.77 33.54
C ARG F 58 18.14 17.72 34.20
N LEU F 59 18.71 16.54 34.31
CA LEU F 59 20.02 16.38 34.93
C LEU F 59 21.14 16.77 33.97
N ILE F 60 20.97 16.46 32.69
CA ILE F 60 21.96 16.79 31.67
C ILE F 60 22.02 18.30 31.50
N HIS F 61 20.97 18.97 32.01
CA HIS F 61 20.87 20.43 31.96
C HIS F 61 21.56 21.02 33.18
N LYS F 62 21.38 20.40 34.34
CA LYS F 62 22.02 20.87 35.56
C LYS F 62 23.53 20.61 35.54
N LEU F 63 24.04 20.12 34.41
CA LEU F 63 25.47 19.86 34.28
C LEU F 63 26.00 20.57 33.05
N SER F 64 25.08 21.01 32.21
CA SER F 64 25.43 21.71 30.97
C SER F 64 25.92 23.13 31.21
N ASP F 65 26.58 23.68 30.21
CA ASP F 65 27.16 25.02 30.26
C ASP F 65 26.12 26.14 30.26
N ARG F 66 24.86 25.79 30.45
CA ARG F 66 23.78 26.76 30.46
C ARG F 66 22.81 26.34 31.53
N SER F 67 23.32 25.56 32.47
CA SER F 67 22.54 25.03 33.59
C SER F 67 21.70 26.07 34.33
N LYS F 68 22.12 27.33 34.25
CA LYS F 68 21.41 28.40 34.91
C LYS F 68 20.43 29.02 33.91
N GLU F 69 20.64 28.69 32.64
CA GLU F 69 19.77 29.17 31.56
C GLU F 69 18.47 28.38 31.76
N PRO F 70 17.36 28.83 31.15
CA PRO F 70 16.10 28.11 31.32
C PRO F 70 16.01 26.70 30.71
N PHE F 71 15.14 25.89 31.29
CA PHE F 71 14.88 24.52 30.83
C PHE F 71 13.42 24.46 30.40
N VAL F 72 13.16 24.72 29.11
CA VAL F 72 11.80 24.65 28.62
C VAL F 72 11.49 23.21 28.30
N ALA F 73 10.37 22.74 28.86
CA ALA F 73 9.94 21.37 28.66
C ALA F 73 8.46 21.42 28.41
N LEU F 74 8.04 20.76 27.35
CA LEU F 74 6.64 20.72 26.97
C LEU F 74 6.22 19.28 26.68
N ASN F 75 4.94 19.02 26.80
CA ASN F 75 4.44 17.68 26.55
C ASN F 75 3.77 17.56 25.19
N VAL F 76 4.56 17.13 24.22
CA VAL F 76 4.10 16.97 22.84
C VAL F 76 2.70 16.40 22.60
N ALA F 77 2.10 15.74 23.57
CA ALA F 77 0.78 15.21 23.33
C ALA F 77 -0.25 16.00 24.10
N SER F 78 0.20 17.02 24.81
CA SER F 78 -0.70 17.88 25.62
C SER F 78 -1.24 19.08 24.84
N ILE F 79 -0.87 19.13 23.56
CA ILE F 79 -1.28 20.18 22.62
C ILE F 79 -1.70 19.48 21.32
N PRO F 80 -2.91 19.75 20.84
CA PRO F 80 -3.39 19.13 19.60
C PRO F 80 -2.40 19.29 18.45
N ARG F 81 -2.24 18.23 17.68
CA ARG F 81 -1.32 18.17 16.55
C ARG F 81 -1.24 19.44 15.70
N ASP F 82 -2.41 19.97 15.37
CA ASP F 82 -2.54 21.16 14.51
C ASP F 82 -1.97 22.49 15.02
N ILE F 83 -2.18 22.78 16.29
CA ILE F 83 -1.68 24.02 16.87
C ILE F 83 -0.21 23.93 17.17
N PHE F 84 0.28 22.70 17.30
CA PHE F 84 1.66 22.45 17.66
C PHE F 84 2.74 23.27 16.99
N GLU F 85 3.01 23.03 15.71
CA GLU F 85 4.06 23.80 15.02
C GLU F 85 3.91 25.27 15.38
N ALA F 86 2.67 25.74 15.34
CA ALA F 86 2.38 27.11 15.67
C ALA F 86 2.90 27.36 17.06
N GLU F 87 2.49 26.52 18.00
CA GLU F 87 2.92 26.67 19.39
C GLU F 87 4.43 26.55 19.54
N LEU F 88 4.97 25.48 18.98
CA LEU F 88 6.39 25.19 19.06
C LEU F 88 7.28 26.25 18.45
N PHE F 89 6.83 26.86 17.35
CA PHE F 89 7.62 27.90 16.69
C PHE F 89 6.97 29.28 16.77
N GLY F 90 5.70 29.30 17.12
CA GLY F 90 4.97 30.55 17.27
C GLY F 90 4.46 31.11 15.95
N TYR F 91 3.77 32.24 16.06
CA TYR F 91 3.24 32.92 14.90
C TYR F 91 3.11 34.41 15.20
N GLU F 92 2.23 35.09 14.46
CA GLU F 92 2.04 36.52 14.65
C GLU F 92 0.61 36.92 14.33
N LYS F 93 0.47 38.06 13.67
CA LYS F 93 -0.84 38.54 13.26
C LYS F 93 -1.25 37.62 12.13
N GLY F 94 -2.49 37.12 12.19
CA GLY F 94 -2.98 36.24 11.12
C GLY F 94 -2.53 34.81 11.32
N ALA F 95 -3.02 33.93 10.45
CA ALA F 95 -2.74 32.47 10.46
C ALA F 95 -4.08 31.88 10.06
N PHE F 96 -4.11 30.59 9.80
CA PHE F 96 -5.33 29.91 9.39
C PHE F 96 -6.55 30.23 10.24
N THR F 97 -6.37 30.35 11.55
CA THR F 97 -7.49 30.65 12.45
C THR F 97 -7.03 31.02 13.86
N GLY F 98 -7.89 31.77 14.56
CA GLY F 98 -7.63 32.19 15.92
C GLY F 98 -6.34 32.86 16.31
N ALA F 99 -5.33 32.88 15.45
CA ALA F 99 -4.05 33.51 15.80
C ALA F 99 -4.14 35.03 15.88
N VAL F 100 -4.12 35.58 17.09
CA VAL F 100 -4.18 37.03 17.27
C VAL F 100 -3.29 37.50 18.43
N SER F 101 -1.98 37.45 18.21
CA SER F 101 -0.96 37.84 19.17
C SER F 101 0.30 37.20 18.59
N SER F 102 1.47 37.46 19.15
CA SER F 102 2.72 36.89 18.64
C SER F 102 3.24 36.05 19.76
N LYS F 103 3.44 34.77 19.47
CA LYS F 103 3.93 33.95 20.54
C LYS F 103 5.35 33.44 20.50
N GLU F 104 6.29 34.19 19.88
CA GLU F 104 7.73 33.81 19.83
C GLU F 104 8.03 32.31 19.91
N GLY F 105 6.98 31.51 19.80
CA GLY F 105 7.06 30.05 19.90
C GLY F 105 8.05 29.43 20.90
N PHE F 106 7.59 28.54 21.76
CA PHE F 106 8.46 27.89 22.74
C PHE F 106 9.97 28.00 22.49
N PHE F 107 10.43 27.61 21.31
CA PHE F 107 11.86 27.67 21.00
C PHE F 107 12.56 28.90 21.53
N GLU F 108 12.23 30.06 20.97
CA GLU F 108 12.84 31.32 21.40
C GLU F 108 12.83 31.45 22.92
N LEU F 109 11.70 31.09 23.52
CA LEU F 109 11.51 31.16 24.96
C LEU F 109 12.69 30.49 25.67
N ALA F 110 13.40 29.63 24.93
CA ALA F 110 14.54 28.93 25.50
C ALA F 110 15.85 29.28 24.82
N ASP F 111 15.85 30.29 23.94
CA ASP F 111 17.08 30.66 23.25
C ASP F 111 18.22 30.66 24.26
N GLY F 112 19.27 29.92 23.97
CA GLY F 112 20.40 29.83 24.88
C GLY F 112 20.23 28.73 25.92
N GLY F 113 18.99 28.48 26.35
CA GLY F 113 18.71 27.45 27.34
C GLY F 113 18.53 26.04 26.78
N THR F 114 17.59 25.28 27.35
CA THR F 114 17.36 23.91 26.90
C THR F 114 15.88 23.56 26.71
N LEU F 115 15.56 22.99 25.56
CA LEU F 115 14.19 22.59 25.25
C LEU F 115 13.99 21.07 25.37
N PHE F 116 13.09 20.69 26.28
CA PHE F 116 12.76 19.29 26.52
C PHE F 116 11.45 18.96 25.81
N LEU F 117 11.57 18.27 24.68
CA LEU F 117 10.40 17.87 23.90
C LEU F 117 9.96 16.49 24.37
N ASP F 118 8.85 16.46 25.11
CA ASP F 118 8.34 15.22 25.67
C ASP F 118 7.52 14.29 24.78
N GLU F 119 8.14 13.19 24.38
CA GLU F 119 7.56 12.15 23.52
C GLU F 119 7.40 12.56 22.07
N ILE F 120 8.54 12.72 21.43
CA ILE F 120 8.66 13.09 20.03
C ILE F 120 7.64 12.43 19.11
N GLY F 121 7.78 11.10 18.95
CA GLY F 121 6.88 10.32 18.12
C GLY F 121 5.46 10.85 17.87
N GLU F 122 5.06 11.87 18.62
CA GLU F 122 3.76 12.48 18.45
C GLU F 122 3.78 13.68 17.47
N LEU F 123 4.98 14.13 17.11
CA LEU F 123 5.12 15.24 16.16
C LEU F 123 4.53 14.91 14.80
N SER F 124 4.09 15.96 14.11
CA SER F 124 3.52 15.84 12.77
C SER F 124 4.68 15.96 11.80
N LEU F 125 4.60 15.25 10.68
CA LEU F 125 5.69 15.28 9.73
C LEU F 125 6.09 16.72 9.41
N GLU F 126 5.10 17.62 9.48
CA GLU F 126 5.34 19.02 9.21
C GLU F 126 6.36 19.44 10.24
N ALA F 127 5.95 19.37 11.52
CA ALA F 127 6.79 19.74 12.67
C ALA F 127 8.13 19.05 12.64
N GLN F 128 8.13 17.74 12.42
CA GLN F 128 9.36 16.99 12.36
C GLN F 128 10.26 17.68 11.34
N ALA F 129 9.71 17.91 10.15
CA ALA F 129 10.46 18.56 9.08
C ALA F 129 10.91 19.96 9.50
N LYS F 130 9.98 20.77 9.99
CA LYS F 130 10.31 22.15 10.39
C LYS F 130 11.37 22.21 11.48
N LEU F 131 11.29 21.24 12.40
CA LEU F 131 12.21 21.12 13.53
C LEU F 131 13.60 20.77 13.00
N LEU F 132 13.66 19.64 12.27
CA LEU F 132 14.90 19.17 11.70
C LEU F 132 15.71 20.31 11.09
N ARG F 133 15.00 21.29 10.55
CA ARG F 133 15.63 22.45 9.93
C ARG F 133 16.25 23.33 11.02
N VAL F 134 15.46 23.61 12.06
CA VAL F 134 15.93 24.44 13.15
C VAL F 134 17.13 23.83 13.82
N ILE F 135 17.12 22.51 14.02
CA ILE F 135 18.26 21.85 14.66
C ILE F 135 19.55 22.25 13.96
N GLU F 136 19.57 22.12 12.63
CA GLU F 136 20.76 22.42 11.82
C GLU F 136 21.06 23.89 11.50
N SER F 137 20.06 24.62 11.03
CA SER F 137 20.24 26.02 10.70
C SER F 137 20.25 26.82 12.00
N GLY F 138 19.30 26.51 12.86
CA GLY F 138 19.20 27.24 14.11
C GLY F 138 18.39 28.47 13.79
N LYS F 139 17.85 28.51 12.58
CA LYS F 139 17.05 29.62 12.11
C LYS F 139 15.71 29.09 11.64
N PHE F 140 14.67 29.89 11.77
CA PHE F 140 13.34 29.46 11.35
C PHE F 140 12.37 30.64 11.26
N TYR F 141 11.33 30.47 10.45
CA TYR F 141 10.33 31.51 10.25
C TYR F 141 9.05 31.24 11.04
N ARG F 142 8.59 32.23 11.78
CA ARG F 142 7.34 32.10 12.55
C ARG F 142 6.29 31.65 11.53
N LEU F 143 5.38 30.76 11.90
CA LEU F 143 4.36 30.33 10.95
C LEU F 143 3.55 31.57 10.57
N GLY F 144 3.62 31.97 9.30
CA GLY F 144 2.92 33.15 8.85
C GLY F 144 3.75 34.42 8.99
N GLY F 145 4.97 34.26 9.48
CA GLY F 145 5.87 35.39 9.66
C GLY F 145 6.80 35.58 8.48
N ARG F 146 7.49 36.72 8.45
CA ARG F 146 8.39 37.03 7.35
C ARG F 146 9.83 37.30 7.75
N LYS F 147 10.16 37.10 9.02
CA LYS F 147 11.53 37.35 9.48
C LYS F 147 12.18 36.04 9.87
N GLU F 148 13.45 35.85 9.46
CA GLU F 148 14.17 34.62 9.80
C GLU F 148 14.71 34.68 11.23
N ILE F 149 14.00 34.04 12.15
CA ILE F 149 14.37 34.02 13.57
C ILE F 149 15.53 33.08 13.87
N GLU F 150 16.48 33.56 14.67
CA GLU F 150 17.64 32.77 15.04
C GLU F 150 17.67 32.57 16.55
N VAL F 151 18.02 31.35 16.97
CA VAL F 151 18.11 31.00 18.39
C VAL F 151 19.18 29.96 18.67
N ASN F 152 19.61 29.91 19.93
CA ASN F 152 20.61 28.95 20.36
C ASN F 152 19.96 28.02 21.37
N VAL F 153 19.12 27.12 20.87
CA VAL F 153 18.41 26.18 21.73
C VAL F 153 19.04 24.79 21.85
N ARG F 154 19.05 24.28 23.08
CA ARG F 154 19.57 22.96 23.41
C ARG F 154 18.31 22.09 23.38
N ILE F 155 18.20 21.24 22.36
CA ILE F 155 17.03 20.40 22.20
C ILE F 155 17.24 19.01 22.76
N LEU F 156 16.43 18.65 23.75
CA LEU F 156 16.50 17.33 24.37
C LEU F 156 15.23 16.55 24.01
N ALA F 157 15.44 15.53 23.19
CA ALA F 157 14.37 14.70 22.66
C ALA F 157 14.11 13.42 23.43
N ALA F 158 12.88 13.21 23.85
CA ALA F 158 12.53 12.01 24.59
C ALA F 158 11.21 11.39 24.12
N THR F 159 11.20 10.06 23.94
CA THR F 159 10.00 9.37 23.52
C THR F 159 9.98 7.93 24.00
N ASN F 160 8.79 7.46 24.37
CA ASN F 160 8.63 6.10 24.86
C ASN F 160 8.43 5.08 23.73
N ARG F 161 8.21 5.56 22.52
CA ARG F 161 8.01 4.69 21.37
C ARG F 161 9.31 4.40 20.66
N ASN F 162 9.30 3.38 19.82
CA ASN F 162 10.49 3.01 19.07
C ASN F 162 10.49 3.80 17.77
N ILE F 163 11.35 4.81 17.70
CA ILE F 163 11.45 5.65 16.50
C ILE F 163 11.66 4.79 15.26
N LYS F 164 12.81 4.13 15.19
CA LYS F 164 13.15 3.27 14.06
C LYS F 164 11.93 2.54 13.54
N GLU F 165 11.05 2.12 14.45
CA GLU F 165 9.84 1.43 14.04
C GLU F 165 9.11 2.45 13.20
N LEU F 166 8.77 3.56 13.85
CA LEU F 166 8.06 4.67 13.21
C LEU F 166 8.61 5.04 11.83
N VAL F 167 9.93 5.14 11.70
CA VAL F 167 10.54 5.49 10.42
C VAL F 167 10.01 4.57 9.34
N LYS F 168 9.89 3.28 9.67
CA LYS F 168 9.37 2.29 8.74
C LYS F 168 7.93 2.61 8.35
N GLU F 169 7.08 2.75 9.37
CA GLU F 169 5.67 3.06 9.13
C GLU F 169 5.57 4.39 8.38
N GLY F 170 6.69 5.10 8.30
CA GLY F 170 6.67 6.39 7.65
C GLY F 170 5.81 7.30 8.51
N LYS F 171 5.92 7.12 9.82
CA LYS F 171 5.18 7.91 10.80
C LYS F 171 6.18 8.85 11.47
N PHE F 172 7.38 8.91 10.90
CA PHE F 172 8.41 9.75 11.46
C PHE F 172 9.47 10.04 10.42
N ARG F 173 9.91 11.28 10.35
CA ARG F 173 10.94 11.66 9.39
C ARG F 173 12.24 10.94 9.66
N GLU F 174 12.75 10.25 8.65
CA GLU F 174 14.00 9.54 8.80
C GLU F 174 15.12 10.48 9.27
N ASP F 175 15.66 11.29 8.37
CA ASP F 175 16.75 12.20 8.73
C ASP F 175 16.61 13.01 10.02
N LEU F 176 15.40 13.11 10.55
CA LEU F 176 15.22 13.86 11.79
C LEU F 176 15.90 13.06 12.88
N TYR F 177 15.56 11.78 12.92
CA TYR F 177 16.12 10.81 13.87
C TYR F 177 17.64 10.80 13.83
N TYR F 178 18.21 10.60 12.64
CA TYR F 178 19.66 10.60 12.48
C TYR F 178 20.24 11.87 13.08
N ARG F 179 19.48 12.95 13.04
CA ARG F 179 19.91 14.24 13.56
C ARG F 179 19.79 14.34 15.06
N LEU F 180 18.95 13.48 15.64
CA LEU F 180 18.75 13.47 17.09
C LEU F 180 19.52 12.29 17.67
N GLY F 181 19.53 11.20 16.92
CA GLY F 181 20.23 10.01 17.33
C GLY F 181 21.74 10.22 17.35
N VAL F 182 22.15 11.45 17.63
CA VAL F 182 23.58 11.76 17.71
C VAL F 182 23.94 11.15 19.04
N ILE F 183 23.27 11.66 20.06
CA ILE F 183 23.47 11.18 21.40
C ILE F 183 22.21 10.47 21.79
N GLU F 184 22.27 9.15 21.77
CA GLU F 184 21.13 8.34 22.17
C GLU F 184 21.41 7.76 23.56
N ILE F 185 20.36 7.73 24.37
CA ILE F 185 20.49 7.23 25.70
C ILE F 185 19.33 6.30 26.00
N GLU F 186 19.67 5.02 26.08
CA GLU F 186 18.72 3.95 26.36
C GLU F 186 18.57 3.72 27.88
N ILE F 187 17.48 4.21 28.47
CA ILE F 187 17.24 4.04 29.89
C ILE F 187 16.31 2.88 30.10
N PRO F 188 16.87 1.71 30.41
CA PRO F 188 16.07 0.50 30.65
C PRO F 188 14.97 0.76 31.65
N PRO F 189 14.07 -0.22 31.82
CA PRO F 189 12.93 -0.17 32.76
C PRO F 189 13.45 -0.45 34.16
N LEU F 190 12.56 -0.49 35.16
CA LEU F 190 13.04 -0.75 36.51
C LEU F 190 13.35 -2.22 36.64
N ARG F 191 12.42 -3.03 36.14
CA ARG F 191 12.54 -4.47 36.20
C ARG F 191 13.77 -5.02 35.51
N GLU F 192 14.83 -4.24 35.43
CA GLU F 192 16.07 -4.69 34.81
C GLU F 192 17.24 -4.02 35.49
N ARG F 193 16.92 -3.08 36.36
CA ARG F 193 17.92 -2.32 37.10
C ARG F 193 17.77 -2.61 38.58
N LYS F 194 17.07 -3.70 38.89
CA LYS F 194 16.82 -4.10 40.27
C LYS F 194 17.65 -3.31 41.31
N GLU F 195 18.96 -3.29 41.10
CA GLU F 195 19.90 -2.61 41.97
C GLU F 195 19.36 -1.31 42.53
N ASP F 196 18.45 -0.67 41.80
CA ASP F 196 17.90 0.61 42.24
C ASP F 196 16.58 0.46 42.99
N ILE F 197 15.85 -0.61 42.70
CA ILE F 197 14.56 -0.78 43.34
C ILE F 197 14.51 -0.45 44.83
N ILE F 198 15.42 -1.05 45.59
CA ILE F 198 15.44 -0.81 47.04
C ILE F 198 16.08 0.53 47.38
N PRO F 199 17.21 0.87 46.76
CA PRO F 199 17.84 2.17 47.07
C PRO F 199 16.81 3.26 46.83
N LEU F 200 16.04 3.03 45.78
CA LEU F 200 15.02 3.95 45.39
C LEU F 200 13.95 3.91 46.44
N ALA F 201 13.30 2.77 46.57
CA ALA F 201 12.24 2.60 47.54
C ALA F 201 12.55 3.34 48.84
N ASN F 202 13.80 3.30 49.27
CA ASN F 202 14.20 3.97 50.51
C ASN F 202 13.98 5.45 50.32
N HIS F 203 14.63 5.97 49.29
CA HIS F 203 14.56 7.38 48.92
C HIS F 203 13.13 7.92 49.01
N PHE F 204 12.20 7.23 48.35
CA PHE F 204 10.81 7.66 48.39
C PHE F 204 10.30 7.54 49.81
N LEU F 205 10.75 6.49 50.50
CA LEU F 205 10.35 6.23 51.88
C LEU F 205 10.77 7.39 52.78
N LYS F 206 12.03 7.81 52.67
CA LYS F 206 12.49 8.93 53.47
C LYS F 206 11.51 10.07 53.23
N LYS F 207 11.51 10.52 51.99
CA LYS F 207 10.67 11.60 51.52
C LYS F 207 9.23 11.54 52.06
N PHE F 208 8.34 10.85 51.36
CA PHE F 208 6.95 10.76 51.78
C PHE F 208 6.76 10.67 53.28
N SER F 209 7.75 10.09 53.98
CA SER F 209 7.70 9.97 55.43
C SER F 209 7.72 11.39 56.01
N ARG F 210 8.71 12.15 55.55
CA ARG F 210 8.89 13.53 55.98
C ARG F 210 7.62 14.25 55.55
N LYS F 211 7.38 14.22 54.25
CA LYS F 211 6.23 14.87 53.62
C LYS F 211 4.92 14.72 54.37
N TYR F 212 4.59 13.50 54.77
CA TYR F 212 3.34 13.28 55.49
C TYR F 212 3.46 13.15 57.01
N ALA F 213 4.66 13.43 57.52
CA ALA F 213 4.92 13.37 58.96
C ALA F 213 4.69 11.94 59.45
N LYS F 214 5.64 11.06 59.12
CA LYS F 214 5.55 9.67 59.54
C LYS F 214 6.82 9.11 60.17
N GLU F 215 6.62 8.02 60.90
CA GLU F 215 7.70 7.34 61.59
C GLU F 215 8.11 6.10 60.82
N VAL F 216 8.21 6.22 59.50
CA VAL F 216 8.59 5.09 58.66
C VAL F 216 10.10 5.09 58.39
N GLU F 217 10.78 4.08 58.93
CA GLU F 217 12.23 3.96 58.79
C GLU F 217 12.71 2.96 57.76
N GLY F 218 11.82 2.08 57.29
CA GLY F 218 12.23 1.13 56.27
C GLY F 218 11.18 0.09 55.91
N PHE F 219 11.63 -0.88 55.13
CA PHE F 219 10.73 -1.97 54.77
C PHE F 219 11.23 -3.29 55.40
N THR F 220 10.29 -4.12 55.82
CA THR F 220 10.66 -5.42 56.36
C THR F 220 11.31 -6.08 55.15
N LYS F 221 11.93 -7.23 55.31
CA LYS F 221 12.59 -7.86 54.16
C LYS F 221 11.53 -8.69 53.47
N SER F 222 10.40 -8.83 54.18
CA SER F 222 9.28 -9.57 53.66
C SER F 222 8.91 -8.75 52.43
N ALA F 223 8.87 -7.44 52.63
CA ALA F 223 8.58 -6.46 51.59
C ALA F 223 9.84 -6.20 50.75
N GLN F 224 10.95 -5.78 51.34
CA GLN F 224 12.17 -5.56 50.56
C GLN F 224 12.22 -6.46 49.33
N GLU F 225 11.53 -7.59 49.41
CA GLU F 225 11.51 -8.60 48.33
C GLU F 225 10.37 -8.39 47.32
N LEU F 226 9.15 -8.14 47.83
CA LEU F 226 8.01 -7.86 46.94
C LEU F 226 8.60 -6.89 45.92
N LEU F 227 9.13 -5.81 46.46
CA LEU F 227 9.72 -4.78 45.68
C LEU F 227 10.76 -5.27 44.72
N LEU F 228 11.35 -6.44 44.88
CA LEU F 228 12.32 -6.83 43.85
C LEU F 228 11.64 -7.78 42.87
N SER F 229 10.49 -8.29 43.27
CA SER F 229 9.76 -9.24 42.45
C SER F 229 8.53 -8.57 41.86
N TYR F 230 8.75 -7.40 41.31
CA TYR F 230 7.67 -6.68 40.68
C TYR F 230 8.27 -6.21 39.40
N PRO F 231 7.50 -6.32 38.30
CA PRO F 231 7.95 -5.90 36.98
C PRO F 231 7.98 -4.39 36.88
N TRP F 232 7.19 -3.75 37.75
CA TRP F 232 7.07 -2.30 37.78
C TRP F 232 6.85 -1.84 36.35
N TYR F 233 5.63 -2.08 35.86
CA TYR F 233 5.27 -1.72 34.50
C TYR F 233 5.26 -0.18 34.44
N GLY F 234 5.43 0.42 35.62
CA GLY F 234 5.50 1.87 35.78
C GLY F 234 6.78 2.19 36.54
N ASN F 235 7.85 1.71 35.97
CA ASN F 235 9.17 1.89 36.50
C ASN F 235 9.27 3.23 37.18
N VAL F 236 9.81 3.23 38.39
CA VAL F 236 10.01 4.44 39.15
C VAL F 236 8.78 5.28 39.41
N ARG F 237 7.98 5.51 38.39
CA ARG F 237 6.77 6.26 38.59
C ARG F 237 5.90 5.47 39.52
N GLU F 238 5.65 4.23 39.13
CA GLU F 238 4.80 3.31 39.92
C GLU F 238 5.44 3.04 41.29
N LEU F 239 6.77 3.00 41.31
CA LEU F 239 7.46 2.79 42.56
C LEU F 239 6.98 3.97 43.34
N LYS F 240 7.63 5.12 43.14
CA LYS F 240 7.27 6.33 43.88
C LYS F 240 5.79 6.40 44.21
N ASN F 241 4.99 5.84 43.34
CA ASN F 241 3.60 5.92 43.58
C ASN F 241 3.18 4.94 44.62
N VAL F 242 3.65 3.72 44.48
CA VAL F 242 3.35 2.65 45.46
C VAL F 242 3.77 3.05 46.88
N ILE F 243 5.05 3.37 47.02
CA ILE F 243 5.60 3.77 48.28
C ILE F 243 4.75 4.82 48.95
N GLU F 244 4.71 6.01 48.38
CA GLU F 244 3.86 7.06 48.95
C GLU F 244 2.51 6.43 49.36
N ARG F 245 1.97 5.55 48.53
CA ARG F 245 0.69 4.97 48.87
C ARG F 245 0.84 4.26 50.20
N ALA F 246 1.95 3.53 50.29
CA ALA F 246 2.27 2.78 51.47
C ALA F 246 2.39 3.72 52.67
N VAL F 247 3.44 4.53 52.65
CA VAL F 247 3.71 5.49 53.70
C VAL F 247 2.48 6.16 54.24
N LEU F 248 1.39 6.08 53.51
CA LEU F 248 0.17 6.72 53.98
C LEU F 248 -0.66 5.74 54.75
N PHE F 249 -0.67 4.51 54.24
CA PHE F 249 -1.43 3.42 54.87
C PHE F 249 -0.60 2.84 56.02
N SER F 250 0.69 3.18 56.01
CA SER F 250 1.62 2.72 57.04
C SER F 250 1.12 3.03 58.43
N GLU F 251 1.50 2.16 59.37
CA GLU F 251 1.13 2.30 60.77
C GLU F 251 2.37 2.23 61.65
N GLY F 252 3.21 1.23 61.43
CA GLY F 252 4.39 1.06 62.24
C GLY F 252 5.52 1.98 61.87
N LYS F 253 6.74 1.47 61.99
CA LYS F 253 7.92 2.24 61.63
C LYS F 253 8.50 1.56 60.40
N PHE F 254 8.02 0.34 60.18
CA PHE F 254 8.47 -0.46 59.06
C PHE F 254 7.29 -0.87 58.22
N ILE F 255 7.51 -0.99 56.92
CA ILE F 255 6.47 -1.40 55.98
C ILE F 255 6.86 -2.76 55.39
N ASP F 256 5.94 -3.74 55.45
CA ASP F 256 6.22 -5.07 54.92
C ASP F 256 5.13 -5.53 53.97
N ARG F 257 5.40 -6.62 53.26
CA ARG F 257 4.44 -7.22 52.35
C ARG F 257 3.00 -6.80 52.69
N GLY F 258 2.69 -6.73 53.98
CA GLY F 258 1.35 -6.35 54.39
C GLY F 258 0.74 -5.12 53.69
N GLU F 259 1.44 -3.99 53.76
CA GLU F 259 0.95 -2.77 53.13
C GLU F 259 1.10 -2.88 51.61
N LEU F 260 2.32 -3.13 51.15
CA LEU F 260 2.59 -3.27 49.73
C LEU F 260 1.65 -4.24 48.99
N SER F 261 1.53 -5.47 49.48
CA SER F 261 0.69 -6.49 48.82
C SER F 261 -0.63 -5.96 48.27
N CYS F 262 -1.22 -4.99 48.97
CA CYS F 262 -2.48 -4.42 48.52
C CYS F 262 -2.24 -3.93 47.09
N LEU F 263 -1.11 -3.25 46.90
CA LEU F 263 -0.75 -2.73 45.59
C LEU F 263 0.06 -3.79 44.87
N VAL F 264 1.39 -3.68 44.95
CA VAL F 264 2.28 -4.64 44.28
C VAL F 264 1.92 -6.11 44.48
N GLU G 17 39.25 28.43 6.48
CA GLU G 17 39.41 27.29 5.51
C GLU G 17 38.33 27.27 4.39
N GLU G 18 37.90 26.08 3.95
CA GLU G 18 36.91 25.97 2.87
C GLU G 18 35.72 24.98 3.02
N TYR G 19 35.12 24.60 1.89
CA TYR G 19 33.97 23.67 1.82
C TYR G 19 34.49 22.35 1.21
N VAL G 20 33.61 21.39 0.93
CA VAL G 20 34.09 20.10 0.39
C VAL G 20 33.57 19.49 -0.91
N PHE G 21 34.41 19.48 -1.94
CA PHE G 21 34.09 18.90 -3.25
C PHE G 21 35.39 18.34 -3.81
N GLU G 22 35.43 17.03 -4.06
CA GLU G 22 36.64 16.41 -4.60
C GLU G 22 36.43 15.18 -5.49
N SER G 23 35.28 14.54 -5.40
CA SER G 23 35.02 13.36 -6.24
C SER G 23 34.75 13.84 -7.66
N PRO G 24 35.11 13.03 -8.67
CA PRO G 24 34.88 13.45 -10.05
C PRO G 24 33.48 14.03 -10.32
N LYS G 25 32.44 13.22 -10.16
CA LYS G 25 31.07 13.66 -10.41
C LYS G 25 30.68 14.94 -9.69
N MET G 26 31.37 15.25 -8.60
CA MET G 26 31.08 16.46 -7.84
C MET G 26 32.08 17.53 -8.21
N LYS G 27 33.29 17.09 -8.56
CA LYS G 27 34.36 17.97 -8.99
C LYS G 27 33.70 18.70 -10.15
N GLU G 28 32.79 17.95 -10.77
CA GLU G 28 32.02 18.35 -11.91
C GLU G 28 30.93 19.28 -11.44
N ILE G 29 29.87 18.67 -10.89
CA ILE G 29 28.73 19.43 -10.39
C ILE G 29 29.07 20.80 -9.84
N LEU G 30 30.25 20.98 -9.27
CA LEU G 30 30.60 22.30 -8.75
C LEU G 30 30.66 23.22 -9.97
N GLU G 31 31.46 22.84 -10.96
CA GLU G 31 31.59 23.64 -12.17
C GLU G 31 30.23 23.92 -12.79
N LYS G 32 29.45 22.89 -13.04
CA LYS G 32 28.13 23.11 -13.61
C LYS G 32 27.51 24.31 -12.87
N ILE G 33 27.66 24.34 -11.55
CA ILE G 33 27.15 25.42 -10.71
C ILE G 33 27.80 26.71 -11.17
N LYS G 34 29.14 26.72 -11.20
CA LYS G 34 29.90 27.88 -11.63
C LYS G 34 29.46 28.44 -12.99
N LYS G 35 29.28 27.57 -13.97
CA LYS G 35 28.84 28.00 -15.29
C LYS G 35 27.47 28.67 -15.13
N ILE G 36 26.49 27.90 -14.64
CA ILE G 36 25.13 28.38 -14.39
C ILE G 36 25.14 29.76 -13.74
N SER G 37 26.29 30.14 -13.19
CA SER G 37 26.44 31.43 -12.52
C SER G 37 25.59 32.52 -13.12
N CYS G 38 26.04 32.99 -14.26
CA CYS G 38 25.37 34.05 -14.98
C CYS G 38 23.96 33.72 -15.43
N ALA G 39 23.23 32.88 -14.71
CA ALA G 39 21.87 32.56 -15.18
C ALA G 39 20.80 32.82 -14.14
N GLU G 40 19.55 32.56 -14.52
CA GLU G 40 18.43 32.75 -13.62
C GLU G 40 17.32 31.74 -13.87
N CYS G 41 17.51 30.91 -14.88
CA CYS G 41 16.51 29.90 -15.19
C CYS G 41 16.39 29.04 -13.95
N PRO G 42 15.19 28.58 -13.64
CA PRO G 42 15.06 27.74 -12.45
C PRO G 42 16.04 26.55 -12.52
N VAL G 43 16.27 25.89 -11.40
CA VAL G 43 17.14 24.74 -11.40
C VAL G 43 16.50 23.61 -10.62
N LEU G 44 16.58 22.40 -11.16
CA LEU G 44 16.03 21.24 -10.47
C LEU G 44 17.11 20.30 -9.93
N ILE G 45 17.24 20.27 -8.61
CA ILE G 45 18.22 19.45 -7.93
C ILE G 45 17.60 18.17 -7.37
N THR G 46 18.25 17.04 -7.62
CA THR G 46 17.73 15.76 -7.13
C THR G 46 18.81 14.76 -6.69
N GLY G 47 18.62 14.25 -5.47
CA GLY G 47 19.52 13.28 -4.86
C GLY G 47 18.87 12.73 -3.59
N GLU G 48 19.32 11.57 -3.11
CA GLU G 48 18.74 10.97 -1.89
C GLU G 48 18.84 11.96 -0.73
N SER G 49 18.16 11.68 0.36
CA SER G 49 18.24 12.58 1.50
C SER G 49 19.70 12.76 1.86
N GLY G 50 20.06 13.87 2.48
CA GLY G 50 21.45 14.13 2.85
C GLY G 50 22.55 14.33 1.81
N VAL G 51 22.32 13.99 0.54
CA VAL G 51 23.37 14.12 -0.50
C VAL G 51 23.99 15.52 -0.73
N GLY G 52 23.34 16.57 -0.27
CA GLY G 52 23.92 17.87 -0.48
C GLY G 52 23.12 18.79 -1.38
N LYS G 53 21.90 18.37 -1.70
CA LYS G 53 21.04 19.19 -2.53
C LYS G 53 21.02 20.59 -1.92
N GLU G 54 20.25 20.80 -0.86
CA GLU G 54 20.20 22.11 -0.24
C GLU G 54 21.58 22.73 -0.03
N VAL G 55 22.65 21.99 -0.25
CA VAL G 55 23.94 22.61 -0.04
C VAL G 55 24.37 23.20 -1.35
N VAL G 56 23.88 22.59 -2.42
CA VAL G 56 24.16 23.06 -3.76
C VAL G 56 23.31 24.31 -4.01
N ALA G 57 22.00 24.25 -3.79
CA ALA G 57 21.17 25.45 -3.96
C ALA G 57 21.99 26.57 -3.35
N ARG G 58 22.13 26.54 -2.04
CA ARG G 58 22.91 27.56 -1.37
C ARG G 58 24.18 27.95 -2.11
N LEU G 59 24.86 27.02 -2.76
CA LEU G 59 26.09 27.36 -3.44
C LEU G 59 25.81 28.00 -4.77
N ILE G 60 24.76 27.52 -5.43
CA ILE G 60 24.36 28.07 -6.72
C ILE G 60 24.10 29.54 -6.46
N HIS G 61 23.27 29.83 -5.47
CA HIS G 61 22.98 31.21 -5.13
C HIS G 61 24.22 32.00 -4.64
N LYS G 62 25.17 31.37 -3.98
CA LYS G 62 26.32 32.12 -3.53
C LYS G 62 27.08 32.55 -4.77
N LEU G 63 26.87 31.78 -5.83
CA LEU G 63 27.56 32.01 -7.10
C LEU G 63 26.77 32.80 -8.16
N SER G 64 25.45 32.78 -8.06
CA SER G 64 24.63 33.49 -9.02
C SER G 64 25.00 34.95 -8.90
N ASP G 65 24.40 35.77 -9.75
CA ASP G 65 24.70 37.20 -9.75
C ASP G 65 24.11 37.83 -8.51
N ARG G 66 23.05 37.21 -7.99
CA ARG G 66 22.36 37.72 -6.83
C ARG G 66 22.76 37.06 -5.51
N SER G 67 24.06 36.84 -5.31
CA SER G 67 24.54 36.21 -4.07
C SER G 67 24.24 37.11 -2.88
N LYS G 68 24.55 38.38 -3.04
CA LYS G 68 24.32 39.31 -1.95
C LYS G 68 22.83 39.44 -1.68
N GLU G 69 22.00 39.05 -2.64
CA GLU G 69 20.55 39.14 -2.46
C GLU G 69 20.11 38.00 -1.55
N PRO G 70 18.92 38.13 -0.94
CA PRO G 70 18.40 37.11 -0.04
C PRO G 70 18.27 35.69 -0.58
N PHE G 71 18.16 34.76 0.36
CA PHE G 71 17.98 33.34 0.04
C PHE G 71 16.77 32.88 0.85
N VAL G 72 15.65 32.73 0.17
CA VAL G 72 14.45 32.31 0.85
C VAL G 72 14.15 30.84 0.64
N ALA G 73 14.76 30.03 1.50
CA ALA G 73 14.59 28.59 1.47
C ALA G 73 13.39 28.21 2.33
N LEU G 74 12.51 27.39 1.77
CA LEU G 74 11.36 26.94 2.53
C LEU G 74 11.04 25.49 2.21
N ASN G 75 10.99 24.68 3.26
CA ASN G 75 10.69 23.27 3.14
C ASN G 75 9.21 23.19 2.85
N VAL G 76 8.86 22.58 1.72
CA VAL G 76 7.47 22.46 1.37
C VAL G 76 6.74 21.46 2.23
N ALA G 77 7.50 20.70 3.03
CA ALA G 77 6.92 19.69 3.93
C ALA G 77 6.69 20.29 5.31
N SER G 78 7.43 21.36 5.60
CA SER G 78 7.33 22.04 6.88
C SER G 78 6.13 22.97 7.00
N ILE G 79 5.06 22.65 6.28
CA ILE G 79 3.83 23.47 6.30
C ILE G 79 2.64 22.66 5.79
N PRO G 80 1.56 22.57 6.61
CA PRO G 80 0.38 21.81 6.19
C PRO G 80 -0.13 22.18 4.79
N ARG G 81 -0.20 21.18 3.92
CA ARG G 81 -0.62 21.36 2.52
C ARG G 81 -1.75 22.38 2.28
N ASP G 82 -2.54 22.69 3.30
CA ASP G 82 -3.63 23.63 3.14
C ASP G 82 -3.26 25.09 3.42
N ILE G 83 -2.04 25.33 3.90
CA ILE G 83 -1.60 26.68 4.24
C ILE G 83 -0.37 27.11 3.44
N PHE G 84 0.05 26.24 2.52
CA PHE G 84 1.21 26.52 1.69
C PHE G 84 0.79 27.55 0.66
N GLU G 85 -0.41 27.35 0.12
CA GLU G 85 -0.98 28.24 -0.89
C GLU G 85 -1.51 29.47 -0.20
N ALA G 86 -0.93 29.78 0.95
CA ALA G 86 -1.35 30.92 1.70
C ALA G 86 -0.10 31.62 2.19
N GLU G 87 0.99 30.87 2.24
CA GLU G 87 2.19 31.48 2.74
C GLU G 87 3.25 31.64 1.66
N LEU G 88 3.24 30.77 0.66
CA LEU G 88 4.23 30.90 -0.40
C LEU G 88 4.01 32.24 -1.09
N PHE G 89 2.80 32.36 -1.63
CA PHE G 89 2.40 33.53 -2.36
C PHE G 89 2.06 34.67 -1.41
N GLY G 90 0.82 34.65 -0.90
CA GLY G 90 0.38 35.69 0.01
C GLY G 90 -1.11 35.49 0.16
N TYR G 91 -1.81 36.42 0.79
CA TYR G 91 -3.25 36.26 0.97
C TYR G 91 -4.05 37.55 0.89
N GLU G 92 -5.12 37.55 0.08
CA GLU G 92 -5.95 38.74 -0.01
C GLU G 92 -6.93 38.71 1.16
N LYS G 93 -6.97 39.81 1.91
CA LYS G 93 -7.83 39.99 3.11
C LYS G 93 -9.19 39.29 3.06
N GLY G 94 -9.76 39.09 4.25
CA GLY G 94 -11.06 38.47 4.37
C GLY G 94 -11.46 37.53 3.25
N ALA G 95 -10.84 36.36 3.24
CA ALA G 95 -11.12 35.31 2.25
C ALA G 95 -11.13 33.99 3.04
N PHE G 96 -10.58 34.09 4.24
CA PHE G 96 -10.49 32.98 5.19
C PHE G 96 -10.67 33.65 6.57
N THR G 97 -11.70 33.22 7.30
CA THR G 97 -12.01 33.77 8.62
C THR G 97 -10.77 34.22 9.39
N GLY G 98 -10.64 35.54 9.58
CA GLY G 98 -9.51 36.08 10.30
C GLY G 98 -8.32 36.43 9.42
N ALA G 99 -8.13 37.72 9.17
CA ALA G 99 -7.02 38.20 8.35
C ALA G 99 -6.62 39.57 8.88
N VAL G 100 -5.46 39.65 9.51
CA VAL G 100 -4.96 40.89 10.09
C VAL G 100 -4.47 41.91 9.06
N SER G 101 -4.20 41.41 7.85
CA SER G 101 -3.73 42.22 6.72
C SER G 101 -3.56 41.22 5.58
N SER G 102 -3.72 41.67 4.34
CA SER G 102 -3.52 40.75 3.23
C SER G 102 -2.09 40.21 3.45
N LYS G 103 -1.95 38.89 3.55
CA LYS G 103 -0.66 38.26 3.82
C LYS G 103 0.43 38.36 2.74
N GLU G 104 1.61 38.84 3.15
CA GLU G 104 2.78 38.98 2.27
C GLU G 104 3.12 37.59 1.71
N GLY G 105 4.33 37.43 1.20
CA GLY G 105 4.70 36.14 0.65
C GLY G 105 6.17 35.81 0.64
N PHE G 106 6.48 34.52 0.68
CA PHE G 106 7.86 34.09 0.65
C PHE G 106 8.34 34.43 -0.74
N PHE G 107 7.39 34.51 -1.67
CA PHE G 107 7.70 34.87 -3.03
C PHE G 107 8.10 36.34 -3.01
N GLU G 108 7.32 37.13 -2.27
CA GLU G 108 7.56 38.57 -2.13
C GLU G 108 8.78 38.83 -1.27
N LEU G 109 9.03 37.95 -0.29
CA LEU G 109 10.18 38.13 0.57
C LEU G 109 11.42 37.73 -0.24
N ALA G 110 11.22 36.77 -1.14
CA ALA G 110 12.29 36.27 -1.99
C ALA G 110 12.43 37.11 -3.26
N ASP G 111 11.59 38.13 -3.39
CA ASP G 111 11.65 39.00 -4.55
C ASP G 111 13.06 39.54 -4.64
N GLY G 112 13.62 39.50 -5.85
CA GLY G 112 14.97 40.00 -6.04
C GLY G 112 16.04 38.98 -5.71
N GLY G 113 15.64 37.90 -5.03
CA GLY G 113 16.56 36.86 -4.66
C GLY G 113 16.06 35.47 -5.02
N THR G 114 16.70 34.46 -4.44
CA THR G 114 16.37 33.06 -4.70
C THR G 114 15.28 32.49 -3.81
N LEU G 115 14.51 31.56 -4.35
CA LEU G 115 13.44 30.90 -3.62
C LEU G 115 13.64 29.42 -3.80
N PHE G 116 14.31 28.82 -2.82
CA PHE G 116 14.62 27.39 -2.82
C PHE G 116 13.50 26.53 -2.25
N LEU G 117 12.64 26.01 -3.11
CA LEU G 117 11.56 25.16 -2.64
C LEU G 117 12.12 23.76 -2.47
N ASP G 118 12.22 23.31 -1.22
CA ASP G 118 12.73 21.98 -0.95
C ASP G 118 11.61 20.97 -1.00
N GLU G 119 11.94 19.75 -1.41
CA GLU G 119 10.94 18.68 -1.50
C GLU G 119 9.76 19.12 -2.33
N ILE G 120 10.01 19.32 -3.61
CA ILE G 120 8.97 19.76 -4.54
C ILE G 120 7.80 18.79 -4.66
N GLY G 121 8.09 17.51 -4.86
CA GLY G 121 7.01 16.54 -5.00
C GLY G 121 5.85 16.75 -4.05
N GLU G 122 6.14 17.40 -2.93
CA GLU G 122 5.13 17.65 -1.91
C GLU G 122 4.31 18.91 -2.17
N LEU G 123 4.20 19.29 -3.44
CA LEU G 123 3.40 20.46 -3.79
C LEU G 123 2.04 20.00 -4.23
N SER G 124 1.01 20.68 -3.72
CA SER G 124 -0.36 20.33 -4.09
C SER G 124 -0.53 20.63 -5.58
N LEU G 125 -1.40 19.87 -6.25
CA LEU G 125 -1.62 20.16 -7.67
C LEU G 125 -1.97 21.65 -7.87
N GLU G 126 -2.75 22.20 -6.94
CA GLU G 126 -3.17 23.60 -6.99
C GLU G 126 -2.04 24.59 -6.97
N ALA G 127 -1.01 24.31 -6.17
CA ALA G 127 0.12 25.21 -6.10
C ALA G 127 1.10 24.88 -7.21
N GLN G 128 1.22 23.59 -7.56
CA GLN G 128 2.13 23.18 -8.62
C GLN G 128 1.77 24.04 -9.81
N ALA G 129 0.47 24.23 -10.01
CA ALA G 129 -0.01 25.05 -11.09
C ALA G 129 0.38 26.49 -10.76
N LYS G 130 -0.17 27.01 -9.67
CA LYS G 130 0.09 28.39 -9.27
C LYS G 130 1.56 28.82 -9.32
N LEU G 131 2.49 27.87 -9.20
CA LEU G 131 3.91 28.20 -9.25
C LEU G 131 4.24 28.41 -10.72
N LEU G 132 3.88 27.42 -11.53
CA LEU G 132 4.12 27.46 -12.97
C LEU G 132 3.76 28.83 -13.51
N ARG G 133 2.55 29.28 -13.18
CA ARG G 133 2.07 30.57 -13.63
C ARG G 133 3.02 31.70 -13.24
N VAL G 134 3.68 31.55 -12.10
CA VAL G 134 4.60 32.59 -11.63
C VAL G 134 6.03 32.40 -12.15
N ILE G 135 6.32 31.22 -12.71
CA ILE G 135 7.64 30.94 -13.25
C ILE G 135 7.72 31.53 -14.65
N GLU G 136 6.55 31.61 -15.29
CA GLU G 136 6.44 32.15 -16.66
C GLU G 136 6.08 33.64 -16.68
N SER G 137 4.98 33.99 -16.00
CA SER G 137 4.53 35.37 -15.95
C SER G 137 5.32 36.21 -14.94
N GLY G 138 5.61 35.62 -13.78
CA GLY G 138 6.37 36.33 -12.76
C GLY G 138 5.49 37.24 -11.93
N LYS G 139 4.20 37.21 -12.25
CA LYS G 139 3.22 38.02 -11.56
C LYS G 139 2.28 37.09 -10.80
N PHE G 140 1.81 37.54 -9.64
CA PHE G 140 0.89 36.73 -8.89
C PHE G 140 -0.05 37.59 -8.07
N TYR G 141 -1.17 36.99 -7.71
CA TYR G 141 -2.25 37.59 -6.95
C TYR G 141 -2.49 36.76 -5.68
N ARG G 142 -2.78 37.43 -4.57
CA ARG G 142 -3.04 36.74 -3.31
C ARG G 142 -4.50 36.33 -3.22
N LEU G 143 -4.81 35.09 -3.61
CA LEU G 143 -6.18 34.54 -3.62
C LEU G 143 -6.95 35.00 -4.88
N GLY G 144 -8.27 35.11 -4.78
CA GLY G 144 -9.12 35.53 -5.89
C GLY G 144 -8.96 37.00 -6.23
N GLY G 145 -8.86 37.30 -7.51
CA GLY G 145 -8.68 38.66 -7.96
C GLY G 145 -7.60 38.66 -9.02
N ARG G 146 -6.74 39.67 -8.99
CA ARG G 146 -5.66 39.75 -9.98
C ARG G 146 -4.31 40.14 -9.40
N LYS G 147 -3.27 39.93 -10.19
CA LYS G 147 -1.90 40.28 -9.81
C LYS G 147 -1.73 41.80 -9.68
N GLU G 148 -1.05 42.23 -8.61
CA GLU G 148 -0.81 43.64 -8.35
C GLU G 148 0.60 43.82 -7.78
N ILE G 149 1.40 42.76 -7.86
CA ILE G 149 2.77 42.78 -7.34
C ILE G 149 3.81 42.28 -8.35
N GLU G 150 5.02 42.83 -8.25
CA GLU G 150 6.11 42.46 -9.14
C GLU G 150 7.22 41.74 -8.40
N VAL G 151 7.39 40.46 -8.70
CA VAL G 151 8.42 39.65 -8.07
C VAL G 151 9.43 39.07 -9.06
N ASN G 152 10.70 39.25 -8.73
CA ASN G 152 11.81 38.75 -9.54
C ASN G 152 12.56 37.73 -8.67
N VAL G 153 12.08 36.48 -8.67
CA VAL G 153 12.68 35.44 -7.85
C VAL G 153 13.09 34.23 -8.67
N ARG G 154 14.34 33.81 -8.49
CA ARG G 154 14.87 32.65 -9.21
C ARG G 154 14.46 31.37 -8.50
N ILE G 155 13.71 30.52 -9.19
CA ILE G 155 13.25 29.28 -8.60
C ILE G 155 14.35 28.23 -8.50
N LEU G 156 14.42 27.55 -7.35
CA LEU G 156 15.41 26.50 -7.10
C LEU G 156 14.72 25.35 -6.39
N ALA G 157 14.27 24.38 -7.16
CA ALA G 157 13.57 23.24 -6.61
C ALA G 157 14.52 22.10 -6.37
N ALA G 158 14.29 21.39 -5.27
CA ALA G 158 15.11 20.25 -4.89
C ALA G 158 14.13 19.28 -4.33
N THR G 159 14.26 18.03 -4.76
CA THR G 159 13.39 16.99 -4.29
C THR G 159 14.22 15.71 -4.26
N ASN G 160 13.84 14.77 -3.40
CA ASN G 160 14.57 13.50 -3.30
C ASN G 160 13.83 12.39 -4.02
N ARG G 161 12.61 12.67 -4.45
CA ARG G 161 11.82 11.68 -5.17
C ARG G 161 12.17 11.79 -6.65
N ASN G 162 11.73 10.83 -7.44
CA ASN G 162 11.98 10.86 -8.88
C ASN G 162 10.80 11.56 -9.53
N ILE G 163 11.03 12.78 -10.03
CA ILE G 163 9.97 13.56 -10.64
C ILE G 163 9.20 12.83 -11.73
N LYS G 164 9.93 12.44 -12.77
CA LYS G 164 9.34 11.73 -13.89
C LYS G 164 8.27 10.74 -13.43
N GLU G 165 8.66 9.81 -12.56
CA GLU G 165 7.71 8.83 -12.06
C GLU G 165 6.41 9.55 -11.71
N LEU G 166 6.48 10.41 -10.69
CA LEU G 166 5.34 11.19 -10.22
C LEU G 166 4.47 11.73 -11.34
N VAL G 167 5.06 11.94 -12.50
CA VAL G 167 4.31 12.46 -13.63
C VAL G 167 3.34 11.40 -14.18
N LYS G 168 3.74 10.12 -14.15
CA LYS G 168 2.85 9.05 -14.61
C LYS G 168 1.84 8.68 -13.51
N GLU G 169 2.09 9.20 -12.31
CA GLU G 169 1.19 8.94 -11.21
C GLU G 169 0.19 10.09 -11.16
N GLY G 170 0.48 11.14 -11.92
CA GLY G 170 -0.41 12.30 -11.98
C GLY G 170 -0.31 13.22 -10.78
N LYS G 171 0.63 12.90 -9.88
CA LYS G 171 0.85 13.69 -8.67
C LYS G 171 1.71 14.90 -8.96
N PHE G 172 2.31 14.95 -10.15
CA PHE G 172 3.18 16.05 -10.52
C PHE G 172 2.98 16.56 -11.94
N ARG G 173 2.58 17.82 -12.04
CA ARG G 173 2.35 18.48 -13.32
C ARG G 173 3.60 18.38 -14.19
N GLU G 174 3.45 17.87 -15.41
CA GLU G 174 4.58 17.72 -16.34
C GLU G 174 5.15 19.05 -16.83
N ASP G 175 4.28 19.92 -17.31
CA ASP G 175 4.69 21.21 -17.81
C ASP G 175 5.45 22.01 -16.77
N LEU G 176 5.15 21.76 -15.50
CA LEU G 176 5.84 22.44 -14.39
C LEU G 176 7.22 21.78 -14.26
N TYR G 177 7.31 20.51 -14.66
CA TYR G 177 8.56 19.79 -14.62
C TYR G 177 9.55 20.44 -15.59
N TYR G 178 9.21 20.38 -16.87
CA TYR G 178 10.07 20.94 -17.91
C TYR G 178 10.40 22.42 -17.63
N ARG G 179 9.48 23.15 -17.01
CA ARG G 179 9.73 24.55 -16.69
C ARG G 179 10.86 24.70 -15.68
N LEU G 180 10.88 23.86 -14.64
CA LEU G 180 11.95 23.87 -13.61
C LEU G 180 13.13 23.06 -14.14
N GLY G 181 12.84 22.17 -15.08
CA GLY G 181 13.85 21.32 -15.70
C GLY G 181 14.76 21.99 -16.71
N VAL G 182 14.88 23.31 -16.59
CA VAL G 182 15.74 24.05 -17.50
C VAL G 182 17.14 23.52 -17.21
N ILE G 183 17.60 23.77 -16.00
CA ILE G 183 18.89 23.28 -15.58
C ILE G 183 18.59 22.20 -14.56
N GLU G 184 19.18 21.02 -14.74
CA GLU G 184 18.93 19.92 -13.82
C GLU G 184 20.21 19.29 -13.29
N ILE G 185 20.33 19.30 -11.96
CA ILE G 185 21.50 18.73 -11.33
C ILE G 185 21.05 17.57 -10.49
N GLU G 186 21.82 16.48 -10.60
CA GLU G 186 21.53 15.23 -9.88
C GLU G 186 22.70 14.82 -8.99
N ILE G 187 22.50 14.92 -7.67
CA ILE G 187 23.52 14.56 -6.70
C ILE G 187 23.53 13.06 -6.38
N PRO G 188 24.63 12.38 -6.71
CA PRO G 188 24.75 10.95 -6.45
C PRO G 188 24.99 10.68 -4.96
N PRO G 189 24.28 9.69 -4.37
CA PRO G 189 24.45 9.37 -2.95
C PRO G 189 25.91 9.25 -2.59
N LEU G 190 26.20 9.36 -1.29
CA LEU G 190 27.57 9.32 -0.85
C LEU G 190 28.27 8.07 -1.31
N ARG G 191 27.56 6.95 -1.18
CA ARG G 191 28.09 5.64 -1.54
C ARG G 191 28.65 5.54 -2.96
N GLU G 192 28.56 6.60 -3.74
CA GLU G 192 29.09 6.59 -5.11
C GLU G 192 30.16 7.63 -5.24
N ARG G 193 30.22 8.53 -4.27
CA ARG G 193 31.22 9.57 -4.26
C ARG G 193 32.24 9.24 -3.17
N LYS G 194 32.66 8.00 -3.13
CA LYS G 194 33.62 7.54 -2.14
C LYS G 194 34.81 8.48 -1.91
N GLU G 195 35.31 9.08 -2.98
CA GLU G 195 36.46 9.98 -2.84
C GLU G 195 36.14 11.12 -1.89
N ASP G 196 34.85 11.35 -1.67
CA ASP G 196 34.38 12.43 -0.79
C ASP G 196 34.31 12.07 0.69
N ILE G 197 33.87 10.84 0.98
CA ILE G 197 33.72 10.33 2.34
C ILE G 197 34.90 10.67 3.25
N ILE G 198 36.10 10.27 2.83
CA ILE G 198 37.31 10.52 3.60
C ILE G 198 37.58 12.00 3.84
N PRO G 199 37.71 12.80 2.76
CA PRO G 199 37.98 14.24 2.89
C PRO G 199 36.85 14.93 3.65
N LEU G 200 35.63 14.46 3.42
CA LEU G 200 34.47 15.01 4.07
C LEU G 200 34.52 14.63 5.55
N ALA G 201 35.30 13.60 5.84
CA ALA G 201 35.46 13.11 7.19
C ALA G 201 36.32 14.06 8.04
N ASN G 202 37.54 14.34 7.58
CA ASN G 202 38.42 15.23 8.31
C ASN G 202 37.85 16.64 8.46
N HIS G 203 37.05 17.07 7.50
CA HIS G 203 36.44 18.40 7.57
C HIS G 203 35.64 18.42 8.86
N PHE G 204 34.70 17.50 8.95
CA PHE G 204 33.84 17.37 10.12
C PHE G 204 34.66 17.20 11.39
N LEU G 205 35.43 16.13 11.43
CA LEU G 205 36.25 15.84 12.59
C LEU G 205 36.90 17.13 13.04
N LYS G 206 37.63 17.75 12.13
CA LYS G 206 38.34 18.99 12.41
C LYS G 206 37.41 20.05 12.95
N LYS G 207 36.18 20.08 12.45
CA LYS G 207 35.21 21.07 12.88
C LYS G 207 34.79 20.90 14.33
N PHE G 208 34.29 19.71 14.68
CA PHE G 208 33.83 19.44 16.04
C PHE G 208 34.98 19.36 17.02
N SER G 209 36.10 18.79 16.57
CA SER G 209 37.30 18.68 17.39
C SER G 209 37.62 20.07 17.93
N ARG G 210 37.08 21.05 17.23
CA ARG G 210 37.25 22.44 17.60
C ARG G 210 36.08 22.78 18.51
N LYS G 211 34.91 22.99 17.92
CA LYS G 211 33.70 23.33 18.69
C LYS G 211 33.60 22.54 19.98
N TYR G 212 33.89 21.25 19.93
CA TYR G 212 33.79 20.39 21.11
C TYR G 212 35.05 20.24 21.97
N ALA G 213 36.16 20.82 21.52
CA ALA G 213 37.42 20.79 22.26
C ALA G 213 38.01 19.41 22.54
N LYS G 214 38.41 18.70 21.50
CA LYS G 214 39.02 17.38 21.64
C LYS G 214 40.30 17.45 20.84
N GLU G 215 41.36 16.85 21.34
CA GLU G 215 42.62 16.91 20.64
C GLU G 215 42.66 16.04 19.40
N VAL G 216 41.50 15.58 18.95
CA VAL G 216 41.40 14.73 17.76
C VAL G 216 42.13 15.31 16.55
N GLU G 217 42.93 14.48 15.87
CA GLU G 217 43.67 14.93 14.70
C GLU G 217 43.18 14.34 13.40
N GLY G 218 42.76 13.08 13.45
CA GLY G 218 42.28 12.44 12.24
C GLY G 218 41.80 11.03 12.50
N PHE G 219 41.65 10.26 11.43
CA PHE G 219 41.19 8.89 11.56
C PHE G 219 42.35 7.93 11.37
N THR G 220 42.11 6.66 11.70
CA THR G 220 43.13 5.63 11.57
C THR G 220 42.82 4.85 10.30
N LYS G 221 43.85 4.50 9.53
CA LYS G 221 43.67 3.72 8.31
C LYS G 221 42.68 2.63 8.63
N SER G 222 42.59 2.35 9.92
CA SER G 222 41.68 1.35 10.46
C SER G 222 40.25 1.79 10.13
N ALA G 223 39.84 2.91 10.72
CA ALA G 223 38.51 3.47 10.55
C ALA G 223 38.22 3.97 9.14
N GLN G 224 39.17 4.71 8.56
CA GLN G 224 39.00 5.24 7.21
C GLN G 224 38.39 4.15 6.28
N GLU G 225 39.07 3.02 6.15
CA GLU G 225 38.57 1.92 5.29
C GLU G 225 37.14 1.58 5.67
N LEU G 226 36.83 1.70 6.96
CA LEU G 226 35.49 1.40 7.45
C LEU G 226 34.55 2.38 6.77
N LEU G 227 34.77 3.66 7.05
CA LEU G 227 33.96 4.72 6.46
C LEU G 227 33.80 4.50 4.96
N LEU G 228 34.91 4.30 4.26
CA LEU G 228 34.90 4.10 2.81
C LEU G 228 34.15 2.84 2.36
N SER G 229 33.63 2.07 3.32
CA SER G 229 32.90 0.86 2.99
C SER G 229 31.43 0.97 3.36
N TYR G 230 31.15 1.70 4.43
CA TYR G 230 29.77 1.90 4.88
C TYR G 230 28.96 2.55 3.76
N PRO G 231 27.74 2.03 3.49
CA PRO G 231 26.87 2.57 2.44
C PRO G 231 26.29 4.00 2.65
N TRP G 232 26.09 4.39 3.91
CA TRP G 232 25.57 5.72 4.22
C TRP G 232 24.29 5.96 3.42
N TYR G 233 23.18 5.51 3.97
CA TYR G 233 21.90 5.67 3.32
C TYR G 233 21.39 7.07 3.51
N GLY G 234 21.87 7.74 4.55
CA GLY G 234 21.49 9.12 4.79
C GLY G 234 22.82 9.79 4.55
N ASN G 235 23.40 9.34 3.44
CA ASN G 235 24.68 9.81 2.97
C ASN G 235 25.00 11.24 3.42
N VAL G 236 26.23 11.45 3.86
CA VAL G 236 26.67 12.77 4.26
C VAL G 236 25.89 13.37 5.40
N ARG G 237 24.60 13.09 5.48
CA ARG G 237 23.82 13.60 6.60
C ARG G 237 24.28 12.76 7.77
N GLU G 238 24.38 11.47 7.48
CA GLU G 238 24.79 10.46 8.43
C GLU G 238 26.23 10.75 8.74
N LEU G 239 27.08 10.61 7.74
CA LEU G 239 28.49 10.84 7.92
C LEU G 239 28.77 12.04 8.80
N LYS G 240 27.90 13.04 8.79
CA LYS G 240 28.16 14.20 9.62
C LYS G 240 27.85 13.88 11.08
N ASN G 241 26.70 13.27 11.30
CA ASN G 241 26.30 12.91 12.66
C ASN G 241 27.18 11.82 13.25
N VAL G 242 27.39 10.75 12.48
CA VAL G 242 28.25 9.68 12.95
C VAL G 242 29.50 10.31 13.55
N ILE G 243 30.28 10.98 12.71
CA ILE G 243 31.51 11.63 13.15
C ILE G 243 31.38 12.66 14.27
N GLU G 244 30.26 13.35 14.37
CA GLU G 244 30.14 14.33 15.45
C GLU G 244 30.17 13.54 16.75
N ARG G 245 29.61 12.34 16.70
CA ARG G 245 29.58 11.44 17.85
C ARG G 245 31.03 11.02 18.13
N ALA G 246 31.56 10.20 17.24
CA ALA G 246 32.92 9.68 17.33
C ALA G 246 33.95 10.66 17.87
N VAL G 247 33.68 11.94 17.75
CA VAL G 247 34.63 12.92 18.27
C VAL G 247 34.35 13.17 19.75
N LEU G 248 33.07 13.28 20.11
CA LEU G 248 32.69 13.53 21.50
C LEU G 248 33.34 12.54 22.47
N PHE G 249 33.41 11.28 22.07
CA PHE G 249 34.00 10.26 22.92
C PHE G 249 35.42 10.00 22.47
N SER G 250 36.19 11.07 22.32
CA SER G 250 37.57 10.93 21.92
C SER G 250 38.49 11.22 23.09
N GLU G 251 39.46 10.33 23.29
CA GLU G 251 40.43 10.48 24.35
C GLU G 251 41.79 10.64 23.66
N GLY G 252 42.07 9.73 22.73
CA GLY G 252 43.31 9.79 21.98
C GLY G 252 43.14 10.66 20.74
N LYS G 253 44.22 11.30 20.31
CA LYS G 253 44.20 12.17 19.14
C LYS G 253 43.50 11.53 17.94
N PHE G 254 43.77 10.24 17.74
CA PHE G 254 43.20 9.50 16.62
C PHE G 254 41.94 8.71 16.93
N ILE G 255 41.21 8.37 15.88
CA ILE G 255 39.98 7.59 16.02
C ILE G 255 40.10 6.40 15.07
N ASP G 256 39.86 5.20 15.61
CA ASP G 256 39.96 3.97 14.82
C ASP G 256 38.69 3.11 14.83
N ARG G 257 38.77 1.97 14.16
CA ARG G 257 37.67 1.03 14.06
C ARG G 257 36.90 0.93 15.37
N GLY G 258 37.58 1.25 16.46
CA GLY G 258 36.98 1.19 17.78
C GLY G 258 35.79 2.09 18.04
N GLU G 259 35.97 3.40 17.88
CA GLU G 259 34.90 4.35 18.14
C GLU G 259 33.76 4.32 17.09
N LEU G 260 34.09 3.92 15.86
CA LEU G 260 33.11 3.86 14.78
C LEU G 260 32.26 2.60 14.79
N SER G 261 32.92 1.45 14.84
CA SER G 261 32.25 0.14 14.82
C SER G 261 31.04 0.02 15.74
N CYS G 262 31.26 0.25 17.04
CA CYS G 262 30.18 0.16 18.03
C CYS G 262 29.05 1.14 17.68
N LEU G 263 29.23 1.87 16.59
CA LEU G 263 28.24 2.85 16.17
C LEU G 263 27.69 2.56 14.76
N VAL G 264 28.59 2.45 13.78
CA VAL G 264 28.18 2.22 12.39
C VAL G 264 27.78 0.79 12.04
N GLU H 18 46.83 -35.81 37.49
CA GLU H 18 47.55 -34.57 37.93
C GLU H 18 46.68 -33.75 38.88
N TYR H 19 47.36 -32.94 39.69
CA TYR H 19 46.74 -32.09 40.72
C TYR H 19 45.77 -31.00 40.23
N VAL H 20 45.22 -30.31 41.23
CA VAL H 20 44.27 -29.22 41.03
C VAL H 20 44.89 -27.99 41.70
N PHE H 21 44.19 -26.86 41.70
CA PHE H 21 44.71 -25.65 42.34
C PHE H 21 43.69 -24.52 42.50
N GLU H 22 43.39 -24.24 43.76
CA GLU H 22 42.50 -23.18 44.08
C GLU H 22 42.77 -22.52 45.41
N SER H 23 41.92 -21.94 46.12
CA SER H 23 42.03 -20.75 46.97
C SER H 23 40.83 -19.81 46.75
N PRO H 24 40.73 -18.93 47.74
CA PRO H 24 39.73 -17.85 47.70
C PRO H 24 38.33 -18.44 47.52
N LYS H 25 37.50 -17.77 46.65
CA LYS H 25 36.15 -18.27 46.40
C LYS H 25 36.13 -19.63 45.68
N MET H 26 37.29 -20.06 45.19
CA MET H 26 37.38 -21.35 44.50
C MET H 26 37.16 -22.52 45.46
N LYS H 27 37.73 -22.40 46.66
CA LYS H 27 37.60 -23.44 47.67
C LYS H 27 36.14 -23.46 48.07
N GLU H 28 35.56 -22.27 48.15
CA GLU H 28 34.15 -22.14 48.49
C GLU H 28 33.40 -22.94 47.43
N ILE H 29 33.93 -22.90 46.21
CA ILE H 29 33.35 -23.60 45.09
C ILE H 29 33.59 -25.10 45.13
N LEU H 30 34.80 -25.49 45.55
CA LEU H 30 35.16 -26.92 45.63
C LEU H 30 34.15 -27.72 46.44
N GLU H 31 33.66 -27.11 47.51
CA GLU H 31 32.68 -27.78 48.33
C GLU H 31 31.38 -27.87 47.54
N LYS H 32 30.97 -26.76 46.93
CA LYS H 32 29.76 -26.76 46.12
C LYS H 32 29.93 -27.83 45.04
N ILE H 33 31.06 -27.79 44.34
CA ILE H 33 31.37 -28.74 43.28
C ILE H 33 31.18 -30.14 43.85
N LYS H 34 31.55 -30.32 45.11
CA LYS H 34 31.43 -31.60 45.79
C LYS H 34 29.98 -32.03 46.04
N LYS H 35 29.21 -31.17 46.71
CA LYS H 35 27.81 -31.49 47.01
C LYS H 35 26.98 -31.65 45.75
N ILE H 36 27.43 -31.04 44.66
CA ILE H 36 26.71 -31.12 43.39
C ILE H 36 27.00 -32.40 42.64
N SER H 37 28.24 -32.83 42.67
CA SER H 37 28.65 -34.05 41.98
C SER H 37 27.65 -35.19 42.12
N CYS H 38 27.17 -35.42 43.34
CA CYS H 38 26.21 -36.50 43.59
C CYS H 38 24.82 -36.17 43.02
N ALA H 39 24.77 -35.26 42.07
CA ALA H 39 23.51 -34.84 41.45
C ALA H 39 23.34 -35.33 40.02
N GLU H 40 22.42 -34.69 39.29
CA GLU H 40 22.13 -35.02 37.90
C GLU H 40 21.66 -33.80 37.13
N CYS H 41 21.21 -32.79 37.86
CA CYS H 41 20.70 -31.57 37.24
C CYS H 41 21.72 -30.83 36.36
N PRO H 42 21.23 -29.87 35.56
CA PRO H 42 22.09 -29.09 34.68
C PRO H 42 22.93 -28.12 35.48
N VAL H 43 24.10 -27.79 34.95
CA VAL H 43 25.01 -26.89 35.64
C VAL H 43 25.54 -25.79 34.72
N LEU H 44 25.15 -24.55 34.96
CA LEU H 44 25.67 -23.46 34.14
C LEU H 44 26.97 -22.97 34.76
N ILE H 45 27.96 -22.67 33.92
CA ILE H 45 29.26 -22.22 34.38
C ILE H 45 29.74 -20.99 33.62
N THR H 46 29.59 -19.81 34.20
CA THR H 46 30.01 -18.57 33.55
C THR H 46 31.43 -18.15 33.90
N GLY H 47 31.73 -16.87 33.69
CA GLY H 47 33.04 -16.32 34.00
C GLY H 47 33.79 -15.83 32.78
N GLU H 48 34.96 -15.24 32.97
CA GLU H 48 35.74 -14.75 31.84
C GLU H 48 36.49 -15.88 31.13
N SER H 49 36.83 -15.67 29.86
CA SER H 49 37.54 -16.67 29.08
C SER H 49 38.96 -16.88 29.60
N GLY H 50 39.18 -18.01 30.27
CA GLY H 50 40.48 -18.34 30.81
C GLY H 50 40.46 -18.66 32.29
N VAL H 51 39.27 -18.61 32.88
CA VAL H 51 39.09 -18.89 34.31
C VAL H 51 39.11 -20.38 34.68
N GLY H 52 39.09 -21.25 33.67
CA GLY H 52 39.10 -22.67 33.94
C GLY H 52 37.73 -23.34 34.00
N LYS H 53 36.73 -22.74 33.36
CA LYS H 53 35.37 -23.28 33.38
C LYS H 53 35.35 -24.76 33.00
N GLU H 54 36.13 -25.10 31.98
CA GLU H 54 36.23 -26.47 31.50
C GLU H 54 36.79 -27.36 32.61
N VAL H 55 37.68 -26.82 33.42
CA VAL H 55 38.28 -27.59 34.49
C VAL H 55 37.20 -27.81 35.53
N VAL H 56 36.51 -26.73 35.90
CA VAL H 56 35.43 -26.85 36.87
C VAL H 56 34.53 -27.96 36.41
N ALA H 57 34.14 -27.90 35.15
CA ALA H 57 33.29 -28.91 34.57
C ALA H 57 34.00 -30.25 34.74
N ARG H 58 35.13 -30.38 34.04
CA ARG H 58 35.94 -31.59 34.10
C ARG H 58 35.80 -32.17 35.48
N LEU H 59 36.07 -31.31 36.46
CA LEU H 59 35.99 -31.68 37.86
C LEU H 59 34.64 -32.30 38.22
N ILE H 60 33.59 -31.51 38.11
CA ILE H 60 32.24 -31.97 38.44
C ILE H 60 31.94 -33.36 37.88
N HIS H 61 32.69 -33.77 36.87
CA HIS H 61 32.50 -35.10 36.30
C HIS H 61 33.24 -36.10 37.20
N LYS H 62 34.52 -35.82 37.45
CA LYS H 62 35.36 -36.68 38.29
C LYS H 62 34.76 -37.02 39.65
N LEU H 63 33.95 -36.12 40.18
CA LEU H 63 33.34 -36.37 41.49
C LEU H 63 31.93 -36.90 41.32
N SER H 64 31.30 -36.56 40.20
CA SER H 64 29.93 -37.01 39.95
C SER H 64 29.81 -38.51 40.12
N ASP H 65 28.57 -38.96 40.30
CA ASP H 65 28.28 -40.37 40.48
C ASP H 65 28.49 -41.16 39.18
N ARG H 66 29.02 -40.49 38.16
CA ARG H 66 29.27 -41.14 36.87
C ARG H 66 30.65 -40.73 36.35
N SER H 67 31.53 -40.35 37.26
CA SER H 67 32.88 -39.92 36.93
C SER H 67 33.67 -40.99 36.19
N LYS H 68 33.06 -42.17 36.09
CA LYS H 68 33.68 -43.30 35.42
C LYS H 68 33.11 -43.41 34.00
N GLU H 69 31.96 -42.76 33.79
CA GLU H 69 31.28 -42.73 32.51
C GLU H 69 31.91 -41.66 31.59
N PRO H 70 31.65 -41.74 30.27
CA PRO H 70 32.17 -40.81 29.26
C PRO H 70 31.94 -39.32 29.48
N PHE H 71 32.92 -38.52 29.04
CA PHE H 71 32.83 -37.08 29.16
C PHE H 71 32.86 -36.43 27.78
N VAL H 72 31.67 -36.10 27.29
CA VAL H 72 31.52 -35.48 25.98
C VAL H 72 31.59 -33.97 26.05
N ALA H 73 32.69 -33.44 25.55
CA ALA H 73 32.88 -32.01 25.55
C ALA H 73 33.13 -31.62 24.12
N LEU H 74 32.28 -30.73 23.62
CA LEU H 74 32.40 -30.24 22.25
C LEU H 74 32.37 -28.73 22.38
N ASN H 75 32.90 -28.03 21.38
CA ASN H 75 32.88 -26.57 21.44
C ASN H 75 31.81 -26.01 20.51
N VAL H 76 30.72 -25.55 21.11
CA VAL H 76 29.63 -25.03 20.33
C VAL H 76 30.05 -24.07 19.23
N ALA H 77 31.23 -23.50 19.32
CA ALA H 77 31.66 -22.56 18.28
C ALA H 77 32.66 -23.20 17.33
N SER H 78 32.81 -24.51 17.41
CA SER H 78 33.76 -25.21 16.56
C SER H 78 33.02 -25.88 15.39
N ILE H 79 31.74 -25.56 15.26
CA ILE H 79 30.92 -26.15 14.20
C ILE H 79 29.94 -25.12 13.68
N PRO H 80 29.77 -25.05 12.35
CA PRO H 80 28.85 -24.09 11.75
C PRO H 80 27.48 -24.18 12.39
N ARG H 81 26.93 -23.03 12.75
CA ARG H 81 25.63 -22.97 13.40
C ARG H 81 24.60 -23.94 12.80
N ASP H 82 24.64 -24.09 11.47
CA ASP H 82 23.70 -24.98 10.79
C ASP H 82 23.94 -26.47 11.08
N ILE H 83 25.15 -26.96 10.81
CA ILE H 83 25.48 -28.36 11.04
C ILE H 83 25.47 -28.74 12.52
N PHE H 84 25.84 -27.80 13.39
CA PHE H 84 25.85 -28.08 14.83
C PHE H 84 24.52 -28.68 15.25
N GLU H 85 23.43 -27.95 15.09
CA GLU H 85 22.11 -28.47 15.46
C GLU H 85 22.01 -29.95 15.15
N ALA H 86 22.70 -30.39 14.09
CA ALA H 86 22.67 -31.78 13.66
C ALA H 86 23.60 -32.68 14.48
N GLU H 87 24.87 -32.31 14.55
CA GLU H 87 25.84 -33.07 15.34
C GLU H 87 25.30 -33.40 16.72
N LEU H 88 24.82 -32.37 17.42
CA LEU H 88 24.30 -32.52 18.77
C LEU H 88 23.03 -33.33 18.91
N PHE H 89 22.40 -33.75 17.81
CA PHE H 89 21.16 -34.53 17.92
C PHE H 89 20.94 -35.61 16.87
N GLY H 90 21.92 -35.84 16.00
CA GLY H 90 21.75 -36.87 14.97
C GLY H 90 20.60 -36.61 14.02
N TYR H 91 20.62 -37.28 12.86
CA TYR H 91 19.57 -37.09 11.84
C TYR H 91 19.41 -38.31 10.97
N GLU H 92 18.20 -38.52 10.46
CA GLU H 92 17.95 -39.64 9.55
C GLU H 92 18.23 -39.17 8.12
N LYS H 93 17.88 -39.99 7.14
CA LYS H 93 18.09 -39.62 5.75
C LYS H 93 16.87 -38.87 5.25
N GLY H 94 17.10 -37.90 4.38
CA GLY H 94 16.01 -37.13 3.79
C GLY H 94 15.64 -35.74 4.26
N ALA H 95 15.17 -35.65 5.50
CA ALA H 95 14.70 -34.39 6.05
C ALA H 95 15.61 -33.18 6.09
N PHE H 96 16.89 -33.33 5.77
CA PHE H 96 17.75 -32.18 5.93
C PHE H 96 19.03 -32.11 5.08
N THR H 97 18.84 -32.27 3.77
CA THR H 97 19.94 -32.17 2.80
C THR H 97 21.25 -32.92 3.07
N GLY H 98 21.72 -32.91 4.32
CA GLY H 98 22.95 -33.61 4.67
C GLY H 98 22.55 -35.05 4.86
N ALA H 99 21.27 -35.30 4.60
CA ALA H 99 20.69 -36.62 4.72
C ALA H 99 21.25 -37.63 3.72
N VAL H 100 22.55 -37.88 3.80
CA VAL H 100 23.19 -38.86 2.92
C VAL H 100 23.28 -40.17 3.69
N SER H 101 23.20 -40.07 5.02
CA SER H 101 23.23 -41.21 5.92
C SER H 101 22.76 -40.72 7.29
N SER H 102 22.20 -41.62 8.09
CA SER H 102 21.72 -41.24 9.42
C SER H 102 22.78 -41.40 10.53
N LYS H 103 23.22 -40.27 11.08
CA LYS H 103 24.20 -40.26 12.16
C LYS H 103 23.57 -40.09 13.51
N GLU H 104 24.36 -40.36 14.54
CA GLU H 104 23.88 -40.26 15.91
C GLU H 104 24.36 -38.97 16.55
N GLY H 105 23.47 -38.34 17.29
CA GLY H 105 23.85 -37.10 17.95
C GLY H 105 24.79 -37.33 19.12
N PHE H 106 25.57 -36.31 19.45
CA PHE H 106 26.48 -36.39 20.57
C PHE H 106 25.66 -36.80 21.74
N PHE H 107 24.57 -36.08 21.95
CA PHE H 107 23.68 -36.38 23.04
C PHE H 107 23.66 -37.87 23.27
N GLU H 108 23.46 -38.64 22.20
CA GLU H 108 23.46 -40.07 22.35
C GLU H 108 24.88 -40.50 22.69
N LEU H 109 25.84 -40.08 21.88
CA LEU H 109 27.22 -40.46 22.13
C LEU H 109 27.56 -40.26 23.60
N ALA H 110 26.87 -39.34 24.25
CA ALA H 110 27.11 -39.07 25.66
C ALA H 110 26.06 -39.66 26.58
N ASP H 111 25.17 -40.50 26.04
CA ASP H 111 24.14 -41.09 26.87
C ASP H 111 24.78 -41.72 28.09
N GLY H 112 24.31 -41.33 29.26
CA GLY H 112 24.84 -41.88 30.51
C GLY H 112 25.89 -41.03 31.18
N GLY H 113 26.80 -40.47 30.37
CA GLY H 113 27.85 -39.64 30.92
C GLY H 113 27.49 -38.17 31.00
N THR H 114 28.50 -37.34 30.81
CA THR H 114 28.28 -35.91 30.85
C THR H 114 28.52 -35.23 29.50
N LEU H 115 27.81 -34.13 29.28
CA LEU H 115 27.94 -33.37 28.05
C LEU H 115 28.38 -31.95 28.40
N PHE H 116 29.44 -31.48 27.75
CA PHE H 116 29.91 -30.16 28.08
C PHE H 116 29.86 -29.16 26.93
N LEU H 117 28.78 -28.39 26.91
CA LEU H 117 28.62 -27.38 25.88
C LEU H 117 29.37 -26.10 26.26
N ASP H 118 30.52 -25.86 25.65
CA ASP H 118 31.27 -24.65 25.95
C ASP H 118 30.67 -23.46 25.21
N GLU H 119 30.89 -22.26 25.74
CA GLU H 119 30.40 -21.03 25.14
C GLU H 119 28.93 -21.14 24.67
N ILE H 120 28.04 -21.62 25.55
CA ILE H 120 26.61 -21.80 25.26
C ILE H 120 25.93 -20.66 24.50
N GLY H 121 26.40 -19.44 24.71
CA GLY H 121 25.79 -18.32 24.03
C GLY H 121 25.74 -18.49 22.53
N GLU H 122 26.43 -19.51 22.01
CA GLU H 122 26.46 -19.74 20.58
C GLU H 122 25.37 -20.68 20.09
N LEU H 123 24.64 -21.31 21.00
CA LEU H 123 23.56 -22.21 20.60
C LEU H 123 22.58 -21.40 19.74
N SER H 124 21.98 -22.05 18.76
CA SER H 124 21.03 -21.35 17.92
C SER H 124 19.67 -21.51 18.58
N LEU H 125 18.85 -20.46 18.51
CA LEU H 125 17.51 -20.49 19.12
C LEU H 125 16.76 -21.74 18.71
N GLU H 126 17.33 -22.47 17.76
CA GLU H 126 16.73 -23.70 17.30
C GLU H 126 17.18 -24.72 18.32
N ALA H 127 18.47 -25.01 18.33
CA ALA H 127 19.05 -25.94 19.29
C ALA H 127 18.42 -25.62 20.63
N GLN H 128 18.76 -24.45 21.15
CA GLN H 128 18.23 -23.99 22.41
C GLN H 128 16.87 -24.61 22.63
N ALA H 129 15.83 -23.98 22.12
CA ALA H 129 14.50 -24.54 22.29
C ALA H 129 14.53 -26.04 22.51
N LYS H 130 15.22 -26.77 21.64
CA LYS H 130 15.29 -28.23 21.79
C LYS H 130 15.97 -28.64 23.07
N LEU H 131 17.22 -28.21 23.24
CA LEU H 131 17.99 -28.55 24.43
C LEU H 131 17.03 -28.68 25.60
N LEU H 132 16.46 -27.55 25.99
CA LEU H 132 15.50 -27.46 27.08
C LEU H 132 14.53 -28.63 27.16
N ARG H 133 14.00 -29.04 26.01
CA ARG H 133 13.05 -30.15 25.97
C ARG H 133 13.71 -31.46 26.39
N VAL H 134 15.01 -31.57 26.14
CA VAL H 134 15.76 -32.75 26.55
C VAL H 134 15.97 -32.59 28.05
N ILE H 135 16.61 -31.49 28.41
CA ILE H 135 16.87 -31.16 29.80
C ILE H 135 15.66 -31.47 30.69
N GLU H 136 14.46 -31.42 30.12
CA GLU H 136 13.24 -31.65 30.91
C GLU H 136 12.47 -32.97 30.76
N SER H 137 12.70 -33.70 29.69
CA SER H 137 11.98 -34.96 29.50
C SER H 137 12.95 -36.00 29.04
N GLY H 138 14.24 -35.69 29.17
CA GLY H 138 15.27 -36.62 28.74
C GLY H 138 15.04 -37.23 27.36
N LYS H 139 14.27 -36.51 26.54
CA LYS H 139 13.96 -36.95 25.18
C LYS H 139 14.19 -35.84 24.15
N PHE H 140 14.13 -36.21 22.88
CA PHE H 140 14.33 -35.28 21.76
C PHE H 140 14.27 -36.06 20.46
N TYR H 141 14.18 -35.36 19.35
CA TYR H 141 14.14 -36.01 18.05
C TYR H 141 15.44 -35.83 17.28
N ARG H 142 15.74 -36.77 16.40
CA ARG H 142 16.94 -36.63 15.59
C ARG H 142 16.51 -35.69 14.47
N LEU H 143 17.44 -34.88 13.99
CA LEU H 143 17.09 -33.94 12.94
C LEU H 143 16.32 -34.64 11.84
N GLY H 144 15.04 -34.34 11.75
CA GLY H 144 14.21 -34.95 10.75
C GLY H 144 14.10 -36.43 10.99
N GLY H 145 13.52 -36.80 12.13
CA GLY H 145 13.35 -38.21 12.45
C GLY H 145 11.93 -38.45 12.88
N ARG H 146 11.56 -39.70 13.07
CA ARG H 146 10.20 -40.02 13.50
C ARG H 146 10.17 -40.97 14.68
N LYS H 147 11.30 -41.07 15.37
CA LYS H 147 11.43 -41.93 16.55
C LYS H 147 11.94 -41.08 17.71
N GLU H 148 11.10 -40.94 18.72
CA GLU H 148 11.43 -40.16 19.91
C GLU H 148 12.55 -40.86 20.68
N ILE H 149 13.76 -40.38 20.51
CA ILE H 149 14.91 -40.95 21.18
C ILE H 149 15.02 -40.52 22.65
N GLU H 150 15.33 -41.47 23.52
CA GLU H 150 15.46 -41.21 24.96
C GLU H 150 16.93 -41.33 25.39
N VAL H 151 17.34 -40.51 26.35
CA VAL H 151 18.71 -40.53 26.81
C VAL H 151 18.90 -39.84 28.16
N ASN H 152 19.77 -40.42 28.98
CA ASN H 152 20.08 -39.86 30.30
C ASN H 152 21.48 -39.26 30.27
N VAL H 153 21.57 -37.93 30.20
CA VAL H 153 22.87 -37.29 30.17
C VAL H 153 22.86 -36.08 31.06
N ARG H 154 23.99 -35.85 31.72
CA ARG H 154 24.11 -34.70 32.60
C ARG H 154 24.62 -33.54 31.76
N ILE H 155 23.96 -32.40 31.89
CA ILE H 155 24.32 -31.21 31.14
C ILE H 155 25.28 -30.31 31.88
N LEU H 156 26.41 -30.00 31.25
CA LEU H 156 27.40 -29.14 31.85
C LEU H 156 27.71 -27.94 31.00
N ALA H 157 26.70 -27.09 30.81
CA ALA H 157 26.83 -25.87 30.01
C ALA H 157 27.84 -24.89 30.58
N ALA H 158 28.32 -23.96 29.76
CA ALA H 158 29.30 -22.98 30.20
C ALA H 158 29.59 -21.95 29.12
N THR H 159 29.59 -20.68 29.49
CA THR H 159 29.84 -19.59 28.55
C THR H 159 30.70 -18.51 29.19
N ASN H 160 31.11 -17.53 28.41
CA ASN H 160 31.94 -16.44 28.95
C ASN H 160 31.36 -15.06 28.61
N ARG H 161 30.07 -15.04 28.26
CA ARG H 161 29.39 -13.79 27.92
C ARG H 161 28.34 -13.50 28.98
N ASN H 162 27.77 -12.29 28.96
CA ASN H 162 26.76 -11.97 29.95
C ASN H 162 25.40 -12.33 29.41
N ILE H 163 24.98 -13.52 29.79
CA ILE H 163 23.72 -14.10 29.39
C ILE H 163 22.56 -13.09 29.35
N LYS H 164 22.31 -12.42 30.47
CA LYS H 164 21.23 -11.45 30.56
C LYS H 164 21.11 -10.53 29.33
N GLU H 165 22.16 -9.79 29.02
CA GLU H 165 22.12 -8.88 27.88
C GLU H 165 21.50 -9.57 26.66
N LEU H 166 22.13 -10.66 26.25
CA LEU H 166 21.67 -11.43 25.09
C LEU H 166 20.20 -11.86 25.21
N VAL H 167 19.88 -12.55 26.31
CA VAL H 167 18.53 -13.03 26.55
C VAL H 167 17.47 -11.99 26.19
N LYS H 168 17.75 -10.73 26.51
CA LYS H 168 16.83 -9.63 26.21
C LYS H 168 16.92 -9.29 24.71
N GLU H 169 18.15 -9.23 24.22
CA GLU H 169 18.43 -8.94 22.82
C GLU H 169 17.87 -10.02 21.91
N GLY H 170 16.96 -10.82 22.47
CA GLY H 170 16.32 -11.91 21.73
C GLY H 170 17.26 -13.00 21.23
N LYS H 171 18.56 -12.78 21.41
CA LYS H 171 19.59 -13.71 20.99
C LYS H 171 19.52 -15.10 21.64
N PHE H 172 19.27 -15.12 22.95
CA PHE H 172 19.17 -16.37 23.71
C PHE H 172 17.79 -16.51 24.35
N ARG H 173 17.27 -17.73 24.34
CA ARG H 173 15.96 -18.04 24.90
C ARG H 173 15.98 -17.92 26.41
N GLU H 174 14.96 -17.24 26.95
CA GLU H 174 14.84 -17.03 28.39
C GLU H 174 14.72 -18.30 29.21
N ASP H 175 13.63 -19.04 29.01
CA ASP H 175 13.44 -20.25 29.78
C ASP H 175 14.67 -21.18 29.83
N LEU H 176 15.51 -21.15 28.79
CA LEU H 176 16.70 -22.00 28.79
C LEU H 176 17.66 -21.51 29.84
N TYR H 177 17.65 -20.21 30.08
CA TYR H 177 18.52 -19.64 31.07
C TYR H 177 18.13 -20.23 32.44
N TYR H 178 16.86 -20.05 32.81
CA TYR H 178 16.36 -20.49 34.11
C TYR H 178 16.60 -21.96 34.46
N ARG H 179 16.36 -22.87 33.53
CA ARG H 179 16.57 -24.28 33.83
C ARG H 179 18.02 -24.55 34.18
N LEU H 180 18.92 -23.77 33.61
CA LEU H 180 20.34 -23.93 33.89
C LEU H 180 20.77 -23.02 35.04
N GLY H 181 19.80 -22.39 35.69
CA GLY H 181 20.09 -21.51 36.82
C GLY H 181 20.10 -22.38 38.06
N VAL H 182 19.58 -23.59 37.89
CA VAL H 182 19.52 -24.59 38.96
C VAL H 182 20.81 -24.57 39.77
N ILE H 183 21.93 -24.70 39.06
CA ILE H 183 23.22 -24.70 39.73
C ILE H 183 24.26 -23.94 38.94
N GLU H 184 24.07 -22.63 38.83
CA GLU H 184 25.03 -21.78 38.11
C GLU H 184 26.31 -21.71 38.93
N ILE H 185 27.43 -21.45 38.27
CA ILE H 185 28.71 -21.34 38.97
C ILE H 185 29.56 -20.29 38.29
N GLU H 186 29.66 -19.12 38.91
CA GLU H 186 30.44 -18.02 38.36
C GLU H 186 31.90 -18.08 38.76
N ILE H 187 32.78 -18.29 37.79
CA ILE H 187 34.19 -18.33 38.10
C ILE H 187 34.76 -16.94 37.86
N PRO H 188 35.07 -16.23 38.95
CA PRO H 188 35.63 -14.87 38.91
C PRO H 188 37.06 -14.86 38.37
N PRO H 189 37.41 -13.80 37.62
CA PRO H 189 38.74 -13.64 37.02
C PRO H 189 39.90 -14.00 37.92
N LEU H 190 41.09 -14.11 37.34
CA LEU H 190 42.26 -14.43 38.13
C LEU H 190 42.76 -13.15 38.75
N ARG H 191 42.29 -12.02 38.21
CA ARG H 191 42.68 -10.72 38.73
C ARG H 191 42.15 -10.62 40.17
N GLU H 192 41.12 -11.39 40.49
CA GLU H 192 40.55 -11.37 41.84
C GLU H 192 40.80 -12.65 42.64
N ARG H 193 41.70 -13.49 42.16
CA ARG H 193 42.04 -14.73 42.85
C ARG H 193 43.54 -14.66 43.03
N LYS H 194 44.00 -13.45 43.37
CA LYS H 194 45.41 -13.14 43.60
C LYS H 194 46.17 -14.22 44.37
N GLU H 195 45.43 -15.02 45.13
CA GLU H 195 46.00 -16.08 45.93
C GLU H 195 46.32 -17.32 45.12
N ASP H 196 45.82 -17.35 43.89
CA ASP H 196 46.06 -18.48 43.00
C ASP H 196 47.22 -18.20 42.04
N ILE H 197 47.45 -16.93 41.73
CA ILE H 197 48.52 -16.53 40.82
C ILE H 197 49.86 -17.20 41.14
N ILE H 198 50.21 -17.25 42.42
CA ILE H 198 51.47 -17.83 42.86
C ILE H 198 51.50 -19.37 42.94
N PRO H 199 50.55 -19.99 43.68
CA PRO H 199 50.53 -21.46 43.79
C PRO H 199 50.47 -22.13 42.43
N LEU H 200 49.70 -21.52 41.54
CA LEU H 200 49.56 -22.01 40.17
C LEU H 200 50.90 -21.87 39.48
N ALA H 201 51.47 -20.66 39.52
CA ALA H 201 52.75 -20.40 38.89
C ALA H 201 53.74 -21.53 39.20
N ASN H 202 53.55 -22.19 40.33
CA ASN H 202 54.39 -23.30 40.75
C ASN H 202 54.06 -24.58 39.97
N HIS H 203 52.80 -24.99 40.01
CA HIS H 203 52.33 -26.19 39.32
C HIS H 203 52.77 -26.18 37.85
N PHE H 204 52.79 -24.99 37.24
CA PHE H 204 53.20 -24.84 35.84
C PHE H 204 54.71 -24.90 35.67
N LEU H 205 55.42 -23.94 36.28
CA LEU H 205 56.87 -23.91 36.21
C LEU H 205 57.41 -25.30 36.50
N LYS H 206 56.82 -25.95 37.50
CA LYS H 206 57.20 -27.31 37.91
C LYS H 206 56.83 -28.35 36.85
N LYS H 207 55.68 -28.14 36.21
CA LYS H 207 55.22 -29.05 35.16
C LYS H 207 56.03 -28.85 33.89
N PHE H 208 56.23 -27.59 33.51
CA PHE H 208 56.98 -27.28 32.30
C PHE H 208 58.48 -27.47 32.45
N SER H 209 59.04 -27.07 33.59
CA SER H 209 60.47 -27.24 33.80
C SER H 209 60.75 -28.73 33.75
N ARG H 210 59.76 -29.56 34.07
CA ARG H 210 59.93 -31.00 34.04
C ARG H 210 59.95 -31.47 32.58
N LYS H 211 58.93 -31.06 31.80
CA LYS H 211 58.88 -31.43 30.39
C LYS H 211 59.83 -30.51 29.59
N TYR H 212 60.77 -29.90 30.29
CA TYR H 212 61.73 -28.98 29.69
C TYR H 212 63.17 -29.43 29.91
N ALA H 213 63.36 -30.54 30.64
CA ALA H 213 64.68 -31.06 30.97
C ALA H 213 65.20 -30.18 32.13
N LYS H 214 64.32 -30.02 33.10
CA LYS H 214 64.45 -29.21 34.31
C LYS H 214 65.79 -28.74 34.84
N GLU H 215 65.67 -27.79 35.75
CA GLU H 215 66.74 -27.15 36.49
C GLU H 215 66.03 -26.11 37.32
N VAL H 216 65.06 -25.46 36.70
CA VAL H 216 64.29 -24.42 37.38
C VAL H 216 63.41 -25.01 38.48
N GLU H 217 63.61 -24.53 39.69
CA GLU H 217 62.86 -24.99 40.85
C GLU H 217 61.75 -23.99 41.17
N GLY H 218 61.98 -22.72 40.82
CA GLY H 218 60.99 -21.69 41.08
C GLY H 218 61.25 -20.29 40.53
N PHE H 219 60.55 -19.35 41.15
CA PHE H 219 60.59 -17.93 40.79
C PHE H 219 61.04 -17.03 41.94
N THR H 220 61.79 -15.98 41.60
CA THR H 220 62.30 -15.05 42.59
C THR H 220 61.20 -14.09 43.06
N LYS H 221 61.46 -13.43 44.18
CA LYS H 221 60.53 -12.47 44.75
C LYS H 221 60.38 -11.35 43.73
N SER H 222 61.52 -10.94 43.16
CA SER H 222 61.54 -9.88 42.15
C SER H 222 60.54 -10.25 41.08
N ALA H 223 60.51 -11.54 40.75
CA ALA H 223 59.59 -12.07 39.76
C ALA H 223 58.19 -12.18 40.37
N GLN H 224 58.11 -12.85 41.51
CA GLN H 224 56.83 -13.05 42.22
C GLN H 224 55.98 -11.78 42.38
N GLU H 225 56.63 -10.63 42.55
CA GLU H 225 55.93 -9.36 42.72
C GLU H 225 55.24 -8.87 41.43
N LEU H 226 56.04 -8.58 40.41
CA LEU H 226 55.53 -8.12 39.13
C LEU H 226 54.41 -9.06 38.66
N LEU H 227 54.54 -10.35 38.98
CA LEU H 227 53.56 -11.38 38.61
C LEU H 227 52.20 -11.18 39.24
N LEU H 228 52.17 -10.66 40.46
CA LEU H 228 50.91 -10.43 41.13
C LEU H 228 50.31 -9.08 40.74
N SER H 229 51.11 -8.26 40.06
CA SER H 229 50.68 -6.94 39.61
C SER H 229 49.68 -7.15 38.47
N TYR H 230 50.00 -8.13 37.63
CA TYR H 230 49.19 -8.51 36.47
C TYR H 230 48.77 -9.98 36.64
N PRO H 231 47.98 -10.53 35.69
CA PRO H 231 47.47 -9.83 34.51
C PRO H 231 45.96 -9.66 34.64
N TRP H 232 45.42 -8.66 33.97
CA TRP H 232 43.98 -8.43 33.99
C TRP H 232 43.49 -9.03 32.67
N TYR H 233 44.28 -8.79 31.63
CA TYR H 233 44.01 -9.23 30.27
C TYR H 233 43.50 -10.66 30.07
N GLY H 234 44.08 -11.62 30.78
CA GLY H 234 43.66 -12.99 30.62
C GLY H 234 43.62 -13.77 31.92
N ASN H 235 43.40 -15.08 31.80
CA ASN H 235 43.33 -15.93 32.99
C ASN H 235 44.08 -17.23 32.77
N VAL H 236 44.22 -18.00 33.85
CA VAL H 236 44.95 -19.27 33.87
C VAL H 236 45.71 -19.57 32.61
N ARG H 237 45.00 -19.89 31.54
CA ARG H 237 45.65 -20.19 30.26
C ARG H 237 46.86 -19.28 30.09
N GLU H 238 46.61 -17.98 30.01
CA GLU H 238 47.67 -16.99 29.83
C GLU H 238 48.81 -17.33 30.77
N LEU H 239 48.49 -17.39 32.06
CA LEU H 239 49.46 -17.71 33.09
C LEU H 239 50.11 -19.06 32.78
N LYS H 240 49.36 -19.97 32.15
CA LYS H 240 49.89 -21.28 31.80
C LYS H 240 50.78 -21.13 30.58
N ASN H 241 50.59 -20.05 29.85
CA ASN H 241 51.39 -19.79 28.66
C ASN H 241 52.66 -19.01 28.97
N VAL H 242 52.50 -17.83 29.57
CA VAL H 242 53.67 -17.02 29.91
C VAL H 242 54.65 -17.81 30.78
N ILE H 243 54.13 -18.73 31.59
CA ILE H 243 54.98 -19.58 32.45
C ILE H 243 55.70 -20.63 31.62
N GLU H 244 55.09 -20.99 30.49
CA GLU H 244 55.66 -21.98 29.60
C GLU H 244 56.73 -21.32 28.72
N ARG H 245 56.61 -20.01 28.53
CA ARG H 245 57.56 -19.25 27.73
C ARG H 245 58.81 -18.95 28.54
N ALA H 246 58.66 -18.92 29.86
CA ALA H 246 59.78 -18.64 30.74
C ALA H 246 60.55 -19.93 31.06
N VAL H 247 59.83 -21.04 31.18
CA VAL H 247 60.46 -22.31 31.47
C VAL H 247 61.38 -22.76 30.33
N LEU H 248 61.20 -22.16 29.16
CA LEU H 248 62.02 -22.49 28.00
C LEU H 248 63.28 -21.60 27.91
N PHE H 249 63.11 -20.32 28.18
CA PHE H 249 64.21 -19.36 28.19
C PHE H 249 64.84 -19.47 29.57
N SER H 250 64.58 -20.60 30.21
CA SER H 250 65.08 -20.88 31.55
C SER H 250 66.59 -20.77 31.65
N GLU H 251 67.02 -19.81 32.46
CA GLU H 251 68.45 -19.58 32.73
C GLU H 251 68.85 -20.84 33.47
N GLY H 252 68.02 -21.18 34.45
CA GLY H 252 68.23 -22.34 35.31
C GLY H 252 67.57 -22.00 36.61
N LYS H 253 68.01 -22.63 37.70
CA LYS H 253 67.46 -22.39 39.02
C LYS H 253 67.05 -20.92 39.20
N PHE H 254 65.73 -20.71 39.31
CA PHE H 254 65.15 -19.39 39.50
C PHE H 254 64.91 -18.50 38.27
N ILE H 255 63.75 -17.87 38.26
CA ILE H 255 63.33 -16.98 37.20
C ILE H 255 62.84 -15.71 37.86
N ASP H 256 63.36 -14.57 37.43
CA ASP H 256 62.98 -13.29 38.02
C ASP H 256 62.47 -12.28 36.99
N ARG H 257 62.33 -11.03 37.44
CA ARG H 257 61.86 -9.95 36.58
C ARG H 257 62.69 -9.87 35.30
N GLY H 258 64.00 -10.07 35.43
CA GLY H 258 64.85 -10.01 34.25
C GLY H 258 64.29 -10.95 33.20
N GLU H 259 63.78 -12.08 33.66
CA GLU H 259 63.20 -13.10 32.79
C GLU H 259 61.73 -12.84 32.41
N LEU H 260 60.90 -12.55 33.41
CA LEU H 260 59.47 -12.32 33.18
C LEU H 260 59.13 -10.92 32.68
N SER H 261 59.55 -9.88 33.41
CA SER H 261 59.27 -8.47 33.06
C SER H 261 59.41 -8.18 31.56
N CYS H 262 58.26 -8.09 30.88
CA CYS H 262 58.22 -7.81 29.44
C CYS H 262 56.87 -7.23 28.97
N GLU I 18 1.81 -39.42 38.84
CA GLU I 18 1.25 -38.62 39.97
C GLU I 18 1.34 -37.13 39.66
N TYR I 19 0.38 -36.37 40.15
CA TYR I 19 0.36 -34.93 39.89
C TYR I 19 -0.51 -34.15 40.88
N VAL I 20 0.00 -32.99 41.31
CA VAL I 20 -0.69 -32.14 42.26
C VAL I 20 -1.77 -31.32 41.60
N PHE I 21 -3.01 -31.58 42.00
CA PHE I 21 -4.16 -30.85 41.47
C PHE I 21 -5.08 -30.56 42.64
N GLU I 22 -4.66 -29.67 43.52
CA GLU I 22 -5.48 -29.37 44.69
C GLU I 22 -6.09 -27.98 44.80
N SER I 23 -5.74 -27.05 43.91
CA SER I 23 -6.33 -25.73 44.01
C SER I 23 -7.75 -25.83 43.53
N PRO I 24 -8.55 -24.77 43.69
CA PRO I 24 -9.94 -24.82 43.23
C PRO I 24 -9.99 -24.58 41.73
N LYS I 25 -9.10 -23.73 41.25
CA LYS I 25 -9.05 -23.43 39.82
C LYS I 25 -8.61 -24.65 39.01
N MET I 26 -7.68 -25.40 39.57
CA MET I 26 -7.21 -26.57 38.87
C MET I 26 -8.12 -27.77 39.11
N LYS I 27 -8.69 -27.86 40.31
CA LYS I 27 -9.59 -28.97 40.57
C LYS I 27 -10.70 -28.81 39.56
N GLU I 28 -10.94 -27.58 39.13
CA GLU I 28 -11.98 -27.31 38.15
C GLU I 28 -11.53 -27.73 36.78
N ILE I 29 -10.26 -27.53 36.48
CA ILE I 29 -9.70 -27.93 35.19
C ILE I 29 -9.76 -29.46 35.00
N LEU I 30 -9.34 -30.20 36.03
CA LEU I 30 -9.34 -31.66 35.95
C LEU I 30 -10.71 -32.17 35.63
N GLU I 31 -11.73 -31.52 36.15
CA GLU I 31 -13.06 -31.97 35.87
C GLU I 31 -13.25 -31.89 34.36
N LYS I 32 -12.91 -30.75 33.78
CA LYS I 32 -13.05 -30.61 32.34
C LYS I 32 -12.24 -31.71 31.67
N ILE I 33 -10.92 -31.67 31.81
CA ILE I 33 -10.07 -32.69 31.22
C ILE I 33 -10.75 -34.05 31.24
N LYS I 34 -11.45 -34.36 32.33
CA LYS I 34 -12.12 -35.66 32.45
C LYS I 34 -13.30 -35.77 31.50
N LYS I 35 -13.99 -34.66 31.30
CA LYS I 35 -15.15 -34.63 30.42
C LYS I 35 -14.72 -34.66 28.95
N ILE I 36 -13.68 -33.89 28.60
CA ILE I 36 -13.18 -33.85 27.23
C ILE I 36 -12.74 -35.25 26.81
N SER I 37 -11.48 -35.60 27.04
CA SER I 37 -10.91 -36.93 26.72
C SER I 37 -11.78 -37.91 25.92
N CYS I 38 -13.00 -38.15 26.37
CA CYS I 38 -13.93 -39.06 25.69
C CYS I 38 -14.34 -38.57 24.29
N ALA I 39 -13.78 -37.45 23.86
CA ALA I 39 -14.12 -36.89 22.56
C ALA I 39 -12.90 -36.77 21.69
N GLU I 40 -13.04 -36.02 20.60
CA GLU I 40 -11.94 -35.83 19.65
C GLU I 40 -11.72 -34.35 19.30
N CYS I 41 -12.53 -33.49 19.90
CA CYS I 41 -12.42 -32.07 19.64
C CYS I 41 -11.03 -31.52 19.81
N PRO I 42 -10.75 -30.41 19.13
CA PRO I 42 -9.42 -29.83 19.26
C PRO I 42 -9.36 -29.05 20.57
N VAL I 43 -8.30 -29.30 21.32
CA VAL I 43 -8.13 -28.66 22.60
C VAL I 43 -7.02 -27.62 22.52
N LEU I 44 -7.33 -26.43 23.01
CA LEU I 44 -6.36 -25.34 23.05
C LEU I 44 -6.00 -25.08 24.49
N ILE I 45 -4.70 -25.10 24.78
CA ILE I 45 -4.24 -24.88 26.15
C ILE I 45 -3.53 -23.55 26.33
N THR I 46 -4.19 -22.62 27.00
CA THR I 46 -3.62 -21.28 27.22
C THR I 46 -3.15 -21.06 28.66
N GLY I 47 -1.91 -20.59 28.80
CA GLY I 47 -1.34 -20.31 30.10
C GLY I 47 0.16 -20.11 30.00
N GLU I 48 0.74 -19.36 30.95
CA GLU I 48 2.18 -19.07 30.97
C GLU I 48 3.11 -20.27 30.77
N SER I 49 4.38 -20.00 30.49
CA SER I 49 5.31 -21.09 30.30
C SER I 49 5.72 -21.58 31.67
N GLY I 50 5.26 -22.76 32.05
CA GLY I 50 5.58 -23.29 33.36
C GLY I 50 4.34 -23.53 34.19
N VAL I 51 3.19 -23.47 33.56
CA VAL I 51 1.95 -23.70 34.26
C VAL I 51 1.57 -25.17 34.11
N GLY I 52 2.39 -25.89 33.35
CA GLY I 52 2.10 -27.28 33.10
C GLY I 52 1.01 -27.38 32.05
N LYS I 53 1.40 -27.14 30.80
CA LYS I 53 0.46 -27.20 29.68
C LYS I 53 0.62 -28.58 29.05
N GLU I 54 1.86 -28.91 28.69
CA GLU I 54 2.23 -30.20 28.09
C GLU I 54 1.67 -31.29 29.02
N VAL I 55 1.66 -30.99 30.31
CA VAL I 55 1.11 -31.93 31.29
C VAL I 55 -0.38 -32.04 31.05
N VAL I 56 -1.10 -30.95 31.30
CA VAL I 56 -2.55 -30.94 31.09
C VAL I 56 -2.84 -31.64 29.79
N ALA I 57 -2.02 -31.30 28.80
CA ALA I 57 -2.12 -31.88 27.48
C ALA I 57 -1.98 -33.39 27.61
N ARG I 58 -0.82 -33.82 28.10
CA ARG I 58 -0.53 -35.24 28.27
C ARG I 58 -1.59 -35.98 29.07
N LEU I 59 -2.18 -35.29 30.04
CA LEU I 59 -3.23 -35.89 30.86
C LEU I 59 -4.42 -36.14 29.92
N ILE I 60 -4.81 -35.12 29.17
CA ILE I 60 -5.92 -35.23 28.22
C ILE I 60 -5.72 -36.49 27.36
N HIS I 61 -4.45 -36.81 27.08
CA HIS I 61 -4.18 -37.99 26.30
C HIS I 61 -4.52 -39.21 27.17
N LYS I 62 -3.81 -39.40 28.29
CA LYS I 62 -4.06 -40.54 29.18
C LYS I 62 -5.53 -40.89 29.43
N LEU I 63 -6.36 -39.91 29.78
CA LEU I 63 -7.77 -40.20 30.03
C LEU I 63 -8.62 -40.37 28.77
N SER I 64 -8.08 -39.96 27.63
CA SER I 64 -8.79 -40.05 26.36
C SER I 64 -8.99 -41.47 25.85
N ASP I 65 -9.63 -41.58 24.69
CA ASP I 65 -9.92 -42.86 24.09
C ASP I 65 -8.73 -43.42 23.33
N ARG I 66 -7.66 -42.64 23.25
CA ARG I 66 -6.46 -43.04 22.52
C ARG I 66 -5.25 -43.06 23.43
N SER I 67 -5.51 -43.18 24.73
CA SER I 67 -4.46 -43.20 25.76
C SER I 67 -3.39 -44.22 25.47
N LYS I 68 -3.72 -45.17 24.62
CA LYS I 68 -2.80 -46.22 24.25
C LYS I 68 -2.21 -46.01 22.86
N GLU I 69 -2.62 -44.92 22.22
CA GLU I 69 -2.12 -44.59 20.89
C GLU I 69 -0.87 -43.74 21.01
N PRO I 70 -0.33 -43.27 19.86
CA PRO I 70 0.89 -42.44 19.93
C PRO I 70 0.66 -40.98 20.35
N PHE I 71 1.66 -40.40 21.00
CA PHE I 71 1.54 -39.01 21.41
C PHE I 71 2.67 -38.26 20.77
N VAL I 72 2.35 -37.55 19.71
CA VAL I 72 3.36 -36.77 19.02
C VAL I 72 3.37 -35.34 19.55
N ALA I 73 4.45 -35.00 20.23
CA ALA I 73 4.60 -33.69 20.80
C ALA I 73 5.88 -33.10 20.26
N LEU I 74 5.71 -32.09 19.41
CA LEU I 74 6.81 -31.39 18.80
C LEU I 74 6.82 -29.95 19.30
N ASN I 75 7.99 -29.45 19.63
CA ASN I 75 8.15 -28.09 20.10
C ASN I 75 8.31 -27.26 18.84
N VAL I 76 7.20 -26.71 18.37
CA VAL I 76 7.21 -25.89 17.16
C VAL I 76 8.46 -25.04 17.03
N ALA I 77 8.76 -24.29 18.09
CA ALA I 77 9.93 -23.40 18.10
C ALA I 77 11.29 -24.11 18.04
N SER I 78 11.28 -25.42 17.79
CA SER I 78 12.52 -26.19 17.73
C SER I 78 12.90 -26.47 16.30
N ILE I 79 11.94 -26.27 15.40
CA ILE I 79 12.20 -26.49 13.98
C ILE I 79 12.06 -25.16 13.28
N PRO I 80 13.07 -24.80 12.48
CA PRO I 80 13.10 -23.53 11.74
C PRO I 80 11.84 -23.34 10.90
N ARG I 81 11.27 -22.14 10.98
CA ARG I 81 10.05 -21.80 10.24
C ARG I 81 9.96 -22.32 8.80
N ASP I 82 11.05 -22.20 8.05
CA ASP I 82 11.04 -22.70 6.67
C ASP I 82 10.83 -24.21 6.63
N ILE I 83 11.68 -24.97 7.30
CA ILE I 83 11.54 -26.42 7.28
C ILE I 83 10.29 -26.94 7.99
N PHE I 84 9.83 -26.25 9.02
CA PHE I 84 8.67 -26.73 9.78
C PHE I 84 7.54 -27.41 9.02
N GLU I 85 6.73 -26.61 8.33
CA GLU I 85 5.61 -27.15 7.57
C GLU I 85 6.09 -28.40 6.84
N ALA I 86 7.29 -28.31 6.28
CA ALA I 86 7.90 -29.40 5.53
C ALA I 86 8.04 -30.61 6.43
N GLU I 87 8.10 -30.34 7.72
CA GLU I 87 8.23 -31.36 8.75
C GLU I 87 6.85 -31.81 9.18
N LEU I 88 6.10 -30.87 9.73
CA LEU I 88 4.76 -31.17 10.18
C LEU I 88 3.93 -31.93 9.15
N PHE I 89 3.71 -31.33 7.97
CA PHE I 89 2.90 -31.97 6.95
C PHE I 89 3.61 -32.93 6.03
N GLY I 90 4.93 -32.85 5.99
CA GLY I 90 5.66 -33.76 5.15
C GLY I 90 5.97 -33.16 3.81
N TYR I 91 6.71 -33.90 2.98
CA TYR I 91 7.08 -33.42 1.66
C TYR I 91 7.38 -34.56 0.70
N GLU I 92 7.37 -34.23 -0.60
CA GLU I 92 7.60 -35.21 -1.67
C GLU I 92 8.95 -35.08 -2.40
N LYS I 93 9.29 -36.16 -3.11
CA LYS I 93 10.52 -36.26 -3.90
C LYS I 93 11.62 -35.28 -3.51
N GLY I 94 11.54 -34.05 -4.01
CA GLY I 94 12.56 -33.07 -3.68
C GLY I 94 12.10 -31.66 -3.97
N ALA I 95 10.89 -31.34 -3.55
CA ALA I 95 10.31 -30.01 -3.78
C ALA I 95 11.19 -28.88 -3.23
N PHE I 96 11.55 -28.96 -1.96
CA PHE I 96 12.38 -27.92 -1.36
C PHE I 96 13.82 -28.44 -1.37
N THR I 97 14.81 -27.57 -1.19
CA THR I 97 16.19 -28.01 -1.18
C THR I 97 16.51 -28.88 0.05
N GLY I 98 15.87 -30.06 0.08
CA GLY I 98 16.05 -31.04 1.14
C GLY I 98 16.52 -32.28 0.42
N ALA I 99 15.95 -32.48 -0.77
CA ALA I 99 16.32 -33.57 -1.66
C ALA I 99 16.09 -35.01 -1.25
N VAL I 100 15.77 -35.82 -2.25
CA VAL I 100 15.57 -37.24 -2.03
C VAL I 100 14.27 -37.56 -1.28
N SER I 101 14.13 -38.85 -0.98
CA SER I 101 13.00 -39.45 -0.29
C SER I 101 11.93 -38.58 0.32
N SER I 102 10.69 -38.80 -0.12
CA SER I 102 9.53 -38.09 0.40
C SER I 102 9.59 -38.13 1.93
N LYS I 103 8.69 -37.43 2.60
CA LYS I 103 8.77 -37.47 4.05
C LYS I 103 7.46 -37.52 4.80
N GLU I 104 7.43 -38.35 5.84
CA GLU I 104 6.25 -38.49 6.66
C GLU I 104 6.11 -37.19 7.45
N GLY I 105 5.02 -36.48 7.23
CA GLY I 105 4.83 -35.30 8.02
C GLY I 105 4.61 -35.81 9.44
N PHE I 106 4.69 -34.94 10.43
CA PHE I 106 4.45 -35.42 11.77
C PHE I 106 2.99 -35.88 11.91
N PHE I 107 2.11 -35.28 11.13
CA PHE I 107 0.72 -35.66 11.20
C PHE I 107 0.48 -37.12 10.81
N GLU I 108 1.44 -37.71 10.12
CA GLU I 108 1.28 -39.08 9.70
C GLU I 108 1.83 -40.06 10.74
N LEU I 109 2.72 -39.56 11.58
CA LEU I 109 3.29 -40.37 12.66
C LEU I 109 2.13 -40.45 13.66
N ALA I 110 1.65 -39.29 14.08
CA ALA I 110 0.56 -39.16 15.03
C ALA I 110 -0.75 -39.68 14.49
N ASP I 111 -0.71 -40.45 13.42
CA ASP I 111 -1.94 -40.94 12.84
C ASP I 111 -2.71 -41.84 13.77
N GLY I 112 -3.98 -41.49 13.96
CA GLY I 112 -4.84 -42.26 14.83
C GLY I 112 -4.57 -41.90 16.28
N GLY I 113 -3.64 -40.98 16.51
CA GLY I 113 -3.32 -40.61 17.87
C GLY I 113 -3.61 -39.17 18.29
N THR I 114 -2.63 -38.61 19.00
CA THR I 114 -2.72 -37.25 19.51
C THR I 114 -1.45 -36.47 19.19
N LEU I 115 -1.63 -35.38 18.45
CA LEU I 115 -0.53 -34.52 18.10
C LEU I 115 -0.60 -33.31 19.01
N PHE I 116 0.54 -32.95 19.59
CA PHE I 116 0.61 -31.82 20.50
C PHE I 116 1.51 -30.73 19.95
N LEU I 117 0.99 -29.50 19.95
CA LEU I 117 1.77 -28.38 19.47
C LEU I 117 2.13 -27.51 20.66
N ASP I 118 3.42 -27.32 20.89
CA ASP I 118 3.87 -26.47 21.97
C ASP I 118 4.22 -25.14 21.35
N GLU I 119 3.47 -24.10 21.72
CA GLU I 119 3.68 -22.73 21.22
C GLU I 119 3.13 -22.58 19.80
N ILE I 120 1.81 -22.75 19.65
CA ILE I 120 1.17 -22.63 18.35
C ILE I 120 1.57 -21.33 17.68
N GLY I 121 1.87 -20.35 18.51
CA GLY I 121 2.27 -19.06 17.98
C GLY I 121 3.17 -19.22 16.78
N GLU I 122 4.39 -19.68 17.03
CA GLU I 122 5.38 -19.86 15.98
C GLU I 122 4.90 -20.38 14.63
N LEU I 123 3.75 -21.02 14.57
CA LEU I 123 3.27 -21.52 13.29
C LEU I 123 3.22 -20.42 12.24
N SER I 124 3.72 -20.73 11.04
CA SER I 124 3.72 -19.77 9.94
C SER I 124 2.31 -19.65 9.44
N LEU I 125 1.95 -18.48 8.93
CA LEU I 125 0.59 -18.26 8.44
C LEU I 125 0.20 -19.23 7.35
N GLU I 126 1.18 -19.71 6.59
CA GLU I 126 0.88 -20.68 5.55
C GLU I 126 0.50 -21.94 6.31
N ALA I 127 1.41 -22.34 7.20
CA ALA I 127 1.26 -23.52 8.04
C ALA I 127 -0.12 -23.54 8.68
N GLN I 128 -0.41 -22.51 9.46
CA GLN I 128 -1.69 -22.39 10.13
C GLN I 128 -2.83 -22.82 9.20
N ALA I 129 -3.09 -22.02 8.17
CA ALA I 129 -4.16 -22.32 7.22
C ALA I 129 -4.08 -23.79 6.81
N LYS I 130 -2.90 -24.18 6.35
CA LYS I 130 -2.67 -25.56 5.93
C LYS I 130 -3.21 -26.46 7.03
N LEU I 131 -2.92 -26.07 8.27
CA LEU I 131 -3.37 -26.81 9.44
C LEU I 131 -4.89 -26.75 9.49
N LEU I 132 -5.43 -25.56 9.75
CA LEU I 132 -6.87 -25.34 9.86
C LEU I 132 -7.65 -26.29 8.97
N ARG I 133 -7.07 -26.62 7.82
CA ARG I 133 -7.73 -27.54 6.90
C ARG I 133 -7.81 -28.93 7.52
N VAL I 134 -6.66 -29.46 7.92
CA VAL I 134 -6.56 -30.78 8.53
C VAL I 134 -7.49 -30.93 9.73
N ILE I 135 -7.63 -29.86 10.52
CA ILE I 135 -8.51 -29.87 11.69
C ILE I 135 -9.96 -30.13 11.33
N GLU I 136 -10.33 -29.74 10.10
CA GLU I 136 -11.70 -29.91 9.63
C GLU I 136 -11.80 -31.02 8.58
N SER I 137 -11.00 -30.91 7.53
CA SER I 137 -11.02 -31.92 6.49
C SER I 137 -10.56 -33.27 7.02
N GLY I 138 -9.36 -33.28 7.59
CA GLY I 138 -8.77 -34.51 8.08
C GLY I 138 -7.88 -34.96 6.92
N LYS I 139 -7.58 -34.00 6.06
CA LYS I 139 -6.76 -34.21 4.86
C LYS I 139 -5.76 -33.05 4.72
N PHE I 140 -4.68 -33.32 3.99
CA PHE I 140 -3.63 -32.33 3.75
C PHE I 140 -2.70 -32.85 2.66
N TYR I 141 -1.93 -31.97 2.05
CA TYR I 141 -1.03 -32.39 0.98
C TYR I 141 0.43 -32.36 1.37
N ARG I 142 1.16 -33.44 1.07
CA ARG I 142 2.59 -33.44 1.35
C ARG I 142 3.08 -32.19 0.60
N LEU I 143 3.85 -31.33 1.26
CA LEU I 143 4.33 -30.13 0.59
C LEU I 143 4.95 -30.47 -0.77
N GLY I 144 4.26 -30.08 -1.83
CA GLY I 144 4.75 -30.33 -3.17
C GLY I 144 4.49 -31.74 -3.65
N GLY I 145 3.26 -32.23 -3.43
CA GLY I 145 2.92 -33.58 -3.85
C GLY I 145 1.56 -33.66 -4.54
N ARG I 146 1.22 -34.84 -5.07
CA ARG I 146 -0.05 -35.04 -5.77
C ARG I 146 -1.17 -35.76 -4.99
N LYS I 147 -0.82 -36.73 -4.14
CA LYS I 147 -1.83 -37.47 -3.37
C LYS I 147 -2.25 -36.72 -2.11
N GLU I 148 -3.54 -36.73 -1.81
CA GLU I 148 -4.04 -36.06 -0.63
C GLU I 148 -4.04 -37.05 0.53
N ILE I 149 -3.31 -36.73 1.59
CA ILE I 149 -3.23 -37.60 2.76
C ILE I 149 -4.33 -37.28 3.77
N GLU I 150 -4.97 -38.32 4.29
CA GLU I 150 -6.04 -38.17 5.27
C GLU I 150 -5.73 -38.93 6.56
N VAL I 151 -5.78 -38.22 7.70
CA VAL I 151 -5.49 -38.83 8.99
C VAL I 151 -6.58 -38.56 10.03
N ASN I 152 -6.51 -39.27 11.15
CA ASN I 152 -7.47 -39.13 12.23
C ASN I 152 -6.74 -38.73 13.50
N VAL I 153 -6.20 -37.51 13.52
CA VAL I 153 -5.45 -36.99 14.65
C VAL I 153 -6.18 -36.00 15.55
N ARG I 154 -5.99 -36.17 16.84
CA ARG I 154 -6.60 -35.31 17.83
C ARG I 154 -5.59 -34.19 18.02
N ILE I 155 -6.02 -32.94 17.85
CA ILE I 155 -5.08 -31.84 18.00
C ILE I 155 -5.12 -31.17 19.35
N LEU I 156 -3.99 -31.22 20.03
CA LEU I 156 -3.86 -30.59 21.33
C LEU I 156 -2.86 -29.50 21.07
N ALA I 157 -3.31 -28.27 21.25
CA ALA I 157 -2.44 -27.16 20.99
C ALA I 157 -2.38 -26.24 22.18
N ALA I 158 -1.18 -25.73 22.45
CA ALA I 158 -0.98 -24.84 23.58
C ALA I 158 0.02 -23.74 23.27
N THR I 159 -0.25 -22.56 23.84
CA THR I 159 0.60 -21.42 23.64
C THR I 159 0.62 -20.61 24.92
N ASN I 160 1.67 -19.81 25.09
CA ASN I 160 1.82 -18.97 26.27
C ASN I 160 1.50 -17.52 25.89
N ARG I 161 1.35 -17.29 24.58
CA ARG I 161 1.02 -15.96 24.05
C ARG I 161 -0.49 -15.76 23.92
N ASN I 162 -0.92 -14.51 23.87
CA ASN I 162 -2.34 -14.21 23.74
C ASN I 162 -2.69 -14.31 22.27
N ILE I 163 -3.46 -15.33 21.90
CA ILE I 163 -3.84 -15.57 20.52
C ILE I 163 -4.61 -14.44 19.85
N LYS I 164 -5.73 -14.08 20.44
CA LYS I 164 -6.58 -13.02 19.91
C LYS I 164 -5.79 -11.75 19.59
N GLU I 165 -4.75 -11.47 20.35
CA GLU I 165 -3.91 -10.29 20.12
C GLU I 165 -3.17 -10.44 18.79
N LEU I 166 -2.49 -11.58 18.62
CA LEU I 166 -1.75 -11.85 17.40
C LEU I 166 -2.70 -11.76 16.21
N VAL I 167 -3.87 -12.35 16.39
CA VAL I 167 -4.88 -12.35 15.34
C VAL I 167 -5.05 -10.92 14.83
N LYS I 168 -5.28 -9.99 15.75
CA LYS I 168 -5.43 -8.58 15.40
C LYS I 168 -4.20 -8.14 14.63
N GLU I 169 -3.04 -8.24 15.27
CA GLU I 169 -1.79 -7.82 14.64
C GLU I 169 -1.64 -8.46 13.26
N GLY I 170 -2.51 -9.42 12.95
CA GLY I 170 -2.45 -10.10 11.67
C GLY I 170 -1.35 -11.13 11.69
N LYS I 171 -0.98 -11.54 12.91
CA LYS I 171 0.06 -12.54 13.14
C LYS I 171 -0.50 -13.97 13.26
N PHE I 172 -1.83 -14.10 13.25
CA PHE I 172 -2.46 -15.41 13.38
C PHE I 172 -3.80 -15.44 12.65
N ARG I 173 -3.99 -16.45 11.79
CA ARG I 173 -5.22 -16.57 11.03
C ARG I 173 -6.46 -16.78 11.89
N GLU I 174 -7.21 -15.71 12.07
CA GLU I 174 -8.46 -15.72 12.84
C GLU I 174 -9.22 -17.05 12.82
N ASP I 175 -9.46 -17.60 11.63
CA ASP I 175 -10.22 -18.85 11.52
C ASP I 175 -9.69 -19.99 12.36
N LEU I 176 -8.37 -20.10 12.49
CA LEU I 176 -7.78 -21.17 13.30
C LEU I 176 -8.21 -20.95 14.75
N TYR I 177 -8.04 -19.73 15.24
CA TYR I 177 -8.41 -19.40 16.62
C TYR I 177 -9.79 -19.96 16.95
N TYR I 178 -10.71 -19.84 16.00
CA TYR I 178 -12.07 -20.33 16.20
C TYR I 178 -12.17 -21.85 16.07
N ARG I 179 -11.34 -22.45 15.21
CA ARG I 179 -11.38 -23.88 15.02
C ARG I 179 -10.83 -24.68 16.18
N LEU I 180 -9.76 -24.17 16.81
CA LEU I 180 -9.13 -24.83 17.97
C LEU I 180 -9.82 -24.46 19.28
N GLY I 181 -10.12 -23.17 19.44
CA GLY I 181 -10.77 -22.68 20.63
C GLY I 181 -11.98 -23.50 21.04
N VAL I 182 -12.34 -24.49 20.21
CA VAL I 182 -13.48 -25.39 20.48
C VAL I 182 -13.54 -25.64 21.97
N ILE I 183 -12.44 -26.17 22.49
CA ILE I 183 -12.33 -26.46 23.90
C ILE I 183 -11.08 -25.72 24.34
N GLU I 184 -11.21 -24.56 24.96
CA GLU I 184 -10.00 -23.92 25.40
C GLU I 184 -9.83 -24.16 26.87
N ILE I 185 -8.59 -24.26 27.29
CA ILE I 185 -8.29 -24.49 28.69
C ILE I 185 -7.25 -23.50 29.20
N GLU I 186 -7.71 -22.60 30.06
CA GLU I 186 -6.90 -21.56 30.65
C GLU I 186 -6.23 -22.03 31.93
N ILE I 187 -4.91 -22.19 31.92
CA ILE I 187 -4.21 -22.63 33.13
C ILE I 187 -3.62 -21.42 33.87
N PRO I 188 -4.37 -20.85 34.82
CA PRO I 188 -3.87 -19.69 35.58
C PRO I 188 -2.51 -19.96 36.18
N PRO I 189 -1.62 -18.97 36.21
CA PRO I 189 -0.28 -19.17 36.79
C PRO I 189 -0.33 -19.54 38.28
N LEU I 190 0.79 -20.05 38.77
CA LEU I 190 0.88 -20.47 40.18
C LEU I 190 0.47 -19.38 41.13
N ARG I 191 1.04 -18.20 40.93
CA ARG I 191 0.76 -17.02 41.75
C ARG I 191 -0.70 -16.98 42.21
N GLU I 192 -1.58 -17.56 41.41
CA GLU I 192 -3.00 -17.55 41.74
C GLU I 192 -3.57 -18.89 42.21
N ARG I 193 -2.70 -19.90 42.20
CA ARG I 193 -3.07 -21.24 42.66
C ARG I 193 -2.25 -21.51 43.91
N LYS I 194 -2.29 -20.58 44.85
CA LYS I 194 -1.51 -20.73 46.07
C LYS I 194 -1.75 -22.06 46.78
N GLU I 195 -2.99 -22.52 46.80
CA GLU I 195 -3.32 -23.75 47.46
C GLU I 195 -2.66 -24.98 46.82
N ASP I 196 -1.77 -24.76 45.85
CA ASP I 196 -1.07 -25.88 45.20
C ASP I 196 0.42 -25.67 45.39
N ILE I 197 0.78 -24.46 45.72
CA ILE I 197 2.20 -24.14 45.88
C ILE I 197 2.88 -25.12 46.83
N ILE I 198 2.27 -25.29 48.00
CA ILE I 198 2.77 -26.16 49.06
C ILE I 198 2.74 -27.64 48.71
N PRO I 199 1.57 -28.18 48.29
CA PRO I 199 1.55 -29.60 47.93
C PRO I 199 2.73 -29.81 46.98
N LEU I 200 2.58 -29.29 45.76
CA LEU I 200 3.60 -29.35 44.72
C LEU I 200 4.96 -29.40 45.37
N ALA I 201 5.18 -28.51 46.33
CA ALA I 201 6.45 -28.42 47.04
C ALA I 201 6.85 -29.75 47.64
N ASN I 202 5.99 -30.28 48.50
CA ASN I 202 6.26 -31.56 49.13
C ASN I 202 6.57 -32.52 47.98
N HIS I 203 5.54 -32.82 47.20
CA HIS I 203 5.65 -33.69 46.03
C HIS I 203 7.06 -33.62 45.44
N PHE I 204 7.53 -32.39 45.23
CA PHE I 204 8.86 -32.14 44.68
C PHE I 204 9.95 -32.48 45.68
N LEU I 205 9.83 -31.92 46.88
CA LEU I 205 10.81 -32.21 47.92
C LEU I 205 10.92 -33.73 48.01
N LYS I 206 9.76 -34.38 48.01
CA LYS I 206 9.67 -35.84 48.08
C LYS I 206 10.43 -36.48 46.94
N LYS I 207 10.01 -36.20 45.71
CA LYS I 207 10.65 -36.75 44.53
C LYS I 207 12.18 -36.52 44.53
N PHE I 208 12.58 -35.34 44.97
CA PHE I 208 14.00 -34.99 45.00
C PHE I 208 14.74 -35.61 46.19
N SER I 209 14.05 -35.70 47.32
CA SER I 209 14.64 -36.29 48.53
C SER I 209 15.09 -37.71 48.21
N ARG I 210 14.22 -38.47 47.55
CA ARG I 210 14.55 -39.83 47.17
C ARG I 210 15.70 -39.80 46.17
N LYS I 211 15.40 -39.33 44.95
CA LYS I 211 16.38 -39.23 43.86
C LYS I 211 17.82 -38.96 44.31
N TYR I 212 18.02 -37.89 45.07
CA TYR I 212 19.34 -37.52 45.53
C TYR I 212 19.60 -38.03 46.95
N ALA I 213 18.92 -39.11 47.30
CA ALA I 213 19.05 -39.73 48.63
C ALA I 213 19.36 -38.72 49.72
N LYS I 214 18.32 -38.03 50.17
CA LYS I 214 18.46 -37.05 51.23
C LYS I 214 17.44 -37.37 52.31
N GLU I 215 17.74 -36.96 53.54
CA GLU I 215 16.87 -37.20 54.67
C GLU I 215 15.89 -36.06 54.90
N VAL I 216 15.59 -35.29 53.85
CA VAL I 216 14.66 -34.18 54.00
C VAL I 216 13.24 -34.69 53.85
N GLU I 217 12.35 -34.24 54.73
CA GLU I 217 10.96 -34.70 54.70
C GLU I 217 9.96 -33.58 54.99
N GLY I 218 10.33 -32.35 54.65
CA GLY I 218 9.41 -31.25 54.88
C GLY I 218 10.02 -29.85 54.94
N PHE I 219 9.13 -28.86 54.86
CA PHE I 219 9.51 -27.46 54.92
C PHE I 219 8.98 -26.94 56.24
N THR I 220 9.78 -26.16 56.95
CA THR I 220 9.35 -25.60 58.22
C THR I 220 8.29 -24.54 57.90
N LYS I 221 7.63 -24.01 58.92
CA LYS I 221 6.61 -22.99 58.70
C LYS I 221 7.32 -21.73 58.21
N SER I 222 8.58 -21.60 58.59
CA SER I 222 9.41 -20.45 58.21
C SER I 222 9.59 -20.47 56.68
N ALA I 223 9.45 -21.64 56.09
CA ALA I 223 9.60 -21.79 54.64
C ALA I 223 8.25 -21.69 53.92
N GLN I 224 7.33 -22.57 54.28
CA GLN I 224 6.01 -22.59 53.66
C GLN I 224 5.40 -21.24 53.36
N GLU I 225 5.70 -20.23 54.17
CA GLU I 225 5.13 -18.89 53.93
C GLU I 225 5.86 -18.20 52.78
N LEU I 226 7.18 -18.35 52.75
CA LEU I 226 8.00 -17.76 51.71
C LEU I 226 7.51 -18.22 50.35
N LEU I 227 7.55 -19.53 50.12
CA LEU I 227 7.11 -20.12 48.85
C LEU I 227 5.71 -19.59 48.56
N LEU I 228 4.80 -19.74 49.53
CA LEU I 228 3.41 -19.30 49.37
C LEU I 228 3.22 -17.79 49.13
N SER I 229 4.32 -17.06 49.03
CA SER I 229 4.28 -15.61 48.81
C SER I 229 4.87 -15.29 47.45
N TYR I 230 6.13 -15.69 47.27
CA TYR I 230 6.86 -15.47 46.03
C TYR I 230 5.91 -15.56 44.83
N PRO I 231 6.17 -14.77 43.76
CA PRO I 231 5.38 -14.70 42.53
C PRO I 231 5.44 -15.91 41.59
N TRP I 232 6.55 -16.66 41.62
CA TRP I 232 6.71 -17.82 40.75
C TRP I 232 6.35 -17.46 39.31
N TYR I 233 7.21 -16.65 38.71
CA TYR I 233 7.02 -16.19 37.33
C TYR I 233 7.35 -17.29 36.34
N GLY I 234 8.16 -18.24 36.80
CA GLY I 234 8.51 -19.36 35.95
C GLY I 234 7.49 -20.44 36.26
N ASN I 235 6.64 -20.15 37.23
CA ASN I 235 5.61 -21.08 37.66
C ASN I 235 6.18 -22.47 37.95
N VAL I 236 5.29 -23.45 38.17
CA VAL I 236 5.66 -24.83 38.50
C VAL I 236 7.04 -25.25 38.04
N ARG I 237 7.44 -24.76 36.87
CA ARG I 237 8.75 -25.08 36.31
C ARG I 237 9.85 -24.51 37.21
N GLU I 238 9.53 -23.41 37.87
CA GLU I 238 10.49 -22.77 38.76
C GLU I 238 10.42 -23.46 40.12
N LEU I 239 9.22 -23.82 40.54
CA LEU I 239 9.08 -24.51 41.82
C LEU I 239 10.02 -25.69 41.75
N LYS I 240 9.60 -26.73 41.02
CA LYS I 240 10.39 -27.94 40.84
C LYS I 240 11.89 -27.66 40.79
N ASN I 241 12.31 -26.62 40.11
CA ASN I 241 13.73 -26.32 40.02
C ASN I 241 14.28 -25.74 41.32
N VAL I 242 13.60 -24.74 41.86
CA VAL I 242 14.04 -24.10 43.10
C VAL I 242 14.13 -25.11 44.24
N ILE I 243 13.16 -26.01 44.34
CA ILE I 243 13.16 -27.03 45.38
C ILE I 243 14.34 -28.00 45.21
N GLU I 244 14.53 -28.51 44.01
CA GLU I 244 15.61 -29.44 43.71
C GLU I 244 16.98 -28.81 44.01
N ARG I 245 16.99 -27.51 44.27
CA ARG I 245 18.23 -26.82 44.57
C ARG I 245 18.33 -26.83 46.08
N ALA I 246 17.18 -26.90 46.73
CA ALA I 246 17.11 -26.96 48.19
C ALA I 246 17.40 -28.39 48.63
N VAL I 247 16.73 -29.35 48.01
CA VAL I 247 16.95 -30.75 48.33
C VAL I 247 18.32 -31.16 47.80
N LEU I 248 19.28 -30.26 47.89
CA LEU I 248 20.66 -30.49 47.47
C LEU I 248 21.58 -29.70 48.40
N PHE I 249 21.13 -28.51 48.80
CA PHE I 249 21.86 -27.69 49.75
C PHE I 249 21.15 -27.94 51.08
N SER I 250 20.51 -29.11 51.16
CA SER I 250 19.76 -29.55 52.33
C SER I 250 20.57 -30.48 53.21
N GLU I 251 20.71 -30.09 54.48
CA GLU I 251 21.45 -30.87 55.45
C GLU I 251 20.51 -31.65 56.36
N GLY I 252 19.78 -30.91 57.20
CA GLY I 252 18.84 -31.54 58.12
C GLY I 252 17.73 -32.29 57.42
N LYS I 253 16.65 -32.54 58.16
CA LYS I 253 15.50 -33.26 57.64
C LYS I 253 14.52 -32.24 57.05
N PHE I 254 14.60 -31.01 57.55
CA PHE I 254 13.70 -29.95 57.09
C PHE I 254 14.43 -28.78 56.42
N ILE I 255 13.70 -28.04 55.60
CA ILE I 255 14.24 -26.90 54.87
C ILE I 255 13.42 -25.64 55.20
N ASP I 256 14.11 -24.52 55.42
CA ASP I 256 13.39 -23.28 55.75
C ASP I 256 14.03 -22.01 55.17
N ARG I 257 13.39 -20.88 55.45
CA ARG I 257 13.81 -19.55 55.00
C ARG I 257 15.26 -19.44 54.57
N GLY I 258 16.18 -19.90 55.40
CA GLY I 258 17.59 -19.84 55.06
C GLY I 258 17.93 -20.36 53.67
N GLU I 259 17.76 -21.66 53.46
CA GLU I 259 18.05 -22.23 52.15
C GLU I 259 17.30 -21.45 51.06
N LEU I 260 15.98 -21.62 51.03
CA LEU I 260 15.12 -20.96 50.04
C LEU I 260 15.48 -19.51 49.68
N SER I 261 15.62 -18.67 50.71
CA SER I 261 15.92 -17.24 50.53
C SER I 261 17.11 -16.89 49.61
N CYS I 262 18.15 -17.74 49.61
CA CYS I 262 19.31 -17.48 48.77
C CYS I 262 19.15 -18.20 47.43
N LEU I 263 17.92 -18.23 46.94
CA LEU I 263 17.62 -18.89 45.67
C LEU I 263 16.85 -17.98 44.70
N VAL I 264 15.73 -17.42 45.19
CA VAL I 264 14.89 -16.54 44.37
C VAL I 264 15.23 -15.06 44.60
N GLU J 18 -30.65 -33.73 8.38
CA GLU J 18 -31.76 -32.73 8.49
C GLU J 18 -31.18 -31.32 8.60
N TYR J 19 -31.91 -30.35 8.06
CA TYR J 19 -31.46 -28.97 8.10
C TYR J 19 -32.59 -28.12 8.65
N VAL J 20 -32.25 -26.92 9.08
CA VAL J 20 -33.27 -26.03 9.61
C VAL J 20 -33.05 -24.57 9.23
N PHE J 21 -34.02 -24.01 8.51
CA PHE J 21 -33.96 -22.62 8.10
C PHE J 21 -35.33 -22.09 8.44
N GLU J 22 -35.43 -21.42 9.59
CA GLU J 22 -36.70 -20.88 10.06
C GLU J 22 -36.66 -19.35 10.13
N SER J 23 -35.65 -18.74 9.51
CA SER J 23 -35.49 -17.29 9.55
C SER J 23 -36.14 -16.60 8.36
N PRO J 24 -36.08 -15.24 8.30
CA PRO J 24 -36.67 -14.49 7.19
C PRO J 24 -35.85 -14.63 5.91
N LYS J 25 -34.65 -14.07 5.91
CA LYS J 25 -33.80 -14.15 4.74
C LYS J 25 -33.55 -15.58 4.32
N MET J 26 -33.48 -16.49 5.29
CA MET J 26 -33.23 -17.90 5.02
C MET J 26 -34.40 -18.61 4.40
N LYS J 27 -35.49 -18.73 5.15
CA LYS J 27 -36.67 -19.40 4.64
C LYS J 27 -37.04 -18.81 3.29
N GLU J 28 -36.60 -17.58 3.06
CA GLU J 28 -36.84 -16.88 1.79
C GLU J 28 -35.92 -17.50 0.75
N ILE J 29 -34.68 -17.76 1.18
CA ILE J 29 -33.66 -18.37 0.33
C ILE J 29 -34.06 -19.80 -0.03
N LEU J 30 -34.64 -20.51 0.92
CA LEU J 30 -35.07 -21.86 0.65
C LEU J 30 -35.92 -21.84 -0.63
N GLU J 31 -36.53 -20.70 -0.92
CA GLU J 31 -37.35 -20.57 -2.11
C GLU J 31 -36.54 -20.31 -3.38
N LYS J 32 -35.66 -19.31 -3.36
CA LYS J 32 -34.84 -19.03 -4.53
C LYS J 32 -34.17 -20.32 -4.97
N ILE J 33 -33.83 -21.15 -4.00
CA ILE J 33 -33.20 -22.42 -4.28
C ILE J 33 -34.15 -23.31 -5.07
N LYS J 34 -35.36 -23.53 -4.55
CA LYS J 34 -36.36 -24.37 -5.23
C LYS J 34 -36.66 -23.95 -6.67
N LYS J 35 -36.63 -22.65 -6.94
CA LYS J 35 -36.88 -22.13 -8.29
C LYS J 35 -35.60 -22.10 -9.12
N ILE J 36 -34.49 -22.48 -8.50
CA ILE J 36 -33.19 -22.49 -9.15
C ILE J 36 -32.67 -23.90 -9.47
N SER J 37 -32.85 -24.80 -8.52
CA SER J 37 -32.42 -26.18 -8.68
C SER J 37 -32.68 -26.66 -10.10
N CYS J 38 -33.89 -26.38 -10.60
CA CYS J 38 -34.29 -26.78 -11.95
C CYS J 38 -33.74 -25.87 -13.06
N ALA J 39 -32.43 -25.65 -13.03
CA ALA J 39 -31.75 -24.82 -14.02
C ALA J 39 -30.40 -25.44 -14.31
N GLU J 40 -29.47 -24.64 -14.83
CA GLU J 40 -28.13 -25.13 -15.14
C GLU J 40 -27.05 -24.05 -15.11
N CYS J 41 -27.46 -22.79 -15.09
CA CYS J 41 -26.50 -21.70 -15.07
C CYS J 41 -25.72 -21.63 -13.74
N PRO J 42 -24.56 -20.96 -13.75
CA PRO J 42 -23.71 -20.81 -12.57
C PRO J 42 -24.26 -19.89 -11.46
N VAL J 43 -24.25 -20.42 -10.23
CA VAL J 43 -24.74 -19.69 -9.08
C VAL J 43 -23.60 -19.27 -8.18
N LEU J 44 -23.74 -18.09 -7.60
CA LEU J 44 -22.74 -17.56 -6.70
C LEU J 44 -23.35 -17.62 -5.30
N ILE J 45 -22.50 -17.75 -4.28
CA ILE J 45 -22.96 -17.82 -2.89
C ILE J 45 -21.98 -17.03 -2.04
N THR J 46 -22.31 -15.77 -1.77
CA THR J 46 -21.43 -14.91 -0.99
C THR J 46 -21.80 -14.79 0.49
N GLY J 47 -20.86 -14.31 1.29
CA GLY J 47 -21.08 -14.15 2.73
C GLY J 47 -19.84 -14.38 3.57
N GLU J 48 -20.02 -14.40 4.90
CA GLU J 48 -18.90 -14.62 5.83
C GLU J 48 -18.73 -16.10 6.08
N SER J 49 -17.50 -16.50 6.38
CA SER J 49 -17.19 -17.90 6.66
C SER J 49 -18.17 -18.64 7.60
N GLY J 50 -18.57 -19.84 7.19
CA GLY J 50 -19.46 -20.64 8.02
C GLY J 50 -20.90 -20.20 8.24
N VAL J 51 -21.54 -19.68 7.20
CA VAL J 51 -22.93 -19.25 7.32
C VAL J 51 -23.85 -20.29 6.72
N GLY J 52 -23.27 -21.19 5.92
CA GLY J 52 -24.05 -22.24 5.30
C GLY J 52 -23.93 -22.33 3.78
N LYS J 53 -23.04 -21.51 3.22
CA LYS J 53 -22.82 -21.49 1.80
C LYS J 53 -22.83 -22.91 1.23
N GLU J 54 -21.92 -23.75 1.72
CA GLU J 54 -21.82 -25.14 1.26
C GLU J 54 -23.12 -25.90 1.41
N VAL J 55 -23.77 -25.75 2.57
CA VAL J 55 -25.03 -26.43 2.79
C VAL J 55 -26.02 -25.95 1.74
N VAL J 56 -25.88 -24.69 1.35
CA VAL J 56 -26.73 -24.10 0.33
C VAL J 56 -26.37 -24.83 -0.95
N ALA J 57 -25.07 -24.89 -1.25
CA ALA J 57 -24.58 -25.56 -2.43
C ALA J 57 -25.10 -27.00 -2.43
N ARG J 58 -24.90 -27.69 -1.32
CA ARG J 58 -25.35 -29.07 -1.17
C ARG J 58 -26.86 -29.20 -1.38
N LEU J 59 -27.59 -28.18 -0.96
CA LEU J 59 -29.05 -28.17 -1.06
C LEU J 59 -29.47 -27.93 -2.50
N ILE J 60 -28.85 -26.92 -3.13
CA ILE J 60 -29.15 -26.58 -4.51
C ILE J 60 -28.99 -27.86 -5.32
N HIS J 61 -27.96 -28.64 -4.98
CA HIS J 61 -27.70 -29.89 -5.67
C HIS J 61 -28.82 -30.88 -5.36
N LYS J 62 -29.09 -31.10 -4.07
CA LYS J 62 -30.13 -32.04 -3.65
C LYS J 62 -31.52 -31.71 -4.19
N LEU J 63 -31.61 -30.66 -4.98
CA LEU J 63 -32.89 -30.26 -5.55
C LEU J 63 -32.84 -30.06 -7.08
N SER J 64 -31.65 -29.79 -7.62
CA SER J 64 -31.52 -29.57 -9.05
C SER J 64 -32.01 -30.82 -9.79
N ASP J 65 -31.99 -30.76 -11.11
CA ASP J 65 -32.46 -31.87 -11.93
C ASP J 65 -31.47 -33.04 -11.90
N ARG J 66 -30.28 -32.81 -11.37
CA ARG J 66 -29.22 -33.81 -11.30
C ARG J 66 -28.91 -34.25 -9.88
N SER J 67 -29.94 -34.33 -9.04
CA SER J 67 -29.78 -34.72 -7.62
C SER J 67 -28.96 -35.98 -7.41
N LYS J 68 -29.35 -37.04 -8.09
CA LYS J 68 -28.71 -38.34 -7.98
C LYS J 68 -27.27 -38.30 -8.51
N GLU J 69 -27.03 -37.36 -9.41
CA GLU J 69 -25.71 -37.17 -10.03
C GLU J 69 -24.67 -36.77 -8.98
N PRO J 70 -23.37 -36.74 -9.36
CA PRO J 70 -22.30 -36.38 -8.43
C PRO J 70 -22.18 -34.89 -8.06
N PHE J 71 -21.67 -34.64 -6.86
CA PHE J 71 -21.46 -33.29 -6.35
C PHE J 71 -20.00 -33.20 -5.94
N VAL J 72 -19.14 -32.82 -6.87
CA VAL J 72 -17.73 -32.71 -6.55
C VAL J 72 -17.40 -31.39 -5.90
N ALA J 73 -17.09 -31.45 -4.60
CA ALA J 73 -16.75 -30.26 -3.83
C ALA J 73 -15.27 -30.26 -3.52
N LEU J 74 -14.65 -29.12 -3.75
CA LEU J 74 -13.23 -28.97 -3.50
C LEU J 74 -13.02 -27.59 -2.90
N ASN J 75 -11.91 -27.40 -2.20
CA ASN J 75 -11.63 -26.11 -1.60
C ASN J 75 -10.53 -25.40 -2.37
N VAL J 76 -10.81 -24.18 -2.83
CA VAL J 76 -9.83 -23.40 -3.62
C VAL J 76 -8.53 -23.01 -2.91
N ALA J 77 -8.54 -22.91 -1.58
CA ALA J 77 -7.32 -22.55 -0.87
C ALA J 77 -6.59 -23.77 -0.36
N SER J 78 -7.25 -24.92 -0.42
CA SER J 78 -6.70 -26.17 0.06
C SER J 78 -5.75 -26.89 -0.88
N ILE J 79 -5.44 -26.30 -2.03
CA ILE J 79 -4.53 -26.91 -2.99
C ILE J 79 -3.62 -25.84 -3.57
N PRO J 80 -2.30 -26.09 -3.55
CA PRO J 80 -1.36 -25.11 -4.08
C PRO J 80 -1.78 -24.53 -5.43
N ARG J 81 -1.94 -23.20 -5.48
CA ARG J 81 -2.33 -22.52 -6.70
C ARG J 81 -1.55 -23.08 -7.90
N ASP J 82 -0.39 -23.67 -7.60
CA ASP J 82 0.49 -24.25 -8.63
C ASP J 82 0.16 -25.69 -9.01
N ILE J 83 -0.93 -26.21 -8.48
CA ILE J 83 -1.31 -27.56 -8.83
C ILE J 83 -2.74 -27.52 -9.27
N PHE J 84 -3.46 -26.51 -8.81
CA PHE J 84 -4.86 -26.37 -9.13
C PHE J 84 -5.14 -26.46 -10.63
N GLU J 85 -4.46 -25.62 -11.41
CA GLU J 85 -4.65 -25.61 -12.86
C GLU J 85 -4.66 -27.04 -13.40
N ALA J 86 -3.74 -27.85 -12.90
CA ALA J 86 -3.62 -29.24 -13.33
C ALA J 86 -4.63 -30.15 -12.65
N GLU J 87 -4.98 -29.83 -11.41
CA GLU J 87 -5.95 -30.65 -10.67
C GLU J 87 -7.39 -30.43 -11.12
N LEU J 88 -7.78 -29.17 -11.32
CA LEU J 88 -9.13 -28.85 -11.73
C LEU J 88 -9.40 -29.23 -13.20
N PHE J 89 -8.52 -28.81 -14.10
CA PHE J 89 -8.67 -29.11 -15.53
C PHE J 89 -8.01 -30.43 -15.91
N GLY J 90 -6.69 -30.48 -15.80
CA GLY J 90 -6.00 -31.69 -16.12
C GLY J 90 -4.66 -31.47 -16.79
N TYR J 91 -4.13 -32.54 -17.37
CA TYR J 91 -2.85 -32.49 -18.07
C TYR J 91 -2.65 -33.62 -19.08
N GLU J 92 -1.68 -33.40 -19.96
CA GLU J 92 -1.30 -34.37 -20.98
C GLU J 92 0.03 -34.96 -20.51
N LYS J 93 0.48 -36.00 -21.19
CA LYS J 93 1.76 -36.58 -20.83
C LYS J 93 2.82 -35.50 -21.09
N GLY J 94 3.80 -35.38 -20.21
CA GLY J 94 4.83 -34.38 -20.41
C GLY J 94 4.47 -33.03 -19.84
N ALA J 95 3.65 -33.04 -18.79
CA ALA J 95 3.24 -31.81 -18.12
C ALA J 95 4.37 -31.44 -17.15
N PHE J 96 4.26 -31.88 -15.91
CA PHE J 96 5.28 -31.62 -14.90
C PHE J 96 6.19 -32.83 -14.67
N THR J 97 7.48 -32.61 -14.89
CA THR J 97 8.51 -33.63 -14.76
C THR J 97 8.22 -34.65 -13.65
N GLY J 98 8.48 -35.92 -13.95
CA GLY J 98 8.25 -36.97 -12.96
C GLY J 98 6.79 -37.36 -12.82
N ALA J 99 5.90 -36.39 -12.99
CA ALA J 99 4.46 -36.66 -12.91
C ALA J 99 4.12 -37.11 -14.31
N VAL J 100 4.05 -38.41 -14.51
CA VAL J 100 3.82 -38.95 -15.83
C VAL J 100 2.44 -39.53 -16.15
N SER J 101 2.23 -39.76 -17.45
CA SER J 101 1.00 -40.30 -18.01
C SER J 101 -0.18 -39.35 -17.93
N SER J 102 -1.00 -39.37 -18.97
CA SER J 102 -2.18 -38.52 -19.03
C SER J 102 -3.16 -38.94 -17.94
N LYS J 103 -3.59 -37.97 -17.13
CA LYS J 103 -4.53 -38.23 -16.05
C LYS J 103 -5.63 -37.18 -16.14
N GLU J 104 -6.82 -37.52 -15.65
CA GLU J 104 -7.98 -36.63 -15.68
C GLU J 104 -7.80 -35.28 -14.99
N GLY J 105 -8.92 -34.71 -14.55
CA GLY J 105 -8.90 -33.43 -13.87
C GLY J 105 -10.24 -33.32 -13.18
N PHE J 106 -10.35 -32.44 -12.20
CA PHE J 106 -11.61 -32.29 -11.47
C PHE J 106 -12.85 -32.01 -12.32
N PHE J 107 -12.77 -31.03 -13.20
CA PHE J 107 -13.91 -30.70 -14.04
C PHE J 107 -14.58 -31.95 -14.61
N GLU J 108 -13.83 -32.71 -15.38
CA GLU J 108 -14.35 -33.92 -15.99
C GLU J 108 -14.97 -34.88 -14.97
N LEU J 109 -14.31 -35.03 -13.83
CA LEU J 109 -14.80 -35.92 -12.79
C LEU J 109 -16.25 -35.54 -12.54
N ALA J 110 -16.50 -34.24 -12.56
CA ALA J 110 -17.82 -33.69 -12.30
C ALA J 110 -18.72 -33.63 -13.52
N ASP J 111 -18.29 -34.29 -14.61
CA ASP J 111 -19.08 -34.29 -15.83
C ASP J 111 -20.44 -34.97 -15.59
N GLY J 112 -21.49 -34.15 -15.55
CA GLY J 112 -22.82 -34.67 -15.30
C GLY J 112 -23.37 -34.20 -13.96
N GLY J 113 -22.48 -33.98 -12.99
CA GLY J 113 -22.90 -33.52 -11.69
C GLY J 113 -22.72 -32.01 -11.51
N THR J 114 -22.34 -31.62 -10.29
CA THR J 114 -22.13 -30.21 -10.00
C THR J 114 -20.77 -30.00 -9.37
N LEU J 115 -20.08 -28.94 -9.79
CA LEU J 115 -18.78 -28.62 -9.24
C LEU J 115 -18.98 -27.47 -8.25
N PHE J 116 -18.31 -27.56 -7.11
CA PHE J 116 -18.43 -26.53 -6.09
C PHE J 116 -17.07 -25.93 -5.75
N LEU J 117 -16.81 -24.76 -6.28
CA LEU J 117 -15.55 -24.09 -6.01
C LEU J 117 -15.67 -23.23 -4.76
N ASP J 118 -15.17 -23.73 -3.64
CA ASP J 118 -15.22 -22.99 -2.39
C ASP J 118 -14.18 -21.89 -2.42
N GLU J 119 -14.58 -20.69 -2.02
CA GLU J 119 -13.70 -19.53 -2.00
C GLU J 119 -13.05 -19.33 -3.37
N ILE J 120 -13.81 -18.68 -4.24
CA ILE J 120 -13.34 -18.38 -5.58
C ILE J 120 -12.11 -17.48 -5.52
N GLY J 121 -12.33 -16.26 -5.03
CA GLY J 121 -11.29 -15.25 -4.92
C GLY J 121 -9.83 -15.61 -5.09
N GLU J 122 -9.44 -16.81 -4.67
CA GLU J 122 -8.07 -17.23 -4.80
C GLU J 122 -7.67 -17.63 -6.22
N LEU J 123 -8.66 -18.00 -7.05
CA LEU J 123 -8.39 -18.41 -8.42
C LEU J 123 -7.43 -17.51 -9.14
N SER J 124 -6.28 -18.06 -9.51
CA SER J 124 -5.26 -17.29 -10.23
C SER J 124 -6.01 -16.66 -11.39
N LEU J 125 -5.53 -15.53 -11.88
CA LEU J 125 -6.19 -14.88 -12.99
C LEU J 125 -6.32 -15.92 -14.10
N GLU J 126 -5.27 -16.71 -14.29
CA GLU J 126 -5.23 -17.77 -15.30
C GLU J 126 -6.44 -18.69 -15.11
N ALA J 127 -6.56 -19.22 -13.91
CA ALA J 127 -7.67 -20.11 -13.58
C ALA J 127 -9.02 -19.45 -13.77
N GLN J 128 -9.09 -18.13 -13.50
CA GLN J 128 -10.34 -17.40 -13.64
C GLN J 128 -10.72 -17.27 -15.12
N ALA J 129 -9.76 -16.82 -15.93
CA ALA J 129 -9.99 -16.68 -17.36
C ALA J 129 -10.37 -18.04 -17.89
N LYS J 130 -9.55 -19.03 -17.56
CA LYS J 130 -9.75 -20.41 -17.99
C LYS J 130 -11.13 -20.92 -17.58
N LEU J 131 -11.60 -20.48 -16.40
CA LEU J 131 -12.92 -20.88 -15.92
C LEU J 131 -13.94 -20.34 -16.92
N LEU J 132 -13.91 -19.01 -17.12
CA LEU J 132 -14.79 -18.29 -18.04
C LEU J 132 -15.17 -19.16 -19.23
N ARG J 133 -14.18 -19.43 -20.07
CA ARG J 133 -14.38 -20.28 -21.24
C ARG J 133 -15.26 -21.48 -20.91
N VAL J 134 -14.86 -22.24 -19.90
CA VAL J 134 -15.58 -23.46 -19.48
C VAL J 134 -17.07 -23.27 -19.20
N ILE J 135 -17.42 -22.25 -18.43
CA ILE J 135 -18.82 -21.98 -18.09
C ILE J 135 -19.64 -21.73 -19.36
N GLU J 136 -19.09 -20.96 -20.28
CA GLU J 136 -19.78 -20.61 -21.52
C GLU J 136 -19.83 -21.75 -22.55
N SER J 137 -18.68 -22.15 -23.05
CA SER J 137 -18.62 -23.21 -24.05
C SER J 137 -18.68 -24.65 -23.50
N GLY J 138 -18.41 -24.84 -22.21
CA GLY J 138 -18.44 -26.18 -21.66
C GLY J 138 -17.25 -26.97 -22.18
N LYS J 139 -16.27 -26.24 -22.72
CA LYS J 139 -15.05 -26.82 -23.26
C LYS J 139 -13.85 -26.21 -22.56
N PHE J 140 -12.72 -26.90 -22.64
CA PHE J 140 -11.48 -26.42 -22.03
C PHE J 140 -10.32 -27.30 -22.47
N TYR J 141 -9.12 -26.72 -22.46
CA TYR J 141 -7.90 -27.44 -22.84
C TYR J 141 -7.14 -27.93 -21.60
N ARG J 142 -6.75 -29.20 -21.59
CA ARG J 142 -5.97 -29.69 -20.46
C ARG J 142 -4.75 -28.79 -20.49
N LEU J 143 -4.14 -28.52 -19.33
CA LEU J 143 -2.97 -27.68 -19.30
C LEU J 143 -2.00 -28.30 -20.30
N GLY J 144 -1.48 -27.48 -21.21
CA GLY J 144 -0.55 -27.98 -22.20
C GLY J 144 -1.16 -29.03 -23.12
N GLY J 145 -2.49 -29.01 -23.22
CA GLY J 145 -3.21 -29.96 -24.05
C GLY J 145 -3.54 -29.47 -25.45
N ARG J 146 -3.98 -30.39 -26.30
CA ARG J 146 -4.33 -30.04 -27.68
C ARG J 146 -5.76 -30.41 -28.06
N LYS J 147 -6.32 -31.45 -27.45
CA LYS J 147 -7.71 -31.80 -27.74
C LYS J 147 -8.49 -30.90 -26.80
N GLU J 148 -9.61 -30.38 -27.29
CA GLU J 148 -10.46 -29.49 -26.52
C GLU J 148 -11.49 -30.33 -25.77
N ILE J 149 -11.34 -30.47 -24.45
CA ILE J 149 -12.27 -31.28 -23.65
C ILE J 149 -13.57 -30.54 -23.44
N GLU J 150 -14.69 -31.26 -23.57
CA GLU J 150 -16.00 -30.65 -23.38
C GLU J 150 -16.74 -31.38 -22.28
N VAL J 151 -17.18 -30.61 -21.30
CA VAL J 151 -17.90 -31.17 -20.16
C VAL J 151 -19.17 -30.39 -19.85
N ASN J 152 -20.13 -31.08 -19.25
CA ASN J 152 -21.37 -30.46 -18.85
C ASN J 152 -21.30 -30.35 -17.34
N VAL J 153 -20.91 -29.18 -16.84
CA VAL J 153 -20.78 -28.96 -15.40
C VAL J 153 -21.53 -27.74 -14.87
N ARG J 154 -22.24 -27.95 -13.77
CA ARG J 154 -23.03 -26.93 -13.08
C ARG J 154 -22.09 -26.21 -12.11
N ILE J 155 -21.75 -24.96 -12.41
CA ILE J 155 -20.84 -24.19 -11.57
C ILE J 155 -21.51 -23.45 -10.40
N LEU J 156 -21.14 -23.83 -9.17
CA LEU J 156 -21.66 -23.23 -7.95
C LEU J 156 -20.53 -22.52 -7.21
N ALA J 157 -20.38 -21.23 -7.48
CA ALA J 157 -19.34 -20.42 -6.85
C ALA J 157 -19.63 -20.25 -5.36
N ALA J 158 -18.66 -19.69 -4.64
CA ALA J 158 -18.79 -19.47 -3.21
C ALA J 158 -17.55 -18.79 -2.64
N THR J 159 -17.64 -17.50 -2.34
CA THR J 159 -16.52 -16.77 -1.76
C THR J 159 -16.96 -16.07 -0.49
N ASN J 160 -15.99 -15.74 0.35
CA ASN J 160 -16.27 -15.04 1.60
C ASN J 160 -15.77 -13.62 1.49
N ARG J 161 -15.16 -13.30 0.34
CA ARG J 161 -14.64 -11.96 0.06
C ARG J 161 -15.60 -11.20 -0.85
N ASN J 162 -15.32 -9.92 -1.06
CA ASN J 162 -16.16 -9.14 -1.93
C ASN J 162 -15.49 -9.13 -3.28
N ILE J 163 -16.12 -9.81 -4.23
CA ILE J 163 -15.63 -9.91 -5.58
C ILE J 163 -15.48 -8.52 -6.17
N LYS J 164 -16.61 -7.82 -6.25
CA LYS J 164 -16.68 -6.47 -6.80
C LYS J 164 -15.52 -5.60 -6.33
N GLU J 165 -14.99 -5.90 -5.14
CA GLU J 165 -13.89 -5.12 -4.59
C GLU J 165 -12.56 -5.66 -5.11
N LEU J 166 -12.48 -6.98 -5.26
CA LEU J 166 -11.26 -7.61 -5.77
C LEU J 166 -11.09 -7.26 -7.25
N VAL J 167 -12.22 -6.99 -7.92
CA VAL J 167 -12.22 -6.62 -9.32
C VAL J 167 -11.54 -5.27 -9.51
N LYS J 168 -11.94 -4.29 -8.69
CA LYS J 168 -11.39 -2.93 -8.72
C LYS J 168 -9.87 -2.94 -8.66
N GLU J 169 -9.34 -3.54 -7.60
CA GLU J 169 -7.90 -3.61 -7.42
C GLU J 169 -7.31 -4.24 -8.67
N GLY J 170 -8.11 -5.09 -9.32
CA GLY J 170 -7.69 -5.77 -10.53
C GLY J 170 -7.17 -7.15 -10.19
N LYS J 171 -7.68 -7.71 -9.09
CA LYS J 171 -7.28 -9.03 -8.63
C LYS J 171 -8.23 -10.11 -9.12
N PHE J 172 -9.38 -9.70 -9.63
CA PHE J 172 -10.36 -10.66 -10.13
C PHE J 172 -10.86 -10.22 -11.49
N ARG J 173 -11.17 -11.18 -12.36
CA ARG J 173 -11.68 -10.85 -13.68
C ARG J 173 -13.09 -10.25 -13.55
N GLU J 174 -13.36 -9.22 -14.36
CA GLU J 174 -14.65 -8.54 -14.35
C GLU J 174 -15.76 -9.33 -15.05
N ASP J 175 -15.51 -9.74 -16.30
CA ASP J 175 -16.50 -10.50 -17.05
C ASP J 175 -16.89 -11.82 -16.40
N LEU J 176 -15.89 -12.50 -15.81
CA LEU J 176 -16.09 -13.78 -15.14
C LEU J 176 -17.12 -13.64 -14.03
N TYR J 177 -17.06 -12.52 -13.32
CA TYR J 177 -17.99 -12.25 -12.25
C TYR J 177 -19.39 -12.14 -12.80
N TYR J 178 -19.50 -11.50 -13.97
CA TYR J 178 -20.78 -11.31 -14.63
C TYR J 178 -21.41 -12.61 -15.10
N ARG J 179 -20.57 -13.59 -15.42
CA ARG J 179 -21.07 -14.88 -15.89
C ARG J 179 -21.45 -15.89 -14.78
N LEU J 180 -21.32 -15.46 -13.52
CA LEU J 180 -21.67 -16.30 -12.37
C LEU J 180 -22.81 -15.62 -11.61
N GLY J 181 -22.70 -14.29 -11.50
CA GLY J 181 -23.68 -13.48 -10.80
C GLY J 181 -25.09 -13.66 -11.28
N VAL J 182 -25.24 -14.40 -12.37
CA VAL J 182 -26.55 -14.68 -12.94
C VAL J 182 -27.47 -14.92 -11.76
N ILE J 183 -27.09 -15.85 -10.90
CA ILE J 183 -27.89 -16.18 -9.72
C ILE J 183 -27.05 -16.06 -8.44
N GLU J 184 -26.80 -14.82 -8.01
CA GLU J 184 -26.02 -14.57 -6.81
C GLU J 184 -26.87 -14.67 -5.55
N ILE J 185 -26.48 -15.57 -4.64
CA ILE J 185 -27.18 -15.75 -3.37
C ILE J 185 -26.39 -15.13 -2.22
N GLU J 186 -27.01 -14.20 -1.51
CA GLU J 186 -26.37 -13.54 -0.40
C GLU J 186 -26.73 -14.28 0.89
N ILE J 187 -25.71 -14.73 1.62
CA ILE J 187 -25.95 -15.42 2.86
C ILE J 187 -25.63 -14.45 4.00
N PRO J 188 -26.65 -14.08 4.78
CA PRO J 188 -26.52 -13.15 5.91
C PRO J 188 -25.86 -13.79 7.11
N PRO J 189 -24.81 -13.14 7.64
CA PRO J 189 -24.15 -13.72 8.80
C PRO J 189 -25.21 -14.06 9.84
N LEU J 190 -24.88 -14.95 10.78
CA LEU J 190 -25.81 -15.36 11.81
C LEU J 190 -26.46 -14.20 12.54
N ARG J 191 -25.63 -13.20 12.87
CA ARG J 191 -26.09 -12.02 13.61
C ARG J 191 -27.26 -11.23 13.00
N GLU J 192 -27.82 -11.73 11.90
CA GLU J 192 -28.94 -11.08 11.24
C GLU J 192 -29.98 -12.14 10.94
N ARG J 193 -29.94 -13.21 11.73
CA ARG J 193 -30.87 -14.33 11.54
C ARG J 193 -31.32 -14.92 12.87
N LYS J 194 -31.19 -14.15 13.95
CA LYS J 194 -31.55 -14.61 15.30
C LYS J 194 -32.61 -15.71 15.28
N GLU J 195 -33.68 -15.50 14.53
CA GLU J 195 -34.76 -16.48 14.41
C GLU J 195 -34.17 -17.88 14.25
N ASP J 196 -32.97 -17.93 13.68
CA ASP J 196 -32.23 -19.18 13.45
C ASP J 196 -31.49 -19.63 14.71
N ILE J 197 -30.59 -18.76 15.16
CA ILE J 197 -29.77 -19.02 16.31
C ILE J 197 -30.35 -20.01 17.31
N ILE J 198 -31.55 -19.75 17.80
CA ILE J 198 -32.12 -20.64 18.79
C ILE J 198 -32.45 -22.09 18.31
N PRO J 199 -33.22 -22.25 17.22
CA PRO J 199 -33.53 -23.61 16.77
C PRO J 199 -32.28 -24.38 16.35
N LEU J 200 -31.28 -23.64 15.88
CA LEU J 200 -30.04 -24.27 15.46
C LEU J 200 -29.35 -24.84 16.71
N ALA J 201 -29.52 -24.13 17.82
CA ALA J 201 -28.94 -24.53 19.09
C ALA J 201 -29.50 -25.90 19.51
N ASN J 202 -30.82 -25.99 19.65
CA ASN J 202 -31.40 -27.26 20.02
C ASN J 202 -30.81 -28.32 19.11
N HIS J 203 -31.22 -28.30 17.83
CA HIS J 203 -30.75 -29.24 16.82
C HIS J 203 -29.33 -29.76 17.13
N PHE J 204 -28.38 -28.84 17.23
CA PHE J 204 -27.01 -29.21 17.54
C PHE J 204 -26.97 -30.01 18.81
N LEU J 205 -27.55 -29.44 19.87
CA LEU J 205 -27.61 -30.08 21.18
C LEU J 205 -28.15 -31.49 20.98
N LYS J 206 -29.42 -31.61 20.63
CA LYS J 206 -30.02 -32.91 20.41
C LYS J 206 -29.06 -33.81 19.63
N LYS J 207 -28.13 -33.22 18.87
CA LYS J 207 -27.18 -34.02 18.11
C LYS J 207 -25.99 -34.43 18.96
N PHE J 208 -25.28 -33.44 19.47
CA PHE J 208 -24.13 -33.72 20.32
C PHE J 208 -24.60 -34.51 21.55
N SER J 209 -25.71 -34.07 22.11
CA SER J 209 -26.31 -34.71 23.27
C SER J 209 -26.52 -36.19 22.97
N ARG J 210 -26.63 -36.52 21.70
CA ARG J 210 -26.81 -37.91 21.34
C ARG J 210 -25.39 -38.42 21.15
N LYS J 211 -24.70 -37.90 20.15
CA LYS J 211 -23.33 -38.32 19.87
C LYS J 211 -22.52 -38.72 21.10
N TYR J 212 -22.59 -37.88 22.12
CA TYR J 212 -21.83 -38.09 23.34
C TYR J 212 -22.56 -38.78 24.49
N ALA J 213 -23.72 -39.37 24.21
CA ALA J 213 -24.48 -40.08 25.23
C ALA J 213 -24.70 -39.29 26.52
N LYS J 214 -25.27 -38.08 26.37
CA LYS J 214 -25.56 -37.23 27.51
C LYS J 214 -27.07 -37.14 27.75
N GLU J 215 -27.46 -36.46 28.83
CA GLU J 215 -28.87 -36.32 29.16
C GLU J 215 -29.30 -34.87 29.10
N VAL J 216 -28.63 -34.08 28.26
CA VAL J 216 -28.96 -32.67 28.12
C VAL J 216 -30.28 -32.56 27.38
N GLU J 217 -31.20 -31.75 27.91
CA GLU J 217 -32.54 -31.56 27.33
C GLU J 217 -32.75 -30.20 26.70
N GLY J 218 -31.88 -29.24 27.00
CA GLY J 218 -32.04 -27.91 26.45
C GLY J 218 -31.35 -26.76 27.19
N PHE J 219 -31.74 -25.54 26.83
CA PHE J 219 -31.16 -24.34 27.42
C PHE J 219 -32.18 -23.63 28.25
N THR J 220 -31.72 -22.96 29.30
CA THR J 220 -32.60 -22.23 30.18
C THR J 220 -32.85 -20.92 29.51
N LYS J 221 -33.92 -20.24 29.89
CA LYS J 221 -34.22 -18.96 29.28
C LYS J 221 -32.98 -18.06 29.41
N SER J 222 -32.18 -18.31 30.43
CA SER J 222 -30.97 -17.54 30.67
C SER J 222 -29.95 -17.78 29.57
N ALA J 223 -29.74 -19.05 29.24
CA ALA J 223 -28.78 -19.40 28.21
C ALA J 223 -29.25 -18.72 26.94
N GLN J 224 -30.42 -19.11 26.46
CA GLN J 224 -31.01 -18.56 25.24
C GLN J 224 -30.63 -17.10 25.03
N GLU J 225 -31.23 -16.21 25.83
CA GLU J 225 -30.96 -14.78 25.71
C GLU J 225 -29.50 -14.49 25.39
N LEU J 226 -28.59 -15.27 25.96
CA LEU J 226 -27.17 -15.08 25.71
C LEU J 226 -26.82 -15.60 24.31
N LEU J 227 -27.34 -16.77 23.97
CA LEU J 227 -27.08 -17.33 22.65
C LEU J 227 -27.63 -16.44 21.56
N LEU J 228 -28.77 -15.80 21.83
CA LEU J 228 -29.41 -14.90 20.87
C LEU J 228 -28.74 -13.52 20.86
N SER J 229 -27.82 -13.30 21.80
CA SER J 229 -27.13 -12.03 21.89
C SER J 229 -25.85 -12.06 21.08
N TYR J 230 -24.93 -12.92 21.48
CA TYR J 230 -23.63 -13.09 20.84
C TYR J 230 -23.63 -12.82 19.34
N PRO J 231 -22.67 -12.01 18.86
CA PRO J 231 -22.58 -11.67 17.44
C PRO J 231 -22.32 -12.89 16.55
N TRP J 232 -21.70 -13.91 17.12
CA TRP J 232 -21.39 -15.13 16.38
C TRP J 232 -20.45 -14.85 15.22
N TYR J 233 -19.32 -14.21 15.52
CA TYR J 233 -18.33 -13.88 14.51
C TYR J 233 -17.85 -15.09 13.70
N GLY J 234 -18.26 -16.28 14.10
CA GLY J 234 -17.86 -17.47 13.38
C GLY J 234 -19.10 -18.07 12.79
N ASN J 235 -20.21 -17.41 13.05
CA ASN J 235 -21.49 -17.88 12.52
C ASN J 235 -21.71 -19.33 12.89
N VAL J 236 -22.77 -19.91 12.34
CA VAL J 236 -23.15 -21.28 12.62
C VAL J 236 -22.05 -22.22 13.09
N ARG J 237 -20.92 -22.27 12.39
CA ARG J 237 -19.86 -23.18 12.82
C ARG J 237 -19.44 -22.84 14.24
N GLU J 238 -19.21 -21.57 14.53
CA GLU J 238 -18.85 -21.21 15.89
C GLU J 238 -19.93 -21.83 16.76
N LEU J 239 -21.16 -21.42 16.51
CA LEU J 239 -22.29 -21.90 17.25
C LEU J 239 -22.15 -23.41 17.45
N LYS J 240 -22.20 -24.17 16.35
CA LYS J 240 -22.07 -25.63 16.39
C LYS J 240 -21.01 -26.08 17.40
N ASN J 241 -19.77 -25.64 17.19
CA ASN J 241 -18.69 -25.97 18.09
C ASN J 241 -19.07 -25.47 19.47
N VAL J 242 -19.44 -24.18 19.56
CA VAL J 242 -19.83 -23.63 20.85
C VAL J 242 -20.73 -24.60 21.59
N ILE J 243 -21.80 -25.01 20.94
CA ILE J 243 -22.76 -25.91 21.53
C ILE J 243 -22.26 -27.32 21.81
N GLU J 244 -21.17 -27.74 21.17
CA GLU J 244 -20.65 -29.08 21.45
C GLU J 244 -19.99 -28.94 22.79
N ARG J 245 -19.06 -28.00 22.91
CA ARG J 245 -18.38 -27.74 24.17
C ARG J 245 -19.48 -27.75 25.22
N ALA J 246 -20.46 -26.92 24.99
CA ALA J 246 -21.58 -26.82 25.90
C ALA J 246 -22.08 -28.17 26.42
N VAL J 247 -22.04 -29.21 25.58
CA VAL J 247 -22.54 -30.51 26.01
C VAL J 247 -21.53 -31.39 26.71
N LEU J 248 -20.27 -31.31 26.29
CA LEU J 248 -19.25 -32.09 26.96
C LEU J 248 -19.20 -31.62 28.41
N PHE J 249 -19.04 -30.31 28.61
CA PHE J 249 -18.98 -29.71 29.96
C PHE J 249 -20.29 -29.71 30.74
N SER J 250 -21.40 -30.08 30.10
CA SER J 250 -22.70 -30.08 30.79
C SER J 250 -22.86 -31.13 31.87
N GLU J 251 -23.52 -30.76 32.96
CA GLU J 251 -23.76 -31.67 34.06
C GLU J 251 -25.22 -32.07 34.15
N GLY J 252 -26.05 -31.15 34.65
CA GLY J 252 -27.47 -31.41 34.80
C GLY J 252 -28.19 -31.82 33.54
N LYS J 253 -29.48 -31.48 33.47
CA LYS J 253 -30.28 -31.80 32.30
C LYS J 253 -30.33 -30.60 31.38
N PHE J 254 -30.21 -29.41 31.94
CA PHE J 254 -30.25 -28.22 31.13
C PHE J 254 -28.93 -27.51 31.11
N ILE J 255 -28.79 -26.57 30.19
CA ILE J 255 -27.57 -25.80 30.08
C ILE J 255 -27.98 -24.36 30.22
N ASP J 256 -27.17 -23.54 30.87
CA ASP J 256 -27.52 -22.14 31.02
C ASP J 256 -26.30 -21.22 31.11
N ARG J 257 -26.54 -19.96 31.45
CA ARG J 257 -25.49 -18.94 31.57
C ARG J 257 -24.15 -19.54 32.00
N GLY J 258 -24.19 -20.54 32.87
CA GLY J 258 -22.97 -21.17 33.35
C GLY J 258 -22.04 -21.70 32.27
N GLU J 259 -22.43 -22.79 31.62
CA GLU J 259 -21.59 -23.40 30.58
C GLU J 259 -21.27 -22.45 29.43
N LEU J 260 -22.28 -21.71 28.95
CA LEU J 260 -22.10 -20.79 27.84
C LEU J 260 -21.07 -19.69 28.08
N SER J 261 -21.39 -18.76 28.98
CA SER J 261 -20.51 -17.63 29.29
C SER J 261 -19.03 -17.98 29.26
N CYS J 262 -18.68 -19.11 29.86
CA CYS J 262 -17.30 -19.58 29.89
C CYS J 262 -16.67 -19.35 28.53
N LEU J 263 -17.45 -19.62 27.49
CA LEU J 263 -16.98 -19.42 26.12
C LEU J 263 -17.47 -18.07 25.62
N VAL J 264 -18.72 -18.02 25.17
CA VAL J 264 -19.29 -16.78 24.67
C VAL J 264 -19.72 -15.82 25.78
N GLU K 17 -25.46 -21.24 -37.19
CA GLU K 17 -26.32 -20.78 -36.06
C GLU K 17 -27.22 -19.62 -36.48
N GLU K 18 -27.53 -18.74 -35.52
CA GLU K 18 -28.40 -17.58 -35.73
C GLU K 18 -27.84 -16.32 -35.04
N TYR K 19 -27.25 -15.41 -35.83
CA TYR K 19 -26.63 -14.17 -35.29
C TYR K 19 -27.53 -12.93 -35.14
N VAL K 20 -26.93 -11.76 -35.39
CA VAL K 20 -27.60 -10.46 -35.35
C VAL K 20 -26.66 -9.26 -35.51
N PHE K 21 -26.94 -8.46 -36.54
CA PHE K 21 -26.21 -7.24 -36.83
C PHE K 21 -26.99 -6.55 -37.95
N GLU K 22 -28.21 -6.15 -37.61
CA GLU K 22 -29.16 -5.47 -38.50
C GLU K 22 -28.98 -3.94 -38.51
N SER K 23 -28.49 -3.41 -37.40
CA SER K 23 -28.29 -1.98 -37.22
C SER K 23 -27.10 -1.38 -37.98
N PRO K 24 -26.96 -0.05 -37.94
CA PRO K 24 -25.89 0.73 -38.58
C PRO K 24 -24.52 0.60 -37.93
N LYS K 25 -23.50 0.86 -38.73
CA LYS K 25 -22.11 0.77 -38.30
C LYS K 25 -21.73 -0.66 -37.95
N MET K 26 -22.72 -1.53 -37.86
CA MET K 26 -22.48 -2.93 -37.58
C MET K 26 -22.79 -3.63 -38.88
N LYS K 27 -23.96 -3.33 -39.44
CA LYS K 27 -24.35 -3.92 -40.72
C LYS K 27 -23.25 -3.47 -41.68
N GLU K 28 -22.61 -2.35 -41.35
CA GLU K 28 -21.53 -1.81 -42.15
C GLU K 28 -20.35 -2.74 -42.01
N ILE K 29 -19.98 -3.01 -40.76
CA ILE K 29 -18.87 -3.91 -40.49
C ILE K 29 -19.10 -5.21 -41.27
N LEU K 30 -20.28 -5.81 -41.08
CA LEU K 30 -20.65 -7.04 -41.76
C LEU K 30 -20.16 -7.02 -43.20
N GLU K 31 -20.18 -5.83 -43.79
CA GLU K 31 -19.72 -5.64 -45.15
C GLU K 31 -18.22 -5.80 -45.20
N LYS K 32 -17.49 -5.00 -44.41
CA LYS K 32 -16.04 -5.11 -44.40
C LYS K 32 -15.66 -6.55 -44.08
N ILE K 33 -16.49 -7.21 -43.26
CA ILE K 33 -16.25 -8.60 -42.91
C ILE K 33 -16.30 -9.35 -44.23
N LYS K 34 -17.40 -9.21 -44.97
CA LYS K 34 -17.56 -9.91 -46.24
C LYS K 34 -16.51 -9.55 -47.29
N LYS K 35 -16.01 -8.32 -47.28
CA LYS K 35 -14.99 -7.93 -48.24
C LYS K 35 -13.64 -8.44 -47.78
N ILE K 36 -13.63 -8.93 -46.54
CA ILE K 36 -12.43 -9.43 -45.90
C ILE K 36 -12.25 -10.95 -45.98
N SER K 37 -13.29 -11.69 -45.57
CA SER K 37 -13.26 -13.15 -45.57
C SER K 37 -12.37 -13.77 -46.64
N CYS K 38 -12.64 -13.40 -47.89
CA CYS K 38 -11.88 -13.89 -49.03
C CYS K 38 -10.42 -13.43 -49.06
N ALA K 39 -9.97 -12.75 -48.00
CA ALA K 39 -8.60 -12.25 -47.93
C ALA K 39 -7.71 -13.21 -47.15
N GLU K 40 -6.43 -12.87 -47.03
CA GLU K 40 -5.51 -13.74 -46.31
C GLU K 40 -4.54 -12.96 -45.42
N CYS K 41 -4.94 -11.79 -44.94
CA CYS K 41 -4.05 -11.03 -44.08
C CYS K 41 -4.61 -10.92 -42.66
N PRO K 42 -3.77 -10.49 -41.69
CA PRO K 42 -4.20 -10.34 -40.30
C PRO K 42 -5.35 -9.39 -40.18
N VAL K 43 -6.14 -9.54 -39.13
CA VAL K 43 -7.28 -8.68 -38.93
C VAL K 43 -7.48 -8.33 -37.47
N LEU K 44 -6.89 -7.23 -37.04
CA LEU K 44 -7.03 -6.79 -35.65
C LEU K 44 -8.50 -6.61 -35.32
N ILE K 45 -8.90 -6.66 -34.06
CA ILE K 45 -10.31 -6.47 -33.72
C ILE K 45 -10.55 -5.76 -32.41
N THR K 46 -10.31 -4.46 -32.41
CA THR K 46 -10.50 -3.62 -31.24
C THR K 46 -11.96 -3.53 -30.75
N GLY K 47 -12.17 -2.83 -29.64
CA GLY K 47 -13.51 -2.70 -29.10
C GLY K 47 -13.55 -3.20 -27.68
N GLU K 48 -14.51 -2.71 -26.88
CA GLU K 48 -14.64 -3.10 -25.48
C GLU K 48 -15.13 -4.54 -25.27
N SER K 49 -14.84 -5.12 -24.12
CA SER K 49 -15.25 -6.49 -23.83
C SER K 49 -16.76 -6.64 -23.90
N GLY K 50 -17.24 -7.76 -24.43
CA GLY K 50 -18.67 -8.01 -24.54
C GLY K 50 -19.37 -7.43 -25.76
N VAL K 51 -18.58 -6.98 -26.73
CA VAL K 51 -19.11 -6.39 -27.95
C VAL K 51 -19.23 -7.40 -29.06
N GLY K 52 -18.45 -8.47 -28.98
CA GLY K 52 -18.51 -9.50 -29.99
C GLY K 52 -17.26 -9.71 -30.82
N LYS K 53 -16.12 -9.17 -30.37
CA LYS K 53 -14.86 -9.32 -31.10
C LYS K 53 -14.72 -10.76 -31.58
N GLU K 54 -15.03 -11.70 -30.69
CA GLU K 54 -14.95 -13.11 -31.01
C GLU K 54 -15.96 -13.46 -32.10
N VAL K 55 -17.25 -13.33 -31.80
CA VAL K 55 -18.31 -13.61 -32.77
C VAL K 55 -17.93 -13.02 -34.13
N VAL K 56 -17.31 -11.86 -34.11
CA VAL K 56 -16.88 -11.23 -35.33
C VAL K 56 -15.89 -12.14 -36.04
N ALA K 57 -14.75 -12.37 -35.38
CA ALA K 57 -13.70 -13.21 -35.95
C ALA K 57 -14.21 -14.62 -36.26
N ARG K 58 -15.11 -15.12 -35.44
CA ARG K 58 -15.67 -16.44 -35.71
C ARG K 58 -16.24 -16.38 -37.12
N LEU K 59 -16.97 -15.28 -37.37
CA LEU K 59 -17.63 -14.97 -38.65
C LEU K 59 -16.60 -14.76 -39.76
N ILE K 60 -15.71 -13.80 -39.58
CA ILE K 60 -14.69 -13.54 -40.58
C ILE K 60 -14.11 -14.83 -41.12
N HIS K 61 -14.18 -15.88 -40.31
CA HIS K 61 -13.65 -17.19 -40.65
C HIS K 61 -14.75 -17.95 -41.39
N LYS K 62 -15.96 -17.94 -40.83
CA LYS K 62 -17.09 -18.64 -41.42
C LYS K 62 -17.32 -18.28 -42.87
N LEU K 63 -16.73 -17.16 -43.30
CA LEU K 63 -16.91 -16.70 -44.67
C LEU K 63 -15.60 -16.67 -45.45
N SER K 64 -14.53 -17.12 -44.82
CA SER K 64 -13.23 -17.14 -45.46
C SER K 64 -13.01 -18.37 -46.34
N ASP K 65 -11.94 -18.34 -47.13
CA ASP K 65 -11.63 -19.44 -48.01
C ASP K 65 -11.44 -20.70 -47.23
N ARG K 66 -11.16 -20.54 -45.94
CA ARG K 66 -10.93 -21.64 -45.01
C ARG K 66 -11.94 -21.62 -43.88
N SER K 67 -13.23 -21.67 -44.21
CA SER K 67 -14.26 -21.66 -43.17
C SER K 67 -14.56 -23.10 -42.77
N LYS K 68 -14.03 -24.02 -43.57
CA LYS K 68 -14.20 -25.45 -43.35
C LYS K 68 -12.94 -25.95 -42.66
N GLU K 69 -11.89 -25.14 -42.68
CA GLU K 69 -10.64 -25.49 -42.03
C GLU K 69 -10.82 -25.31 -40.51
N PRO K 70 -9.73 -25.07 -39.75
CA PRO K 70 -10.01 -24.94 -38.31
C PRO K 70 -9.82 -23.56 -37.68
N PHE K 71 -10.63 -23.32 -36.65
CA PHE K 71 -10.60 -22.08 -35.90
C PHE K 71 -10.10 -22.31 -34.46
N VAL K 72 -8.78 -22.16 -34.27
CA VAL K 72 -8.14 -22.36 -32.99
C VAL K 72 -8.20 -21.07 -32.18
N ALA K 73 -9.20 -21.01 -31.31
CA ALA K 73 -9.48 -19.83 -30.47
C ALA K 73 -8.84 -19.79 -29.08
N LEU K 74 -7.55 -19.45 -29.00
CA LEU K 74 -6.90 -19.43 -27.70
C LEU K 74 -6.85 -18.08 -27.01
N ASN K 75 -7.34 -18.07 -25.78
CA ASN K 75 -7.42 -16.91 -24.89
C ASN K 75 -6.09 -16.53 -24.17
N VAL K 76 -5.16 -15.94 -24.90
CA VAL K 76 -3.87 -15.55 -24.35
C VAL K 76 -3.75 -15.25 -22.86
N ALA K 77 -4.76 -14.63 -22.26
CA ALA K 77 -4.69 -14.29 -20.84
C ALA K 77 -4.70 -15.49 -19.88
N SER K 78 -5.35 -16.56 -20.32
CA SER K 78 -5.48 -17.78 -19.53
C SER K 78 -4.34 -18.79 -19.71
N ILE K 79 -3.11 -18.36 -19.48
CA ILE K 79 -1.96 -19.23 -19.62
C ILE K 79 -0.72 -18.37 -19.32
N PRO K 80 -0.11 -18.54 -18.14
CA PRO K 80 1.07 -17.75 -17.79
C PRO K 80 1.95 -17.32 -18.95
N ARG K 81 2.17 -16.02 -19.02
CA ARG K 81 2.98 -15.41 -20.07
C ARG K 81 4.25 -16.17 -20.42
N ASP K 82 4.92 -16.74 -19.42
CA ASP K 82 6.16 -17.49 -19.68
C ASP K 82 5.90 -18.82 -20.41
N ILE K 83 4.78 -19.45 -20.08
CA ILE K 83 4.42 -20.70 -20.71
C ILE K 83 3.97 -20.42 -22.12
N PHE K 84 3.43 -19.23 -22.34
CA PHE K 84 2.89 -18.88 -23.65
C PHE K 84 3.67 -19.05 -24.93
N GLU K 85 4.81 -18.41 -25.07
CA GLU K 85 5.52 -18.58 -26.31
C GLU K 85 5.63 -20.04 -26.72
N ALA K 86 6.01 -20.91 -25.79
CA ALA K 86 6.10 -22.32 -26.18
C ALA K 86 4.69 -22.84 -26.39
N GLU K 87 3.76 -22.28 -25.66
CA GLU K 87 2.40 -22.72 -25.79
C GLU K 87 1.78 -22.27 -27.12
N LEU K 88 2.42 -21.32 -27.78
CA LEU K 88 1.88 -20.80 -29.03
C LEU K 88 2.66 -21.33 -30.20
N PHE K 89 3.95 -21.00 -30.24
CA PHE K 89 4.82 -21.43 -31.31
C PHE K 89 5.30 -22.86 -31.16
N GLY K 90 5.20 -23.42 -29.95
CA GLY K 90 5.61 -24.80 -29.72
C GLY K 90 7.02 -24.97 -29.19
N TYR K 91 7.16 -25.78 -28.14
CA TYR K 91 8.47 -26.02 -27.53
C TYR K 91 9.10 -27.33 -28.00
N GLU K 92 10.42 -27.38 -27.98
CA GLU K 92 11.13 -28.57 -28.37
C GLU K 92 11.62 -29.26 -27.09
N LYS K 93 11.82 -30.57 -27.14
CA LYS K 93 12.29 -31.31 -25.97
C LYS K 93 13.32 -30.51 -25.16
N GLY K 94 13.13 -30.47 -23.85
CA GLY K 94 14.04 -29.74 -22.97
C GLY K 94 14.49 -28.39 -23.46
N ALA K 95 13.88 -27.34 -22.92
CA ALA K 95 14.22 -25.97 -23.28
C ALA K 95 14.39 -25.15 -22.01
N PHE K 96 13.82 -25.65 -20.92
CA PHE K 96 13.89 -24.96 -19.63
C PHE K 96 13.43 -25.82 -18.44
N THR K 97 13.58 -25.27 -17.24
CA THR K 97 13.21 -25.95 -16.00
C THR K 97 11.84 -26.65 -16.06
N GLY K 98 11.86 -27.93 -16.44
CA GLY K 98 10.63 -28.69 -16.53
C GLY K 98 10.22 -28.97 -17.96
N ALA K 99 11.10 -28.62 -18.90
CA ALA K 99 10.88 -28.79 -20.32
C ALA K 99 10.96 -30.22 -20.87
N VAL K 100 9.84 -30.88 -21.11
CA VAL K 100 9.93 -32.26 -21.56
C VAL K 100 9.29 -32.87 -22.83
N SER K 101 7.97 -33.05 -22.95
CA SER K 101 7.52 -33.63 -24.22
C SER K 101 7.98 -32.68 -25.35
N SER K 102 7.71 -33.01 -26.60
CA SER K 102 8.10 -32.10 -27.66
C SER K 102 6.74 -31.81 -28.28
N LYS K 103 6.06 -30.76 -27.79
CA LYS K 103 4.74 -30.40 -28.28
C LYS K 103 4.75 -29.34 -29.36
N GLU K 104 3.72 -29.42 -30.21
CA GLU K 104 3.59 -28.50 -31.31
C GLU K 104 2.84 -27.24 -30.94
N GLY K 105 3.42 -26.12 -31.35
CA GLY K 105 2.81 -24.83 -31.10
C GLY K 105 1.44 -24.70 -31.73
N PHE K 106 0.54 -24.05 -30.99
CA PHE K 106 -0.81 -23.85 -31.45
C PHE K 106 -0.94 -23.46 -32.90
N PHE K 107 -0.01 -22.66 -33.42
CA PHE K 107 -0.07 -22.28 -34.82
C PHE K 107 -0.31 -23.57 -35.57
N GLU K 108 0.66 -24.47 -35.45
CA GLU K 108 0.61 -25.78 -36.07
C GLU K 108 -0.78 -26.43 -35.98
N LEU K 109 -1.38 -26.46 -34.79
CA LEU K 109 -2.71 -27.05 -34.67
C LEU K 109 -3.56 -26.34 -35.73
N ALA K 110 -3.49 -25.01 -35.68
CA ALA K 110 -4.25 -24.15 -36.56
C ALA K 110 -3.64 -23.91 -37.93
N ASP K 111 -2.70 -24.74 -38.35
CA ASP K 111 -2.08 -24.55 -39.66
C ASP K 111 -3.12 -24.71 -40.74
N GLY K 112 -3.05 -23.86 -41.76
CA GLY K 112 -4.01 -23.90 -42.85
C GLY K 112 -5.39 -23.43 -42.42
N GLY K 113 -5.48 -22.94 -41.18
CA GLY K 113 -6.74 -22.45 -40.64
C GLY K 113 -6.57 -21.07 -40.03
N THR K 114 -7.44 -20.72 -39.09
CA THR K 114 -7.38 -19.41 -38.45
C THR K 114 -6.95 -19.46 -36.98
N LEU K 115 -5.99 -18.61 -36.62
CA LEU K 115 -5.52 -18.54 -35.25
C LEU K 115 -6.04 -17.26 -34.62
N PHE K 116 -6.91 -17.41 -33.63
CA PHE K 116 -7.50 -16.28 -32.98
C PHE K 116 -6.89 -15.79 -31.67
N LEU K 117 -5.76 -15.09 -31.74
CA LEU K 117 -5.19 -14.58 -30.52
C LEU K 117 -5.99 -13.50 -29.79
N ASP K 118 -6.94 -13.93 -28.96
CA ASP K 118 -7.75 -13.02 -28.16
C ASP K 118 -6.99 -12.34 -27.02
N GLU K 119 -6.98 -11.01 -27.07
CA GLU K 119 -6.31 -10.17 -26.09
C GLU K 119 -4.82 -10.12 -26.35
N ILE K 120 -4.50 -9.68 -27.57
CA ILE K 120 -3.13 -9.52 -28.04
C ILE K 120 -2.38 -8.63 -27.09
N GLY K 121 -3.13 -7.91 -26.26
CA GLY K 121 -2.50 -7.00 -25.32
C GLY K 121 -1.47 -7.64 -24.41
N GLU K 122 -1.71 -8.90 -24.05
CA GLU K 122 -0.82 -9.62 -23.16
C GLU K 122 0.47 -10.21 -23.76
N LEU K 123 0.50 -10.41 -25.08
CA LEU K 123 1.70 -10.96 -25.70
C LEU K 123 2.97 -10.28 -25.21
N SER K 124 3.94 -11.09 -24.80
CA SER K 124 5.21 -10.59 -24.32
C SER K 124 5.99 -9.93 -25.45
N LEU K 125 6.85 -8.97 -25.12
CA LEU K 125 7.68 -8.30 -26.12
C LEU K 125 8.42 -9.30 -26.95
N GLU K 126 8.40 -10.54 -26.51
CA GLU K 126 9.10 -11.59 -27.21
C GLU K 126 8.08 -12.26 -28.11
N ALA K 127 6.95 -12.65 -27.54
CA ALA K 127 5.91 -13.30 -28.31
C ALA K 127 5.62 -12.45 -29.51
N GLN K 128 5.41 -11.16 -29.27
CA GLN K 128 5.11 -10.21 -30.32
C GLN K 128 6.15 -10.34 -31.41
N ALA K 129 7.33 -9.79 -31.18
CA ALA K 129 8.39 -9.84 -32.17
C ALA K 129 8.47 -11.15 -32.94
N LYS K 130 7.89 -12.20 -32.40
CA LYS K 130 7.94 -13.49 -33.07
C LYS K 130 6.72 -13.59 -33.94
N LEU K 131 5.57 -13.23 -33.37
CA LEU K 131 4.31 -13.27 -34.09
C LEU K 131 4.46 -12.54 -35.40
N LEU K 132 5.11 -11.39 -35.35
CA LEU K 132 5.32 -10.61 -36.55
C LEU K 132 6.08 -11.46 -37.53
N ARG K 133 7.29 -11.84 -37.15
CA ARG K 133 8.11 -12.65 -38.03
C ARG K 133 7.33 -13.82 -38.61
N VAL K 134 6.28 -14.25 -37.93
CA VAL K 134 5.47 -15.35 -38.44
C VAL K 134 4.47 -14.83 -39.46
N ILE K 135 3.79 -13.75 -39.10
CA ILE K 135 2.81 -13.10 -39.97
C ILE K 135 3.38 -12.87 -41.37
N GLU K 136 4.54 -12.22 -41.40
CA GLU K 136 5.22 -11.91 -42.66
C GLU K 136 5.73 -13.12 -43.45
N SER K 137 6.77 -13.78 -42.95
CA SER K 137 7.34 -14.92 -43.66
C SER K 137 6.64 -16.26 -43.49
N GLY K 138 5.63 -16.33 -42.62
CA GLY K 138 4.94 -17.60 -42.45
C GLY K 138 5.83 -18.71 -41.91
N LYS K 139 7.02 -18.31 -41.44
CA LYS K 139 8.04 -19.21 -40.89
C LYS K 139 8.42 -18.87 -39.44
N PHE K 140 9.06 -19.83 -38.76
CA PHE K 140 9.51 -19.66 -37.37
C PHE K 140 10.13 -20.94 -36.85
N TYR K 141 10.62 -20.88 -35.62
CA TYR K 141 11.26 -22.02 -34.96
C TYR K 141 10.55 -22.41 -33.69
N ARG K 142 10.51 -23.71 -33.43
CA ARG K 142 9.89 -24.20 -32.20
C ARG K 142 10.71 -23.48 -31.14
N LEU K 143 10.13 -23.14 -30.01
CA LEU K 143 10.95 -22.46 -29.03
C LEU K 143 12.09 -23.41 -28.78
N GLY K 144 13.31 -22.96 -29.08
CA GLY K 144 14.45 -23.83 -28.90
C GLY K 144 14.40 -24.96 -29.89
N GLY K 145 14.24 -24.62 -31.17
CA GLY K 145 14.19 -25.62 -32.20
C GLY K 145 15.39 -25.46 -33.11
N ARG K 146 15.43 -26.19 -34.21
CA ARG K 146 16.54 -26.09 -35.16
C ARG K 146 16.04 -26.36 -36.59
N LYS K 147 14.74 -26.59 -36.70
CA LYS K 147 14.08 -26.83 -37.98
C LYS K 147 13.09 -25.69 -38.07
N GLU K 148 13.08 -24.99 -39.19
CA GLU K 148 12.19 -23.86 -39.41
C GLU K 148 10.80 -24.23 -39.87
N ILE K 149 9.89 -24.47 -38.94
CA ILE K 149 8.52 -24.86 -39.30
C ILE K 149 7.82 -23.75 -40.06
N GLU K 150 7.15 -24.11 -41.15
CA GLU K 150 6.42 -23.14 -41.97
C GLU K 150 4.92 -23.43 -41.94
N VAL K 151 4.14 -22.41 -41.60
CA VAL K 151 2.70 -22.60 -41.52
C VAL K 151 1.89 -21.54 -42.27
N ASN K 152 0.61 -21.82 -42.43
CA ASN K 152 -0.29 -20.92 -43.11
C ASN K 152 -1.50 -20.68 -42.23
N VAL K 153 -1.43 -19.65 -41.40
CA VAL K 153 -2.54 -19.35 -40.52
C VAL K 153 -3.05 -17.94 -40.65
N ARG K 154 -4.38 -17.85 -40.52
CA ARG K 154 -5.13 -16.60 -40.63
C ARG K 154 -5.16 -15.92 -39.28
N ILE K 155 -4.10 -15.18 -38.98
CA ILE K 155 -3.97 -14.48 -37.71
C ILE K 155 -5.15 -13.56 -37.46
N LEU K 156 -5.77 -13.65 -36.30
CA LEU K 156 -6.90 -12.78 -35.98
C LEU K 156 -6.80 -12.14 -34.62
N ALA K 157 -5.89 -11.18 -34.51
CA ALA K 157 -5.68 -10.43 -33.27
C ALA K 157 -7.00 -9.86 -32.78
N ALA K 158 -7.04 -9.41 -31.54
CA ALA K 158 -8.28 -8.85 -30.99
C ALA K 158 -8.06 -8.52 -29.54
N THR K 159 -7.95 -7.22 -29.24
CA THR K 159 -7.73 -6.75 -27.88
C THR K 159 -8.90 -5.90 -27.40
N ASN K 160 -8.87 -5.49 -26.14
CA ASN K 160 -9.92 -4.63 -25.61
C ASN K 160 -9.22 -3.45 -24.99
N ARG K 161 -7.91 -3.36 -25.22
CA ARG K 161 -7.12 -2.24 -24.72
C ARG K 161 -6.72 -1.43 -25.93
N ASN K 162 -6.09 -0.29 -25.68
CA ASN K 162 -5.66 0.55 -26.79
C ASN K 162 -4.20 0.30 -27.11
N ILE K 163 -3.99 -0.41 -28.21
CA ILE K 163 -2.66 -0.75 -28.67
C ILE K 163 -1.75 0.48 -28.70
N LYS K 164 -2.09 1.39 -29.61
CA LYS K 164 -1.36 2.64 -29.81
C LYS K 164 -0.82 3.21 -28.51
N GLU K 165 -1.63 3.12 -27.45
CA GLU K 165 -1.24 3.61 -26.14
C GLU K 165 -0.12 2.72 -25.63
N LEU K 166 -0.39 1.42 -25.59
CA LEU K 166 0.61 0.48 -25.13
C LEU K 166 1.86 0.64 -25.98
N VAL K 167 1.65 0.95 -27.27
CA VAL K 167 2.78 1.13 -28.17
C VAL K 167 3.62 2.26 -27.62
N LYS K 168 2.95 3.26 -27.05
CA LYS K 168 3.67 4.39 -26.49
C LYS K 168 4.36 3.93 -25.22
N GLU K 169 3.56 3.48 -24.25
CA GLU K 169 4.11 3.01 -22.98
C GLU K 169 5.42 2.24 -23.21
N GLY K 170 5.43 1.39 -24.23
CA GLY K 170 6.61 0.58 -24.53
C GLY K 170 6.32 -0.85 -24.12
N LYS K 171 5.03 -1.18 -24.13
CA LYS K 171 4.54 -2.50 -23.77
C LYS K 171 4.13 -3.30 -24.99
N PHE K 172 4.18 -2.68 -26.15
CA PHE K 172 3.79 -3.35 -27.37
C PHE K 172 4.58 -2.92 -28.59
N ARG K 173 5.30 -3.85 -29.21
CA ARG K 173 6.09 -3.50 -30.38
C ARG K 173 5.28 -2.66 -31.33
N GLU K 174 5.89 -1.59 -31.82
CA GLU K 174 5.23 -0.70 -32.76
C GLU K 174 4.83 -1.52 -34.00
N ASP K 175 5.83 -1.82 -34.83
CA ASP K 175 5.66 -2.57 -36.05
C ASP K 175 4.57 -3.63 -36.03
N LEU K 176 4.62 -4.55 -35.06
CA LEU K 176 3.62 -5.61 -34.98
C LEU K 176 2.21 -5.02 -35.10
N TYR K 177 2.03 -3.82 -34.57
CA TYR K 177 0.72 -3.16 -34.61
C TYR K 177 0.28 -2.86 -36.04
N TYR K 178 1.21 -2.35 -36.83
CA TYR K 178 0.94 -2.01 -38.22
C TYR K 178 0.55 -3.24 -39.04
N ARG K 179 1.50 -4.16 -39.20
CA ARG K 179 1.24 -5.37 -39.96
C ARG K 179 -0.10 -5.99 -39.59
N LEU K 180 -0.65 -5.57 -38.45
CA LEU K 180 -1.93 -6.07 -37.96
C LEU K 180 -3.08 -5.09 -38.17
N GLY K 181 -2.79 -3.81 -37.92
CA GLY K 181 -3.82 -2.78 -38.07
C GLY K 181 -4.14 -2.30 -39.48
N VAL K 182 -3.80 -3.11 -40.48
CA VAL K 182 -4.07 -2.77 -41.86
C VAL K 182 -5.44 -3.30 -42.23
N ILE K 183 -6.13 -3.86 -41.25
CA ILE K 183 -7.48 -4.36 -41.46
C ILE K 183 -8.22 -4.28 -40.13
N GLU K 184 -7.92 -3.22 -39.37
CA GLU K 184 -8.55 -3.02 -38.07
C GLU K 184 -10.09 -3.00 -38.15
N ILE K 185 -10.72 -3.47 -37.08
CA ILE K 185 -12.16 -3.52 -37.01
C ILE K 185 -12.53 -2.96 -35.65
N GLU K 186 -13.26 -1.86 -35.62
CA GLU K 186 -13.62 -1.25 -34.36
C GLU K 186 -15.07 -1.51 -33.96
N ILE K 187 -15.31 -2.63 -33.28
CA ILE K 187 -16.66 -2.94 -32.84
C ILE K 187 -17.05 -1.91 -31.79
N PRO K 188 -17.94 -0.96 -32.13
CA PRO K 188 -18.35 0.06 -31.15
C PRO K 188 -19.29 -0.55 -30.13
N PRO K 189 -19.19 -0.13 -28.87
CA PRO K 189 -20.03 -0.63 -27.78
C PRO K 189 -21.49 -0.77 -28.11
N LEU K 190 -22.24 -1.38 -27.19
CA LEU K 190 -23.67 -1.59 -27.37
C LEU K 190 -24.40 -0.27 -27.11
N ARG K 191 -23.77 0.58 -26.30
CA ARG K 191 -24.34 1.89 -25.95
C ARG K 191 -24.47 2.77 -27.20
N GLU K 192 -23.77 2.38 -28.27
CA GLU K 192 -23.80 3.13 -29.51
C GLU K 192 -24.44 2.33 -30.64
N ARG K 193 -25.26 1.35 -30.26
CA ARG K 193 -25.90 0.49 -31.22
C ARG K 193 -27.29 0.10 -30.71
N LYS K 194 -27.89 0.98 -29.93
CA LYS K 194 -29.20 0.70 -29.35
C LYS K 194 -30.12 -0.02 -30.33
N GLU K 195 -29.88 0.17 -31.62
CA GLU K 195 -30.69 -0.47 -32.65
C GLU K 195 -30.63 -1.97 -32.44
N ASP K 196 -29.43 -2.47 -32.09
CA ASP K 196 -29.19 -3.91 -31.85
C ASP K 196 -29.76 -4.41 -30.54
N ILE K 197 -29.85 -3.51 -29.56
CA ILE K 197 -30.35 -3.85 -28.24
C ILE K 197 -31.68 -4.59 -28.22
N ILE K 198 -32.71 -4.02 -28.83
CA ILE K 198 -34.05 -4.61 -28.88
C ILE K 198 -34.01 -6.02 -29.48
N PRO K 199 -33.35 -6.18 -30.63
CA PRO K 199 -33.26 -7.49 -31.28
C PRO K 199 -32.64 -8.55 -30.34
N LEU K 200 -31.33 -8.43 -30.11
CA LEU K 200 -30.55 -9.32 -29.24
C LEU K 200 -31.44 -9.78 -28.11
N ALA K 201 -31.91 -8.82 -27.31
CA ALA K 201 -32.79 -9.11 -26.18
C ALA K 201 -33.75 -10.25 -26.47
N ASN K 202 -34.43 -10.19 -27.63
CA ASN K 202 -35.38 -11.22 -28.03
C ASN K 202 -34.69 -12.51 -28.46
N HIS K 203 -33.55 -12.38 -29.14
CA HIS K 203 -32.82 -13.54 -29.58
C HIS K 203 -32.48 -14.40 -28.36
N PHE K 204 -32.08 -13.72 -27.28
CA PHE K 204 -31.72 -14.37 -26.02
C PHE K 204 -32.96 -14.82 -25.29
N LEU K 205 -33.87 -13.88 -25.02
CA LEU K 205 -35.11 -14.22 -24.34
C LEU K 205 -35.62 -15.48 -25.01
N LYS K 206 -35.55 -15.46 -26.33
CA LYS K 206 -35.95 -16.56 -27.18
C LYS K 206 -35.17 -17.78 -26.68
N LYS K 207 -33.90 -17.83 -27.06
CA LYS K 207 -32.98 -18.90 -26.70
C LYS K 207 -33.20 -19.44 -25.29
N PHE K 208 -33.12 -18.55 -24.30
CA PHE K 208 -33.29 -18.94 -22.93
C PHE K 208 -34.67 -19.43 -22.56
N SER K 209 -35.71 -18.70 -22.93
CA SER K 209 -37.06 -19.14 -22.56
C SER K 209 -37.39 -20.50 -23.14
N ARG K 210 -36.68 -20.89 -24.20
CA ARG K 210 -36.90 -22.20 -24.79
C ARG K 210 -36.11 -23.15 -23.90
N LYS K 211 -34.81 -22.90 -23.84
CA LYS K 211 -33.89 -23.69 -23.04
C LYS K 211 -34.46 -24.06 -21.67
N TYR K 212 -35.15 -23.11 -21.05
CA TYR K 212 -35.72 -23.34 -19.72
C TYR K 212 -37.22 -23.60 -19.74
N ALA K 213 -37.77 -23.81 -20.94
CA ALA K 213 -39.21 -24.08 -21.09
C ALA K 213 -40.11 -23.08 -20.36
N LYS K 214 -39.90 -21.79 -20.60
CA LYS K 214 -40.70 -20.73 -20.00
C LYS K 214 -41.61 -20.18 -21.09
N GLU K 215 -42.86 -19.88 -20.74
CA GLU K 215 -43.81 -19.39 -21.72
C GLU K 215 -43.57 -17.94 -22.16
N VAL K 216 -42.54 -17.31 -21.61
CA VAL K 216 -42.19 -15.94 -21.94
C VAL K 216 -42.10 -15.75 -23.45
N GLU K 217 -42.55 -14.60 -23.95
CA GLU K 217 -42.51 -14.32 -25.38
C GLU K 217 -41.68 -13.10 -25.72
N GLY K 218 -41.61 -12.16 -24.79
CA GLY K 218 -40.84 -10.95 -25.02
C GLY K 218 -40.83 -9.95 -23.86
N PHE K 219 -40.66 -8.67 -24.20
CA PHE K 219 -40.65 -7.59 -23.21
C PHE K 219 -41.76 -6.60 -23.52
N THR K 220 -42.21 -5.88 -22.50
CA THR K 220 -43.24 -4.87 -22.67
C THR K 220 -42.53 -3.61 -23.14
N LYS K 221 -43.28 -2.59 -23.55
CA LYS K 221 -42.64 -1.36 -24.01
C LYS K 221 -41.76 -0.80 -22.89
N SER K 222 -42.31 -0.80 -21.67
CA SER K 222 -41.59 -0.31 -20.50
C SER K 222 -40.19 -0.92 -20.40
N ALA K 223 -40.12 -2.25 -20.43
CA ALA K 223 -38.85 -2.96 -20.35
C ALA K 223 -38.00 -2.67 -21.57
N GLN K 224 -38.64 -2.53 -22.71
CA GLN K 224 -37.95 -2.28 -23.98
C GLN K 224 -37.16 -1.00 -24.02
N GLU K 225 -37.69 0.05 -23.39
CA GLU K 225 -37.01 1.33 -23.36
C GLU K 225 -35.86 1.20 -22.36
N LEU K 226 -36.21 0.85 -21.13
CA LEU K 226 -35.25 0.68 -20.05
C LEU K 226 -34.01 0.03 -20.62
N LEU K 227 -34.23 -0.91 -21.53
CA LEU K 227 -33.11 -1.60 -22.16
C LEU K 227 -32.39 -0.67 -23.11
N LEU K 228 -33.13 -0.06 -24.02
CA LEU K 228 -32.52 0.85 -24.97
C LEU K 228 -31.80 1.98 -24.22
N SER K 229 -32.27 2.27 -23.02
CA SER K 229 -31.68 3.33 -22.21
C SER K 229 -30.39 2.87 -21.59
N TYR K 230 -30.51 2.06 -20.55
CA TYR K 230 -29.37 1.52 -19.82
C TYR K 230 -28.12 1.44 -20.69
N PRO K 231 -27.02 2.07 -20.26
CA PRO K 231 -25.79 2.01 -21.05
C PRO K 231 -25.18 0.66 -20.67
N TRP K 232 -25.00 -0.23 -21.64
CA TRP K 232 -24.44 -1.53 -21.31
C TRP K 232 -22.93 -1.47 -21.20
N TYR K 233 -22.44 -1.48 -19.95
CA TYR K 233 -21.00 -1.43 -19.70
C TYR K 233 -20.36 -2.72 -20.19
N GLY K 234 -21.02 -3.84 -19.88
CA GLY K 234 -20.52 -5.15 -20.29
C GLY K 234 -20.92 -5.47 -21.71
N ASN K 235 -21.76 -4.62 -22.26
CA ASN K 235 -22.24 -4.80 -23.62
C ASN K 235 -22.89 -6.18 -23.76
N VAL K 236 -23.29 -6.51 -24.99
CA VAL K 236 -23.98 -7.76 -25.31
C VAL K 236 -23.92 -8.78 -24.19
N ARG K 237 -22.72 -9.22 -23.86
CA ARG K 237 -22.52 -10.20 -22.81
C ARG K 237 -23.49 -9.94 -21.67
N GLU K 238 -23.31 -8.79 -21.04
CA GLU K 238 -24.15 -8.36 -19.94
C GLU K 238 -25.62 -8.62 -20.30
N LEU K 239 -26.04 -8.04 -21.42
CA LEU K 239 -27.40 -8.20 -21.90
C LEU K 239 -27.81 -9.67 -21.89
N LYS K 240 -26.93 -10.53 -22.38
CA LYS K 240 -27.20 -11.96 -22.43
C LYS K 240 -27.48 -12.47 -21.03
N ASN K 241 -26.61 -12.12 -20.09
CA ASN K 241 -26.74 -12.55 -18.70
C ASN K 241 -28.00 -11.99 -18.06
N VAL K 242 -28.07 -10.67 -18.02
CA VAL K 242 -29.22 -9.99 -17.45
C VAL K 242 -30.50 -10.68 -17.93
N ILE K 243 -30.58 -10.91 -19.23
CA ILE K 243 -31.74 -11.54 -19.82
C ILE K 243 -31.92 -12.98 -19.39
N GLU K 244 -30.86 -13.76 -19.47
CA GLU K 244 -30.94 -15.16 -19.07
C GLU K 244 -31.58 -15.16 -17.69
N ARG K 245 -31.03 -14.32 -16.81
CA ARG K 245 -31.52 -14.19 -15.45
C ARG K 245 -33.02 -13.91 -15.50
N ALA K 246 -33.40 -12.93 -16.31
CA ALA K 246 -34.79 -12.57 -16.42
C ALA K 246 -35.65 -13.77 -16.81
N VAL K 247 -35.20 -14.51 -17.84
CA VAL K 247 -35.94 -15.66 -18.33
C VAL K 247 -36.30 -16.69 -17.26
N LEU K 248 -35.46 -16.79 -16.23
CA LEU K 248 -35.70 -17.74 -15.14
C LEU K 248 -36.70 -17.24 -14.08
N PHE K 249 -36.62 -15.94 -13.77
CA PHE K 249 -37.51 -15.32 -12.78
C PHE K 249 -38.83 -14.92 -13.41
N SER K 250 -38.90 -15.07 -14.73
CA SER K 250 -40.10 -14.74 -15.48
C SER K 250 -41.25 -15.63 -15.03
N GLU K 251 -42.42 -15.03 -14.87
CA GLU K 251 -43.58 -15.79 -14.46
C GLU K 251 -44.61 -15.78 -15.58
N GLY K 252 -44.86 -14.61 -16.13
CA GLY K 252 -45.84 -14.50 -17.20
C GLY K 252 -45.23 -14.74 -18.57
N LYS K 253 -45.99 -14.38 -19.59
CA LYS K 253 -45.55 -14.53 -20.96
C LYS K 253 -44.62 -13.36 -21.28
N PHE K 254 -44.82 -12.25 -20.58
CA PHE K 254 -44.00 -11.07 -20.81
C PHE K 254 -43.17 -10.62 -19.61
N ILE K 255 -42.15 -9.81 -19.91
CA ILE K 255 -41.24 -9.27 -18.92
C ILE K 255 -41.23 -7.76 -19.10
N ASP K 256 -41.70 -7.03 -18.09
CA ASP K 256 -41.74 -5.57 -18.15
C ASP K 256 -40.77 -4.92 -17.16
N ARG K 257 -40.98 -3.64 -16.88
CA ARG K 257 -40.12 -2.90 -15.96
C ARG K 257 -39.88 -3.65 -14.64
N GLY K 258 -40.87 -4.45 -14.22
CA GLY K 258 -40.77 -5.19 -12.97
C GLY K 258 -39.58 -6.11 -12.76
N GLU K 259 -39.33 -7.01 -13.69
CA GLU K 259 -38.21 -7.95 -13.58
C GLU K 259 -36.88 -7.42 -14.14
N LEU K 260 -36.91 -6.26 -14.80
CA LEU K 260 -35.72 -5.65 -15.39
C LEU K 260 -35.06 -4.66 -14.41
N SER K 261 -35.90 -3.97 -13.65
CA SER K 261 -35.44 -2.99 -12.68
C SER K 261 -34.63 -3.60 -11.52
N CYS K 262 -35.24 -4.53 -10.80
CA CYS K 262 -34.56 -5.20 -9.67
C CYS K 262 -33.25 -5.89 -10.05
N LEU K 263 -32.93 -5.81 -11.34
CA LEU K 263 -31.70 -6.39 -11.88
C LEU K 263 -30.84 -5.27 -12.46
N VAL K 264 -31.28 -4.74 -13.60
CA VAL K 264 -30.59 -3.67 -14.32
C VAL K 264 -30.60 -2.33 -13.58
N GLU L 18 12.86 -9.55 -58.73
CA GLU L 18 12.42 -8.18 -58.51
C GLU L 18 13.44 -7.38 -57.72
N TYR L 19 12.92 -6.57 -56.80
CA TYR L 19 13.66 -5.65 -55.96
C TYR L 19 13.13 -4.30 -56.42
N VAL L 20 13.33 -3.22 -55.73
CA VAL L 20 12.78 -1.97 -56.25
C VAL L 20 13.87 -0.94 -56.44
N PHE L 21 15.03 -1.37 -56.88
CA PHE L 21 16.12 -0.43 -57.06
C PHE L 21 16.00 0.40 -58.31
N GLU L 22 15.90 1.71 -58.13
CA GLU L 22 15.79 2.64 -59.21
C GLU L 22 16.49 3.91 -58.78
N SER L 23 16.73 4.08 -57.48
CA SER L 23 17.35 5.32 -57.02
C SER L 23 18.85 5.50 -57.28
N PRO L 24 19.43 6.62 -56.82
CA PRO L 24 20.85 6.87 -57.05
C PRO L 24 21.77 6.01 -56.24
N LYS L 25 21.54 6.03 -54.92
CA LYS L 25 22.34 5.26 -54.00
C LYS L 25 21.99 3.76 -53.99
N MET L 26 20.71 3.43 -53.88
CA MET L 26 20.35 2.04 -53.89
C MET L 26 21.06 1.39 -55.06
N LYS L 27 20.89 1.92 -56.26
CA LYS L 27 21.54 1.36 -57.44
C LYS L 27 23.05 1.26 -57.23
N GLU L 28 23.57 2.06 -56.30
CA GLU L 28 25.00 2.05 -55.98
C GLU L 28 25.22 0.86 -55.06
N ILE L 29 24.44 0.81 -53.98
CA ILE L 29 24.47 -0.27 -53.00
C ILE L 29 24.45 -1.56 -53.81
N LEU L 30 23.39 -1.75 -54.57
CA LEU L 30 23.24 -2.95 -55.39
C LEU L 30 24.50 -3.32 -56.18
N GLU L 31 25.23 -2.35 -56.71
CA GLU L 31 26.41 -2.70 -57.46
C GLU L 31 27.61 -2.92 -56.55
N LYS L 32 27.36 -2.91 -55.25
CA LYS L 32 28.40 -3.16 -54.24
C LYS L 32 28.15 -4.63 -53.91
N ILE L 33 26.95 -4.86 -53.39
CA ILE L 33 26.50 -6.18 -53.04
C ILE L 33 27.02 -7.12 -54.12
N LYS L 34 27.21 -6.59 -55.32
CA LYS L 34 27.69 -7.38 -56.45
C LYS L 34 29.17 -7.66 -56.44
N LYS L 35 29.94 -6.84 -55.74
CA LYS L 35 31.37 -7.04 -55.65
C LYS L 35 31.65 -7.80 -54.35
N ILE L 36 30.67 -7.76 -53.45
CA ILE L 36 30.76 -8.41 -52.16
C ILE L 36 30.66 -9.91 -52.31
N SER L 37 29.51 -10.41 -52.78
CA SER L 37 29.28 -11.85 -52.94
C SER L 37 30.54 -12.69 -53.14
N CYS L 38 31.51 -12.12 -53.85
CA CYS L 38 32.78 -12.78 -54.14
C CYS L 38 33.59 -13.18 -52.90
N ALA L 39 33.16 -12.74 -51.72
CA ALA L 39 33.86 -13.03 -50.47
C ALA L 39 32.97 -13.50 -49.33
N GLU L 40 33.61 -13.87 -48.22
CA GLU L 40 32.92 -14.40 -47.05
C GLU L 40 33.08 -13.56 -45.76
N CYS L 41 33.91 -12.54 -45.81
CA CYS L 41 34.09 -11.69 -44.63
C CYS L 41 32.70 -11.28 -44.19
N PRO L 42 32.56 -10.77 -42.97
CA PRO L 42 31.21 -10.39 -42.54
C PRO L 42 30.72 -9.12 -43.24
N VAL L 43 29.48 -8.73 -42.94
CA VAL L 43 28.87 -7.54 -43.53
C VAL L 43 27.76 -7.01 -42.62
N LEU L 44 27.87 -5.73 -42.29
CA LEU L 44 26.89 -5.07 -41.44
C LEU L 44 25.93 -4.27 -42.34
N ILE L 45 24.66 -4.31 -42.01
CA ILE L 45 23.64 -3.63 -42.81
C ILE L 45 22.93 -2.56 -41.96
N THR L 46 23.47 -1.35 -41.95
CA THR L 46 22.87 -0.27 -41.17
C THR L 46 21.74 0.48 -41.89
N GLY L 47 20.62 0.65 -41.17
CA GLY L 47 19.44 1.33 -41.70
C GLY L 47 18.25 1.34 -40.73
N GLU L 48 17.31 2.26 -40.90
CA GLU L 48 16.19 2.29 -39.97
C GLU L 48 15.25 1.10 -40.14
N SER L 49 14.19 1.04 -39.32
CA SER L 49 13.29 -0.13 -39.23
C SER L 49 12.36 -0.44 -40.43
N GLY L 50 12.89 -0.48 -41.64
CA GLY L 50 12.00 -0.79 -42.75
C GLY L 50 12.69 -0.69 -44.11
N VAL L 51 13.87 -0.08 -44.15
CA VAL L 51 14.58 0.11 -45.40
C VAL L 51 14.98 -1.18 -46.11
N GLY L 52 14.38 -2.30 -45.66
CA GLY L 52 14.65 -3.64 -46.17
C GLY L 52 16.05 -4.22 -45.94
N LYS L 53 16.54 -4.15 -44.69
CA LYS L 53 17.88 -4.63 -44.34
C LYS L 53 18.00 -6.15 -44.53
N GLU L 54 16.96 -6.86 -44.13
CA GLU L 54 16.92 -8.30 -44.28
C GLU L 54 17.08 -8.55 -45.77
N VAL L 55 16.14 -8.04 -46.57
CA VAL L 55 16.18 -8.16 -48.02
C VAL L 55 17.62 -7.97 -48.54
N VAL L 56 18.24 -6.86 -48.20
CA VAL L 56 19.61 -6.66 -48.65
C VAL L 56 20.47 -7.85 -48.21
N ALA L 57 20.16 -8.42 -47.05
CA ALA L 57 20.92 -9.57 -46.53
C ALA L 57 20.66 -10.74 -47.45
N ARG L 58 19.39 -11.16 -47.44
CA ARG L 58 18.90 -12.26 -48.26
C ARG L 58 19.49 -12.18 -49.66
N LEU L 59 19.60 -10.96 -50.17
CA LEU L 59 20.12 -10.73 -51.51
C LEU L 59 21.59 -11.07 -51.59
N ILE L 60 22.42 -10.43 -50.76
CA ILE L 60 23.85 -10.68 -50.80
C ILE L 60 24.06 -12.17 -50.80
N HIS L 61 23.23 -12.86 -50.01
CA HIS L 61 23.32 -14.30 -49.92
C HIS L 61 23.02 -15.02 -51.24
N LYS L 62 22.01 -14.56 -51.98
CA LYS L 62 21.67 -15.17 -53.26
C LYS L 62 22.79 -15.04 -54.26
N LEU L 63 23.62 -14.03 -54.10
CA LEU L 63 24.72 -13.84 -55.05
C LEU L 63 26.03 -14.38 -54.51
N SER L 64 26.01 -14.83 -53.25
CA SER L 64 27.20 -15.37 -52.55
C SER L 64 27.53 -16.83 -52.85
N ASP L 65 28.81 -17.11 -52.98
CA ASP L 65 29.27 -18.47 -53.29
C ASP L 65 28.51 -19.59 -52.61
N ARG L 66 27.75 -19.27 -51.57
CA ARG L 66 27.00 -20.27 -50.87
C ARG L 66 25.50 -20.02 -50.97
N SER L 67 25.08 -19.56 -52.15
CA SER L 67 23.69 -19.25 -52.42
C SER L 67 22.77 -20.46 -52.28
N LYS L 68 23.30 -21.62 -52.65
CA LYS L 68 22.53 -22.86 -52.60
C LYS L 68 22.35 -23.21 -51.14
N GLU L 69 23.40 -22.96 -50.38
CA GLU L 69 23.46 -23.22 -48.94
C GLU L 69 22.32 -22.54 -48.17
N PRO L 70 22.15 -22.86 -46.87
CA PRO L 70 21.08 -22.26 -46.06
C PRO L 70 21.38 -20.87 -45.53
N PHE L 71 20.30 -20.15 -45.26
CA PHE L 71 20.34 -18.79 -44.77
C PHE L 71 19.55 -18.86 -43.49
N VAL L 72 20.23 -18.72 -42.36
CA VAL L 72 19.50 -18.79 -41.10
C VAL L 72 19.44 -17.39 -40.53
N ALA L 73 18.23 -16.88 -40.33
CA ALA L 73 18.13 -15.54 -39.79
C ALA L 73 17.30 -15.67 -38.57
N LEU L 74 17.92 -15.33 -37.44
CA LEU L 74 17.23 -15.43 -36.16
C LEU L 74 16.89 -14.03 -35.76
N ASN L 75 15.77 -13.89 -35.08
CA ASN L 75 15.29 -12.59 -34.64
C ASN L 75 15.85 -12.28 -33.26
N VAL L 76 17.07 -11.77 -33.25
CA VAL L 76 17.75 -11.42 -32.02
C VAL L 76 16.83 -10.94 -30.91
N ALA L 77 15.66 -10.44 -31.25
CA ALA L 77 14.73 -9.93 -30.24
C ALA L 77 13.51 -10.79 -30.01
N SER L 78 13.48 -11.97 -30.61
CA SER L 78 12.36 -12.89 -30.45
C SER L 78 12.67 -13.88 -29.33
N ILE L 79 13.93 -13.86 -28.93
CA ILE L 79 14.47 -14.73 -27.90
C ILE L 79 14.99 -13.90 -26.72
N PRO L 80 14.41 -14.09 -25.52
CA PRO L 80 14.82 -13.36 -24.32
C PRO L 80 16.30 -13.52 -24.01
N ARG L 81 16.97 -12.40 -23.71
CA ARG L 81 18.42 -12.38 -23.45
C ARG L 81 19.07 -13.56 -22.73
N ASP L 82 18.53 -13.94 -21.58
CA ASP L 82 19.10 -15.04 -20.83
C ASP L 82 19.21 -16.29 -21.72
N ILE L 83 18.28 -16.41 -22.67
CA ILE L 83 18.25 -17.55 -23.56
C ILE L 83 19.06 -17.36 -24.87
N PHE L 84 19.15 -16.14 -25.36
CA PHE L 84 19.85 -15.93 -26.62
C PHE L 84 21.15 -16.71 -26.73
N GLU L 85 22.18 -16.28 -26.03
CA GLU L 85 23.47 -16.98 -26.10
C GLU L 85 23.28 -18.49 -26.14
N ALA L 86 22.38 -18.97 -25.29
CA ALA L 86 22.08 -20.38 -25.20
C ALA L 86 21.67 -20.89 -26.55
N GLU L 87 20.86 -20.11 -27.24
CA GLU L 87 20.40 -20.46 -28.56
C GLU L 87 21.40 -20.11 -29.65
N LEU L 88 21.92 -18.89 -29.63
CA LEU L 88 22.87 -18.51 -30.66
C LEU L 88 23.99 -19.49 -30.65
N PHE L 89 24.67 -19.58 -29.51
CA PHE L 89 25.88 -20.38 -29.40
C PHE L 89 25.77 -21.84 -29.00
N GLY L 90 24.59 -22.25 -28.57
CA GLY L 90 24.41 -23.63 -28.18
C GLY L 90 25.00 -23.87 -26.81
N TYR L 91 24.84 -25.09 -26.29
CA TYR L 91 25.37 -25.41 -24.98
C TYR L 91 25.26 -26.89 -24.72
N GLU L 92 26.20 -27.41 -23.91
CA GLU L 92 26.24 -28.83 -23.59
C GLU L 92 25.45 -29.15 -22.33
N LYS L 93 25.45 -30.43 -21.95
CA LYS L 93 24.74 -30.94 -20.78
C LYS L 93 24.67 -30.05 -19.53
N GLY L 94 25.83 -29.74 -18.96
CA GLY L 94 25.84 -28.91 -17.76
C GLY L 94 26.14 -27.45 -17.98
N ALA L 95 25.23 -26.60 -17.50
CA ALA L 95 25.39 -25.15 -17.65
C ALA L 95 24.43 -24.48 -16.69
N PHE L 96 23.44 -23.78 -17.23
CA PHE L 96 22.48 -23.12 -16.36
C PHE L 96 21.25 -24.04 -16.20
N THR L 97 20.22 -23.53 -15.54
CA THR L 97 18.99 -24.28 -15.30
C THR L 97 18.22 -24.60 -16.58
N GLY L 98 17.86 -25.86 -16.77
CA GLY L 98 17.12 -26.25 -17.96
C GLY L 98 18.02 -27.03 -18.90
N ALA L 99 19.30 -27.09 -18.57
CA ALA L 99 20.31 -27.79 -19.36
C ALA L 99 20.00 -29.28 -19.47
N VAL L 100 18.76 -29.59 -19.84
CA VAL L 100 18.27 -30.95 -19.97
C VAL L 100 18.96 -31.83 -21.02
N SER L 101 19.69 -31.23 -21.95
CA SER L 101 20.40 -32.00 -22.99
C SER L 101 21.35 -31.10 -23.74
N SER L 102 22.13 -31.68 -24.65
CA SER L 102 23.08 -30.90 -25.45
C SER L 102 22.30 -30.34 -26.65
N LYS L 103 22.51 -29.06 -26.97
CA LYS L 103 21.81 -28.41 -28.07
C LYS L 103 22.72 -27.65 -29.02
N GLU L 104 22.38 -27.73 -30.30
CA GLU L 104 23.13 -27.09 -31.39
C GLU L 104 22.90 -25.57 -31.33
N GLY L 105 23.96 -24.80 -31.51
CA GLY L 105 23.81 -23.36 -31.51
C GLY L 105 23.67 -22.86 -32.94
N PHE L 106 22.65 -22.05 -33.21
CA PHE L 106 22.46 -21.53 -34.57
C PHE L 106 23.78 -21.44 -35.30
N PHE L 107 24.74 -20.76 -34.72
CA PHE L 107 26.01 -20.66 -35.39
C PHE L 107 26.43 -21.97 -36.07
N GLU L 108 26.08 -23.09 -35.45
CA GLU L 108 26.41 -24.40 -35.98
C GLU L 108 25.38 -24.74 -37.02
N LEU L 109 24.12 -24.77 -36.59
CA LEU L 109 23.01 -25.06 -37.48
C LEU L 109 23.10 -24.33 -38.80
N ALA L 110 23.82 -23.22 -38.81
CA ALA L 110 23.97 -22.40 -40.01
C ALA L 110 25.31 -22.67 -40.63
N ASP L 111 25.93 -23.76 -40.26
CA ASP L 111 27.26 -24.07 -40.79
C ASP L 111 27.24 -23.99 -42.32
N GLY L 112 28.37 -23.65 -42.90
CA GLY L 112 28.45 -23.60 -44.35
C GLY L 112 27.63 -22.50 -45.04
N GLY L 113 26.40 -22.31 -44.59
CA GLY L 113 25.53 -21.28 -45.16
C GLY L 113 25.83 -19.87 -44.69
N THR L 114 24.78 -19.16 -44.31
CA THR L 114 24.91 -17.79 -43.87
C THR L 114 23.92 -17.54 -42.73
N LEU L 115 24.42 -16.80 -41.73
CA LEU L 115 23.62 -16.49 -40.59
C LEU L 115 23.30 -15.00 -40.57
N PHE L 116 22.02 -14.70 -40.40
CA PHE L 116 21.56 -13.33 -40.36
C PHE L 116 21.05 -12.96 -38.98
N LEU L 117 21.84 -12.13 -38.33
CA LEU L 117 21.48 -11.64 -36.98
C LEU L 117 20.67 -10.36 -37.08
N ASP L 118 19.40 -10.51 -36.78
CA ASP L 118 18.40 -9.46 -36.89
C ASP L 118 18.60 -8.13 -36.17
N GLU L 119 19.30 -8.08 -35.04
CA GLU L 119 19.44 -6.81 -34.27
C GLU L 119 20.69 -6.74 -33.39
N ILE L 120 21.87 -6.71 -34.02
CA ILE L 120 23.14 -6.60 -33.33
C ILE L 120 23.13 -5.61 -32.13
N GLY L 121 21.95 -5.23 -31.65
CA GLY L 121 21.90 -4.29 -30.56
C GLY L 121 21.49 -4.86 -29.22
N GLU L 122 20.72 -5.94 -29.20
CA GLU L 122 20.31 -6.52 -27.92
C GLU L 122 21.26 -7.68 -27.55
N LEU L 123 22.48 -7.56 -28.09
CA LEU L 123 23.54 -8.51 -27.85
C LEU L 123 24.31 -8.21 -26.56
N SER L 124 24.27 -9.15 -25.61
CA SER L 124 24.99 -9.04 -24.33
C SER L 124 26.45 -8.78 -24.63
N LEU L 125 27.06 -7.81 -23.97
CA LEU L 125 28.45 -7.50 -24.25
C LEU L 125 29.34 -8.72 -24.28
N GLU L 126 28.81 -9.80 -23.74
CA GLU L 126 29.55 -11.03 -23.74
C GLU L 126 29.31 -11.62 -25.12
N ALA L 127 28.03 -11.80 -25.44
CA ALA L 127 27.59 -12.32 -26.74
C ALA L 127 28.41 -11.60 -27.81
N GLN L 128 28.74 -10.35 -27.54
CA GLN L 128 29.51 -9.61 -28.49
C GLN L 128 30.90 -10.19 -28.60
N ALA L 129 31.54 -10.39 -27.44
CA ALA L 129 32.90 -10.94 -27.38
C ALA L 129 32.94 -12.38 -27.89
N LYS L 130 31.92 -13.13 -27.51
CA LYS L 130 31.85 -14.51 -27.96
C LYS L 130 31.92 -14.37 -29.48
N LEU L 131 30.94 -13.64 -30.00
CA LEU L 131 30.78 -13.32 -31.42
C LEU L 131 32.06 -12.83 -32.04
N LEU L 132 32.59 -11.71 -31.55
CA LEU L 132 33.81 -11.25 -32.17
C LEU L 132 34.73 -12.45 -32.38
N ARG L 133 34.86 -13.25 -31.31
CA ARG L 133 35.72 -14.47 -31.26
C ARG L 133 35.49 -15.46 -32.40
N VAL L 134 34.22 -15.86 -32.57
CA VAL L 134 33.87 -16.78 -33.61
C VAL L 134 34.37 -16.20 -34.91
N ILE L 135 33.80 -15.06 -35.29
CA ILE L 135 34.11 -14.35 -36.51
C ILE L 135 35.55 -14.54 -36.95
N GLU L 136 36.49 -14.12 -36.15
CA GLU L 136 37.86 -14.28 -36.57
C GLU L 136 38.41 -15.68 -36.55
N SER L 137 38.38 -16.31 -35.37
CA SER L 137 38.92 -17.67 -35.14
C SER L 137 38.33 -18.78 -36.02
N GLY L 138 37.02 -18.92 -35.95
CA GLY L 138 36.38 -19.92 -36.73
C GLY L 138 35.63 -20.71 -35.72
N LYS L 139 36.27 -20.79 -34.54
CA LYS L 139 35.75 -21.59 -33.41
C LYS L 139 35.29 -20.88 -32.13
N PHE L 140 34.43 -21.57 -31.40
CA PHE L 140 33.86 -21.06 -30.15
C PHE L 140 33.40 -22.19 -29.24
N TYR L 141 33.83 -22.23 -27.97
CA TYR L 141 33.38 -23.32 -27.10
C TYR L 141 31.92 -23.09 -26.88
N ARG L 142 31.14 -24.16 -26.96
CA ARG L 142 29.72 -24.05 -26.75
C ARG L 142 29.52 -23.44 -25.38
N LEU L 143 28.29 -23.39 -24.92
CA LEU L 143 28.06 -22.80 -23.62
C LEU L 143 28.06 -23.85 -22.50
N GLY L 144 29.13 -23.83 -21.71
CA GLY L 144 29.29 -24.80 -20.63
C GLY L 144 29.61 -26.14 -21.27
N GLY L 145 30.47 -26.09 -22.28
CA GLY L 145 30.85 -27.28 -22.98
C GLY L 145 32.33 -27.17 -23.07
N ARG L 146 33.03 -28.24 -23.46
CA ARG L 146 34.49 -28.17 -23.53
C ARG L 146 35.09 -29.00 -24.65
N LYS L 147 35.15 -28.36 -25.79
CA LYS L 147 35.67 -28.91 -27.02
C LYS L 147 35.36 -27.85 -28.05
N GLU L 148 36.36 -27.42 -28.81
CA GLU L 148 36.16 -26.36 -29.80
C GLU L 148 35.14 -26.72 -30.82
N ILE L 149 34.23 -25.79 -31.07
CA ILE L 149 33.23 -25.98 -32.09
C ILE L 149 33.69 -25.12 -33.27
N GLU L 150 34.13 -25.77 -34.35
CA GLU L 150 34.59 -25.01 -35.51
C GLU L 150 33.44 -24.93 -36.51
N VAL L 151 33.27 -23.76 -37.09
CA VAL L 151 32.19 -23.50 -38.04
C VAL L 151 32.67 -22.56 -39.14
N ASN L 152 32.11 -22.67 -40.34
CA ASN L 152 32.46 -21.82 -41.44
C ASN L 152 31.20 -21.07 -41.83
N VAL L 153 30.86 -20.08 -41.02
CA VAL L 153 29.66 -19.31 -41.19
C VAL L 153 29.92 -17.91 -41.64
N ARG L 154 29.01 -17.39 -42.45
CA ARG L 154 29.07 -16.05 -42.98
C ARG L 154 28.19 -15.16 -42.13
N ILE L 155 28.82 -14.16 -41.53
CA ILE L 155 28.04 -13.30 -40.68
C ILE L 155 27.54 -12.06 -41.39
N LEU L 156 26.21 -11.98 -41.49
CA LEU L 156 25.53 -10.87 -42.10
C LEU L 156 24.54 -10.45 -41.07
N ALA L 157 24.94 -9.48 -40.28
CA ALA L 157 24.06 -8.97 -39.26
C ALA L 157 23.95 -7.48 -39.43
N ALA L 158 22.93 -6.95 -38.77
CA ALA L 158 22.67 -5.55 -38.83
C ALA L 158 21.46 -5.17 -37.99
N THR L 159 21.51 -3.94 -37.50
CA THR L 159 20.46 -3.37 -36.67
C THR L 159 20.36 -1.92 -37.11
N ASN L 160 19.40 -1.23 -36.50
CA ASN L 160 19.16 0.18 -36.79
C ASN L 160 20.17 1.16 -36.19
N ARG L 161 20.12 1.35 -34.87
CA ARG L 161 21.01 2.27 -34.17
C ARG L 161 22.43 2.39 -34.69
N ASN L 162 22.94 3.62 -34.73
CA ASN L 162 24.30 3.89 -35.19
C ASN L 162 25.19 3.24 -34.17
N ILE L 163 26.15 2.43 -34.65
CA ILE L 163 27.05 1.73 -33.74
C ILE L 163 28.05 2.68 -33.07
N LYS L 164 28.80 3.44 -33.87
CA LYS L 164 29.78 4.38 -33.33
C LYS L 164 29.30 5.04 -32.05
N GLU L 165 27.99 5.23 -31.92
CA GLU L 165 27.42 5.82 -30.71
C GLU L 165 27.29 4.76 -29.62
N LEU L 166 26.50 3.72 -29.91
CA LEU L 166 26.34 2.63 -28.96
C LEU L 166 27.72 2.23 -28.47
N VAL L 167 28.70 2.34 -29.36
CA VAL L 167 30.07 1.99 -29.04
C VAL L 167 30.54 2.72 -27.79
N LYS L 168 30.94 3.98 -27.96
CA LYS L 168 31.45 4.79 -26.84
C LYS L 168 30.43 4.99 -25.72
N GLU L 169 29.15 4.89 -26.04
CA GLU L 169 28.12 5.01 -25.04
C GLU L 169 28.22 3.77 -24.13
N GLY L 170 29.24 2.95 -24.40
CA GLY L 170 29.49 1.74 -23.63
C GLY L 170 28.42 0.68 -23.58
N LYS L 171 28.23 -0.05 -24.67
CA LYS L 171 27.24 -1.13 -24.72
C LYS L 171 27.46 -1.97 -26.00
N PHE L 172 28.58 -1.70 -26.64
CA PHE L 172 28.98 -2.35 -27.89
C PHE L 172 30.46 -2.25 -28.06
N ARG L 173 31.14 -3.38 -28.12
CA ARG L 173 32.59 -3.38 -28.20
C ARG L 173 33.19 -2.67 -29.43
N GLU L 174 34.42 -2.23 -29.26
CA GLU L 174 35.15 -1.59 -30.34
C GLU L 174 35.47 -2.70 -31.33
N ASP L 175 36.50 -3.47 -31.02
CA ASP L 175 36.93 -4.57 -31.87
C ASP L 175 35.83 -5.29 -32.63
N LEU L 176 34.65 -5.47 -32.01
CA LEU L 176 33.57 -6.11 -32.74
C LEU L 176 33.31 -5.22 -33.93
N TYR L 177 32.76 -4.03 -33.63
CA TYR L 177 32.47 -3.06 -34.64
C TYR L 177 33.55 -3.08 -35.72
N TYR L 178 34.79 -2.97 -35.30
CA TYR L 178 35.86 -3.00 -36.27
C TYR L 178 35.73 -4.19 -37.23
N ARG L 179 35.26 -5.33 -36.73
CA ARG L 179 35.12 -6.51 -37.57
C ARG L 179 33.77 -6.66 -38.25
N LEU L 180 32.80 -5.85 -37.88
CA LEU L 180 31.55 -5.93 -38.59
C LEU L 180 31.67 -4.93 -39.76
N GLY L 181 31.88 -3.67 -39.42
CA GLY L 181 32.02 -2.63 -40.44
C GLY L 181 33.19 -2.85 -41.38
N VAL L 182 33.68 -4.07 -41.51
CA VAL L 182 34.78 -4.33 -42.43
C VAL L 182 34.21 -3.88 -43.76
N ILE L 183 32.96 -4.28 -43.95
CA ILE L 183 32.20 -3.98 -45.12
C ILE L 183 30.90 -3.42 -44.56
N GLU L 184 30.68 -2.12 -44.74
CA GLU L 184 29.43 -1.56 -44.26
C GLU L 184 28.50 -1.13 -45.41
N ILE L 185 27.21 -1.37 -45.20
CA ILE L 185 26.17 -1.05 -46.15
C ILE L 185 25.19 -0.09 -45.50
N GLU L 186 25.16 1.12 -46.04
CA GLU L 186 24.27 2.17 -45.58
C GLU L 186 22.91 2.14 -46.34
N ILE L 187 21.81 1.96 -45.62
CA ILE L 187 20.48 1.91 -46.23
C ILE L 187 19.60 3.04 -45.75
N PRO L 188 19.71 4.24 -46.37
CA PRO L 188 18.94 5.45 -46.05
C PRO L 188 17.47 5.18 -46.17
N PRO L 189 16.67 5.77 -45.30
CA PRO L 189 15.21 5.53 -45.34
C PRO L 189 14.62 6.11 -46.60
N LEU L 190 13.32 5.91 -46.83
CA LEU L 190 12.67 6.45 -48.03
C LEU L 190 13.03 7.94 -48.18
N ARG L 191 12.68 8.70 -47.15
CA ARG L 191 12.97 10.11 -47.11
C ARG L 191 14.20 10.53 -47.94
N GLU L 192 15.24 9.71 -47.98
CA GLU L 192 16.43 10.09 -48.75
C GLU L 192 16.61 9.19 -49.97
N ARG L 193 15.54 8.44 -50.20
CA ARG L 193 15.42 7.51 -51.31
C ARG L 193 14.01 7.77 -51.84
N LYS L 194 13.90 8.82 -52.66
CA LYS L 194 12.60 9.25 -53.21
C LYS L 194 12.26 8.62 -54.57
N GLU L 195 13.28 8.46 -55.40
CA GLU L 195 13.14 7.90 -56.73
C GLU L 195 12.56 6.47 -56.64
N ASP L 196 12.58 5.91 -55.44
CA ASP L 196 12.12 4.54 -55.20
C ASP L 196 10.76 4.48 -54.57
N ILE L 197 10.31 5.60 -54.02
CA ILE L 197 9.01 5.64 -53.36
C ILE L 197 7.84 5.31 -54.28
N ILE L 198 7.75 6.01 -55.40
CA ILE L 198 6.62 5.80 -56.29
C ILE L 198 6.73 4.44 -56.89
N PRO L 199 7.85 4.18 -57.55
CA PRO L 199 8.02 2.86 -58.17
C PRO L 199 7.57 1.77 -57.15
N LEU L 200 8.20 1.77 -55.95
CA LEU L 200 7.85 0.86 -54.88
C LEU L 200 6.35 1.01 -54.78
N ALA L 201 5.93 2.18 -54.30
CA ALA L 201 4.51 2.48 -54.16
C ALA L 201 3.67 1.73 -55.21
N ASN L 202 4.11 1.80 -56.47
CA ASN L 202 3.40 1.12 -57.56
C ASN L 202 3.39 -0.35 -57.31
N HIS L 203 4.58 -0.91 -57.39
CA HIS L 203 4.84 -2.34 -57.21
C HIS L 203 3.93 -3.02 -56.20
N PHE L 204 3.67 -2.36 -55.08
CA PHE L 204 2.80 -2.99 -54.12
C PHE L 204 1.39 -3.01 -54.66
N LEU L 205 1.05 -1.96 -55.42
CA LEU L 205 -0.27 -1.82 -56.03
C LEU L 205 -0.57 -2.99 -57.00
N LYS L 206 0.41 -3.31 -57.83
CA LYS L 206 0.31 -4.38 -58.81
C LYS L 206 0.02 -5.69 -58.10
N LYS L 207 0.98 -6.07 -57.24
CA LYS L 207 0.91 -7.29 -56.43
C LYS L 207 -0.42 -7.40 -55.69
N PHE L 208 -0.64 -6.56 -54.69
CA PHE L 208 -1.89 -6.64 -53.96
C PHE L 208 -3.12 -6.65 -54.85
N SER L 209 -2.96 -6.22 -56.11
CA SER L 209 -4.08 -6.14 -57.06
C SER L 209 -4.56 -7.50 -57.52
N ARG L 210 -3.60 -8.30 -57.96
CA ARG L 210 -3.85 -9.65 -58.43
C ARG L 210 -4.33 -10.47 -57.26
N LYS L 211 -3.44 -10.66 -56.29
CA LYS L 211 -3.69 -11.44 -55.07
C LYS L 211 -5.10 -11.34 -54.53
N TYR L 212 -5.64 -10.12 -54.46
CA TYR L 212 -6.99 -9.94 -53.96
C TYR L 212 -7.99 -9.72 -55.08
N ALA L 213 -7.51 -9.87 -56.32
CA ALA L 213 -8.32 -9.74 -57.54
C ALA L 213 -9.09 -8.44 -57.67
N LYS L 214 -8.37 -7.34 -57.57
CA LYS L 214 -8.99 -6.05 -57.71
C LYS L 214 -8.53 -5.40 -59.02
N GLU L 215 -9.33 -4.46 -59.51
CA GLU L 215 -9.01 -3.71 -60.73
C GLU L 215 -8.51 -2.35 -60.24
N VAL L 216 -7.21 -2.24 -60.01
CA VAL L 216 -6.67 -0.98 -59.52
C VAL L 216 -5.33 -0.66 -60.19
N GLU L 217 -5.34 0.37 -61.08
CA GLU L 217 -4.19 0.70 -61.89
C GLU L 217 -3.27 1.81 -61.37
N GLY L 218 -3.71 2.67 -60.42
CA GLY L 218 -2.72 3.66 -60.04
C GLY L 218 -3.02 4.71 -58.98
N PHE L 219 -2.01 5.56 -58.83
CA PHE L 219 -2.00 6.63 -57.90
C PHE L 219 -2.22 7.97 -58.58
N THR L 220 -3.33 8.62 -58.25
CA THR L 220 -3.65 9.94 -58.81
C THR L 220 -2.53 10.86 -58.37
N LYS L 221 -2.72 12.16 -58.56
CA LYS L 221 -1.67 13.09 -58.14
C LYS L 221 -1.97 13.58 -56.72
N SER L 222 -3.23 13.46 -56.30
CA SER L 222 -3.58 13.84 -54.93
C SER L 222 -2.95 12.77 -54.02
N ALA L 223 -2.63 11.63 -54.66
CA ALA L 223 -2.01 10.49 -54.03
C ALA L 223 -0.55 10.60 -54.42
N GLN L 224 -0.22 10.18 -55.62
CA GLN L 224 1.18 10.24 -56.09
C GLN L 224 2.00 11.21 -55.28
N GLU L 225 1.42 12.39 -55.05
CA GLU L 225 2.07 13.48 -54.31
C GLU L 225 2.14 13.24 -52.79
N LEU L 226 1.05 12.75 -52.18
CA LEU L 226 1.02 12.48 -50.74
C LEU L 226 2.21 11.60 -50.43
N LEU L 227 2.34 10.54 -51.23
CA LEU L 227 3.41 9.60 -51.06
C LEU L 227 4.70 10.38 -51.15
N LEU L 228 5.35 10.36 -52.30
CA LEU L 228 6.60 11.07 -52.53
C LEU L 228 7.05 12.17 -51.51
N SER L 229 6.13 12.74 -50.74
CA SER L 229 6.49 13.79 -49.78
C SER L 229 6.38 13.35 -48.31
N TYR L 230 5.40 12.50 -48.01
CA TYR L 230 5.20 11.95 -46.66
C TYR L 230 6.54 11.39 -46.18
N PRO L 231 6.87 11.56 -44.87
CA PRO L 231 8.21 11.18 -44.35
C PRO L 231 8.57 9.77 -44.61
N TRP L 232 7.55 8.98 -44.33
CA TRP L 232 7.66 7.51 -44.36
C TRP L 232 8.81 7.17 -43.42
N TYR L 233 8.51 7.11 -42.13
CA TYR L 233 9.55 6.80 -41.15
C TYR L 233 9.68 5.31 -41.00
N GLY L 234 8.56 4.60 -41.18
CA GLY L 234 8.58 3.16 -41.10
C GLY L 234 9.17 2.60 -42.38
N ASN L 235 9.47 3.48 -43.31
CA ASN L 235 10.00 3.07 -44.59
C ASN L 235 9.21 1.96 -45.31
N VAL L 236 9.84 1.44 -46.37
CA VAL L 236 9.24 0.44 -47.20
C VAL L 236 8.24 -0.45 -46.50
N ARG L 237 8.51 -0.85 -45.25
CA ARG L 237 7.56 -1.71 -44.55
C ARG L 237 6.31 -0.98 -44.19
N GLU L 238 6.44 0.26 -43.70
CA GLU L 238 5.28 1.05 -43.31
C GLU L 238 4.36 1.22 -44.50
N LEU L 239 5.00 1.56 -45.61
CA LEU L 239 4.37 1.78 -46.90
C LEU L 239 3.53 0.56 -47.26
N LYS L 240 4.19 -0.51 -47.70
CA LYS L 240 3.49 -1.74 -48.10
C LYS L 240 2.18 -2.01 -47.40
N ASN L 241 2.14 -1.76 -46.11
CA ASN L 241 0.92 -2.02 -45.38
C ASN L 241 -0.16 -1.05 -45.78
N VAL L 242 0.27 0.19 -45.99
CA VAL L 242 -0.58 1.30 -46.41
C VAL L 242 -1.27 0.89 -47.72
N ILE L 243 -0.45 0.80 -48.76
CA ILE L 243 -0.89 0.40 -50.08
C ILE L 243 -1.88 -0.72 -49.92
N GLU L 244 -1.39 -1.87 -49.50
CA GLU L 244 -2.25 -3.02 -49.31
C GLU L 244 -3.60 -2.64 -48.71
N ARG L 245 -3.55 -1.78 -47.69
CA ARG L 245 -4.78 -1.36 -47.06
C ARG L 245 -5.60 -0.69 -48.14
N ALA L 246 -5.01 0.38 -48.68
CA ALA L 246 -5.63 1.18 -49.73
C ALA L 246 -6.17 0.27 -50.82
N VAL L 247 -5.33 -0.63 -51.28
CA VAL L 247 -5.67 -1.61 -52.30
C VAL L 247 -6.75 -2.57 -51.93
N LEU L 248 -6.86 -2.88 -50.65
CA LEU L 248 -7.87 -3.82 -50.24
C LEU L 248 -9.27 -3.26 -50.36
N PHE L 249 -9.52 -2.13 -49.72
CA PHE L 249 -10.82 -1.47 -49.83
C PHE L 249 -10.64 -0.36 -50.86
N SER L 250 -10.53 -0.77 -52.11
CA SER L 250 -10.36 0.21 -53.17
C SER L 250 -11.31 -0.17 -54.29
N GLU L 251 -12.38 0.62 -54.39
CA GLU L 251 -13.43 0.45 -55.39
C GLU L 251 -13.01 0.97 -56.78
N GLY L 252 -12.19 2.00 -56.81
CA GLY L 252 -11.75 2.60 -58.07
C GLY L 252 -10.97 1.67 -58.98
N LYS L 253 -10.00 2.26 -59.60
CA LYS L 253 -9.03 1.69 -60.49
C LYS L 253 -7.87 2.54 -60.21
N PHE L 254 -8.15 3.64 -59.57
CA PHE L 254 -7.18 4.63 -59.14
C PHE L 254 -7.40 4.94 -57.66
N ILE L 255 -6.33 5.16 -56.91
CA ILE L 255 -6.46 5.48 -55.50
C ILE L 255 -5.76 6.83 -55.29
N ASP L 256 -6.26 7.63 -54.35
CA ASP L 256 -5.65 8.94 -54.04
C ASP L 256 -5.93 9.52 -52.65
N ARG L 257 -5.32 10.66 -52.38
CA ARG L 257 -5.50 11.38 -51.13
C ARG L 257 -6.87 11.08 -50.49
N GLY L 258 -7.82 10.62 -51.28
CA GLY L 258 -9.13 10.30 -50.74
C GLY L 258 -9.13 9.00 -49.95
N GLU L 259 -8.75 7.91 -50.61
CA GLU L 259 -8.70 6.59 -49.96
C GLU L 259 -7.63 6.59 -48.91
N LEU L 260 -6.43 7.05 -49.26
CA LEU L 260 -5.32 7.10 -48.32
C LEU L 260 -5.71 7.80 -47.01
N SER L 261 -6.93 8.33 -46.97
CA SER L 261 -7.44 9.03 -45.79
C SER L 261 -6.81 8.54 -44.49
N CYS L 262 -6.76 7.23 -44.33
CA CYS L 262 -6.21 6.58 -43.15
C CYS L 262 -4.77 6.97 -42.83
N LEU L 263 -3.99 7.15 -43.89
CA LEU L 263 -2.56 7.38 -43.75
C LEU L 263 -1.99 8.69 -44.24
N GLU M 18 54.50 -18.05 -40.26
CA GLU M 18 55.20 -16.96 -39.51
C GLU M 18 54.51 -15.62 -39.71
N TYR M 19 54.08 -15.05 -38.60
CA TYR M 19 53.41 -13.77 -38.61
C TYR M 19 54.44 -12.66 -38.92
N VAL M 20 54.08 -11.40 -38.66
CA VAL M 20 55.00 -10.28 -38.98
C VAL M 20 55.58 -9.49 -37.82
N PHE M 21 56.90 -9.51 -37.76
CA PHE M 21 57.64 -8.80 -36.72
C PHE M 21 58.64 -7.85 -37.36
N GLU M 22 59.40 -8.36 -38.32
CA GLU M 22 60.42 -7.60 -39.07
C GLU M 22 60.46 -6.13 -38.62
N SER M 23 61.01 -5.86 -37.43
CA SER M 23 61.07 -4.49 -36.90
C SER M 23 61.77 -4.42 -35.54
N PRO M 24 61.86 -3.24 -34.95
CA PRO M 24 62.44 -2.82 -33.67
C PRO M 24 62.24 -3.74 -32.45
N LYS M 25 61.43 -3.25 -31.53
CA LYS M 25 61.14 -3.99 -30.32
C LYS M 25 60.33 -5.22 -30.64
N MET M 26 59.57 -5.14 -31.73
CA MET M 26 58.76 -6.28 -32.11
C MET M 26 59.60 -7.47 -32.50
N LYS M 27 60.80 -7.23 -33.02
CA LYS M 27 61.66 -8.35 -33.39
C LYS M 27 62.39 -8.74 -32.12
N GLU M 28 62.51 -7.78 -31.22
CA GLU M 28 63.15 -8.04 -29.93
C GLU M 28 62.25 -9.09 -29.31
N ILE M 29 61.01 -8.70 -29.06
CA ILE M 29 60.01 -9.58 -28.48
C ILE M 29 60.10 -10.99 -29.00
N LEU M 30 60.26 -11.13 -30.31
CA LEU M 30 60.37 -12.44 -30.92
C LEU M 30 61.47 -13.21 -30.21
N GLU M 31 62.65 -12.60 -30.14
CA GLU M 31 63.79 -13.22 -29.47
C GLU M 31 63.42 -13.68 -28.07
N LYS M 32 62.87 -12.77 -27.25
CA LYS M 32 62.49 -13.13 -25.90
C LYS M 32 61.69 -14.41 -25.99
N ILE M 33 60.60 -14.36 -26.74
CA ILE M 33 59.75 -15.54 -26.91
C ILE M 33 60.58 -16.81 -27.04
N LYS M 34 61.57 -16.79 -27.92
CA LYS M 34 62.42 -17.96 -28.15
C LYS M 34 62.96 -18.48 -26.82
N LYS M 35 63.61 -17.58 -26.09
CA LYS M 35 64.19 -17.92 -24.80
C LYS M 35 63.13 -18.48 -23.86
N ILE M 36 62.23 -17.62 -23.38
CA ILE M 36 61.18 -18.06 -22.48
C ILE M 36 60.80 -19.49 -22.77
N SER M 37 60.24 -19.70 -23.95
CA SER M 37 59.79 -21.01 -24.43
C SER M 37 60.27 -22.27 -23.70
N CYS M 38 61.58 -22.52 -23.68
CA CYS M 38 62.07 -23.69 -22.96
C CYS M 38 61.72 -23.62 -21.45
N ALA M 39 60.72 -22.82 -21.11
CA ALA M 39 60.30 -22.64 -19.72
C ALA M 39 58.84 -23.02 -19.53
N GLU M 40 58.26 -22.61 -18.40
CA GLU M 40 56.88 -22.92 -18.08
C GLU M 40 56.34 -21.95 -17.08
N CYS M 41 57.04 -20.84 -16.92
CA CYS M 41 56.59 -19.84 -15.97
C CYS M 41 55.49 -18.99 -16.55
N PRO M 42 54.53 -18.58 -15.73
CA PRO M 42 53.43 -17.75 -16.23
C PRO M 42 53.98 -16.58 -17.00
N VAL M 43 53.17 -16.01 -17.88
CA VAL M 43 53.59 -14.87 -18.68
C VAL M 43 52.43 -13.91 -18.85
N LEU M 44 52.66 -12.63 -18.58
CA LEU M 44 51.60 -11.67 -18.73
C LEU M 44 51.82 -10.83 -19.97
N ILE M 45 50.75 -10.70 -20.76
CA ILE M 45 50.84 -9.96 -22.01
C ILE M 45 49.94 -8.72 -22.06
N THR M 46 50.58 -7.58 -22.27
CA THR M 46 49.88 -6.32 -22.32
C THR M 46 50.09 -5.50 -23.60
N GLY M 47 49.00 -4.93 -24.09
CA GLY M 47 49.05 -4.12 -25.28
C GLY M 47 47.62 -3.73 -25.50
N GLU M 48 47.39 -2.76 -26.39
CA GLU M 48 46.03 -2.33 -26.68
C GLU M 48 45.38 -3.40 -27.54
N SER M 49 44.06 -3.40 -27.54
CA SER M 49 43.28 -4.35 -28.33
C SER M 49 43.69 -4.37 -29.78
N GLY M 50 44.22 -5.49 -30.25
CA GLY M 50 44.60 -5.60 -31.65
C GLY M 50 46.08 -5.55 -31.97
N VAL M 51 46.92 -5.54 -30.95
CA VAL M 51 48.37 -5.50 -31.16
C VAL M 51 49.00 -6.89 -31.46
N GLY M 52 48.32 -7.96 -31.04
CA GLY M 52 48.88 -9.28 -31.27
C GLY M 52 49.19 -10.04 -29.98
N LYS M 53 48.34 -9.86 -28.98
CA LYS M 53 48.53 -10.53 -27.71
C LYS M 53 48.37 -12.02 -27.98
N GLU M 54 47.13 -12.47 -28.20
CA GLU M 54 46.88 -13.88 -28.50
C GLU M 54 47.89 -14.37 -29.53
N VAL M 55 48.19 -13.52 -30.50
CA VAL M 55 49.12 -13.89 -31.55
C VAL M 55 50.46 -14.35 -30.99
N VAL M 56 50.91 -13.70 -29.93
CA VAL M 56 52.18 -14.04 -29.26
C VAL M 56 51.96 -15.25 -28.35
N ALA M 57 51.05 -15.11 -27.40
CA ALA M 57 50.78 -16.20 -26.49
C ALA M 57 50.87 -17.48 -27.29
N ARG M 58 50.17 -17.50 -28.43
CA ARG M 58 50.13 -18.66 -29.32
C ARG M 58 51.50 -19.10 -29.82
N LEU M 59 52.38 -18.12 -29.99
CA LEU M 59 53.73 -18.33 -30.48
C LEU M 59 54.59 -18.84 -29.33
N ILE M 60 54.28 -18.28 -28.16
CA ILE M 60 54.95 -18.64 -26.91
C ILE M 60 54.72 -20.13 -26.67
N HIS M 61 53.59 -20.62 -27.16
CA HIS M 61 53.22 -22.00 -27.01
C HIS M 61 53.73 -22.84 -28.16
N LYS M 62 53.55 -22.35 -29.38
CA LYS M 62 54.02 -23.13 -30.51
C LYS M 62 55.50 -23.35 -30.37
N LEU M 63 56.10 -22.61 -29.45
CA LEU M 63 57.51 -22.77 -29.23
C LEU M 63 57.84 -23.44 -27.88
N SER M 64 56.92 -23.35 -26.92
CA SER M 64 57.14 -23.94 -25.60
C SER M 64 57.37 -25.43 -25.78
N ASP M 65 57.85 -26.09 -24.74
CA ASP M 65 58.14 -27.51 -24.84
C ASP M 65 56.91 -28.38 -24.88
N ARG M 66 55.74 -27.79 -24.75
CA ARG M 66 54.52 -28.57 -24.79
C ARG M 66 53.60 -28.19 -25.94
N SER M 67 54.16 -27.62 -27.00
CA SER M 67 53.39 -27.18 -28.15
C SER M 67 52.46 -28.28 -28.67
N LYS M 68 52.98 -29.50 -28.72
CA LYS M 68 52.22 -30.65 -29.20
C LYS M 68 50.98 -30.82 -28.36
N GLU M 69 50.99 -30.20 -27.19
CA GLU M 69 49.88 -30.30 -26.25
C GLU M 69 48.85 -29.18 -26.47
N PRO M 70 47.57 -29.43 -26.11
CA PRO M 70 46.51 -28.45 -26.29
C PRO M 70 46.74 -27.06 -25.71
N PHE M 71 46.16 -26.08 -26.43
CA PHE M 71 46.21 -24.66 -26.10
C PHE M 71 44.77 -24.24 -25.93
N VAL M 72 44.37 -23.96 -24.70
CA VAL M 72 43.00 -23.56 -24.43
C VAL M 72 42.90 -22.08 -24.17
N ALA M 73 42.36 -21.35 -25.16
CA ALA M 73 42.17 -19.90 -25.08
C ALA M 73 40.71 -19.59 -24.81
N LEU M 74 40.45 -18.91 -23.71
CA LEU M 74 39.09 -18.55 -23.39
C LEU M 74 39.12 -17.05 -23.13
N ASN M 75 38.07 -16.34 -23.51
CA ASN M 75 38.06 -14.90 -23.29
C ASN M 75 37.23 -14.60 -22.08
N VAL M 76 37.91 -14.26 -21.00
CA VAL M 76 37.26 -13.96 -19.74
C VAL M 76 35.98 -13.18 -19.95
N ALA M 77 35.91 -12.48 -21.09
CA ALA M 77 34.78 -11.62 -21.42
C ALA M 77 33.54 -12.31 -21.99
N SER M 78 33.76 -13.42 -22.67
CA SER M 78 32.69 -14.15 -23.31
C SER M 78 31.86 -14.90 -22.31
N ILE M 79 32.07 -14.62 -21.03
CA ILE M 79 31.35 -15.31 -19.97
C ILE M 79 30.98 -14.39 -18.82
N PRO M 80 29.71 -14.37 -18.46
CA PRO M 80 29.27 -13.51 -17.36
C PRO M 80 30.06 -13.82 -16.07
N ARG M 81 30.57 -12.77 -15.43
CA ARG M 81 31.37 -12.89 -14.22
C ARG M 81 31.06 -14.06 -13.27
N ASP M 82 29.84 -14.09 -12.75
CA ASP M 82 29.47 -15.15 -11.83
C ASP M 82 29.69 -16.55 -12.39
N ILE M 83 29.44 -16.75 -13.69
CA ILE M 83 29.61 -18.07 -14.25
C ILE M 83 31.07 -18.42 -14.48
N PHE M 84 31.92 -17.41 -14.58
CA PHE M 84 33.32 -17.64 -14.83
C PHE M 84 34.10 -18.53 -13.84
N GLU M 85 33.85 -18.38 -12.54
CA GLU M 85 34.59 -19.19 -11.58
C GLU M 85 34.21 -20.66 -11.81
N ALA M 86 32.95 -20.86 -12.16
CA ALA M 86 32.45 -22.19 -12.39
C ALA M 86 32.80 -22.76 -13.73
N GLU M 87 33.46 -21.99 -14.57
CA GLU M 87 33.77 -22.49 -15.89
C GLU M 87 35.26 -22.54 -16.06
N LEU M 88 36.00 -21.97 -15.14
CA LEU M 88 37.45 -21.98 -15.29
C LEU M 88 37.96 -23.18 -14.55
N PHE M 89 37.35 -23.32 -13.37
CA PHE M 89 37.65 -24.35 -12.40
C PHE M 89 36.75 -25.56 -12.52
N GLY M 90 35.45 -25.32 -12.59
CA GLY M 90 34.54 -26.43 -12.73
C GLY M 90 33.59 -26.25 -11.58
N TYR M 91 32.68 -27.19 -11.41
CA TYR M 91 31.72 -27.10 -10.32
C TYR M 91 31.03 -28.46 -10.09
N GLU M 92 30.62 -28.69 -8.86
CA GLU M 92 29.98 -29.95 -8.48
C GLU M 92 28.51 -29.66 -8.35
N LYS M 93 27.68 -30.70 -8.41
CA LYS M 93 26.25 -30.50 -8.30
C LYS M 93 25.93 -29.57 -7.16
N GLY M 94 24.86 -28.81 -7.30
CA GLY M 94 24.50 -27.92 -6.23
C GLY M 94 25.53 -26.87 -5.85
N ALA M 95 25.75 -25.92 -6.75
CA ALA M 95 26.69 -24.83 -6.53
C ALA M 95 26.00 -23.55 -7.01
N PHE M 96 25.03 -23.76 -7.90
CA PHE M 96 24.22 -22.69 -8.50
C PHE M 96 22.79 -23.17 -8.63
N THR M 97 21.84 -22.29 -8.36
CA THR M 97 20.44 -22.66 -8.47
C THR M 97 20.25 -23.13 -9.91
N GLY M 98 20.66 -24.35 -10.17
CA GLY M 98 20.56 -24.91 -11.51
C GLY M 98 21.92 -25.30 -12.03
N ALA M 99 22.45 -26.41 -11.52
CA ALA M 99 23.75 -26.94 -11.92
C ALA M 99 23.64 -28.43 -11.70
N VAL M 100 22.96 -29.06 -12.63
CA VAL M 100 22.71 -30.50 -12.59
C VAL M 100 23.89 -31.45 -12.56
N SER M 101 24.82 -31.28 -13.50
CA SER M 101 25.99 -32.16 -13.62
C SER M 101 27.30 -31.72 -12.98
N SER M 102 28.33 -32.52 -13.20
CA SER M 102 29.66 -32.26 -12.69
C SER M 102 30.46 -31.91 -13.95
N LYS M 103 30.90 -30.66 -14.05
CA LYS M 103 31.67 -30.25 -15.20
C LYS M 103 33.07 -29.85 -14.86
N GLU M 104 34.01 -30.28 -15.68
CA GLU M 104 35.40 -29.96 -15.43
C GLU M 104 35.63 -28.53 -15.84
N GLY M 105 36.62 -27.88 -15.26
CA GLY M 105 36.88 -26.49 -15.64
C GLY M 105 37.74 -26.44 -16.90
N PHE M 106 38.00 -25.24 -17.40
CA PHE M 106 38.82 -25.17 -18.57
C PHE M 106 40.22 -25.53 -18.18
N PHE M 107 40.41 -25.66 -16.87
CA PHE M 107 41.72 -26.03 -16.28
C PHE M 107 41.97 -27.54 -16.41
N GLU M 108 41.07 -28.33 -15.87
CA GLU M 108 41.24 -29.76 -16.02
C GLU M 108 41.36 -30.01 -17.51
N LEU M 109 40.80 -29.09 -18.29
CA LEU M 109 40.84 -29.17 -19.73
C LEU M 109 42.24 -28.75 -20.17
N ALA M 110 42.61 -27.54 -19.80
CA ALA M 110 43.92 -27.03 -20.17
C ALA M 110 45.02 -28.00 -19.75
N ASP M 111 44.65 -28.90 -18.83
CA ASP M 111 45.57 -29.88 -18.25
C ASP M 111 46.63 -30.38 -19.21
N GLY M 112 47.89 -30.23 -18.79
CA GLY M 112 49.00 -30.66 -19.62
C GLY M 112 49.56 -29.55 -20.49
N GLY M 113 48.69 -28.96 -21.29
CA GLY M 113 49.14 -27.90 -22.18
C GLY M 113 48.81 -26.54 -21.64
N THR M 114 49.18 -25.51 -22.40
CA THR M 114 48.95 -24.12 -22.01
C THR M 114 47.50 -23.65 -21.95
N LEU M 115 47.22 -22.73 -21.04
CA LEU M 115 45.90 -22.12 -20.92
C LEU M 115 46.16 -20.67 -21.22
N PHE M 116 45.22 -20.04 -21.88
CA PHE M 116 45.36 -18.63 -22.25
C PHE M 116 44.14 -17.89 -21.78
N LEU M 117 44.32 -17.03 -20.77
CA LEU M 117 43.20 -16.24 -20.27
C LEU M 117 43.34 -14.91 -20.99
N ASP M 118 42.35 -14.57 -21.82
CA ASP M 118 42.40 -13.32 -22.56
C ASP M 118 41.59 -12.28 -21.84
N GLU M 119 42.24 -11.19 -21.46
CA GLU M 119 41.58 -10.10 -20.76
C GLU M 119 41.39 -10.44 -19.30
N ILE M 120 42.46 -10.36 -18.53
CA ILE M 120 42.38 -10.68 -17.11
C ILE M 120 41.53 -9.69 -16.35
N GLY M 121 41.63 -8.43 -16.74
CA GLY M 121 40.89 -7.39 -16.06
C GLY M 121 39.46 -7.70 -15.64
N GLU M 122 38.77 -8.56 -16.36
CA GLU M 122 37.39 -8.86 -16.00
C GLU M 122 37.22 -9.96 -14.97
N LEU M 123 38.31 -10.33 -14.29
CA LEU M 123 38.27 -11.39 -13.27
C LEU M 123 37.77 -10.86 -11.94
N SER M 124 36.72 -11.47 -11.40
CA SER M 124 36.18 -11.04 -10.10
C SER M 124 37.29 -11.35 -9.11
N LEU M 125 37.42 -10.54 -8.05
CA LEU M 125 38.48 -10.78 -7.07
C LEU M 125 38.69 -12.24 -6.67
N GLU M 126 37.66 -12.88 -6.15
CA GLU M 126 37.76 -14.28 -5.76
C GLU M 126 38.39 -15.07 -6.89
N ALA M 127 38.32 -14.53 -8.11
CA ALA M 127 38.87 -15.20 -9.27
C ALA M 127 40.39 -15.31 -9.15
N GLN M 128 41.13 -14.24 -9.47
CA GLN M 128 42.58 -14.31 -9.36
C GLN M 128 42.90 -14.99 -8.06
N ALA M 129 42.04 -14.76 -7.08
CA ALA M 129 42.20 -15.36 -5.79
C ALA M 129 42.51 -16.82 -6.05
N LYS M 130 41.46 -17.61 -6.29
CA LYS M 130 41.62 -19.03 -6.54
C LYS M 130 42.64 -19.24 -7.66
N LEU M 131 42.70 -18.28 -8.59
CA LEU M 131 43.62 -18.38 -9.72
C LEU M 131 45.03 -18.40 -9.18
N LEU M 132 45.45 -17.27 -8.62
CA LEU M 132 46.79 -17.13 -8.04
C LEU M 132 47.23 -18.48 -7.48
N ARG M 133 46.39 -19.02 -6.61
CA ARG M 133 46.67 -20.31 -6.03
C ARG M 133 47.21 -21.18 -7.15
N VAL M 134 46.32 -21.61 -8.03
CA VAL M 134 46.69 -22.48 -9.13
C VAL M 134 47.95 -22.04 -9.87
N ILE M 135 48.21 -20.74 -9.93
CA ILE M 135 49.40 -20.25 -10.62
C ILE M 135 50.59 -20.82 -9.89
N GLU M 136 50.31 -21.22 -8.65
CA GLU M 136 51.29 -21.86 -7.76
C GLU M 136 50.61 -23.18 -7.40
N SER M 137 51.29 -24.01 -6.61
CA SER M 137 50.71 -25.28 -6.18
C SER M 137 50.34 -26.16 -7.37
N GLY M 138 49.25 -25.81 -8.02
CA GLY M 138 48.80 -26.56 -9.17
C GLY M 138 47.46 -27.12 -8.78
N LYS M 139 47.06 -26.80 -7.55
CA LYS M 139 45.80 -27.30 -7.06
C LYS M 139 44.74 -26.24 -6.84
N PHE M 140 43.49 -26.65 -7.00
CA PHE M 140 42.37 -25.75 -6.82
C PHE M 140 41.17 -26.60 -6.46
N TYR M 141 40.14 -25.97 -5.92
CA TYR M 141 38.95 -26.70 -5.54
C TYR M 141 37.80 -26.36 -6.46
N ARG M 142 37.29 -27.37 -7.15
CA ARG M 142 36.15 -27.22 -8.04
C ARG M 142 35.05 -26.65 -7.14
N LEU M 143 33.94 -26.19 -7.71
CA LEU M 143 32.86 -25.61 -6.89
C LEU M 143 31.87 -26.64 -6.38
N GLY M 144 32.17 -27.22 -5.22
CA GLY M 144 31.28 -28.22 -4.66
C GLY M 144 31.98 -28.96 -3.56
N GLY M 145 33.28 -28.70 -3.40
CA GLY M 145 34.02 -29.35 -2.34
C GLY M 145 34.74 -30.61 -2.71
N ARG M 146 34.60 -31.65 -1.89
CA ARG M 146 35.26 -32.92 -2.15
C ARG M 146 36.74 -32.70 -2.48
N LYS M 147 37.30 -33.62 -3.26
CA LYS M 147 38.71 -33.60 -3.66
C LYS M 147 39.23 -32.24 -4.12
N GLU M 148 40.55 -32.17 -4.29
CA GLU M 148 41.20 -30.97 -4.79
C GLU M 148 41.83 -31.45 -6.07
N ILE M 149 42.01 -30.58 -7.04
CA ILE M 149 42.59 -31.03 -8.30
C ILE M 149 43.96 -30.47 -8.58
N GLU M 150 44.86 -31.33 -9.02
CA GLU M 150 46.23 -30.96 -9.35
C GLU M 150 46.27 -30.99 -10.86
N VAL M 151 46.82 -29.94 -11.46
CA VAL M 151 46.85 -29.86 -12.91
C VAL M 151 48.10 -29.13 -13.44
N ASN M 152 48.67 -29.67 -14.51
CA ASN M 152 49.86 -29.08 -15.07
C ASN M 152 49.58 -28.22 -16.29
N VAL M 153 49.21 -26.97 -16.03
CA VAL M 153 48.88 -26.00 -17.06
C VAL M 153 49.76 -24.78 -16.96
N ARG M 154 50.39 -24.40 -18.08
CA ARG M 154 51.22 -23.21 -18.14
C ARG M 154 50.28 -22.06 -18.44
N ILE M 155 50.21 -21.08 -17.56
CA ILE M 155 49.32 -19.94 -17.79
C ILE M 155 49.99 -18.93 -18.69
N LEU M 156 49.20 -18.37 -19.61
CA LEU M 156 49.58 -17.34 -20.55
C LEU M 156 48.38 -16.43 -20.41
N ALA M 157 48.55 -15.25 -19.83
CA ALA M 157 47.38 -14.37 -19.66
C ALA M 157 47.65 -13.07 -20.33
N ALA M 158 46.58 -12.39 -20.73
CA ALA M 158 46.72 -11.10 -21.42
C ALA M 158 45.65 -10.07 -21.13
N THR M 159 46.01 -8.82 -21.38
CA THR M 159 45.09 -7.70 -21.19
C THR M 159 45.57 -6.42 -21.85
N ASN M 160 44.60 -5.58 -22.20
CA ASN M 160 44.84 -4.30 -22.84
C ASN M 160 44.97 -3.28 -21.74
N ARG M 161 44.15 -3.44 -20.71
CA ARG M 161 44.13 -2.53 -19.57
C ARG M 161 45.52 -2.38 -18.93
N ASN M 162 45.63 -1.55 -17.89
CA ASN M 162 46.91 -1.32 -17.20
C ASN M 162 47.05 -2.11 -15.88
N ILE M 163 47.69 -3.27 -15.98
CA ILE M 163 47.87 -4.16 -14.84
C ILE M 163 48.16 -3.44 -13.52
N LYS M 164 49.43 -3.15 -13.25
CA LYS M 164 49.82 -2.49 -12.01
C LYS M 164 48.86 -1.37 -11.58
N GLU M 165 48.29 -0.64 -12.54
CA GLU M 165 47.37 0.43 -12.22
C GLU M 165 45.98 -0.07 -11.87
N LEU M 166 45.75 -1.35 -12.13
CA LEU M 166 44.47 -1.99 -11.82
C LEU M 166 44.49 -2.36 -10.35
N VAL M 167 45.71 -2.65 -9.89
CA VAL M 167 45.96 -3.02 -8.50
C VAL M 167 45.60 -1.83 -7.62
N LYS M 168 46.01 -0.65 -8.07
CA LYS M 168 45.73 0.60 -7.36
C LYS M 168 44.23 0.81 -7.23
N GLU M 169 43.53 0.69 -8.34
CA GLU M 169 42.08 0.88 -8.38
C GLU M 169 41.30 -0.08 -7.49
N GLY M 170 42.02 -0.89 -6.71
CA GLY M 170 41.39 -1.83 -5.82
C GLY M 170 40.49 -2.83 -6.52
N LYS M 171 40.85 -3.17 -7.76
CA LYS M 171 40.05 -4.10 -8.56
C LYS M 171 40.86 -5.29 -9.07
N PHE M 172 42.11 -5.40 -8.61
CA PHE M 172 42.94 -6.52 -9.02
C PHE M 172 43.82 -6.94 -7.87
N ARG M 173 44.01 -8.25 -7.74
CA ARG M 173 44.82 -8.79 -6.66
C ARG M 173 46.29 -8.50 -6.86
N GLU M 174 46.82 -7.62 -6.01
CA GLU M 174 48.20 -7.21 -6.04
C GLU M 174 49.19 -8.38 -6.11
N ASP M 175 49.10 -9.27 -5.13
CA ASP M 175 49.98 -10.43 -5.04
C ASP M 175 49.87 -11.33 -6.26
N LEU M 176 48.94 -10.99 -7.15
CA LEU M 176 48.70 -11.75 -8.37
C LEU M 176 49.70 -11.34 -9.42
N TYR M 177 49.81 -10.04 -9.65
CA TYR M 177 50.73 -9.54 -10.65
C TYR M 177 52.09 -10.19 -10.51
N TYR M 178 52.72 -10.03 -9.35
CA TYR M 178 54.05 -10.61 -9.15
C TYR M 178 54.11 -12.09 -9.52
N ARG M 179 52.96 -12.74 -9.49
CA ARG M 179 52.86 -14.15 -9.83
C ARG M 179 52.71 -14.42 -11.32
N LEU M 180 52.09 -13.48 -12.05
CA LEU M 180 51.91 -13.60 -13.51
C LEU M 180 53.06 -12.89 -14.17
N GLY M 181 53.54 -11.85 -13.49
CA GLY M 181 54.63 -11.04 -13.99
C GLY M 181 55.99 -11.69 -14.04
N VAL M 182 56.03 -12.99 -13.78
CA VAL M 182 57.27 -13.77 -13.82
C VAL M 182 57.95 -13.30 -15.11
N ILE M 183 57.13 -13.20 -16.16
CA ILE M 183 57.57 -12.74 -17.47
C ILE M 183 56.55 -11.70 -17.88
N GLU M 184 57.05 -10.51 -18.21
CA GLU M 184 56.20 -9.41 -18.62
C GLU M 184 56.51 -9.01 -20.05
N ILE M 185 55.46 -8.86 -20.84
CA ILE M 185 55.60 -8.46 -22.24
C ILE M 185 54.53 -7.43 -22.60
N GLU M 186 54.99 -6.22 -22.93
CA GLU M 186 54.10 -5.13 -23.31
C GLU M 186 54.14 -4.99 -24.83
N ILE M 187 53.02 -5.25 -25.50
CA ILE M 187 52.97 -5.13 -26.95
C ILE M 187 52.48 -3.72 -27.29
N PRO M 188 53.38 -2.92 -27.85
CA PRO M 188 53.09 -1.54 -28.22
C PRO M 188 52.12 -1.53 -29.37
N PRO M 189 51.26 -0.52 -29.43
CA PRO M 189 50.27 -0.40 -30.52
C PRO M 189 51.01 -0.22 -31.87
N LEU M 190 50.27 -0.07 -32.97
CA LEU M 190 50.91 0.09 -34.28
C LEU M 190 51.66 1.41 -34.42
N ARG M 191 50.98 2.49 -34.02
CA ARG M 191 51.55 3.82 -34.07
C ARG M 191 53.03 3.85 -33.73
N GLU M 192 53.46 3.02 -32.78
CA GLU M 192 54.87 2.98 -32.38
C GLU M 192 55.69 2.16 -33.35
N ARG M 193 55.28 0.91 -33.52
CA ARG M 193 55.94 -0.03 -34.40
C ARG M 193 55.65 0.34 -35.85
N LYS M 194 55.50 1.63 -36.13
CA LYS M 194 55.21 2.10 -37.49
C LYS M 194 55.91 1.28 -38.57
N GLU M 195 57.09 0.76 -38.23
CA GLU M 195 57.87 -0.03 -39.18
C GLU M 195 57.20 -1.36 -39.58
N ASP M 196 56.28 -1.84 -38.76
CA ASP M 196 55.60 -3.09 -39.05
C ASP M 196 54.41 -2.77 -39.97
N ILE M 197 53.97 -1.52 -39.91
CA ILE M 197 52.82 -1.10 -40.68
C ILE M 197 52.87 -1.45 -42.15
N ILE M 198 53.95 -1.08 -42.82
CA ILE M 198 54.03 -1.40 -44.23
C ILE M 198 54.11 -2.90 -44.50
N PRO M 199 54.91 -3.65 -43.73
CA PRO M 199 55.00 -5.10 -43.99
C PRO M 199 53.71 -5.87 -43.62
N LEU M 200 53.00 -5.38 -42.61
CA LEU M 200 51.77 -6.05 -42.22
C LEU M 200 50.77 -6.05 -43.39
N ALA M 201 50.53 -4.87 -43.94
CA ALA M 201 49.61 -4.69 -45.06
C ALA M 201 50.14 -5.40 -46.31
N ASN M 202 51.44 -5.28 -46.55
CA ASN M 202 52.06 -5.94 -47.69
C ASN M 202 51.79 -7.44 -47.57
N HIS M 203 51.81 -7.94 -46.33
CA HIS M 203 51.58 -9.34 -46.02
C HIS M 203 50.11 -9.73 -46.02
N PHE M 204 49.24 -8.76 -45.72
CA PHE M 204 47.80 -9.02 -45.71
C PHE M 204 47.24 -8.84 -47.11
N LEU M 205 47.69 -7.79 -47.79
CA LEU M 205 47.24 -7.52 -49.14
C LEU M 205 47.56 -8.78 -49.91
N LYS M 206 48.84 -9.10 -50.01
CA LYS M 206 49.28 -10.29 -50.71
C LYS M 206 48.36 -11.46 -50.34
N LYS M 207 47.99 -11.56 -49.07
CA LYS M 207 47.12 -12.64 -48.65
C LYS M 207 45.80 -12.56 -49.37
N PHE M 208 44.96 -11.62 -48.94
CA PHE M 208 43.65 -11.45 -49.54
C PHE M 208 43.68 -11.34 -51.07
N SER M 209 44.87 -11.16 -51.62
CA SER M 209 45.04 -11.05 -53.07
C SER M 209 45.05 -12.44 -53.70
N ARG M 210 44.42 -13.41 -53.04
CA ARG M 210 44.36 -14.78 -53.52
C ARG M 210 43.09 -15.44 -53.01
N LYS M 211 42.75 -15.15 -51.76
CA LYS M 211 41.55 -15.72 -51.15
C LYS M 211 40.38 -15.21 -51.96
N TYR M 212 40.64 -14.21 -52.78
CA TYR M 212 39.58 -13.63 -53.58
C TYR M 212 39.90 -13.70 -55.05
N ALA M 213 40.94 -14.44 -55.37
CA ALA M 213 41.35 -14.62 -56.75
C ALA M 213 41.52 -13.31 -57.52
N LYS M 214 41.39 -12.16 -56.87
CA LYS M 214 41.53 -10.91 -57.60
C LYS M 214 42.97 -10.62 -57.88
N GLU M 215 43.34 -9.37 -58.12
CA GLU M 215 44.73 -9.07 -58.42
C GLU M 215 45.20 -7.70 -57.98
N VAL M 216 46.31 -7.70 -57.24
CA VAL M 216 46.96 -6.51 -56.73
C VAL M 216 48.30 -6.98 -56.17
N GLU M 217 49.31 -6.12 -56.22
CA GLU M 217 50.61 -6.49 -55.71
C GLU M 217 51.05 -5.59 -54.54
N GLY M 218 50.52 -4.37 -54.50
CA GLY M 218 50.90 -3.47 -53.42
C GLY M 218 50.19 -2.13 -53.35
N PHE M 219 50.90 -1.14 -52.82
CA PHE M 219 50.38 0.22 -52.66
C PHE M 219 51.31 1.24 -53.33
N THR M 220 50.79 2.45 -53.54
CA THR M 220 51.56 3.52 -54.16
C THR M 220 52.31 4.27 -53.07
N LYS M 221 53.26 5.10 -53.47
CA LYS M 221 54.03 5.86 -52.49
C LYS M 221 53.09 6.87 -51.85
N SER M 222 51.83 6.80 -52.25
CA SER M 222 50.81 7.69 -51.71
C SER M 222 50.05 6.97 -50.61
N ALA M 223 49.67 5.72 -50.89
CA ALA M 223 48.94 4.90 -49.95
C ALA M 223 49.85 4.53 -48.80
N GLN M 224 50.97 3.89 -49.13
CA GLN M 224 51.94 3.49 -48.12
C GLN M 224 52.05 4.54 -47.04
N GLU M 225 52.40 5.76 -47.44
CA GLU M 225 52.55 6.87 -46.50
C GLU M 225 51.28 7.11 -45.70
N LEU M 226 50.13 6.86 -46.32
CA LEU M 226 48.85 7.04 -45.65
C LEU M 226 48.67 5.96 -44.57
N LEU M 227 49.07 4.73 -44.91
CA LEU M 227 48.97 3.61 -43.98
C LEU M 227 49.91 3.83 -42.82
N LEU M 228 50.97 4.60 -43.06
CA LEU M 228 51.93 4.89 -42.03
C LEU M 228 51.42 6.08 -41.23
N SER M 229 50.97 7.11 -41.94
CA SER M 229 50.46 8.32 -41.30
C SER M 229 49.27 8.04 -40.40
N TYR M 230 48.34 7.24 -40.89
CA TYR M 230 47.15 6.88 -40.13
C TYR M 230 47.54 6.37 -38.75
N PRO M 231 46.76 6.73 -37.72
CA PRO M 231 46.96 6.36 -36.33
C PRO M 231 46.93 4.85 -36.05
N TRP M 232 45.91 4.19 -36.59
CA TRP M 232 45.76 2.75 -36.42
C TRP M 232 45.34 2.45 -35.01
N TYR M 233 44.10 2.80 -34.70
CA TYR M 233 43.55 2.58 -33.38
C TYR M 233 43.36 1.09 -33.09
N GLY M 234 42.43 0.46 -33.80
CA GLY M 234 42.24 -0.97 -33.59
C GLY M 234 43.43 -1.74 -34.13
N ASN M 235 44.58 -1.09 -34.15
CA ASN M 235 45.81 -1.72 -34.63
C ASN M 235 45.60 -2.74 -35.74
N VAL M 236 46.49 -3.73 -35.84
CA VAL M 236 46.38 -4.73 -36.89
C VAL M 236 44.98 -5.28 -37.07
N ARG M 237 44.18 -5.24 -36.00
CA ARG M 237 42.81 -5.75 -36.09
C ARG M 237 42.34 -4.99 -37.29
N GLU M 238 42.46 -3.65 -37.17
CA GLU M 238 42.05 -2.71 -38.21
C GLU M 238 42.85 -2.96 -39.51
N LEU M 239 44.13 -2.60 -39.54
CA LEU M 239 44.91 -2.83 -40.76
C LEU M 239 44.44 -4.11 -41.47
N LYS M 240 44.95 -5.26 -41.04
CA LYS M 240 44.53 -6.54 -41.66
C LYS M 240 43.07 -6.45 -42.11
N ASN M 241 42.20 -5.96 -41.24
CA ASN M 241 40.80 -5.86 -41.60
C ASN M 241 40.56 -4.89 -42.77
N VAL M 242 41.15 -3.70 -42.69
CA VAL M 242 41.00 -2.70 -43.74
C VAL M 242 41.51 -3.30 -45.03
N ILE M 243 42.79 -3.57 -45.10
CA ILE M 243 43.34 -4.16 -46.31
C ILE M 243 42.45 -5.22 -46.96
N GLU M 244 41.60 -5.91 -46.20
CA GLU M 244 40.72 -6.90 -46.81
C GLU M 244 39.71 -6.13 -47.64
N ARG M 245 39.05 -5.20 -46.96
CA ARG M 245 38.04 -4.32 -47.55
C ARG M 245 38.63 -3.71 -48.81
N ALA M 246 39.93 -3.44 -48.80
CA ALA M 246 40.60 -2.87 -49.96
C ALA M 246 40.52 -3.88 -51.09
N VAL M 247 41.35 -4.91 -51.04
CA VAL M 247 41.35 -5.95 -52.05
C VAL M 247 39.96 -6.45 -52.41
N LEU M 248 38.98 -6.22 -51.54
CA LEU M 248 37.62 -6.66 -51.82
C LEU M 248 37.01 -5.78 -52.91
N PHE M 249 37.51 -4.55 -53.02
CA PHE M 249 37.02 -3.59 -54.00
C PHE M 249 38.08 -3.20 -55.02
N SER M 250 39.35 -3.26 -54.62
CA SER M 250 40.46 -2.89 -55.49
C SER M 250 40.17 -3.23 -56.95
N GLU M 251 40.83 -2.51 -57.85
CA GLU M 251 40.68 -2.74 -59.29
C GLU M 251 42.01 -3.09 -59.93
N GLY M 252 42.72 -2.06 -60.37
CA GLY M 252 44.01 -2.28 -61.02
C GLY M 252 44.88 -3.20 -60.20
N LYS M 253 46.04 -3.51 -60.74
CA LYS M 253 46.97 -4.38 -60.05
C LYS M 253 47.73 -3.56 -59.00
N PHE M 254 47.17 -2.43 -58.62
CA PHE M 254 47.79 -1.54 -57.63
C PHE M 254 46.75 -0.99 -56.67
N ILE M 255 47.22 -0.43 -55.56
CA ILE M 255 46.33 0.19 -54.57
C ILE M 255 46.97 1.51 -54.15
N ASP M 256 46.35 2.62 -54.55
CA ASP M 256 46.87 3.95 -54.23
C ASP M 256 46.12 4.58 -53.07
N ARG M 257 46.47 5.84 -52.77
CA ARG M 257 45.84 6.59 -51.69
C ARG M 257 44.35 6.84 -51.93
N GLY M 258 43.86 6.32 -53.06
CA GLY M 258 42.48 6.48 -53.44
C GLY M 258 41.56 5.51 -52.75
N GLU M 259 42.04 4.29 -52.51
CA GLU M 259 41.22 3.28 -51.84
C GLU M 259 41.28 3.44 -50.32
N LEU M 260 42.49 3.55 -49.77
CA LEU M 260 42.67 3.71 -48.34
C LEU M 260 42.10 5.05 -47.86
N SER M 261 41.55 5.82 -48.80
CA SER M 261 40.96 7.10 -48.48
C SER M 261 39.45 6.96 -48.28
N CYS M 262 38.73 6.72 -49.37
CA CYS M 262 37.29 6.55 -49.31
C CYS M 262 36.95 5.46 -48.30
N LEU M 263 37.80 4.44 -48.25
CA LEU M 263 37.61 3.31 -47.35
C LEU M 263 37.82 3.74 -45.91
N VAL M 264 39.10 3.87 -45.54
CA VAL M 264 39.49 4.26 -44.19
C VAL M 264 38.91 5.64 -43.82
N GLU N 18 70.72 -24.68 0.56
CA GLU N 18 70.70 -24.03 1.90
C GLU N 18 69.82 -22.79 1.88
N TYR N 19 69.54 -22.25 3.07
CA TYR N 19 68.73 -21.05 3.16
C TYR N 19 69.55 -19.80 3.34
N VAL N 20 68.94 -18.63 3.21
CA VAL N 20 69.68 -17.39 3.35
C VAL N 20 69.30 -16.46 4.48
N PHE N 21 70.19 -16.41 5.46
CA PHE N 21 70.05 -15.58 6.62
C PHE N 21 71.46 -15.03 6.83
N GLU N 22 71.74 -13.88 6.25
CA GLU N 22 73.05 -13.31 6.44
C GLU N 22 72.91 -11.82 6.63
N SER N 23 72.02 -11.44 7.54
CA SER N 23 71.78 -10.03 7.82
C SER N 23 71.40 -9.83 9.28
N PRO N 24 71.56 -8.61 9.80
CA PRO N 24 71.26 -8.20 11.17
C PRO N 24 70.47 -9.22 12.00
N LYS N 25 69.23 -8.85 12.25
CA LYS N 25 68.29 -9.64 13.04
C LYS N 25 67.85 -10.92 12.38
N MET N 26 68.01 -11.00 11.08
CA MET N 26 67.61 -12.22 10.41
C MET N 26 68.57 -13.30 10.89
N LYS N 27 69.81 -12.91 11.17
CA LYS N 27 70.81 -13.88 11.63
C LYS N 27 70.56 -14.05 13.13
N GLU N 28 69.84 -13.09 13.69
CA GLU N 28 69.53 -13.11 15.11
C GLU N 28 68.17 -13.77 15.32
N ILE N 29 67.50 -14.08 14.23
CA ILE N 29 66.21 -14.73 14.32
C ILE N 29 66.61 -16.17 14.20
N LEU N 30 67.55 -16.38 13.28
CA LEU N 30 68.05 -17.72 13.03
C LEU N 30 68.31 -18.40 14.35
N GLU N 31 68.87 -17.67 15.31
CA GLU N 31 69.16 -18.24 16.62
C GLU N 31 67.89 -18.55 17.38
N LYS N 32 66.96 -17.60 17.44
CA LYS N 32 65.69 -17.81 18.13
C LYS N 32 65.12 -19.14 17.66
N ILE N 33 65.24 -19.36 16.36
CA ILE N 33 64.77 -20.58 15.73
C ILE N 33 65.47 -21.77 16.41
N LYS N 34 66.79 -21.68 16.54
CA LYS N 34 67.58 -22.73 17.17
C LYS N 34 67.14 -22.99 18.61
N LYS N 35 66.84 -21.92 19.34
CA LYS N 35 66.44 -22.04 20.73
C LYS N 35 65.02 -22.61 20.85
N ILE N 36 64.21 -22.35 19.84
CA ILE N 36 62.82 -22.81 19.84
C ILE N 36 62.58 -24.27 19.44
N SER N 37 63.04 -24.66 18.24
CA SER N 37 62.88 -26.02 17.73
C SER N 37 62.78 -27.10 18.81
N CYS N 38 63.61 -27.00 19.84
CA CYS N 38 63.60 -27.96 20.94
C CYS N 38 62.40 -27.70 21.87
N ALA N 39 61.23 -27.50 21.26
CA ALA N 39 59.99 -27.24 22.01
C ALA N 39 58.80 -27.88 21.31
N GLU N 40 57.60 -27.54 21.77
CA GLU N 40 56.37 -28.08 21.20
C GLU N 40 55.20 -27.12 21.32
N CYS N 41 55.47 -25.87 21.70
CA CYS N 41 54.41 -24.89 21.82
C CYS N 41 54.25 -24.21 20.46
N PRO N 42 53.02 -23.80 20.12
CA PRO N 42 52.76 -23.13 18.84
C PRO N 42 53.62 -21.90 18.61
N VAL N 43 53.94 -21.64 17.35
CA VAL N 43 54.75 -20.51 16.98
C VAL N 43 53.99 -19.69 15.96
N LEU N 44 53.91 -18.39 16.17
CA LEU N 44 53.16 -17.50 15.26
C LEU N 44 54.05 -16.62 14.36
N ILE N 45 54.23 -17.02 13.11
CA ILE N 45 55.05 -16.25 12.19
C ILE N 45 54.26 -15.09 11.57
N THR N 46 54.94 -13.97 11.37
CA THR N 46 54.32 -12.77 10.81
C THR N 46 55.33 -11.99 9.99
N GLY N 47 54.84 -11.33 8.94
CA GLY N 47 55.71 -10.55 8.08
C GLY N 47 54.99 -10.23 6.79
N GLU N 48 55.58 -9.36 5.98
CA GLU N 48 54.95 -9.00 4.70
C GLU N 48 54.94 -10.24 3.82
N SER N 49 54.28 -10.14 2.68
CA SER N 49 54.19 -11.26 1.76
C SER N 49 55.51 -11.44 1.01
N GLY N 50 56.01 -12.68 0.98
CA GLY N 50 57.25 -12.99 0.28
C GLY N 50 58.53 -12.64 1.03
N VAL N 51 58.43 -12.61 2.35
CA VAL N 51 59.56 -12.30 3.21
C VAL N 51 60.25 -13.59 3.64
N GLY N 52 59.54 -14.70 3.48
CA GLY N 52 60.09 -15.98 3.85
C GLY N 52 59.39 -16.55 5.05
N LYS N 53 58.19 -16.07 5.35
CA LYS N 53 57.46 -16.58 6.50
C LYS N 53 57.45 -18.11 6.49
N GLU N 54 57.21 -18.71 5.32
CA GLU N 54 57.20 -20.16 5.24
C GLU N 54 58.61 -20.63 5.53
N VAL N 55 59.55 -20.24 4.68
CA VAL N 55 60.95 -20.64 4.88
C VAL N 55 61.26 -20.77 6.36
N VAL N 56 60.87 -19.75 7.12
CA VAL N 56 61.10 -19.77 8.55
C VAL N 56 60.44 -21.02 9.13
N ALA N 57 59.15 -21.19 8.86
CA ALA N 57 58.44 -22.37 9.36
C ALA N 57 59.18 -23.62 8.87
N ARG N 58 59.42 -23.70 7.57
CA ARG N 58 60.14 -24.84 7.01
C ARG N 58 61.45 -25.09 7.75
N LEU N 59 61.97 -24.08 8.42
CA LEU N 59 63.23 -24.22 9.15
C LEU N 59 62.93 -24.69 10.57
N ILE N 60 62.04 -23.97 11.25
CA ILE N 60 61.63 -24.30 12.59
C ILE N 60 61.39 -25.80 12.70
N HIS N 61 61.04 -26.39 11.57
CA HIS N 61 60.78 -27.81 11.51
C HIS N 61 62.14 -28.49 11.49
N LYS N 62 62.85 -28.34 10.38
CA LYS N 62 64.15 -28.95 10.22
C LYS N 62 65.05 -28.92 11.46
N LEU N 63 64.81 -27.99 12.37
CA LEU N 63 65.64 -27.93 13.56
C LEU N 63 64.95 -28.50 14.78
N SER N 64 63.66 -28.77 14.65
CA SER N 64 62.88 -29.32 15.74
C SER N 64 63.20 -30.80 15.98
N ASP N 65 62.71 -31.32 17.10
CA ASP N 65 62.92 -32.71 17.48
C ASP N 65 62.17 -33.67 16.57
N ARG N 66 61.40 -33.14 15.62
CA ARG N 66 60.62 -33.97 14.71
C ARG N 66 60.84 -33.69 13.23
N SER N 67 61.94 -32.99 12.91
CA SER N 67 62.27 -32.67 11.53
C SER N 67 62.07 -33.87 10.62
N LYS N 68 62.33 -35.06 11.15
CA LYS N 68 62.20 -36.28 10.38
C LYS N 68 60.73 -36.52 10.05
N GLU N 69 59.86 -36.20 11.00
CA GLU N 69 58.43 -36.36 10.82
C GLU N 69 57.93 -35.54 9.63
N PRO N 70 56.64 -35.65 9.29
CA PRO N 70 56.12 -34.88 8.15
C PRO N 70 55.95 -33.39 8.44
N PHE N 71 55.60 -32.65 7.39
CA PHE N 71 55.39 -31.20 7.46
C PHE N 71 54.21 -30.87 6.55
N VAL N 72 53.03 -30.84 7.13
CA VAL N 72 51.85 -30.54 6.35
C VAL N 72 51.62 -29.04 6.23
N ALA N 73 51.94 -28.49 5.06
CA ALA N 73 51.81 -27.07 4.73
C ALA N 73 50.65 -26.78 3.77
N LEU N 74 49.49 -26.51 4.33
CA LEU N 74 48.30 -26.24 3.55
C LEU N 74 48.04 -24.74 3.57
N ASN N 75 47.82 -24.11 2.42
CA ASN N 75 47.55 -22.66 2.42
C ASN N 75 46.08 -22.35 2.69
N VAL N 76 45.79 -21.82 3.87
CA VAL N 76 44.40 -21.56 4.24
C VAL N 76 43.55 -20.84 3.22
N ALA N 77 44.20 -20.00 2.43
CA ALA N 77 43.51 -19.21 1.42
C ALA N 77 43.03 -19.96 0.19
N SER N 78 43.53 -21.19 -0.03
CA SER N 78 43.11 -21.94 -1.22
C SER N 78 42.14 -23.07 -0.94
N ILE N 79 41.28 -22.88 0.05
CA ILE N 79 40.30 -23.89 0.40
C ILE N 79 39.05 -23.17 0.89
N PRO N 80 37.96 -23.33 0.17
CA PRO N 80 36.67 -22.72 0.49
C PRO N 80 36.34 -22.70 1.97
N ARG N 81 36.28 -21.52 2.55
CA ARG N 81 35.97 -21.38 3.96
C ARG N 81 34.87 -22.32 4.48
N ASP N 82 34.07 -22.90 3.59
CA ASP N 82 33.02 -23.81 4.04
C ASP N 82 33.49 -25.26 4.09
N ILE N 83 34.60 -25.54 3.42
CA ILE N 83 35.19 -26.88 3.37
C ILE N 83 36.43 -26.93 4.24
N PHE N 84 37.18 -25.82 4.29
CA PHE N 84 38.41 -25.78 5.09
C PHE N 84 38.15 -25.89 6.57
N GLU N 85 37.43 -26.93 6.96
CA GLU N 85 37.14 -27.20 8.38
C GLU N 85 37.01 -28.68 8.30
N ALA N 86 36.40 -29.12 7.22
CA ALA N 86 36.23 -30.52 6.97
C ALA N 86 37.63 -31.05 6.73
N GLU N 87 38.38 -30.32 5.94
CA GLU N 87 39.71 -30.74 5.62
C GLU N 87 40.69 -30.72 6.78
N LEU N 88 40.58 -29.75 7.68
CA LEU N 88 41.52 -29.63 8.80
C LEU N 88 41.34 -30.65 9.94
N PHE N 89 40.09 -30.96 10.27
CA PHE N 89 39.78 -31.91 11.33
C PHE N 89 39.22 -33.21 10.77
N GLY N 90 39.14 -33.29 9.45
CA GLY N 90 38.62 -34.48 8.81
C GLY N 90 37.13 -34.61 9.00
N TYR N 91 36.53 -35.64 8.41
CA TYR N 91 35.10 -35.85 8.56
C TYR N 91 34.78 -37.28 8.16
N GLU N 92 33.60 -37.74 8.54
CA GLU N 92 33.18 -39.09 8.24
C GLU N 92 32.14 -39.13 7.13
N LYS N 93 31.83 -40.35 6.70
CA LYS N 93 30.87 -40.61 5.63
C LYS N 93 29.50 -40.01 5.91
N GLY N 94 28.97 -39.29 4.93
CA GLY N 94 27.66 -38.68 5.08
C GLY N 94 27.59 -37.57 6.10
N ALA N 95 28.73 -36.96 6.39
CA ALA N 95 28.77 -35.87 7.36
C ALA N 95 28.38 -34.57 6.66
N PHE N 96 28.86 -34.41 5.44
CA PHE N 96 28.58 -33.25 4.59
C PHE N 96 27.63 -33.60 3.49
N THR N 97 27.03 -32.58 2.91
CA THR N 97 26.13 -32.79 1.80
C THR N 97 27.10 -33.12 0.67
N GLY N 98 27.01 -34.35 0.14
CA GLY N 98 27.89 -34.73 -0.93
C GLY N 98 28.95 -35.71 -0.44
N ALA N 99 29.95 -35.21 0.28
CA ALA N 99 31.04 -36.04 0.80
C ALA N 99 30.65 -37.51 0.94
N VAL N 100 31.23 -38.36 0.11
CA VAL N 100 30.89 -39.78 0.13
C VAL N 100 31.44 -40.53 1.34
N SER N 101 32.74 -40.77 1.30
CA SER N 101 33.45 -41.52 2.32
C SER N 101 34.06 -40.76 3.51
N SER N 102 35.08 -41.39 4.09
CA SER N 102 35.77 -40.82 5.23
C SER N 102 37.03 -40.12 4.73
N LYS N 103 37.30 -38.95 5.31
CA LYS N 103 38.48 -38.19 4.94
C LYS N 103 39.26 -37.86 6.21
N GLU N 104 40.52 -38.28 6.21
CA GLU N 104 41.43 -38.06 7.32
C GLU N 104 41.82 -36.59 7.39
N GLY N 105 41.43 -35.93 8.48
CA GLY N 105 41.73 -34.52 8.69
C GLY N 105 43.18 -34.12 8.44
N PHE N 106 43.38 -32.85 8.14
CA PHE N 106 44.71 -32.32 7.88
C PHE N 106 45.55 -32.45 9.11
N PHE N 107 44.91 -32.41 10.27
CA PHE N 107 45.63 -32.55 11.53
C PHE N 107 46.21 -33.96 11.55
N GLU N 108 45.34 -34.95 11.62
CA GLU N 108 45.80 -36.32 11.60
C GLU N 108 46.97 -36.35 10.62
N LEU N 109 46.66 -36.15 9.35
CA LEU N 109 47.62 -36.13 8.26
C LEU N 109 49.03 -35.68 8.67
N ALA N 110 49.13 -34.82 9.67
CA ALA N 110 50.44 -34.35 10.08
C ALA N 110 50.68 -34.72 11.52
N ASP N 111 50.06 -35.81 11.97
CA ASP N 111 50.21 -36.25 13.34
C ASP N 111 51.66 -36.52 13.64
N GLY N 112 52.15 -36.01 14.77
CA GLY N 112 53.54 -36.21 15.11
C GLY N 112 54.41 -35.16 14.45
N GLY N 113 54.19 -34.93 13.15
CA GLY N 113 54.95 -33.93 12.42
C GLY N 113 54.39 -32.53 12.65
N THR N 114 54.93 -31.52 11.98
CA THR N 114 54.43 -30.16 12.15
C THR N 114 53.46 -29.72 11.06
N LEU N 115 52.34 -29.13 11.47
CA LEU N 115 51.33 -28.62 10.54
C LEU N 115 51.49 -27.11 10.43
N PHE N 116 51.61 -26.62 9.20
CA PHE N 116 51.78 -25.19 8.97
C PHE N 116 50.56 -24.48 8.37
N LEU N 117 50.05 -23.51 9.12
CA LEU N 117 48.88 -22.73 8.70
C LEU N 117 49.32 -21.44 8.00
N ASP N 118 48.55 -21.01 7.01
CA ASP N 118 48.90 -19.81 6.28
C ASP N 118 47.81 -18.76 6.12
N GLU N 119 48.08 -17.59 6.68
CA GLU N 119 47.18 -16.42 6.66
C GLU N 119 45.99 -16.59 7.60
N ILE N 120 46.25 -17.22 8.73
CA ILE N 120 45.22 -17.45 9.74
C ILE N 120 43.97 -16.61 9.59
N GLY N 121 44.13 -15.34 9.23
CA GLY N 121 42.97 -14.47 9.07
C GLY N 121 41.87 -15.22 8.33
N GLU N 122 42.26 -16.10 7.41
CA GLU N 122 41.33 -16.90 6.62
C GLU N 122 40.68 -18.07 7.37
N LEU N 123 40.64 -17.95 8.70
CA LEU N 123 40.07 -19.00 9.52
C LEU N 123 38.74 -18.62 10.12
N SER N 124 37.66 -19.18 9.58
CA SER N 124 36.34 -18.92 10.14
C SER N 124 36.38 -19.18 11.64
N LEU N 125 35.72 -18.36 12.45
CA LEU N 125 35.74 -18.56 13.90
C LEU N 125 35.73 -20.03 14.22
N GLU N 126 34.63 -20.68 13.86
CA GLU N 126 34.47 -22.10 14.09
C GLU N 126 35.79 -22.80 13.86
N ALA N 127 36.46 -22.47 12.76
CA ALA N 127 37.73 -23.10 12.48
C ALA N 127 38.64 -22.86 13.67
N GLN N 128 38.86 -21.59 13.97
CA GLN N 128 39.72 -21.19 15.07
C GLN N 128 39.28 -21.80 16.39
N ALA N 129 38.04 -21.56 16.79
CA ALA N 129 37.53 -22.11 18.03
C ALA N 129 37.93 -23.57 18.20
N LYS N 130 37.64 -24.41 17.21
CA LYS N 130 38.02 -25.81 17.31
C LYS N 130 39.54 -25.93 17.15
N LEU N 131 40.13 -25.05 16.34
CA LEU N 131 41.58 -25.09 16.15
C LEU N 131 42.24 -24.87 17.48
N LEU N 132 41.56 -24.10 18.33
CA LEU N 132 42.03 -23.79 19.68
C LEU N 132 41.97 -25.06 20.51
N ARG N 133 40.76 -25.50 20.85
CA ARG N 133 40.59 -26.72 21.63
C ARG N 133 41.67 -27.77 21.31
N VAL N 134 42.08 -27.84 20.05
CA VAL N 134 43.09 -28.80 19.67
C VAL N 134 44.46 -28.46 20.21
N ILE N 135 44.95 -27.26 19.95
CA ILE N 135 46.28 -26.87 20.46
C ILE N 135 46.34 -26.99 21.99
N GLU N 136 45.25 -27.43 22.59
CA GLU N 136 45.18 -27.61 24.04
C GLU N 136 44.93 -29.07 24.41
N SER N 137 43.71 -29.55 24.18
CA SER N 137 43.36 -30.91 24.53
C SER N 137 44.03 -31.95 23.65
N GLY N 138 44.71 -31.51 22.60
CA GLY N 138 45.37 -32.43 21.68
C GLY N 138 44.38 -33.40 21.04
N LYS N 139 43.11 -33.22 21.37
CA LYS N 139 42.04 -34.05 20.87
C LYS N 139 41.03 -33.22 20.11
N PHE N 140 40.11 -33.90 19.45
CA PHE N 140 39.06 -33.24 18.68
C PHE N 140 38.23 -34.31 18.01
N TYR N 141 37.10 -33.93 17.45
CA TYR N 141 36.26 -34.90 16.78
C TYR N 141 36.34 -34.73 15.25
N ARG N 142 35.92 -35.73 14.51
CA ARG N 142 35.96 -35.62 13.06
C ARG N 142 34.62 -34.93 12.90
N LEU N 143 34.33 -34.41 11.72
CA LEU N 143 33.03 -33.79 11.56
C LEU N 143 32.11 -34.95 11.36
N GLY N 144 31.09 -35.07 12.20
CA GLY N 144 30.22 -36.21 12.07
C GLY N 144 30.98 -37.45 12.54
N GLY N 145 32.02 -37.21 13.33
CA GLY N 145 32.82 -38.30 13.87
C GLY N 145 32.51 -38.49 15.35
N ARG N 146 32.32 -39.73 15.78
CA ARG N 146 32.00 -39.98 17.18
C ARG N 146 33.17 -40.51 18.01
N LYS N 147 34.40 -40.17 17.62
CA LYS N 147 35.59 -40.65 18.32
C LYS N 147 36.56 -39.53 18.68
N GLU N 148 36.58 -39.14 19.96
CA GLU N 148 37.47 -38.07 20.42
C GLU N 148 38.91 -38.36 20.01
N ILE N 149 39.24 -38.09 18.75
CA ILE N 149 40.58 -38.30 18.24
C ILE N 149 41.60 -37.39 18.89
N GLU N 150 42.78 -37.94 19.14
CA GLU N 150 43.87 -37.21 19.77
C GLU N 150 45.12 -37.26 18.91
N VAL N 151 45.91 -36.20 18.92
CA VAL N 151 47.13 -36.14 18.13
C VAL N 151 48.09 -35.15 18.76
N ASN N 152 49.33 -35.15 18.31
CA ASN N 152 50.35 -34.24 18.84
C ASN N 152 51.01 -33.53 17.68
N VAL N 153 50.35 -32.49 17.20
CA VAL N 153 50.85 -31.71 16.08
C VAL N 153 51.45 -30.38 16.49
N ARG N 154 52.62 -30.09 15.95
CA ARG N 154 53.32 -28.85 16.22
C ARG N 154 52.63 -27.84 15.32
N ILE N 155 51.90 -26.89 15.90
CA ILE N 155 51.23 -25.90 15.06
C ILE N 155 52.09 -24.70 14.75
N LEU N 156 52.18 -24.38 13.47
CA LEU N 156 52.94 -23.24 13.04
C LEU N 156 51.95 -22.42 12.27
N ALA N 157 51.69 -21.22 12.78
CA ALA N 157 50.76 -20.31 12.15
C ALA N 157 51.61 -19.21 11.48
N ALA N 158 50.97 -18.27 10.78
CA ALA N 158 51.69 -17.19 10.12
C ALA N 158 50.79 -16.37 9.22
N THR N 159 50.86 -15.04 9.35
CA THR N 159 50.03 -14.18 8.50
C THR N 159 50.71 -12.92 8.02
N ASN N 160 49.89 -12.08 7.41
CA ASN N 160 50.31 -10.81 6.85
C ASN N 160 49.62 -9.69 7.59
N ARG N 161 48.33 -9.84 7.79
CA ARG N 161 47.55 -8.84 8.47
C ARG N 161 47.96 -8.73 9.92
N ASN N 162 47.53 -7.67 10.58
CA ASN N 162 47.85 -7.48 11.99
C ASN N 162 46.76 -8.11 12.82
N ILE N 163 47.07 -9.25 13.40
CA ILE N 163 46.10 -9.97 14.21
C ILE N 163 45.48 -9.00 15.22
N LYS N 164 46.33 -8.37 16.02
CA LYS N 164 45.88 -7.42 17.03
C LYS N 164 44.71 -6.65 16.43
N GLU N 165 44.88 -6.23 15.18
CA GLU N 165 43.82 -5.50 14.47
C GLU N 165 42.62 -6.41 14.36
N LEU N 166 42.76 -7.50 13.63
CA LEU N 166 41.68 -8.44 13.44
C LEU N 166 41.00 -8.80 14.76
N VAL N 167 41.78 -8.87 15.83
CA VAL N 167 41.22 -9.20 17.14
C VAL N 167 40.21 -8.11 17.51
N LYS N 168 40.66 -6.86 17.36
CA LYS N 168 39.87 -5.67 17.67
C LYS N 168 38.58 -5.59 16.85
N GLU N 169 38.72 -5.68 15.53
CA GLU N 169 37.57 -5.59 14.63
C GLU N 169 36.62 -6.78 14.78
N GLY N 170 36.85 -7.60 15.80
CA GLY N 170 36.01 -8.76 16.04
C GLY N 170 35.98 -9.75 14.89
N LYS N 171 37.17 -10.15 14.43
CA LYS N 171 37.29 -11.09 13.32
C LYS N 171 38.06 -12.35 13.74
N PHE N 172 39.17 -12.16 14.45
CA PHE N 172 40.01 -13.26 14.90
C PHE N 172 39.90 -13.43 16.42
N ARG N 173 39.28 -14.54 16.84
CA ARG N 173 39.12 -14.84 18.26
C ARG N 173 40.37 -14.40 19.01
N GLU N 174 40.17 -13.92 20.23
CA GLU N 174 41.30 -13.46 21.02
C GLU N 174 42.13 -14.60 21.57
N ASP N 175 41.53 -15.42 22.41
CA ASP N 175 42.27 -16.52 23.01
C ASP N 175 43.24 -17.13 22.02
N LEU N 176 42.72 -17.57 20.88
CA LEU N 176 43.57 -18.18 19.87
C LEU N 176 44.82 -17.32 19.60
N TYR N 177 44.63 -16.00 19.56
CA TYR N 177 45.75 -15.10 19.31
C TYR N 177 46.79 -15.22 20.39
N TYR N 178 46.34 -15.18 21.63
CA TYR N 178 47.23 -15.28 22.76
C TYR N 178 48.13 -16.52 22.65
N ARG N 179 47.50 -17.69 22.67
CA ARG N 179 48.21 -18.96 22.59
C ARG N 179 49.23 -19.05 21.46
N LEU N 180 48.90 -18.48 20.30
CA LEU N 180 49.84 -18.52 19.20
C LEU N 180 50.92 -17.47 19.37
N GLY N 181 50.60 -16.44 20.16
CA GLY N 181 51.52 -15.34 20.40
C GLY N 181 52.71 -15.63 21.29
N VAL N 182 52.78 -16.86 21.82
CA VAL N 182 53.88 -17.26 22.69
C VAL N 182 55.26 -17.06 22.05
N ILE N 183 55.32 -17.03 20.73
CA ILE N 183 56.60 -16.84 20.04
C ILE N 183 56.46 -15.98 18.79
N GLU N 184 55.81 -14.83 18.92
CA GLU N 184 55.64 -13.96 17.77
C GLU N 184 57.00 -13.72 17.11
N ILE N 185 57.06 -13.89 15.79
CA ILE N 185 58.31 -13.69 15.05
C ILE N 185 58.04 -12.80 13.85
N GLU N 186 58.51 -11.56 13.92
CA GLU N 186 58.30 -10.61 12.83
C GLU N 186 59.45 -10.64 11.83
N ILE N 187 59.16 -11.13 10.63
CA ILE N 187 60.17 -11.19 9.58
C ILE N 187 59.95 -9.94 8.72
N PRO N 188 60.85 -8.96 8.84
CA PRO N 188 60.79 -7.70 8.09
C PRO N 188 61.02 -7.89 6.60
N PRO N 189 60.46 -6.98 5.77
CA PRO N 189 60.62 -7.06 4.32
C PRO N 189 62.06 -6.77 3.92
N LEU N 190 62.30 -6.62 2.62
CA LEU N 190 63.65 -6.33 2.16
C LEU N 190 63.92 -4.85 2.34
N ARG N 191 62.90 -4.12 2.74
CA ARG N 191 63.09 -2.69 2.96
C ARG N 191 63.69 -2.42 4.35
N GLU N 192 64.45 -3.40 4.86
CA GLU N 192 65.11 -3.29 6.16
C GLU N 192 66.26 -4.31 6.19
N ARG N 193 66.26 -5.21 5.20
CA ARG N 193 67.26 -6.27 5.07
C ARG N 193 68.18 -6.03 3.88
N LYS N 194 68.53 -4.77 3.65
CA LYS N 194 69.40 -4.38 2.53
C LYS N 194 70.61 -5.30 2.34
N GLU N 195 70.80 -6.25 3.24
CA GLU N 195 71.93 -7.17 3.19
C GLU N 195 71.67 -8.53 2.52
N ASP N 196 70.57 -9.19 2.91
CA ASP N 196 70.23 -10.50 2.36
C ASP N 196 70.04 -10.48 0.84
N ILE N 197 69.69 -9.32 0.30
CA ILE N 197 69.45 -9.19 -1.13
C ILE N 197 70.51 -9.86 -1.98
N ILE N 198 71.54 -9.11 -2.39
CA ILE N 198 72.59 -9.66 -3.24
C ILE N 198 72.91 -11.13 -3.00
N PRO N 199 72.80 -11.60 -1.75
CA PRO N 199 73.09 -13.02 -1.52
C PRO N 199 72.02 -13.92 -2.17
N LEU N 200 70.76 -13.72 -1.81
CA LEU N 200 69.70 -14.52 -2.41
C LEU N 200 69.86 -14.47 -3.93
N ALA N 201 69.93 -13.25 -4.46
CA ALA N 201 70.08 -13.00 -5.88
C ALA N 201 71.11 -13.96 -6.49
N ASN N 202 72.13 -14.28 -5.70
CA ASN N 202 73.14 -15.19 -6.16
C ASN N 202 72.68 -16.63 -5.92
N HIS N 203 71.82 -16.83 -4.91
CA HIS N 203 71.29 -18.16 -4.61
C HIS N 203 70.33 -18.47 -5.73
N PHE N 204 69.67 -17.42 -6.20
CA PHE N 204 68.71 -17.49 -7.28
C PHE N 204 69.44 -17.64 -8.61
N LEU N 205 70.31 -16.68 -8.92
CA LEU N 205 71.06 -16.75 -10.16
C LEU N 205 71.67 -18.13 -10.27
N LYS N 206 72.04 -18.67 -9.12
CA LYS N 206 72.67 -19.99 -9.03
C LYS N 206 71.68 -21.12 -9.32
N LYS N 207 70.48 -20.97 -8.78
CA LYS N 207 69.40 -21.94 -8.95
C LYS N 207 68.90 -21.95 -10.40
N PHE N 208 68.43 -20.77 -10.83
CA PHE N 208 67.90 -20.55 -12.15
C PHE N 208 68.94 -20.64 -13.24
N SER N 209 70.12 -21.14 -12.90
CA SER N 209 71.17 -21.30 -13.89
C SER N 209 71.33 -22.80 -14.01
N ARG N 210 71.20 -23.48 -12.88
CA ARG N 210 71.30 -24.92 -12.87
C ARG N 210 70.09 -25.49 -13.58
N LYS N 211 68.96 -24.79 -13.48
CA LYS N 211 67.72 -25.27 -14.09
C LYS N 211 67.61 -25.04 -15.58
N TYR N 212 68.34 -24.07 -16.10
CA TYR N 212 68.25 -23.77 -17.53
C TYR N 212 69.58 -23.89 -18.24
N ALA N 213 70.47 -24.74 -17.74
CA ALA N 213 71.78 -24.90 -18.37
C ALA N 213 72.33 -23.55 -18.86
N LYS N 214 72.75 -22.68 -17.95
CA LYS N 214 73.27 -21.36 -18.33
C LYS N 214 74.65 -21.08 -17.71
N GLU N 215 75.46 -20.32 -18.44
CA GLU N 215 76.81 -19.95 -17.98
C GLU N 215 76.75 -18.68 -17.13
N VAL N 216 75.62 -18.48 -16.45
CA VAL N 216 75.43 -17.29 -15.61
C VAL N 216 75.98 -17.55 -14.22
N GLU N 217 76.91 -16.71 -13.76
CA GLU N 217 77.51 -16.89 -12.47
C GLU N 217 77.09 -15.84 -11.46
N GLY N 218 77.39 -14.57 -11.73
CA GLY N 218 77.00 -13.56 -10.77
C GLY N 218 76.39 -12.31 -11.38
N PHE N 219 76.55 -11.19 -10.67
CA PHE N 219 76.06 -9.89 -11.11
C PHE N 219 77.24 -8.94 -11.04
N THR N 220 77.19 -7.82 -11.76
CA THR N 220 78.28 -6.87 -11.73
C THR N 220 78.08 -5.87 -10.59
N LYS N 221 79.13 -5.11 -10.28
CA LYS N 221 79.03 -4.11 -9.23
C LYS N 221 77.84 -3.25 -9.66
N SER N 222 77.91 -2.80 -10.91
CA SER N 222 76.89 -1.98 -11.53
C SER N 222 75.54 -2.64 -11.29
N ALA N 223 75.48 -3.92 -11.63
CA ALA N 223 74.26 -4.69 -11.45
C ALA N 223 73.94 -4.80 -9.97
N GLN N 224 74.82 -5.47 -9.23
CA GLN N 224 74.62 -5.67 -7.81
C GLN N 224 74.05 -4.44 -7.12
N GLU N 225 74.75 -3.31 -7.21
CA GLU N 225 74.26 -2.12 -6.54
C GLU N 225 72.86 -1.73 -7.00
N LEU N 226 72.49 -2.19 -8.19
CA LEU N 226 71.18 -1.87 -8.73
C LEU N 226 70.16 -2.65 -7.92
N LEU N 227 70.41 -3.94 -7.74
CA LEU N 227 69.50 -4.80 -6.99
C LEU N 227 69.25 -4.30 -5.58
N LEU N 228 70.28 -3.77 -4.93
CA LEU N 228 70.15 -3.27 -3.57
C LEU N 228 69.20 -2.08 -3.56
N SER N 229 68.94 -1.53 -4.76
CA SER N 229 68.07 -0.37 -4.93
C SER N 229 66.57 -0.69 -4.86
N TYR N 230 66.09 -1.40 -5.88
CA TYR N 230 64.68 -1.79 -5.97
C TYR N 230 64.17 -2.08 -4.55
N PRO N 231 63.16 -1.33 -4.09
CA PRO N 231 62.63 -1.54 -2.74
C PRO N 231 62.13 -2.98 -2.45
N TRP N 232 61.70 -3.66 -3.51
CA TRP N 232 61.19 -5.02 -3.39
C TRP N 232 59.91 -5.07 -2.57
N TYR N 233 58.77 -4.94 -3.24
CA TYR N 233 57.49 -4.99 -2.54
C TYR N 233 57.01 -6.42 -2.50
N GLY N 234 57.42 -7.19 -3.51
CA GLY N 234 57.02 -8.58 -3.57
C GLY N 234 57.98 -9.38 -2.74
N ASN N 235 59.01 -8.69 -2.28
CA ASN N 235 60.04 -9.28 -1.46
C ASN N 235 60.57 -10.51 -2.16
N VAL N 236 61.43 -11.25 -1.47
CA VAL N 236 62.05 -12.44 -2.04
C VAL N 236 61.23 -13.17 -3.08
N ARG N 237 59.95 -13.38 -2.78
CA ARG N 237 59.08 -14.07 -3.71
C ARG N 237 59.30 -13.45 -5.08
N GLU N 238 59.33 -12.12 -5.10
CA GLU N 238 59.54 -11.39 -6.34
C GLU N 238 60.97 -11.49 -6.81
N LEU N 239 61.91 -11.20 -5.91
CA LEU N 239 63.32 -11.25 -6.24
C LEU N 239 63.62 -12.50 -7.02
N LYS N 240 62.94 -13.59 -6.64
CA LYS N 240 63.11 -14.89 -7.28
C LYS N 240 62.75 -14.76 -8.77
N ASN N 241 61.46 -14.56 -9.02
CA ASN N 241 60.93 -14.39 -10.36
C ASN N 241 61.81 -13.40 -11.14
N VAL N 242 62.01 -12.22 -10.56
CA VAL N 242 62.83 -11.20 -11.18
C VAL N 242 64.16 -11.73 -11.67
N ILE N 243 64.63 -12.81 -11.07
CA ILE N 243 65.91 -13.34 -11.48
C ILE N 243 65.82 -14.62 -12.30
N GLU N 244 64.67 -15.29 -12.24
CA GLU N 244 64.47 -16.49 -13.05
C GLU N 244 64.47 -15.85 -14.43
N ARG N 245 63.66 -14.80 -14.54
CA ARG N 245 63.55 -14.03 -15.78
C ARG N 245 64.97 -13.67 -16.13
N ALA N 246 65.50 -12.75 -15.33
CA ALA N 246 66.86 -12.24 -15.47
C ALA N 246 67.83 -13.29 -16.01
N VAL N 247 67.74 -14.51 -15.47
CA VAL N 247 68.62 -15.58 -15.91
C VAL N 247 68.28 -16.02 -17.33
N LEU N 248 67.01 -16.35 -17.57
CA LEU N 248 66.54 -16.78 -18.90
C LEU N 248 66.98 -15.74 -19.95
N PHE N 249 66.74 -14.47 -19.65
CA PHE N 249 67.14 -13.38 -20.54
C PHE N 249 68.62 -13.12 -20.28
N SER N 250 69.48 -13.98 -20.78
CA SER N 250 70.90 -13.78 -20.56
C SER N 250 71.73 -14.75 -21.36
N GLU N 251 72.99 -14.40 -21.55
CA GLU N 251 73.93 -15.22 -22.28
C GLU N 251 75.37 -14.82 -21.91
N GLY N 252 75.48 -13.74 -21.12
CA GLY N 252 76.78 -13.29 -20.68
C GLY N 252 76.95 -13.71 -19.22
N LYS N 253 77.93 -14.58 -18.95
CA LYS N 253 78.20 -15.09 -17.60
C LYS N 253 77.67 -14.21 -16.48
N PHE N 254 77.87 -12.91 -16.60
CA PHE N 254 77.40 -11.98 -15.58
C PHE N 254 76.30 -11.02 -16.03
N ILE N 255 75.27 -10.93 -15.19
CA ILE N 255 74.13 -10.07 -15.42
C ILE N 255 74.52 -8.64 -15.08
N ASP N 256 74.82 -7.84 -16.09
CA ASP N 256 75.21 -6.44 -15.86
C ASP N 256 74.01 -5.54 -15.59
N ARG N 257 74.31 -4.35 -15.10
CA ARG N 257 73.29 -3.35 -14.81
C ARG N 257 72.35 -3.38 -16.00
N GLY N 258 72.93 -3.15 -17.18
CA GLY N 258 72.18 -3.13 -18.42
C GLY N 258 71.06 -4.13 -18.56
N GLU N 259 71.37 -5.43 -18.44
CA GLU N 259 70.36 -6.48 -18.55
C GLU N 259 69.28 -6.32 -17.49
N LEU N 260 69.43 -5.31 -16.63
CA LEU N 260 68.46 -5.07 -15.58
C LEU N 260 67.69 -3.77 -15.75
N SER N 261 68.27 -2.79 -16.46
CA SER N 261 67.62 -1.48 -16.67
C SER N 261 66.12 -1.57 -16.99
N CYS N 262 65.72 -2.60 -17.74
CA CYS N 262 64.32 -2.81 -18.13
C CYS N 262 63.38 -3.43 -17.08
N LEU N 263 63.93 -4.22 -16.18
CA LEU N 263 63.12 -4.90 -15.18
C LEU N 263 62.80 -4.08 -13.90
N VAL N 264 63.11 -2.79 -13.97
CA VAL N 264 62.90 -1.71 -12.99
C VAL N 264 64.20 -1.00 -12.63
PB ADP O . 2.72 24.34 -26.97
O1B ADP O . 2.56 23.66 -28.28
O2B ADP O . 1.59 25.47 -26.77
O3B ADP O . 2.65 23.35 -25.86
PA ADP O . 4.34 26.67 -26.86
O1A ADP O . 3.87 27.30 -28.10
O2A ADP O . 3.65 27.29 -25.73
O3A ADP O . 4.07 25.14 -26.91
O5' ADP O . 5.86 26.93 -26.68
C5' ADP O . 6.95 26.03 -26.56
C4' ADP O . 8.20 26.95 -26.42
O4' ADP O . 9.01 26.58 -27.53
C3' ADP O . 7.92 28.47 -26.58
O3' ADP O . 8.33 29.23 -25.43
C2' ADP O . 8.62 28.95 -27.85
O2' ADP O . 9.52 30.06 -27.62
C1' ADP O . 9.29 27.70 -28.42
N9 ADP O . 8.79 27.25 -29.77
C8 ADP O . 7.66 26.50 -29.96
N7 ADP O . 7.48 26.26 -31.22
C5 ADP O . 8.44 26.83 -31.87
C6 ADP O . 8.76 26.91 -33.22
N6 ADP O . 7.98 26.29 -34.10
N1 ADP O . 9.89 27.62 -33.62
C2 ADP O . 10.70 28.27 -32.73
N3 ADP O . 10.40 28.18 -31.40
C4 ADP O . 9.29 27.50 -30.95
PB ADP P . -30.60 23.21 -32.71
O1B ADP P . -31.45 22.06 -33.08
O2B ADP P . -31.13 23.90 -31.35
O3B ADP P . -29.18 22.79 -32.57
PA ADP P . -30.14 25.82 -33.87
O1A ADP P . -31.25 26.76 -34.01
O2A ADP P . -29.34 26.15 -32.69
O3A ADP P . -30.70 24.35 -33.78
O5' ADP P . -29.20 25.93 -35.14
C5' ADP P . -28.82 24.97 -36.11
C4' ADP P . -27.90 25.75 -37.12
O4' ADP P . -28.25 25.25 -38.41
C3' ADP P . -28.17 27.29 -37.18
O3' ADP P . -27.03 28.08 -36.77
C2' ADP P . -28.60 27.64 -38.60
O2' ADP P . -27.72 28.59 -39.23
C1' ADP P . -28.72 26.30 -39.31
N9 ADP P . -30.16 25.96 -39.71
C8 ADP P . -30.99 25.12 -39.05
N7 ADP P . -32.16 25.06 -39.66
C5 ADP P . -32.13 25.84 -40.71
C6 ADP P . -33.04 26.20 -41.72
N6 ADP P . -34.27 25.68 -41.74
N1 ADP P . -32.66 27.09 -42.72
C2 ADP P . -31.41 27.66 -42.76
N3 ADP P . -30.52 27.32 -41.77
C4 ADP P . -30.83 26.44 -40.75
PB ADP Q . -53.49 18.03 -9.19
O1B ADP Q . -54.24 16.76 -9.03
O2B ADP Q . -53.44 18.83 -7.80
O3B ADP Q . -52.10 17.76 -9.68
PA ADP Q . -54.52 20.53 -10.23
O1A ADP Q . -55.54 20.92 -9.25
O2A ADP Q . -53.29 21.29 -9.99
O3A ADP Q . -54.24 18.98 -10.18
O5' ADP Q . -54.99 20.88 -11.67
C5' ADP Q . -55.18 20.07 -12.82
C4' ADP Q . -55.68 21.09 -13.90
O4' ADP Q . -57.05 20.74 -14.12
C3' ADP Q . -55.72 22.55 -13.41
O3' ADP Q . -55.24 23.48 -14.39
C2' ADP Q . -57.16 22.83 -12.98
O2' ADP Q . -57.54 24.20 -13.13
C1' ADP Q . -57.96 21.81 -13.80
N9 ADP Q . -59.08 21.14 -13.04
C8 ADP Q . -58.90 20.11 -12.19
N7 ADP Q . -60.04 19.73 -11.68
C5 ADP Q . -60.98 20.48 -12.18
C6 ADP Q . -62.37 20.55 -12.03
N6 ADP Q . -62.99 19.69 -11.21
N1 ADP Q . -63.10 21.49 -12.73
C2 ADP Q . -62.50 22.38 -13.58
N3 ADP Q . -61.15 22.32 -13.74
C4 ADP Q . -60.37 21.40 -13.08
PB ADP R . -49.52 9.22 22.27
O1B ADP R . -49.58 7.85 22.83
O2B ADP R . -48.74 10.20 23.26
O3B ADP R . -48.89 9.24 20.92
PA ADP R . -51.55 10.89 23.12
O1A ADP R . -51.57 10.41 24.48
O2A ADP R . -50.74 12.09 23.05
O3A ADP R . -50.95 9.81 22.21
O5' ADP R . -52.98 11.27 22.62
C5' ADP R . -53.71 10.75 21.52
C4' ADP R . -55.04 11.55 21.53
O4' ADP R . -56.06 10.65 21.92
C3' ADP R . -55.11 12.74 22.52
O3' ADP R . -55.20 14.01 21.84
C2' ADP R . -56.29 12.50 23.45
O2' ADP R . -57.27 13.57 23.44
C1' ADP R . -56.83 11.13 23.05
N9 ADP R . -56.75 10.08 24.15
C8 ADP R . -55.81 9.10 24.26
N7 ADP R . -56.05 8.36 25.33
C5 ADP R . -57.12 8.84 25.93
C6 ADP R . -57.86 8.50 27.09
N6 ADP R . -57.48 7.46 27.85
N1 ADP R . -58.98 9.24 27.44
C2 ADP R . -59.42 10.30 26.70
N3 ADP R . -58.71 10.64 25.58
C4 ADP R . -57.58 9.95 25.16
PB ADP S . -21.30 5.32 41.32
O1B ADP S . -20.50 4.12 41.58
O2B ADP S . -20.42 6.64 41.61
O3B ADP S . -21.82 5.33 39.92
PA ADP S . -22.79 6.61 43.29
O1A ADP S . -21.70 6.81 44.23
O2A ADP S . -22.97 7.82 42.51
O3A ADP S . -22.47 5.44 42.33
O5' ADP S . -24.16 6.34 43.98
C5' ADP S . -25.02 5.23 43.78
C4' ADP S . -26.24 5.42 44.71
O4' ADP S . -25.95 4.62 45.84
C3' ADP S . -26.50 6.84 45.29
O3' ADP S . -27.92 7.09 45.41
C2' ADP S . -25.85 6.87 46.65
O2' ADP S . -26.48 7.84 47.51
C1' ADP S . -25.99 5.39 47.05
N9 ADP S . -24.87 4.87 47.91
C8 ADP S . -23.66 4.49 47.43
N7 ADP S . -22.90 4.08 48.42
C5 ADP S . -23.59 4.19 49.52
C6 ADP S . -23.34 3.94 50.86
N6 ADP S . -22.15 3.46 51.21
N1 ADP S . -24.32 4.18 51.83
C2 ADP S . -25.54 4.67 51.50
N3 ADP S . -25.80 4.92 50.19
C4 ADP S . -24.87 4.72 49.19
PB ADP T . 9.69 9.19 32.31
O1B ADP T . 10.53 8.12 31.74
O2B ADP T . 10.00 10.57 31.56
O3B ADP T . 8.24 8.84 32.22
PA ADP T . 10.18 10.77 34.65
O1A ADP T . 11.54 11.33 34.55
O2A ADP T . 9.21 11.76 34.19
O3A ADP T . 10.05 9.46 33.79
O5' ADP T . 9.80 10.43 36.12
C5' ADP T . 9.35 9.20 36.71
C4' ADP T . 9.19 9.51 38.24
O4' ADP T . 10.31 8.79 38.78
C3' ADP T . 9.46 10.97 38.65
O3' ADP T . 8.74 11.32 39.86
C2' ADP T . 10.98 11.05 38.83
O2' ADP T . 11.43 12.19 39.55
C1' ADP T . 11.26 9.68 39.44
N9 ADP T . 12.62 9.10 39.14
C8 ADP T . 12.99 8.56 37.94
N7 ADP T . 14.23 8.13 38.01
C5 ADP T . 14.70 8.37 39.20
C6 ADP T . 15.92 8.15 39.86
N6 ADP T . 16.95 7.56 39.22
N1 ADP T . 16.08 8.55 41.17
C2 ADP T . 15.08 9.16 41.88
N3 ADP T . 13.88 9.37 41.25
C4 ADP T . 13.66 9.00 39.94
PB ADP U . 19.88 17.49 1.59
O1B ADP U . 20.73 17.22 0.41
O2B ADP U . 18.99 18.82 1.38
O3B ADP U . 18.97 16.36 1.88
PA ADP U . 21.73 19.13 2.85
O1A ADP U . 22.32 19.36 1.53
O2A ADP U . 20.97 20.29 3.28
O3A ADP U . 20.81 17.87 2.78
O5' ADP U . 22.90 18.97 3.89
C5' ADP U . 23.24 17.89 4.73
C4' ADP U . 24.50 18.39 5.54
O4' ADP U . 25.66 17.84 4.97
C3' ADP U . 24.75 19.94 5.61
O3' ADP U . 24.59 20.45 6.95
C2' ADP U . 26.16 20.22 5.06
O2' ADP U . 26.99 20.98 5.97
C1' ADP U . 26.68 18.83 4.74
N9 ADP U . 27.18 18.63 3.34
C8 ADP U . 26.47 18.10 2.31
N7 ADP U . 27.23 18.06 1.23
C5 ADP U . 28.40 18.54 1.52
C6 ADP U . 29.59 18.76 0.83
N6 ADP U . 29.66 18.41 -0.46
N1 ADP U . 30.69 19.32 1.47
C2 ADP U . 30.65 19.68 2.79
N3 ADP U . 29.49 19.47 3.47
C4 ADP U . 28.38 18.92 2.89
PB ADP V . 38.09 -21.37 30.46
O1B ADP V . 37.83 -20.36 31.49
O2B ADP V . 36.85 -22.37 30.32
O3B ADP V . 38.37 -20.70 29.14
PA ADP V . 39.63 -23.83 30.66
O1A ADP V . 38.93 -24.62 31.68
O2A ADP V . 39.19 -24.28 29.33
O3A ADP V . 39.31 -22.29 30.85
O5' ADP V . 41.19 -24.06 30.74
C5' ADP V . 42.24 -23.11 30.95
C4' ADP V . 43.59 -23.92 30.95
O4' ADP V . 44.13 -23.72 32.25
C3' ADP V . 43.44 -25.46 30.80
O3' ADP V . 44.38 -26.01 29.85
C2' ADP V . 43.61 -26.07 32.19
O2' ADP V . 44.23 -27.36 32.19
C1' ADP V . 44.34 -24.97 32.97
N9 ADP V . 43.81 -24.78 34.39
C8 ADP V . 42.79 -23.94 34.73
N7 ADP V . 42.56 -24.00 36.03
C5 ADP V . 43.40 -24.86 36.55
C6 ADP V . 43.66 -25.33 37.85
N6 ADP V . 42.93 -24.88 38.88
N1 ADP V . 44.65 -26.27 38.08
C2 ADP V . 45.43 -26.76 37.06
N3 ADP V . 45.19 -26.31 35.79
C4 ADP V . 44.22 -25.37 35.51
PB ADP W . 4.29 -25.76 30.31
O1B ADP W . 3.27 -24.77 30.70
O2B ADP W . 3.66 -26.83 29.29
O3B ADP W . 5.47 -25.10 29.69
PA ADP W . 5.12 -28.11 31.78
O1A ADP W . 3.92 -28.95 31.70
O2A ADP W . 6.08 -28.52 30.76
O3A ADP W . 4.73 -26.60 31.57
O5' ADP W . 5.83 -28.33 33.14
C5' ADP W . 6.22 -27.48 34.20
C4' ADP W . 6.88 -28.51 35.20
O4' ADP W . 5.94 -28.60 36.27
C3' ADP W . 7.04 -29.97 34.67
O3' ADP W . 8.26 -30.60 35.09
C2' ADP W . 5.82 -30.73 35.18
O2' ADP W . 6.05 -32.14 35.31
C1' ADP W . 5.47 -29.96 36.46
N9 ADP W . 4.00 -29.85 36.72
C8 ADP W . 3.17 -28.91 36.19
N7 ADP W . 1.95 -29.08 36.62
C5 ADP W . 1.94 -30.11 37.42
C6 ADP W . 0.96 -30.77 38.18
N6 ADP W . -0.31 -30.35 38.16
N1 ADP W . 1.31 -31.87 38.96
C2 ADP W . 2.59 -32.35 39.01
N3 ADP W . 3.55 -31.71 38.28
C4 ADP W . 3.28 -30.61 37.49
PB ADP X . -19.64 -22.02 4.89
O1B ADP X . -20.37 -20.74 4.80
O2B ADP X . -19.71 -22.80 3.49
O3B ADP X . -18.23 -21.81 5.30
PA ADP X . -20.77 -24.48 5.75
O1A ADP X . -21.95 -24.61 4.88
O2A ADP X . -19.67 -25.25 5.19
O3A ADP X . -20.37 -22.98 5.89
O5' ADP X . -21.09 -25.07 7.19
C5' ADP X . -21.07 -24.45 8.47
C4' ADP X . -21.49 -25.56 9.50
O4' ADP X . -22.75 -25.16 10.03
C3' ADP X . -21.70 -27.00 8.92
O3' ADP X . -20.96 -28.01 9.61
C2' ADP X . -23.20 -27.26 8.94
O2' ADP X . -23.55 -28.62 9.31
C1' ADP X . -23.77 -26.19 9.86
N9 ADP X . -25.02 -25.52 9.31
C8 ADP X . -25.05 -24.37 8.58
N7 ADP X . -26.30 -24.08 8.26
C5 ADP X . -27.09 -25.00 8.75
C6 ADP X . -28.47 -25.24 8.76
N6 ADP X . -29.30 -24.39 8.12
N1 ADP X . -28.99 -26.37 9.41
C2 ADP X . -28.18 -27.26 10.07
N3 ADP X . -26.84 -27.04 10.06
C4 ADP X . -26.26 -25.94 9.44
PB ADP Y . -15.92 -9.91 -26.88
O1B ADP Y . -16.22 -8.62 -27.55
O2B ADP Y . -14.97 -10.80 -27.82
O3B ADP Y . -15.26 -9.66 -25.56
PA ADP Y . -17.71 -12.15 -27.34
O1A ADP Y . -17.64 -12.05 -28.80
O2A ADP Y . -16.87 -13.26 -26.91
O3A ADP Y . -17.23 -10.78 -26.69
O5' ADP Y . -19.19 -12.50 -26.89
C5' ADP Y . -20.07 -11.80 -26.01
C4' ADP Y . -21.42 -12.62 -25.95
O4' ADP Y . -22.37 -11.84 -26.65
C3' ADP Y . -21.42 -14.02 -26.64
O3' ADP Y . -21.88 -15.06 -25.75
C2' ADP Y . -22.31 -13.92 -27.88
O2' ADP Y . -23.20 -15.05 -28.02
C1' ADP Y . -23.01 -12.56 -27.75
N9 ADP Y . -22.89 -11.69 -28.99
C8 ADP Y . -21.84 -10.87 -29.25
N7 ADP Y . -22.02 -10.27 -30.41
C5 ADP Y . -23.15 -10.67 -30.92
C6 ADP Y . -23.85 -10.40 -32.09
N6 ADP Y . -23.34 -9.54 -32.98
N1 ADP Y . -25.08 -11.02 -32.34
C2 ADP Y . -25.62 -11.91 -31.47
N3 ADP Y . -24.94 -12.19 -30.31
C4 ADP Y . -23.72 -11.61 -30.01
PB ADP Z . 14.43 -4.18 -42.50
O1B ADP Z . 15.21 -3.07 -43.10
O2B ADP Z . 15.35 -5.50 -42.44
O3B ADP Z . 13.93 -3.80 -41.16
PA ADP Z . 12.89 -5.93 -44.18
O1A ADP Z . 13.96 -6.24 -45.13
O2A ADP Z . 12.71 -7.03 -43.24
O3A ADP Z . 13.22 -4.60 -43.41
O5' ADP Z . 11.50 -5.76 -44.92
C5' ADP Z . 10.65 -4.63 -44.88
C4' ADP Z . 9.41 -4.87 -45.82
O4' ADP Z . 9.70 -4.01 -46.91
C3' ADP Z . 9.23 -6.27 -46.46
O3' ADP Z . 7.83 -6.63 -46.53
C2' ADP Z . 9.84 -6.19 -47.86
O2' ADP Z . 9.20 -7.06 -48.80
C1' ADP Z . 9.75 -4.70 -48.17
N9 ADP Z . 10.94 -4.14 -48.90
C8 ADP Z . 11.96 -3.49 -48.29
N7 ADP Z . 12.85 -3.11 -49.17
C5 ADP Z . 12.46 -3.49 -50.35
C6 ADP Z . 12.97 -3.37 -51.65
N6 ADP Z . 14.15 -2.75 -51.83
N1 ADP Z . 12.27 -3.90 -52.73
C2 ADP Z . 11.07 -4.54 -52.57
N3 ADP Z . 10.55 -4.67 -51.31
C4 ADP Z . 11.20 -4.17 -50.20
PB ADP AA . 44.90 -8.73 -29.66
O1B ADP AA . 46.04 -7.79 -29.74
O2B ADP AA . 45.27 -9.97 -28.72
O3B ADP AA . 43.66 -8.06 -29.16
PA ADP AA . 45.27 -10.67 -31.67
O1A ADP AA . 46.66 -10.78 -31.28
O2A ADP AA . 44.53 -11.84 -31.22
O3A ADP AA . 44.65 -9.39 -31.04
O5' ADP AA . 45.13 -10.61 -33.22
C5' ADP AA . 44.53 -9.57 -33.98
C4' ADP AA . 44.66 -9.98 -35.48
O4' ADP AA . 45.83 -9.33 -35.98
C3' ADP AA . 44.84 -11.49 -35.82
O3' ADP AA . 43.88 -11.94 -36.79
C2' ADP AA . 46.29 -11.65 -36.32
O2' ADP AA . 46.45 -12.59 -37.41
C1' ADP AA . 46.69 -10.24 -36.65
N9 ADP AA . 48.10 -9.91 -36.31
C8 ADP AA . 48.51 -9.07 -35.33
N7 ADP AA . 49.83 -9.00 -35.35
C5 ADP AA . 50.27 -9.75 -36.31
C6 ADP AA . 51.52 -10.10 -36.82
N6 ADP AA . 52.61 -9.56 -36.29
N1 ADP AA . 51.61 -10.96 -37.89
C2 ADP AA . 50.52 -11.53 -38.46
N3 ADP AA . 49.29 -11.21 -37.98
C4 ADP AA . 49.15 -10.34 -36.94
PB ADP BA . 56.10 -15.60 2.72
O1B ADP BA . 56.87 -14.61 3.51
O2B ADP BA . 55.69 -16.85 3.64
O3B ADP BA . 54.88 -14.98 2.13
PA ADP BA . 57.45 -17.70 1.32
O1A ADP BA . 58.15 -18.23 2.49
O2A ADP BA . 56.31 -18.54 1.01
O3A ADP BA . 57.00 -16.22 1.59
O5' ADP BA . 58.43 -17.74 0.07
C5' ADP BA . 58.89 -16.70 -0.78
C4' ADP BA . 59.86 -17.36 -1.83
O4' ADP BA . 61.15 -16.87 -1.47
C3' ADP BA . 59.98 -18.91 -1.77
O3' ADP BA . 60.01 -19.51 -3.08
C2' ADP BA . 61.25 -19.22 -1.00
O2' ADP BA . 61.88 -20.43 -1.43
C1' ADP BA . 62.08 -17.94 -1.17
N9 ADP BA . 62.85 -17.53 0.07
C8 ADP BA . 62.37 -16.71 1.06
N7 ADP BA . 63.29 -16.56 2.00
C5 ADP BA . 64.36 -17.25 1.67
C6 ADP BA . 65.62 -17.49 2.24
N6 ADP BA . 65.95 -16.92 3.41
N1 ADP BA . 66.54 -18.31 1.59
C2 ADP BA . 66.25 -18.91 0.40
N3 ADP BA . 65.03 -18.70 -0.16
C4 ADP BA . 64.07 -17.89 0.42
#